data_3N59
#
_entry.id   3N59
#
_cell.length_a   96.988
_cell.length_b   137.334
_cell.length_c   148.101
_cell.angle_alpha   90.00
_cell.angle_beta   95.98
_cell.angle_gamma   90.00
#
_symmetry.space_group_name_H-M   'P 1 21 1'
#
loop_
_entity.id
_entity.type
_entity.pdbx_description
1 polymer '3-dehydroquinate dehydratase'
2 non-polymer 'CHLORIDE ION'
3 non-polymer '(4S,5R)-4,5-dihydroxy-3-oxocyclohex-1-ene-1-carboxylic acid'
4 water water
#
_entity_poly.entity_id   1
_entity_poly.type   'polypeptide(L)'
_entity_poly.pdbx_seq_one_letter_code
;MGSSHHHHHHSSGLQGTENLYFQSHMSELIVNVINGPNLGRLGRREPAVYGGTTHDELVALIEREAAELGLKAVVRQSDS
EAQLLDWIHQAADAAEPVILNAGGLTHTSVALRDACAELSAPLIEVHISNVHAREEFRRHSYLSPIATGVIVGLGIQGYL
LALRYLAEHVGT
;
_entity_poly.pdbx_strand_id   A,B,C,D,E,F,G,H,I,J,K,L,M,N,O,P,Q,R,S,T,U,V,W,X
#
loop_
_chem_comp.id
_chem_comp.type
_chem_comp.name
_chem_comp.formula
3DS non-polymer '(4S,5R)-4,5-dihydroxy-3-oxocyclohex-1-ene-1-carboxylic acid' 'C7 H8 O5'
CL non-polymer 'CHLORIDE ION' 'Cl -1'
#
# COMPACT_ATOMS: atom_id res chain seq x y z
N LEU A 29 48.50 -44.83 -56.23
CA LEU A 29 48.03 -43.84 -55.24
C LEU A 29 47.60 -42.54 -55.94
N ILE A 30 46.31 -42.43 -56.21
CA ILE A 30 45.76 -41.31 -56.95
C ILE A 30 45.30 -40.19 -56.01
N VAL A 31 45.75 -38.97 -56.31
CA VAL A 31 45.34 -37.78 -55.57
C VAL A 31 44.58 -36.86 -56.53
N ASN A 32 43.38 -36.46 -56.13
CA ASN A 32 42.58 -35.55 -56.94
C ASN A 32 42.80 -34.10 -56.53
N VAL A 33 43.21 -33.28 -57.48
CA VAL A 33 43.38 -31.85 -57.27
C VAL A 33 42.28 -31.12 -58.05
N ILE A 34 41.33 -30.56 -57.30
CA ILE A 34 40.14 -29.95 -57.89
C ILE A 34 40.12 -28.44 -57.70
N ASN A 35 40.11 -27.71 -58.82
CA ASN A 35 40.04 -26.25 -58.80
C ASN A 35 38.67 -25.75 -59.24
N GLY A 36 38.10 -24.84 -58.45
CA GLY A 36 36.76 -24.31 -58.71
C GLY A 36 36.73 -23.10 -59.63
N PRO A 37 35.66 -22.28 -59.51
CA PRO A 37 35.44 -21.11 -60.36
C PRO A 37 36.62 -20.15 -60.43
N ASN A 38 36.86 -19.60 -61.64
CA ASN A 38 37.85 -18.54 -61.89
C ASN A 38 39.32 -18.96 -61.85
N LEU A 39 39.59 -20.20 -61.43
CA LEU A 39 40.96 -20.68 -61.34
C LEU A 39 41.55 -21.05 -62.70
N GLY A 40 40.69 -21.21 -63.70
CA GLY A 40 41.14 -21.34 -65.08
C GLY A 40 41.76 -20.05 -65.60
N ARG A 41 41.48 -18.94 -64.93
CA ARG A 41 41.96 -17.62 -65.30
C ARG A 41 43.26 -17.24 -64.59
N LEU A 42 44.01 -18.23 -64.13
CA LEU A 42 45.28 -17.99 -63.44
C LEU A 42 46.32 -17.31 -64.31
N GLY A 43 46.91 -16.24 -63.79
CA GLY A 43 47.96 -15.50 -64.47
C GLY A 43 47.51 -14.67 -65.65
N ARG A 44 46.41 -13.94 -65.48
CA ARG A 44 45.89 -13.07 -66.54
C ARG A 44 45.89 -11.59 -66.12
N ARG A 45 45.71 -11.35 -64.83
CA ARG A 45 45.69 -9.99 -64.29
C ARG A 45 47.09 -9.47 -64.00
N GLU A 46 47.93 -10.32 -63.42
CA GLU A 46 49.31 -9.95 -63.06
C GLU A 46 50.32 -10.86 -63.76
N TYR A 50 50.74 -10.03 -58.39
CA TYR A 50 51.54 -11.25 -58.44
C TYR A 50 50.75 -12.42 -59.05
N GLY A 51 51.47 -13.31 -59.74
CA GLY A 51 50.87 -14.50 -60.35
C GLY A 51 51.07 -14.54 -61.84
N GLY A 52 52.14 -15.22 -62.27
CA GLY A 52 52.46 -15.36 -63.68
C GLY A 52 52.14 -16.73 -64.25
N THR A 53 52.19 -17.75 -63.39
CA THR A 53 51.89 -19.13 -63.77
C THR A 53 50.44 -19.30 -64.20
N THR A 54 50.23 -19.90 -65.36
CA THR A 54 48.90 -20.20 -65.87
C THR A 54 48.37 -21.50 -65.27
N HIS A 55 47.10 -21.80 -65.50
CA HIS A 55 46.51 -23.03 -65.01
C HIS A 55 47.08 -24.27 -65.72
N ASP A 56 47.35 -24.14 -67.02
CA ASP A 56 48.01 -25.21 -67.79
C ASP A 56 49.36 -25.59 -67.21
N GLU A 57 50.11 -24.59 -66.76
CA GLU A 57 51.42 -24.81 -66.15
C GLU A 57 51.33 -25.28 -64.70
N LEU A 58 50.30 -24.82 -63.98
CA LEU A 58 50.05 -25.29 -62.61
C LEU A 58 49.76 -26.79 -62.60
N VAL A 59 48.89 -27.24 -63.51
CA VAL A 59 48.57 -28.65 -63.69
C VAL A 59 49.85 -29.48 -63.83
N ALA A 60 50.78 -28.99 -64.67
CA ALA A 60 52.04 -29.67 -64.93
C ALA A 60 52.96 -29.70 -63.72
N LEU A 61 53.01 -28.60 -62.97
CA LEU A 61 53.80 -28.52 -61.73
C LEU A 61 53.34 -29.53 -60.69
N ILE A 62 52.02 -29.64 -60.51
CA ILE A 62 51.43 -30.54 -59.53
C ILE A 62 51.71 -32.00 -59.89
N GLU A 63 51.58 -32.34 -61.18
CA GLU A 63 51.82 -33.69 -61.67
C GLU A 63 53.28 -34.14 -61.52
N ARG A 64 54.21 -33.24 -61.86
CA ARG A 64 55.65 -33.53 -61.72
C ARG A 64 56.06 -33.70 -60.26
N GLU A 65 55.48 -32.87 -59.40
CA GLU A 65 55.73 -32.94 -57.95
C GLU A 65 55.11 -34.22 -57.36
N ALA A 66 53.93 -34.58 -57.84
CA ALA A 66 53.26 -35.80 -57.40
C ALA A 66 54.06 -37.04 -57.78
N ALA A 67 54.53 -37.09 -59.02
CA ALA A 67 55.36 -38.19 -59.51
C ALA A 67 56.65 -38.34 -58.72
N GLU A 68 57.27 -37.20 -58.38
CA GLU A 68 58.47 -37.17 -57.55
C GLU A 68 58.25 -37.68 -56.13
N LEU A 69 56.99 -37.60 -55.67
CA LEU A 69 56.63 -38.10 -54.34
C LEU A 69 56.03 -39.52 -54.40
N GLY A 70 56.06 -40.11 -55.59
CA GLY A 70 55.54 -41.47 -55.81
C GLY A 70 54.02 -41.55 -55.85
N LEU A 71 53.38 -40.45 -56.24
CA LEU A 71 51.93 -40.37 -56.34
C LEU A 71 51.52 -39.95 -57.76
N LYS A 72 50.24 -40.06 -58.06
CA LYS A 72 49.71 -39.57 -59.34
C LYS A 72 48.56 -38.59 -59.14
N ALA A 73 48.71 -37.39 -59.69
CA ALA A 73 47.72 -36.33 -59.53
C ALA A 73 46.78 -36.20 -60.73
N VAL A 74 45.48 -36.18 -60.44
CA VAL A 74 44.48 -35.87 -61.46
C VAL A 74 43.97 -34.46 -61.19
N VAL A 75 44.51 -33.49 -61.92
CA VAL A 75 44.19 -32.08 -61.73
C VAL A 75 43.12 -31.63 -62.72
N ARG A 76 42.00 -31.14 -62.18
CA ARG A 76 40.87 -30.69 -63.00
C ARG A 76 40.32 -29.37 -62.49
N GLN A 77 39.80 -28.56 -63.41
CA GLN A 77 39.22 -27.26 -63.08
C GLN A 77 37.86 -27.08 -63.77
N SER A 78 36.89 -26.56 -63.02
CA SER A 78 35.58 -26.25 -63.56
C SER A 78 34.94 -25.05 -62.87
N ASP A 79 34.26 -24.22 -63.67
CA ASP A 79 33.47 -23.11 -63.15
C ASP A 79 32.07 -23.59 -62.75
N SER A 80 31.76 -24.84 -63.07
CA SER A 80 30.46 -25.43 -62.80
C SER A 80 30.45 -26.15 -61.47
N GLU A 81 29.55 -25.72 -60.58
CA GLU A 81 29.37 -26.34 -59.28
C GLU A 81 28.94 -27.81 -59.41
N ALA A 82 27.99 -28.06 -60.31
CA ALA A 82 27.51 -29.41 -60.59
C ALA A 82 28.65 -30.36 -60.99
N GLN A 83 29.55 -29.86 -61.82
CA GLN A 83 30.73 -30.61 -62.25
C GLN A 83 31.68 -30.88 -61.08
N LEU A 84 31.88 -29.89 -60.22
CA LEU A 84 32.71 -30.04 -59.02
C LEU A 84 32.13 -31.08 -58.07
N LEU A 85 30.82 -31.03 -57.86
CA LEU A 85 30.11 -32.01 -57.04
C LEU A 85 30.28 -33.42 -57.60
N ASP A 86 30.20 -33.55 -58.92
CA ASP A 86 30.36 -34.84 -59.61
C ASP A 86 31.74 -35.44 -59.36
N TRP A 87 32.78 -34.62 -59.49
CA TRP A 87 34.16 -35.06 -59.25
C TRP A 87 34.39 -35.50 -57.80
N ILE A 88 33.76 -34.81 -56.86
CA ILE A 88 33.87 -35.14 -55.44
C ILE A 88 33.14 -36.44 -55.11
N HIS A 89 31.96 -36.63 -55.71
CA HIS A 89 31.22 -37.89 -55.56
C HIS A 89 32.10 -39.08 -55.95
N GLN A 90 32.77 -38.98 -57.09
CA GLN A 90 33.66 -40.04 -57.59
C GLN A 90 34.82 -40.28 -56.65
N ALA A 91 35.37 -39.20 -56.09
CA ALA A 91 36.48 -39.28 -55.14
C ALA A 91 36.04 -39.97 -53.85
N ALA A 92 34.79 -39.72 -53.45
CA ALA A 92 34.21 -40.36 -52.27
C ALA A 92 34.00 -41.86 -52.50
N ASP A 93 33.47 -42.21 -53.67
CA ASP A 93 33.22 -43.61 -54.03
C ASP A 93 34.52 -44.40 -54.26
N ALA A 94 35.55 -43.73 -54.74
CA ALA A 94 36.85 -44.36 -54.98
C ALA A 94 37.75 -44.29 -53.75
N ALA A 95 37.34 -43.51 -52.75
CA ALA A 95 38.12 -43.29 -51.52
C ALA A 95 39.50 -42.70 -51.80
N GLU A 96 39.53 -41.67 -52.64
CA GLU A 96 40.77 -40.98 -53.01
C GLU A 96 40.83 -39.59 -52.35
N PRO A 97 42.03 -39.19 -51.90
CA PRO A 97 42.21 -37.86 -51.29
C PRO A 97 41.93 -36.71 -52.26
N VAL A 98 41.45 -35.59 -51.73
CA VAL A 98 41.15 -34.41 -52.53
C VAL A 98 41.90 -33.19 -52.00
N ILE A 99 42.60 -32.51 -52.90
CA ILE A 99 43.14 -31.18 -52.63
C ILE A 99 42.23 -30.19 -53.35
N LEU A 100 41.54 -29.38 -52.57
CA LEU A 100 40.48 -28.52 -53.12
C LEU A 100 40.72 -27.02 -52.95
N ASN A 101 40.76 -26.33 -54.08
CA ASN A 101 40.61 -24.89 -54.11
C ASN A 101 39.28 -24.60 -54.79
N ALA A 102 38.28 -24.24 -53.98
CA ALA A 102 36.91 -24.09 -54.46
C ALA A 102 36.61 -22.67 -54.96
N GLY A 103 37.61 -21.79 -54.91
CA GLY A 103 37.44 -20.39 -55.28
C GLY A 103 36.39 -19.74 -54.40
N GLY A 104 35.46 -19.02 -55.03
CA GLY A 104 34.39 -18.31 -54.31
C GLY A 104 33.36 -19.20 -53.63
N LEU A 105 33.25 -20.44 -54.09
CA LEU A 105 32.29 -21.40 -53.53
C LEU A 105 32.66 -21.83 -52.11
N THR A 106 33.91 -21.58 -51.74
CA THR A 106 34.41 -21.81 -50.39
C THR A 106 33.51 -21.16 -49.34
N HIS A 107 33.11 -19.92 -49.60
CA HIS A 107 32.40 -19.10 -48.64
C HIS A 107 30.88 -19.17 -48.79
N THR A 108 30.40 -19.84 -49.83
CA THR A 108 28.98 -19.75 -50.21
C THR A 108 28.24 -21.08 -50.36
N SER A 109 28.96 -22.17 -50.62
CA SER A 109 28.29 -23.42 -51.00
C SER A 109 28.17 -24.46 -49.90
N VAL A 110 26.94 -24.69 -49.45
CA VAL A 110 26.63 -25.74 -48.48
C VAL A 110 26.55 -27.09 -49.20
N ALA A 111 26.08 -27.07 -50.44
CA ALA A 111 26.03 -28.27 -51.27
C ALA A 111 27.42 -28.87 -51.46
N LEU A 112 28.41 -28.02 -51.70
CA LEU A 112 29.79 -28.46 -51.89
C LEU A 112 30.36 -29.01 -50.59
N ARG A 113 30.06 -28.34 -49.47
CA ARG A 113 30.41 -28.82 -48.14
C ARG A 113 29.87 -30.23 -47.92
N ASP A 114 28.58 -30.41 -48.20
CA ASP A 114 27.89 -31.68 -47.99
C ASP A 114 28.47 -32.82 -48.83
N ALA A 115 28.84 -32.52 -50.07
CA ALA A 115 29.50 -33.48 -50.94
C ALA A 115 30.89 -33.85 -50.40
N CYS A 116 31.62 -32.85 -49.93
CA CYS A 116 32.97 -33.03 -49.37
C CYS A 116 32.97 -33.82 -48.06
N ALA A 117 31.89 -33.74 -47.30
CA ALA A 117 31.79 -34.45 -46.02
C ALA A 117 31.76 -35.97 -46.19
N GLU A 118 31.41 -36.42 -47.40
CA GLU A 118 31.41 -37.83 -47.74
C GLU A 118 32.81 -38.41 -47.89
N LEU A 119 33.80 -37.54 -48.04
CA LEU A 119 35.18 -37.97 -48.23
C LEU A 119 35.75 -38.56 -46.94
N SER A 120 36.34 -39.75 -47.06
CA SER A 120 36.94 -40.44 -45.93
C SER A 120 38.46 -40.30 -45.98
N ALA A 121 39.00 -40.27 -47.20
CA ALA A 121 40.39 -39.96 -47.43
C ALA A 121 40.63 -38.47 -47.18
N PRO A 122 41.85 -38.09 -46.75
CA PRO A 122 42.12 -36.69 -46.40
C PRO A 122 41.66 -35.66 -47.43
N LEU A 123 41.06 -34.58 -46.95
CA LEU A 123 40.67 -33.44 -47.79
C LEU A 123 41.44 -32.21 -47.32
N ILE A 124 42.16 -31.57 -48.24
CA ILE A 124 42.94 -30.38 -47.92
C ILE A 124 42.45 -29.15 -48.69
N GLU A 125 41.96 -28.15 -47.95
CA GLU A 125 41.53 -26.89 -48.52
C GLU A 125 42.73 -26.02 -48.86
N VAL A 126 42.72 -25.44 -50.07
CA VAL A 126 43.82 -24.61 -50.54
C VAL A 126 43.34 -23.25 -51.05
N HIS A 127 44.05 -22.20 -50.65
CA HIS A 127 43.86 -20.87 -51.22
C HIS A 127 45.22 -20.28 -51.57
N ILE A 128 45.33 -19.77 -52.79
CA ILE A 128 46.60 -19.20 -53.28
C ILE A 128 47.00 -17.95 -52.48
N SER A 129 46.07 -17.00 -52.36
CA SER A 129 46.34 -15.77 -51.61
C SER A 129 45.96 -15.95 -50.14
N ASN A 130 46.44 -15.04 -49.29
CA ASN A 130 46.05 -15.03 -47.89
C ASN A 130 44.63 -14.50 -47.75
N VAL A 131 43.71 -15.42 -47.48
CA VAL A 131 42.28 -15.14 -47.43
C VAL A 131 41.92 -14.21 -46.28
N HIS A 132 42.78 -14.16 -45.26
CA HIS A 132 42.54 -13.36 -44.05
C HIS A 132 43.03 -11.92 -44.17
N ALA A 133 43.78 -11.63 -45.24
CA ALA A 133 44.31 -10.29 -45.49
C ALA A 133 43.39 -9.48 -46.42
N ARG A 134 42.20 -10.00 -46.68
CA ARG A 134 41.26 -9.38 -47.61
C ARG A 134 39.93 -9.06 -46.92
N GLU A 135 38.82 -9.09 -47.67
CA GLU A 135 37.49 -8.78 -47.13
C GLU A 135 37.10 -9.79 -46.05
N GLU A 136 36.32 -9.32 -45.07
CA GLU A 136 35.90 -10.14 -43.93
CA GLU A 136 35.92 -10.16 -43.94
C GLU A 136 35.11 -11.39 -44.34
N PHE A 137 34.27 -11.24 -45.36
CA PHE A 137 33.43 -12.38 -45.83
C PHE A 137 34.25 -13.56 -46.36
N ARG A 138 35.52 -13.33 -46.68
CA ARG A 138 36.43 -14.38 -47.12
C ARG A 138 37.06 -15.14 -45.95
N ARG A 139 36.81 -14.67 -44.73
CA ARG A 139 37.36 -15.30 -43.53
C ARG A 139 36.45 -16.40 -42.97
N HIS A 140 35.31 -16.63 -43.61
CA HIS A 140 34.48 -17.79 -43.30
C HIS A 140 34.52 -18.81 -44.43
N SER A 141 34.80 -20.05 -44.05
CA SER A 141 34.82 -21.17 -44.99
C SER A 141 33.85 -22.25 -44.52
N TYR A 142 32.99 -22.69 -45.41
CA TYR A 142 32.11 -23.83 -45.15
C TYR A 142 32.89 -25.13 -45.22
N LEU A 143 34.05 -25.11 -45.88
CA LEU A 143 34.84 -26.31 -46.11
C LEU A 143 35.81 -26.63 -44.98
N SER A 144 36.35 -25.58 -44.35
CA SER A 144 37.35 -25.73 -43.29
C SER A 144 36.99 -26.73 -42.17
N PRO A 145 35.76 -26.63 -41.60
CA PRO A 145 35.36 -27.53 -40.51
C PRO A 145 35.37 -29.02 -40.86
N ILE A 146 35.13 -29.35 -42.12
CA ILE A 146 35.01 -30.76 -42.55
C ILE A 146 36.24 -31.26 -43.31
N ALA A 147 37.25 -30.40 -43.41
CA ALA A 147 38.50 -30.74 -44.08
C ALA A 147 39.51 -31.30 -43.09
N THR A 148 40.50 -32.05 -43.58
CA THR A 148 41.62 -32.49 -42.77
C THR A 148 42.37 -31.25 -42.30
N GLY A 149 42.80 -30.43 -43.25
CA GLY A 149 43.50 -29.19 -42.96
C GLY A 149 43.31 -28.13 -44.04
N VAL A 150 43.88 -26.95 -43.80
CA VAL A 150 43.73 -25.80 -44.69
C VAL A 150 45.09 -25.13 -44.93
N ILE A 151 45.41 -24.87 -46.20
CA ILE A 151 46.61 -24.12 -46.56
C ILE A 151 46.21 -22.85 -47.31
N VAL A 152 46.63 -21.71 -46.78
CA VAL A 152 46.22 -20.42 -47.28
C VAL A 152 47.44 -19.50 -47.39
N GLY A 153 47.53 -18.77 -48.51
CA GLY A 153 48.50 -17.69 -48.66
C GLY A 153 49.93 -18.05 -49.00
N LEU A 154 50.17 -19.31 -49.36
CA LEU A 154 51.51 -19.76 -49.70
C LEU A 154 51.69 -19.91 -51.22
N GLY A 155 50.86 -19.19 -51.97
CA GLY A 155 50.89 -19.22 -53.43
C GLY A 155 50.51 -20.58 -53.98
N ILE A 156 50.98 -20.86 -55.21
CA ILE A 156 50.74 -22.15 -55.85
C ILE A 156 51.47 -23.30 -55.15
N GLN A 157 52.47 -22.97 -54.33
CA GLN A 157 53.21 -23.98 -53.58
C GLN A 157 52.36 -24.67 -52.51
N GLY A 158 51.23 -24.05 -52.17
CA GLY A 158 50.25 -24.64 -51.26
C GLY A 158 49.79 -26.01 -51.73
N TYR A 159 49.54 -26.12 -53.03
CA TYR A 159 49.20 -27.39 -53.69
C TYR A 159 50.27 -28.45 -53.46
N LEU A 160 51.53 -28.07 -53.66
CA LEU A 160 52.65 -29.01 -53.56
C LEU A 160 52.93 -29.43 -52.12
N LEU A 161 52.69 -28.52 -51.18
CA LEU A 161 52.85 -28.80 -49.76
C LEU A 161 51.73 -29.70 -49.24
N ALA A 162 50.55 -29.57 -49.84
CA ALA A 162 49.42 -30.44 -49.53
C ALA A 162 49.68 -31.85 -50.04
N LEU A 163 50.33 -31.95 -51.19
CA LEU A 163 50.79 -33.22 -51.75
C LEU A 163 51.78 -33.90 -50.81
N ARG A 164 52.69 -33.10 -50.26
CA ARG A 164 53.74 -33.62 -49.37
C ARG A 164 53.16 -34.14 -48.06
N TYR A 165 52.10 -33.50 -47.58
CA TYR A 165 51.39 -34.00 -46.40
C TYR A 165 50.88 -35.41 -46.65
N LEU A 166 50.27 -35.60 -47.82
CA LEU A 166 49.74 -36.90 -48.22
C LEU A 166 50.84 -37.94 -48.39
N ALA A 167 51.94 -37.53 -49.03
CA ALA A 167 53.09 -38.42 -49.26
C ALA A 167 53.74 -38.86 -47.95
N GLU A 168 53.75 -37.96 -46.96
CA GLU A 168 54.33 -38.27 -45.65
C GLU A 168 53.37 -39.04 -44.75
N HIS A 169 52.15 -39.26 -45.22
CA HIS A 169 51.16 -40.02 -44.48
C HIS A 169 50.64 -41.21 -45.30
N VAL A 170 51.46 -41.64 -46.25
CA VAL A 170 51.19 -42.85 -47.03
C VAL A 170 51.39 -44.08 -46.15
N LEU B 29 16.26 -19.54 12.26
CA LEU B 29 16.39 -18.91 10.91
C LEU B 29 15.75 -19.79 9.84
N ILE B 30 14.79 -19.22 9.12
CA ILE B 30 14.08 -19.94 8.06
C ILE B 30 14.66 -19.60 6.69
N VAL B 31 15.05 -20.65 5.95
CA VAL B 31 15.57 -20.50 4.59
C VAL B 31 14.63 -21.21 3.61
N ASN B 32 14.23 -20.50 2.56
CA ASN B 32 13.40 -21.07 1.51
C ASN B 32 14.23 -21.61 0.36
N VAL B 33 14.01 -22.89 0.03
CA VAL B 33 14.56 -23.48 -1.19
C VAL B 33 13.42 -23.65 -2.18
N ILE B 34 13.50 -22.94 -3.31
CA ILE B 34 12.44 -22.95 -4.30
C ILE B 34 12.96 -23.50 -5.64
N ASN B 35 12.38 -24.63 -6.05
CA ASN B 35 12.73 -25.28 -7.30
C ASN B 35 11.66 -25.07 -8.38
N GLY B 36 12.10 -24.69 -9.57
CA GLY B 36 11.19 -24.38 -10.67
C GLY B 36 10.81 -25.57 -11.53
N PRO B 37 10.36 -25.32 -12.77
CA PRO B 37 9.87 -26.34 -13.70
C PRO B 37 10.86 -27.48 -13.93
N ASN B 38 10.33 -28.70 -13.98
CA ASN B 38 11.09 -29.93 -14.29
C ASN B 38 11.98 -30.48 -13.17
N LEU B 39 12.12 -29.72 -12.08
CA LEU B 39 12.97 -30.14 -10.97
C LEU B 39 12.32 -31.21 -10.08
N GLY B 40 11.00 -31.34 -10.17
CA GLY B 40 10.28 -32.44 -9.54
C GLY B 40 10.57 -33.77 -10.21
N ARG B 41 11.10 -33.70 -11.43
CA ARG B 41 11.41 -34.88 -12.24
C ARG B 41 12.84 -35.41 -12.04
N LEU B 42 13.50 -34.97 -10.97
CA LEU B 42 14.88 -35.37 -10.69
C LEU B 42 15.04 -36.88 -10.53
N GLY B 43 16.03 -37.44 -11.22
CA GLY B 43 16.35 -38.86 -11.15
C GLY B 43 15.22 -39.79 -11.56
N ARG B 44 14.66 -39.54 -12.75
CA ARG B 44 13.57 -40.36 -13.28
C ARG B 44 13.69 -40.60 -14.79
N TYR B 50 22.29 -39.68 -16.15
CA TYR B 50 22.23 -38.62 -15.14
C TYR B 50 20.80 -38.08 -15.01
N GLY B 51 20.28 -37.99 -13.79
CA GLY B 51 21.01 -38.40 -12.57
C GLY B 51 20.25 -39.44 -11.76
N GLY B 52 20.61 -39.56 -10.48
CA GLY B 52 20.05 -40.60 -9.62
C GLY B 52 19.20 -40.09 -8.47
N THR B 53 19.59 -38.95 -7.90
CA THR B 53 18.92 -38.38 -6.74
C THR B 53 17.56 -37.78 -7.12
N THR B 54 16.51 -38.23 -6.42
CA THR B 54 15.15 -37.74 -6.66
C THR B 54 14.92 -36.44 -5.88
N HIS B 55 13.77 -35.81 -6.12
CA HIS B 55 13.44 -34.56 -5.44
C HIS B 55 13.22 -34.76 -3.93
N ASP B 56 12.56 -35.85 -3.57
CA ASP B 56 12.33 -36.21 -2.16
C ASP B 56 13.64 -36.40 -1.39
N GLU B 57 14.58 -37.09 -2.02
CA GLU B 57 15.92 -37.32 -1.43
C GLU B 57 16.67 -36.00 -1.28
N LEU B 58 16.50 -35.11 -2.25
CA LEU B 58 17.05 -33.77 -2.19
C LEU B 58 16.47 -32.97 -1.03
N VAL B 59 15.15 -33.05 -0.86
CA VAL B 59 14.46 -32.40 0.26
C VAL B 59 15.03 -32.88 1.59
N ALA B 60 15.24 -34.20 1.70
CA ALA B 60 15.78 -34.82 2.91
C ALA B 60 17.23 -34.40 3.21
N LEU B 61 18.04 -34.26 2.15
CA LEU B 61 19.43 -33.81 2.30
C LEU B 61 19.52 -32.36 2.76
N ILE B 62 18.69 -31.51 2.15
CA ILE B 62 18.63 -30.08 2.50
C ILE B 62 18.18 -29.90 3.95
N GLU B 63 17.13 -30.62 4.35
CA GLU B 63 16.62 -30.58 5.72
C GLU B 63 17.64 -31.09 6.75
N ARG B 64 18.41 -32.11 6.37
CA ARG B 64 19.44 -32.67 7.25
C ARG B 64 20.60 -31.71 7.46
N GLU B 65 21.05 -31.08 6.38
CA GLU B 65 22.13 -30.10 6.42
C GLU B 65 21.73 -28.84 7.19
N ALA B 66 20.49 -28.40 6.99
CA ALA B 66 19.93 -27.24 7.69
C ALA B 66 19.91 -27.46 9.21
N ALA B 67 19.52 -28.66 9.63
CA ALA B 67 19.49 -29.03 11.04
C ALA B 67 20.88 -28.98 11.68
N GLU B 68 21.89 -29.44 10.94
CA GLU B 68 23.28 -29.40 11.41
C GLU B 68 23.79 -27.96 11.54
N LEU B 69 23.33 -27.08 10.65
CA LEU B 69 23.74 -25.68 10.65
C LEU B 69 22.95 -24.82 11.63
N GLY B 70 21.88 -25.39 12.18
CA GLY B 70 21.00 -24.66 13.11
C GLY B 70 19.98 -23.81 12.39
N LEU B 71 19.68 -24.16 11.15
CA LEU B 71 18.68 -23.47 10.35
C LEU B 71 17.46 -24.36 10.12
N LYS B 72 16.36 -23.75 9.72
CA LYS B 72 15.19 -24.49 9.25
C LYS B 72 14.99 -24.22 7.77
N ALA B 73 14.85 -25.29 6.99
CA ALA B 73 14.68 -25.16 5.54
C ALA B 73 13.28 -25.58 5.09
N VAL B 74 12.67 -24.73 4.27
CA VAL B 74 11.38 -25.01 3.65
C VAL B 74 11.60 -25.20 2.14
N VAL B 75 11.46 -26.44 1.68
CA VAL B 75 11.74 -26.79 0.28
C VAL B 75 10.45 -26.97 -0.50
N ARG B 76 10.33 -26.23 -1.60
CA ARG B 76 9.15 -26.32 -2.47
C ARG B 76 9.52 -26.51 -3.93
N GLN B 77 8.62 -27.15 -4.68
CA GLN B 77 8.80 -27.32 -6.12
C GLN B 77 7.47 -27.10 -6.84
N SER B 78 7.54 -26.36 -7.95
CA SER B 78 6.39 -26.18 -8.83
C SER B 78 6.83 -25.92 -10.27
N ASP B 79 6.04 -26.44 -11.21
CA ASP B 79 6.24 -26.16 -12.63
C ASP B 79 5.49 -24.90 -13.06
N SER B 80 4.73 -24.33 -12.11
CA SER B 80 3.91 -23.15 -12.35
C SER B 80 4.65 -21.87 -11.98
N GLU B 81 4.78 -20.97 -12.95
CA GLU B 81 5.42 -19.67 -12.73
C GLU B 81 4.69 -18.86 -11.66
N ALA B 82 3.36 -18.81 -11.76
CA ALA B 82 2.52 -18.09 -10.79
C ALA B 82 2.75 -18.56 -9.35
N GLN B 83 2.83 -19.88 -9.16
CA GLN B 83 3.09 -20.46 -7.85
C GLN B 83 4.46 -20.07 -7.31
N LEU B 84 5.46 -20.04 -8.19
CA LEU B 84 6.80 -19.60 -7.82
C LEU B 84 6.80 -18.13 -7.40
N LEU B 85 6.10 -17.29 -8.16
CA LEU B 85 5.97 -15.86 -7.86
C LEU B 85 5.36 -15.64 -6.47
N ASP B 86 4.33 -16.43 -6.15
CA ASP B 86 3.67 -16.38 -4.86
C ASP B 86 4.62 -16.69 -3.70
N TRP B 87 5.43 -17.74 -3.85
CA TRP B 87 6.41 -18.13 -2.83
C TRP B 87 7.49 -17.06 -2.64
N ILE B 88 7.86 -16.39 -3.74
CA ILE B 88 8.84 -15.30 -3.69
C ILE B 88 8.26 -14.09 -2.93
N HIS B 89 7.01 -13.75 -3.24
CA HIS B 89 6.30 -12.65 -2.56
C HIS B 89 6.23 -12.89 -1.05
N GLN B 90 5.94 -14.13 -0.67
CA GLN B 90 5.85 -14.51 0.74
C GLN B 90 7.21 -14.37 1.44
N ALA B 91 8.27 -14.76 0.74
CA ALA B 91 9.64 -14.64 1.25
C ALA B 91 10.06 -13.17 1.37
N ALA B 92 9.55 -12.33 0.47
CA ALA B 92 9.80 -10.89 0.51
C ALA B 92 9.13 -10.25 1.73
N ASP B 93 7.89 -10.63 2.00
CA ASP B 93 7.14 -10.13 3.15
C ASP B 93 7.72 -10.60 4.48
N ALA B 94 8.28 -11.81 4.49
CA ALA B 94 8.85 -12.41 5.69
C ALA B 94 10.34 -12.12 5.83
N ALA B 95 10.91 -11.46 4.82
CA ALA B 95 12.35 -11.15 4.74
C ALA B 95 13.23 -12.39 4.97
N GLU B 96 12.83 -13.49 4.34
CA GLU B 96 13.54 -14.76 4.45
C GLU B 96 14.47 -14.97 3.25
N PRO B 97 15.68 -15.53 3.49
CA PRO B 97 16.61 -15.88 2.42
C PRO B 97 16.02 -16.89 1.43
N VAL B 98 16.42 -16.79 0.17
CA VAL B 98 15.93 -17.68 -0.87
C VAL B 98 17.08 -18.34 -1.65
N ILE B 99 17.06 -19.67 -1.66
CA ILE B 99 17.88 -20.44 -2.58
C ILE B 99 16.96 -20.86 -3.72
N LEU B 100 17.22 -20.32 -4.91
CA LEU B 100 16.34 -20.52 -6.06
C LEU B 100 17.00 -21.23 -7.23
N ASN B 101 16.41 -22.35 -7.63
CA ASN B 101 16.71 -23.02 -8.89
C ASN B 101 15.46 -22.93 -9.76
N ALA B 102 15.45 -21.96 -10.66
CA ALA B 102 14.26 -21.66 -11.46
C ALA B 102 14.12 -22.55 -12.69
N GLY B 103 15.07 -23.46 -12.90
CA GLY B 103 15.10 -24.30 -14.09
C GLY B 103 15.17 -23.46 -15.35
N GLY B 104 14.29 -23.76 -16.32
CA GLY B 104 14.26 -23.06 -17.59
C GLY B 104 13.80 -21.61 -17.53
N LEU B 105 13.10 -21.26 -16.46
CA LEU B 105 12.62 -19.89 -16.26
C LEU B 105 13.76 -18.91 -15.95
N THR B 106 14.92 -19.47 -15.59
CA THR B 106 16.15 -18.70 -15.39
C THR B 106 16.45 -17.79 -16.59
N HIS B 107 16.26 -18.35 -17.79
CA HIS B 107 16.70 -17.69 -19.01
C HIS B 107 15.57 -16.92 -19.71
N THR B 108 14.35 -17.06 -19.21
CA THR B 108 13.17 -16.58 -19.95
C THR B 108 12.27 -15.59 -19.22
N SER B 109 12.22 -15.69 -17.88
CA SER B 109 11.22 -14.96 -17.11
C SER B 109 11.69 -13.64 -16.49
N VAL B 110 11.23 -12.53 -17.07
CA VAL B 110 11.43 -11.20 -16.50
C VAL B 110 10.54 -11.02 -15.27
N ALA B 111 9.39 -11.68 -15.28
CA ALA B 111 8.41 -11.64 -14.18
C ALA B 111 8.96 -12.23 -12.89
N LEU B 112 9.71 -13.34 -13.01
CA LEU B 112 10.33 -13.97 -11.86
C LEU B 112 11.48 -13.12 -11.32
N ARG B 113 12.21 -12.48 -12.23
CA ARG B 113 13.28 -11.55 -11.87
C ARG B 113 12.72 -10.39 -11.05
N ASP B 114 11.59 -9.84 -11.52
CA ASP B 114 10.94 -8.71 -10.87
C ASP B 114 10.43 -9.05 -9.47
N ALA B 115 9.90 -10.26 -9.32
CA ALA B 115 9.46 -10.76 -8.02
C ALA B 115 10.63 -10.88 -7.05
N CYS B 116 11.74 -11.44 -7.55
CA CYS B 116 12.97 -11.62 -6.75
C CYS B 116 13.64 -10.29 -6.39
N ALA B 117 13.34 -9.24 -7.15
CA ALA B 117 13.88 -7.91 -6.90
C ALA B 117 13.31 -7.28 -5.62
N GLU B 118 12.18 -7.79 -5.14
CA GLU B 118 11.59 -7.34 -3.88
C GLU B 118 12.32 -7.86 -2.65
N LEU B 119 12.97 -9.02 -2.79
CA LEU B 119 13.65 -9.68 -1.68
C LEU B 119 14.68 -8.76 -1.05
N SER B 120 14.63 -8.64 0.27
CA SER B 120 15.61 -7.85 1.04
C SER B 120 16.69 -8.76 1.63
N ALA B 121 16.31 -10.01 1.90
CA ALA B 121 17.25 -11.03 2.36
C ALA B 121 18.02 -11.63 1.17
N PRO B 122 19.20 -12.23 1.42
CA PRO B 122 20.04 -12.73 0.34
C PRO B 122 19.34 -13.73 -0.58
N LEU B 123 19.62 -13.61 -1.88
CA LEU B 123 19.13 -14.57 -2.88
C LEU B 123 20.31 -15.28 -3.52
N ILE B 124 20.27 -16.61 -3.51
CA ILE B 124 21.30 -17.41 -4.16
C ILE B 124 20.68 -18.25 -5.29
N GLU B 125 21.20 -18.06 -6.49
CA GLU B 125 20.75 -18.83 -7.66
C GLU B 125 21.57 -20.11 -7.79
N VAL B 126 20.87 -21.24 -7.92
CA VAL B 126 21.52 -22.54 -8.03
C VAL B 126 21.17 -23.23 -9.35
N HIS B 127 22.19 -23.85 -9.96
CA HIS B 127 22.00 -24.78 -11.06
C HIS B 127 22.77 -26.06 -10.76
N ILE B 128 22.13 -27.20 -10.97
CA ILE B 128 22.77 -28.51 -10.73
C ILE B 128 23.90 -28.76 -11.72
N SER B 129 23.61 -28.58 -13.01
CA SER B 129 24.60 -28.79 -14.07
C SER B 129 25.39 -27.52 -14.35
N ASN B 130 26.58 -27.67 -14.95
CA ASN B 130 27.35 -26.52 -15.41
C ASN B 130 26.68 -25.91 -16.64
N VAL B 131 25.98 -24.81 -16.40
CA VAL B 131 25.15 -24.15 -17.39
C VAL B 131 25.95 -23.57 -18.58
N HIS B 132 27.27 -23.49 -18.40
CA HIS B 132 28.15 -22.91 -19.41
C HIS B 132 28.80 -23.94 -20.31
N ALA B 133 28.58 -25.22 -20.01
CA ALA B 133 29.12 -26.33 -20.80
C ALA B 133 28.07 -26.91 -21.75
N ARG B 134 26.96 -26.19 -21.87
CA ARG B 134 25.82 -26.61 -22.69
C ARG B 134 25.52 -25.55 -23.76
N GLU B 135 24.26 -25.47 -24.18
CA GLU B 135 23.85 -24.51 -25.21
C GLU B 135 24.08 -23.06 -24.78
N GLU B 136 24.30 -22.19 -25.77
CA GLU B 136 24.61 -20.77 -25.52
C GLU B 136 23.47 -20.00 -24.88
N PHE B 137 22.23 -20.43 -25.10
CA PHE B 137 21.07 -19.74 -24.53
C PHE B 137 20.93 -19.95 -23.01
N ARG B 138 21.64 -20.94 -22.49
CA ARG B 138 21.65 -21.22 -21.06
C ARG B 138 22.69 -20.37 -20.31
N ARG B 139 23.57 -19.71 -21.06
CA ARG B 139 24.63 -18.90 -20.50
C ARG B 139 24.19 -17.47 -20.16
N HIS B 140 22.90 -17.19 -20.33
CA HIS B 140 22.31 -15.93 -19.87
C HIS B 140 21.21 -16.18 -18.85
N SER B 141 21.21 -15.36 -17.80
CA SER B 141 20.22 -15.46 -16.73
C SER B 141 19.64 -14.08 -16.39
N TYR B 142 18.33 -14.02 -16.26
CA TYR B 142 17.65 -12.82 -15.81
C TYR B 142 17.79 -12.65 -14.29
N LEU B 143 18.04 -13.75 -13.60
CA LEU B 143 18.09 -13.77 -12.13
C LEU B 143 19.45 -13.38 -11.56
N SER B 144 20.52 -13.75 -12.27
CA SER B 144 21.90 -13.53 -11.82
C SER B 144 22.25 -12.08 -11.41
N PRO B 145 21.88 -11.08 -12.25
CA PRO B 145 22.21 -9.69 -11.91
C PRO B 145 21.61 -9.20 -10.58
N ILE B 146 20.43 -9.71 -10.21
CA ILE B 146 19.76 -9.26 -8.98
C ILE B 146 19.93 -10.23 -7.81
N ALA B 147 20.58 -11.36 -8.06
CA ALA B 147 20.93 -12.32 -7.02
C ALA B 147 22.16 -11.86 -6.25
N THR B 148 22.31 -12.33 -5.02
CA THR B 148 23.51 -12.07 -4.23
C THR B 148 24.66 -12.88 -4.82
N GLY B 149 24.42 -14.17 -5.02
CA GLY B 149 25.41 -15.07 -5.59
C GLY B 149 24.80 -16.15 -6.46
N VAL B 150 25.66 -16.82 -7.24
CA VAL B 150 25.24 -17.89 -8.12
C VAL B 150 26.17 -19.10 -7.98
N ILE B 151 25.58 -20.26 -7.72
CA ILE B 151 26.33 -21.52 -7.70
C ILE B 151 25.86 -22.39 -8.87
N VAL B 152 26.83 -22.82 -9.69
CA VAL B 152 26.55 -23.55 -10.91
C VAL B 152 27.47 -24.77 -11.02
N GLY B 153 26.90 -25.90 -11.42
CA GLY B 153 27.68 -27.08 -11.79
C GLY B 153 28.26 -27.92 -10.68
N LEU B 154 27.93 -27.57 -9.43
CA LEU B 154 28.44 -28.32 -8.27
C LEU B 154 27.46 -29.40 -7.84
N GLY B 155 26.56 -29.76 -8.74
CA GLY B 155 25.56 -30.79 -8.50
C GLY B 155 24.57 -30.41 -7.41
N ILE B 156 24.06 -31.43 -6.74
CA ILE B 156 23.06 -31.27 -5.70
C ILE B 156 23.63 -30.59 -4.46
N GLN B 157 24.96 -30.66 -4.30
CA GLN B 157 25.66 -30.05 -3.17
C GLN B 157 25.64 -28.53 -3.24
N GLY B 158 25.32 -27.99 -4.42
CA GLY B 158 25.14 -26.54 -4.60
C GLY B 158 24.13 -25.96 -3.63
N TYR B 159 23.08 -26.72 -3.36
CA TYR B 159 22.06 -26.35 -2.37
C TYR B 159 22.63 -26.28 -0.95
N LEU B 160 23.47 -27.26 -0.60
CA LEU B 160 24.00 -27.37 0.76
C LEU B 160 25.07 -26.31 1.04
N LEU B 161 25.84 -25.97 0.01
CA LEU B 161 26.84 -24.92 0.11
C LEU B 161 26.18 -23.54 0.23
N ALA B 162 25.06 -23.37 -0.48
CA ALA B 162 24.26 -22.15 -0.38
C ALA B 162 23.69 -21.98 1.03
N LEU B 163 23.25 -23.10 1.63
CA LEU B 163 22.77 -23.12 3.01
C LEU B 163 23.84 -22.70 4.01
N ARG B 164 25.06 -23.18 3.80
CA ARG B 164 26.18 -22.85 4.69
C ARG B 164 26.58 -21.38 4.61
N TYR B 165 26.48 -20.81 3.41
CA TYR B 165 26.72 -19.39 3.21
C TYR B 165 25.74 -18.55 4.04
N LEU B 166 24.47 -18.91 3.98
CA LEU B 166 23.40 -18.19 4.68
C LEU B 166 23.48 -18.33 6.19
N ALA B 167 24.01 -19.47 6.66
CA ALA B 167 24.22 -19.71 8.08
C ALA B 167 25.42 -18.92 8.60
N GLU B 168 26.29 -18.50 7.68
CA GLU B 168 27.51 -17.76 8.03
C GLU B 168 27.32 -16.25 7.83
N HIS B 169 26.10 -15.85 7.48
CA HIS B 169 25.76 -14.45 7.24
C HIS B 169 24.45 -14.06 7.93
N GLU C 28 -22.63 2.46 -19.63
CA GLU C 28 -23.14 1.30 -20.43
C GLU C 28 -22.02 0.56 -21.15
N LEU C 29 -20.87 1.23 -21.29
CA LEU C 29 -19.74 0.68 -22.04
C LEU C 29 -18.65 0.16 -21.09
N ILE C 30 -18.31 -1.12 -21.26
CA ILE C 30 -17.35 -1.79 -20.37
C ILE C 30 -15.92 -1.68 -20.89
N VAL C 31 -15.01 -1.28 -20.01
CA VAL C 31 -13.58 -1.24 -20.30
C VAL C 31 -12.84 -2.16 -19.33
N ASN C 32 -12.07 -3.10 -19.87
CA ASN C 32 -11.30 -4.04 -19.04
C ASN C 32 -9.90 -3.53 -18.74
N VAL C 33 -9.55 -3.50 -17.45
CA VAL C 33 -8.21 -3.14 -17.02
C VAL C 33 -7.52 -4.40 -16.47
N ILE C 34 -6.52 -4.87 -17.20
CA ILE C 34 -5.86 -6.14 -16.88
C ILE C 34 -4.40 -5.93 -16.47
N ASN C 35 -4.08 -6.35 -15.24
CA ASN C 35 -2.73 -6.24 -14.70
C ASN C 35 -2.05 -7.61 -14.57
N GLY C 36 -0.86 -7.71 -15.14
CA GLY C 36 -0.10 -8.96 -15.14
C GLY C 36 0.72 -9.18 -13.88
N PRO C 37 1.70 -10.10 -13.95
CA PRO C 37 2.55 -10.51 -12.82
C PRO C 37 3.15 -9.36 -12.01
N ASN C 38 3.11 -9.52 -10.68
CA ASN C 38 3.74 -8.60 -9.72
C ASN C 38 3.05 -7.26 -9.48
N LEU C 39 1.98 -6.98 -10.22
CA LEU C 39 1.27 -5.71 -10.09
C LEU C 39 0.28 -5.70 -8.92
N GLY C 40 0.02 -6.88 -8.35
CA GLY C 40 -0.72 -6.98 -7.10
C GLY C 40 0.14 -6.57 -5.91
N ARG C 41 1.44 -6.41 -6.17
CA ARG C 41 2.42 -6.06 -5.15
C ARG C 41 2.67 -4.55 -5.04
N LEU C 42 1.91 -3.76 -5.80
CA LEU C 42 2.04 -2.30 -5.77
C LEU C 42 1.92 -1.73 -4.36
N GLY C 43 2.71 -0.70 -4.08
CA GLY C 43 2.78 -0.11 -2.76
C GLY C 43 4.18 -0.28 -2.21
N ARG C 44 4.54 -1.53 -1.89
CA ARG C 44 5.85 -1.83 -1.30
C ARG C 44 6.91 -2.29 -2.30
N ARG C 45 6.48 -2.73 -3.49
CA ARG C 45 7.44 -3.20 -4.50
C ARG C 45 8.10 -2.03 -5.24
N GLU C 46 9.44 -2.01 -5.18
CA GLU C 46 10.27 -0.96 -5.78
C GLU C 46 9.58 0.42 -5.84
N PRO C 47 9.39 1.06 -4.67
CA PRO C 47 8.62 2.30 -4.53
C PRO C 47 9.20 3.48 -5.31
N ALA C 48 10.51 3.49 -5.53
CA ALA C 48 11.16 4.54 -6.32
C ALA C 48 10.91 4.37 -7.82
N VAL C 49 10.40 3.20 -8.20
CA VAL C 49 10.09 2.88 -9.60
C VAL C 49 8.60 2.91 -9.91
N TYR C 50 7.78 2.37 -9.02
CA TYR C 50 6.33 2.22 -9.27
C TYR C 50 5.42 3.07 -8.38
N GLY C 51 5.96 3.58 -7.26
CA GLY C 51 5.20 4.44 -6.36
C GLY C 51 4.79 3.79 -5.05
N GLY C 52 3.92 4.45 -4.30
CA GLY C 52 3.45 3.96 -3.00
C GLY C 52 1.97 3.66 -2.94
N THR C 53 1.32 3.65 -4.11
CA THR C 53 -0.12 3.38 -4.21
C THR C 53 -0.40 1.88 -4.30
N THR C 54 -1.34 1.42 -3.47
CA THR C 54 -1.73 0.00 -3.41
C THR C 54 -2.67 -0.34 -4.57
N HIS C 55 -2.69 -1.62 -4.95
CA HIS C 55 -3.52 -2.11 -6.05
C HIS C 55 -5.01 -1.90 -5.82
N ASP C 56 -5.45 -2.07 -4.56
CA ASP C 56 -6.83 -1.78 -4.18
C ASP C 56 -7.17 -0.30 -4.39
N GLU C 57 -6.23 0.57 -4.03
CA GLU C 57 -6.39 2.01 -4.25
C GLU C 57 -6.37 2.34 -5.74
N LEU C 58 -5.61 1.57 -6.51
CA LEU C 58 -5.60 1.70 -7.96
C LEU C 58 -6.96 1.30 -8.55
N VAL C 59 -7.54 0.22 -8.02
CA VAL C 59 -8.88 -0.22 -8.42
C VAL C 59 -9.92 0.85 -8.11
N ALA C 60 -9.79 1.47 -6.93
CA ALA C 60 -10.68 2.54 -6.50
C ALA C 60 -10.57 3.79 -7.39
N LEU C 61 -9.33 4.18 -7.70
CA LEU C 61 -9.07 5.34 -8.56
C LEU C 61 -9.61 5.18 -9.98
N ILE C 62 -9.36 4.01 -10.57
CA ILE C 62 -9.80 3.71 -11.94
C ILE C 62 -11.32 3.67 -12.06
N GLU C 63 -11.98 2.99 -11.12
CA GLU C 63 -13.43 2.85 -11.11
C GLU C 63 -14.14 4.20 -10.97
N ARG C 64 -13.59 5.08 -10.13
CA ARG C 64 -14.13 6.42 -9.96
C ARG C 64 -14.02 7.24 -11.25
N GLU C 65 -12.82 7.26 -11.83
CA GLU C 65 -12.55 8.01 -13.06
C GLU C 65 -13.40 7.51 -14.23
N ALA C 66 -13.63 6.20 -14.28
CA ALA C 66 -14.45 5.60 -15.34
C ALA C 66 -15.90 6.06 -15.27
N ALA C 67 -16.46 6.08 -14.07
CA ALA C 67 -17.83 6.54 -13.85
C ALA C 67 -17.98 8.02 -14.19
N GLU C 68 -16.94 8.80 -13.89
CA GLU C 68 -16.89 10.22 -14.23
C GLU C 68 -17.02 10.42 -15.74
N LEU C 69 -16.49 9.47 -16.50
CA LEU C 69 -16.45 9.54 -17.97
C LEU C 69 -17.63 8.81 -18.61
N GLY C 70 -18.47 8.18 -17.78
CA GLY C 70 -19.63 7.44 -18.26
C GLY C 70 -19.31 6.01 -18.69
N LEU C 71 -18.21 5.47 -18.17
CA LEU C 71 -17.76 4.12 -18.49
C LEU C 71 -17.80 3.21 -17.27
N LYS C 72 -17.80 1.90 -17.51
CA LYS C 72 -17.70 0.92 -16.43
C LYS C 72 -16.39 0.15 -16.54
N ALA C 73 -15.54 0.28 -15.52
CA ALA C 73 -14.23 -0.36 -15.52
C ALA C 73 -14.21 -1.64 -14.69
N VAL C 74 -13.77 -2.72 -15.32
CA VAL C 74 -13.55 -3.99 -14.63
C VAL C 74 -12.05 -4.20 -14.51
N VAL C 75 -11.53 -4.02 -13.30
CA VAL C 75 -10.09 -4.10 -13.03
C VAL C 75 -9.71 -5.44 -12.42
N ARG C 76 -8.79 -6.15 -13.06
CA ARG C 76 -8.36 -7.48 -12.61
C ARG C 76 -6.86 -7.68 -12.74
N GLN C 77 -6.27 -8.35 -11.74
CA GLN C 77 -4.84 -8.65 -11.71
C GLN C 77 -4.60 -10.13 -11.49
N SER C 78 -3.61 -10.68 -12.18
CA SER C 78 -3.20 -12.08 -12.01
C SER C 78 -1.71 -12.28 -12.27
N ASP C 79 -1.10 -13.15 -11.47
CA ASP C 79 0.28 -13.57 -11.69
C ASP C 79 0.35 -14.71 -12.71
N SER C 80 -0.81 -15.25 -13.07
CA SER C 80 -0.89 -16.38 -13.98
C SER C 80 -1.13 -15.93 -15.41
N GLU C 81 -0.26 -16.39 -16.32
CA GLU C 81 -0.39 -16.10 -17.75
C GLU C 81 -1.69 -16.68 -18.30
N ALA C 82 -2.01 -17.90 -17.91
CA ALA C 82 -3.23 -18.59 -18.34
C ALA C 82 -4.49 -17.79 -18.00
N GLN C 83 -4.55 -17.25 -16.79
CA GLN C 83 -5.67 -16.43 -16.36
C GLN C 83 -5.79 -15.15 -17.19
N LEU C 84 -4.65 -14.51 -17.46
CA LEU C 84 -4.60 -13.31 -18.30
C LEU C 84 -5.10 -13.61 -19.72
N LEU C 85 -4.63 -14.72 -20.29
CA LEU C 85 -5.06 -15.16 -21.62
C LEU C 85 -6.58 -15.33 -21.69
N ASP C 86 -7.16 -15.93 -20.64
CA ASP C 86 -8.59 -16.16 -20.54
C ASP C 86 -9.38 -14.84 -20.54
N TRP C 87 -8.94 -13.89 -19.72
CA TRP C 87 -9.58 -12.57 -19.65
C TRP C 87 -9.54 -11.83 -20.99
N ILE C 88 -8.44 -11.99 -21.73
CA ILE C 88 -8.29 -11.41 -23.05
C ILE C 88 -9.27 -12.06 -24.05
N HIS C 89 -9.39 -13.39 -24.00
CA HIS C 89 -10.32 -14.13 -24.86
C HIS C 89 -11.75 -13.63 -24.67
N GLN C 90 -12.18 -13.51 -23.41
CA GLN C 90 -13.52 -13.06 -23.05
C GLN C 90 -13.77 -11.64 -23.55
N ALA C 91 -12.75 -10.79 -23.45
CA ALA C 91 -12.82 -9.42 -23.92
C ALA C 91 -12.91 -9.36 -25.45
N ALA C 92 -12.30 -10.34 -26.11
CA ALA C 92 -12.34 -10.46 -27.57
C ALA C 92 -13.73 -10.88 -28.04
N ASP C 93 -14.32 -11.85 -27.35
CA ASP C 93 -15.67 -12.35 -27.66
C ASP C 93 -16.74 -11.29 -27.39
N ALA C 94 -16.54 -10.51 -26.33
CA ALA C 94 -17.47 -9.45 -25.93
C ALA C 94 -17.22 -8.14 -26.68
N ALA C 95 -16.09 -8.08 -27.41
CA ALA C 95 -15.67 -6.89 -28.15
C ALA C 95 -15.52 -5.65 -27.26
N GLU C 96 -14.99 -5.85 -26.06
CA GLU C 96 -14.76 -4.78 -25.09
C GLU C 96 -13.29 -4.33 -25.13
N PRO C 97 -13.05 -3.01 -25.00
CA PRO C 97 -11.69 -2.45 -24.95
C PRO C 97 -10.86 -3.01 -23.81
N VAL C 98 -9.54 -3.04 -23.99
CA VAL C 98 -8.62 -3.54 -22.96
C VAL C 98 -7.52 -2.50 -22.68
N ILE C 99 -7.31 -2.24 -21.39
CA ILE C 99 -6.15 -1.50 -20.93
C ILE C 99 -5.25 -2.53 -20.24
N LEU C 100 -4.08 -2.78 -20.83
CA LEU C 100 -3.23 -3.87 -20.39
C LEU C 100 -1.85 -3.43 -19.90
N ASN C 101 -1.54 -3.82 -18.67
CA ASN C 101 -0.19 -3.74 -18.13
C ASN C 101 0.24 -5.17 -17.81
N ALA C 102 0.98 -5.76 -18.75
CA ALA C 102 1.32 -7.18 -18.70
C ALA C 102 2.49 -7.50 -17.76
N GLY C 103 3.10 -6.46 -17.20
CA GLY C 103 4.27 -6.62 -16.35
C GLY C 103 5.43 -7.24 -17.11
N GLY C 104 6.06 -8.25 -16.51
CA GLY C 104 7.20 -8.93 -17.12
C GLY C 104 6.88 -9.62 -18.44
N LEU C 105 5.62 -10.03 -18.60
CA LEU C 105 5.18 -10.75 -19.80
C LEU C 105 5.15 -9.87 -21.05
N THR C 106 5.22 -8.56 -20.84
CA THR C 106 5.34 -7.59 -21.93
C THR C 106 6.51 -7.94 -22.85
N HIS C 107 7.64 -8.27 -22.24
CA HIS C 107 8.88 -8.45 -22.97
C HIS C 107 9.16 -9.91 -23.34
N THR C 108 8.27 -10.82 -22.95
CA THR C 108 8.57 -12.25 -23.04
C THR C 108 7.51 -13.14 -23.70
N SER C 109 6.24 -12.77 -23.58
CA SER C 109 5.15 -13.65 -24.00
C SER C 109 4.60 -13.44 -25.41
N VAL C 110 4.91 -14.38 -26.30
CA VAL C 110 4.31 -14.41 -27.64
C VAL C 110 2.87 -14.92 -27.52
N ALA C 111 2.63 -15.79 -26.55
CA ALA C 111 1.29 -16.31 -26.27
C ALA C 111 0.30 -15.18 -25.92
N LEU C 112 0.74 -14.25 -25.08
CA LEU C 112 -0.08 -13.11 -24.70
C LEU C 112 -0.32 -12.17 -25.88
N ARG C 113 0.73 -11.93 -26.67
CA ARG C 113 0.64 -11.14 -27.89
C ARG C 113 -0.42 -11.73 -28.82
N ASP C 114 -0.38 -13.05 -29.02
CA ASP C 114 -1.29 -13.74 -29.92
C ASP C 114 -2.75 -13.65 -29.48
N ALA C 115 -2.96 -13.75 -28.17
CA ALA C 115 -4.30 -13.57 -27.59
C ALA C 115 -4.81 -12.15 -27.85
N CYS C 116 -3.94 -11.16 -27.62
CA CYS C 116 -4.31 -9.75 -27.80
C CYS C 116 -4.59 -9.37 -29.25
N ALA C 117 -4.02 -10.14 -30.18
CA ALA C 117 -4.25 -9.93 -31.61
C ALA C 117 -5.70 -10.20 -32.04
N GLU C 118 -6.43 -10.96 -31.24
CA GLU C 118 -7.86 -11.24 -31.50
C GLU C 118 -8.75 -10.04 -31.25
N LEU C 119 -8.29 -9.13 -30.40
CA LEU C 119 -9.09 -7.98 -29.96
C LEU C 119 -9.49 -7.08 -31.12
N SER C 120 -10.79 -6.84 -31.24
CA SER C 120 -11.33 -5.93 -32.25
C SER C 120 -11.46 -4.51 -31.67
N ALA C 121 -11.82 -4.44 -30.39
CA ALA C 121 -11.88 -3.16 -29.67
C ALA C 121 -10.47 -2.72 -29.28
N PRO C 122 -10.24 -1.39 -29.16
CA PRO C 122 -8.90 -0.86 -28.91
C PRO C 122 -8.17 -1.50 -27.72
N LEU C 123 -6.85 -1.65 -27.88
CA LEU C 123 -5.98 -2.13 -26.80
C LEU C 123 -4.94 -1.06 -26.48
N ILE C 124 -4.89 -0.65 -25.22
CA ILE C 124 -3.90 0.33 -24.77
C ILE C 124 -2.89 -0.32 -23.83
N GLU C 125 -1.61 -0.22 -24.18
CA GLU C 125 -0.55 -0.74 -23.33
C GLU C 125 -0.10 0.31 -22.32
N VAL C 126 -0.01 -0.09 -21.06
CA VAL C 126 0.34 0.84 -19.98
C VAL C 126 1.53 0.34 -19.16
N HIS C 127 2.53 1.20 -19.02
CA HIS C 127 3.63 0.97 -18.08
C HIS C 127 3.70 2.12 -17.09
N ILE C 128 3.79 1.79 -15.80
CA ILE C 128 3.89 2.78 -14.74
C ILE C 128 5.25 3.49 -14.78
N SER C 129 6.32 2.70 -14.80
CA SER C 129 7.68 3.25 -14.87
C SER C 129 8.06 3.56 -16.31
N ASN C 130 9.01 4.49 -16.50
CA ASN C 130 9.55 4.73 -17.83
C ASN C 130 10.45 3.57 -18.22
N VAL C 131 9.89 2.69 -19.03
CA VAL C 131 10.51 1.43 -19.42
C VAL C 131 11.78 1.61 -20.27
N HIS C 132 11.99 2.83 -20.76
CA HIS C 132 13.16 3.16 -21.59
C HIS C 132 14.31 3.78 -20.80
N ALA C 133 14.07 4.07 -19.53
CA ALA C 133 15.08 4.64 -18.65
C ALA C 133 15.74 3.58 -17.75
N ARG C 134 15.48 2.32 -18.07
CA ARG C 134 15.95 1.19 -17.25
C ARG C 134 16.78 0.22 -18.11
N GLU C 135 16.74 -1.08 -17.78
CA GLU C 135 17.49 -2.09 -18.55
C GLU C 135 17.07 -2.13 -20.01
N GLU C 136 18.00 -2.52 -20.87
CA GLU C 136 17.78 -2.56 -22.32
C GLU C 136 16.70 -3.56 -22.74
N PHE C 137 16.57 -4.67 -22.01
CA PHE C 137 15.59 -5.71 -22.35
C PHE C 137 14.14 -5.26 -22.14
N ARG C 138 13.95 -4.21 -21.34
CA ARG C 138 12.63 -3.64 -21.10
C ARG C 138 12.19 -2.71 -22.23
N ARG C 139 13.13 -2.38 -23.13
CA ARG C 139 12.84 -1.47 -24.24
C ARG C 139 12.23 -2.17 -25.45
N HIS C 140 12.06 -3.49 -25.36
CA HIS C 140 11.30 -4.24 -26.36
C HIS C 140 10.00 -4.79 -25.79
N SER C 141 8.94 -4.68 -26.58
CA SER C 141 7.63 -5.17 -26.20
C SER C 141 7.01 -5.98 -27.34
N TYR C 142 6.54 -7.19 -27.02
CA TYR C 142 5.79 -7.99 -27.96
C TYR C 142 4.38 -7.45 -28.15
N LEU C 143 3.90 -6.66 -27.19
CA LEU C 143 2.53 -6.14 -27.20
C LEU C 143 2.36 -4.86 -28.01
N SER C 144 3.37 -3.99 -27.95
CA SER C 144 3.32 -2.67 -28.59
C SER C 144 2.90 -2.65 -30.07
N PRO C 145 3.47 -3.55 -30.91
CA PRO C 145 3.13 -3.54 -32.34
C PRO C 145 1.66 -3.85 -32.68
N ILE C 146 0.96 -4.55 -31.78
CA ILE C 146 -0.42 -4.95 -32.04
C ILE C 146 -1.45 -4.13 -31.25
N ALA C 147 -0.98 -3.35 -30.29
CA ALA C 147 -1.83 -2.45 -29.52
C ALA C 147 -2.17 -1.22 -30.35
N THR C 148 -3.26 -0.54 -29.97
CA THR C 148 -3.65 0.73 -30.58
C THR C 148 -2.61 1.79 -30.23
N GLY C 149 -2.26 1.86 -28.94
CA GLY C 149 -1.28 2.82 -28.44
C GLY C 149 -0.64 2.38 -27.14
N VAL C 150 0.38 3.12 -26.71
CA VAL C 150 1.17 2.78 -25.52
C VAL C 150 1.42 4.01 -24.64
N ILE C 151 1.18 3.87 -23.35
CA ILE C 151 1.49 4.93 -22.37
C ILE C 151 2.55 4.42 -21.39
N VAL C 152 3.65 5.15 -21.30
CA VAL C 152 4.82 4.73 -20.53
C VAL C 152 5.33 5.88 -19.64
N GLY C 153 5.59 5.55 -18.37
CA GLY C 153 6.29 6.44 -17.47
C GLY C 153 5.48 7.55 -16.83
N LEU C 154 4.17 7.51 -17.00
CA LEU C 154 3.29 8.54 -16.46
C LEU C 154 2.60 8.09 -15.17
N GLY C 155 3.21 7.14 -14.48
CA GLY C 155 2.69 6.64 -13.20
C GLY C 155 1.37 5.91 -13.34
N ILE C 156 0.65 5.79 -12.23
CA ILE C 156 -0.67 5.15 -12.23
C ILE C 156 -1.72 5.97 -13.00
N GLN C 157 -1.41 7.24 -13.27
CA GLN C 157 -2.30 8.11 -14.04
C GLN C 157 -2.36 7.67 -15.51
N GLY C 158 -1.34 6.91 -15.94
CA GLY C 158 -1.34 6.28 -17.27
C GLY C 158 -2.60 5.48 -17.53
N TYR C 159 -3.08 4.78 -16.51
CA TYR C 159 -4.36 4.07 -16.57
C TYR C 159 -5.52 5.03 -16.81
N LEU C 160 -5.56 6.13 -16.05
CA LEU C 160 -6.64 7.11 -16.11
C LEU C 160 -6.68 7.84 -17.46
N LEU C 161 -5.51 8.16 -17.98
CA LEU C 161 -5.37 8.81 -19.29
C LEU C 161 -5.75 7.85 -20.42
N ALA C 162 -5.56 6.56 -20.19
CA ALA C 162 -5.96 5.53 -21.16
C ALA C 162 -7.48 5.39 -21.22
N LEU C 163 -8.13 5.52 -20.07
CA LEU C 163 -9.59 5.53 -19.99
C LEU C 163 -10.17 6.71 -20.77
N ARG C 164 -9.55 7.87 -20.61
CA ARG C 164 -10.01 9.11 -21.25
C ARG C 164 -9.96 9.03 -22.78
N TYR C 165 -8.93 8.35 -23.30
CA TYR C 165 -8.82 8.10 -24.73
C TYR C 165 -9.99 7.25 -25.22
N LEU C 166 -10.31 6.21 -24.46
CA LEU C 166 -11.38 5.27 -24.82
C LEU C 166 -12.76 5.93 -24.75
N ALA C 167 -12.94 6.83 -23.79
CA ALA C 167 -14.16 7.61 -23.65
C ALA C 167 -14.34 8.58 -24.81
N GLU C 168 -13.21 8.97 -25.41
CA GLU C 168 -13.21 9.91 -26.53
C GLU C 168 -13.34 9.19 -27.88
N HIS C 169 -13.07 7.88 -27.89
CA HIS C 169 -13.11 7.07 -29.10
C HIS C 169 -14.07 5.89 -28.93
N GLU D 28 59.43 15.91 -5.24
CA GLU D 28 58.53 16.85 -5.99
C GLU D 28 57.25 16.16 -6.44
N LEU D 29 56.52 16.81 -7.35
CA LEU D 29 55.30 16.25 -7.91
C LEU D 29 55.64 15.19 -8.96
N ILE D 30 55.47 13.92 -8.59
CA ILE D 30 55.86 12.80 -9.43
C ILE D 30 54.74 12.39 -10.38
N VAL D 31 55.08 12.23 -11.66
CA VAL D 31 54.16 11.73 -12.68
C VAL D 31 54.73 10.47 -13.31
N ASN D 32 53.95 9.38 -13.28
CA ASN D 32 54.36 8.13 -13.89
C ASN D 32 53.94 8.04 -15.36
N VAL D 33 54.91 7.81 -16.23
CA VAL D 33 54.65 7.57 -17.64
C VAL D 33 54.95 6.11 -17.93
N ILE D 34 53.90 5.34 -18.21
CA ILE D 34 54.02 3.89 -18.39
C ILE D 34 53.68 3.47 -19.81
N ASN D 35 54.66 2.85 -20.47
CA ASN D 35 54.49 2.34 -21.83
C ASN D 35 54.42 0.81 -21.89
N GLY D 36 53.41 0.31 -22.58
CA GLY D 36 53.18 -1.13 -22.71
C GLY D 36 53.95 -1.78 -23.84
N PRO D 37 53.51 -2.99 -24.25
CA PRO D 37 54.21 -3.83 -25.23
C PRO D 37 54.47 -3.12 -26.57
N ASN D 38 55.66 -3.38 -27.12
CA ASN D 38 56.10 -2.86 -28.45
C ASN D 38 56.50 -1.39 -28.49
N LEU D 39 56.31 -0.67 -27.40
CA LEU D 39 56.67 0.75 -27.35
C LEU D 39 58.18 0.98 -27.16
N GLY D 40 58.88 -0.06 -26.70
CA GLY D 40 60.34 -0.02 -26.66
C GLY D 40 60.95 -0.08 -28.05
N ARG D 41 60.11 -0.36 -29.03
CA ARG D 41 60.52 -0.54 -30.43
C ARG D 41 60.28 0.69 -31.30
N LEU D 42 59.99 1.82 -30.66
CA LEU D 42 59.76 3.08 -31.39
C LEU D 42 60.99 3.49 -32.19
N GLY D 43 60.77 3.84 -33.46
CA GLY D 43 61.83 4.33 -34.33
C GLY D 43 62.61 3.27 -35.10
N ARG D 44 62.02 2.09 -35.25
CA ARG D 44 62.62 1.00 -36.04
C ARG D 44 61.57 0.09 -36.66
N TYR D 50 57.81 3.57 -39.21
CA TYR D 50 56.85 4.65 -39.41
C TYR D 50 57.30 5.96 -38.75
N GLY D 51 57.69 5.87 -37.47
CA GLY D 51 58.19 7.03 -36.73
C GLY D 51 59.69 7.22 -36.86
N GLY D 52 60.25 8.07 -36.00
CA GLY D 52 61.68 8.35 -36.01
C GLY D 52 62.30 8.41 -34.62
N THR D 53 61.50 8.88 -33.67
CA THR D 53 61.92 9.01 -32.28
C THR D 53 61.97 7.65 -31.59
N THR D 54 63.12 7.31 -31.01
CA THR D 54 63.29 6.07 -30.26
C THR D 54 62.67 6.22 -28.87
N HIS D 55 62.55 5.11 -28.14
CA HIS D 55 61.99 5.17 -26.80
C HIS D 55 62.91 5.91 -25.81
N ASP D 56 64.22 5.67 -25.93
CA ASP D 56 65.21 6.38 -25.12
C ASP D 56 65.12 7.89 -25.34
N GLU D 57 64.99 8.29 -26.59
CA GLU D 57 64.81 9.70 -26.96
C GLU D 57 63.50 10.25 -26.38
N LEU D 58 62.46 9.42 -26.38
CA LEU D 58 61.17 9.80 -25.80
C LEU D 58 61.25 10.01 -24.29
N VAL D 59 61.91 9.09 -23.59
CA VAL D 59 62.09 9.18 -22.14
C VAL D 59 62.72 10.52 -21.77
N ALA D 60 63.88 10.80 -22.37
CA ALA D 60 64.63 12.03 -22.15
C ALA D 60 63.81 13.27 -22.51
N LEU D 61 63.02 13.16 -23.57
CA LEU D 61 62.15 14.24 -24.06
C LEU D 61 61.05 14.56 -23.05
N ILE D 62 60.43 13.52 -22.50
CA ILE D 62 59.37 13.67 -21.49
C ILE D 62 59.94 14.28 -20.20
N GLU D 63 61.06 13.73 -19.73
CA GLU D 63 61.71 14.19 -18.50
C GLU D 63 62.00 15.69 -18.49
N ARG D 64 62.58 16.19 -19.57
CA ARG D 64 62.90 17.62 -19.71
C ARG D 64 61.65 18.48 -19.74
N GLU D 65 60.64 18.04 -20.48
CA GLU D 65 59.36 18.74 -20.56
C GLU D 65 58.63 18.79 -19.22
N ALA D 66 58.72 17.70 -18.47
CA ALA D 66 58.13 17.62 -17.13
C ALA D 66 58.82 18.59 -16.16
N ALA D 67 60.16 18.65 -16.24
CA ALA D 67 60.96 19.53 -15.40
C ALA D 67 60.63 21.00 -15.62
N GLU D 68 60.37 21.37 -16.88
CA GLU D 68 60.01 22.73 -17.25
CA GLU D 68 60.00 22.73 -17.25
C GLU D 68 58.64 23.13 -16.67
N LEU D 69 57.84 22.14 -16.33
CA LEU D 69 56.51 22.36 -15.75
C LEU D 69 56.51 22.16 -14.23
N GLY D 70 57.70 21.97 -13.66
CA GLY D 70 57.86 21.76 -12.22
C GLY D 70 57.43 20.37 -11.76
N LEU D 71 57.45 19.42 -12.67
CA LEU D 71 57.09 18.03 -12.38
C LEU D 71 58.30 17.12 -12.56
N LYS D 72 58.27 15.96 -11.89
CA LYS D 72 59.27 14.94 -12.13
C LYS D 72 58.63 13.70 -12.77
N ALA D 73 59.10 13.37 -13.97
CA ALA D 73 58.56 12.25 -14.73
C ALA D 73 59.39 10.99 -14.54
N VAL D 74 58.71 9.90 -14.17
CA VAL D 74 59.32 8.58 -14.15
C VAL D 74 58.73 7.81 -15.33
N VAL D 75 59.56 7.61 -16.35
CA VAL D 75 59.13 6.97 -17.60
C VAL D 75 59.62 5.52 -17.63
N ARG D 76 58.67 4.60 -17.79
CA ARG D 76 58.97 3.17 -17.75
C ARG D 76 58.30 2.43 -18.91
N GLN D 77 58.96 1.37 -19.36
CA GLN D 77 58.43 0.54 -20.45
C GLN D 77 58.61 -0.94 -20.16
N SER D 78 57.58 -1.73 -20.49
CA SER D 78 57.64 -3.18 -20.37
C SER D 78 56.71 -3.87 -21.37
N ASP D 79 57.14 -5.03 -21.87
CA ASP D 79 56.30 -5.88 -22.71
C ASP D 79 55.54 -6.89 -21.84
N SER D 80 55.82 -6.83 -20.53
CA SER D 80 55.23 -7.76 -19.57
C SER D 80 54.01 -7.12 -18.91
N GLU D 81 52.85 -7.76 -19.09
CA GLU D 81 51.62 -7.30 -18.46
C GLU D 81 51.73 -7.24 -16.93
N ALA D 82 52.33 -8.28 -16.35
CA ALA D 82 52.54 -8.36 -14.89
C ALA D 82 53.35 -7.19 -14.33
N GLN D 83 54.30 -6.71 -15.11
CA GLN D 83 55.15 -5.58 -14.72
C GLN D 83 54.37 -4.25 -14.77
N LEU D 84 53.55 -4.08 -15.81
CA LEU D 84 52.70 -2.90 -15.92
C LEU D 84 51.67 -2.85 -14.80
N LEU D 85 51.11 -4.02 -14.45
CA LEU D 85 50.18 -4.12 -13.33
C LEU D 85 50.85 -3.72 -12.02
N ASP D 86 52.10 -4.14 -11.85
CA ASP D 86 52.88 -3.81 -10.66
C ASP D 86 53.08 -2.30 -10.54
N TRP D 87 53.50 -1.67 -11.63
CA TRP D 87 53.72 -0.21 -11.65
C TRP D 87 52.44 0.57 -11.41
N ILE D 88 51.32 0.06 -11.93
CA ILE D 88 50.00 0.68 -11.73
C ILE D 88 49.57 0.59 -10.27
N HIS D 89 49.81 -0.56 -9.63
CA HIS D 89 49.50 -0.75 -8.21
C HIS D 89 50.23 0.25 -7.33
N GLN D 90 51.52 0.42 -7.60
CA GLN D 90 52.37 1.33 -6.84
C GLN D 90 51.95 2.78 -7.00
N ALA D 91 51.49 3.12 -8.20
CA ALA D 91 50.97 4.45 -8.49
C ALA D 91 49.68 4.71 -7.71
N ALA D 92 48.88 3.66 -7.54
CA ALA D 92 47.63 3.74 -6.77
C ALA D 92 47.88 3.91 -5.28
N ASP D 93 48.89 3.21 -4.76
CA ASP D 93 49.26 3.31 -3.35
C ASP D 93 49.86 4.68 -3.02
N ALA D 94 50.63 5.24 -3.96
CA ALA D 94 51.26 6.54 -3.76
C ALA D 94 50.38 7.71 -4.21
N ALA D 95 49.25 7.39 -4.86
CA ALA D 95 48.31 8.39 -5.39
C ALA D 95 48.99 9.37 -6.35
N GLU D 96 49.77 8.82 -7.27
CA GLU D 96 50.46 9.60 -8.29
C GLU D 96 49.72 9.47 -9.62
N PRO D 97 49.72 10.54 -10.43
CA PRO D 97 49.08 10.47 -11.75
C PRO D 97 49.82 9.51 -12.68
N VAL D 98 49.09 8.98 -13.66
CA VAL D 98 49.66 8.04 -14.63
C VAL D 98 49.30 8.44 -16.06
N ILE D 99 50.31 8.54 -16.91
CA ILE D 99 50.12 8.66 -18.35
C ILE D 99 50.41 7.28 -18.94
N LEU D 100 49.37 6.64 -19.47
CA LEU D 100 49.47 5.25 -19.92
C LEU D 100 49.24 5.07 -21.43
N ASN D 101 50.25 4.50 -22.08
CA ASN D 101 50.12 3.96 -23.43
C ASN D 101 50.35 2.47 -23.32
N ALA D 102 49.25 1.71 -23.35
CA ALA D 102 49.27 0.29 -23.03
C ALA D 102 49.53 -0.59 -24.25
N GLY D 103 49.75 0.03 -25.40
CA GLY D 103 49.93 -0.69 -26.66
C GLY D 103 48.72 -1.55 -26.98
N GLY D 104 48.96 -2.79 -27.37
CA GLY D 104 47.89 -3.72 -27.73
C GLY D 104 46.99 -4.15 -26.59
N LEU D 105 47.48 -3.99 -25.36
CA LEU D 105 46.73 -4.35 -24.16
C LEU D 105 45.52 -3.45 -23.91
N THR D 106 45.55 -2.27 -24.53
CA THR D 106 44.42 -1.32 -24.53
C THR D 106 43.09 -2.00 -24.91
N HIS D 107 43.14 -2.83 -25.94
CA HIS D 107 41.95 -3.45 -26.52
C HIS D 107 41.65 -4.82 -25.91
N THR D 108 42.56 -5.36 -25.12
CA THR D 108 42.50 -6.77 -24.73
C THR D 108 42.48 -7.05 -23.22
N SER D 109 43.11 -6.19 -22.42
CA SER D 109 43.33 -6.52 -21.02
C SER D 109 42.28 -5.95 -20.05
N VAL D 110 41.47 -6.85 -19.50
CA VAL D 110 40.56 -6.50 -18.40
C VAL D 110 41.36 -6.34 -17.11
N ALA D 111 42.41 -7.14 -16.97
CA ALA D 111 43.32 -7.07 -15.81
C ALA D 111 43.92 -5.68 -15.62
N LEU D 112 44.39 -5.08 -16.72
CA LEU D 112 44.96 -3.74 -16.70
C LEU D 112 43.93 -2.68 -16.34
N ARG D 113 42.74 -2.81 -16.92
CA ARG D 113 41.60 -1.94 -16.61
C ARG D 113 41.26 -1.97 -15.12
N ASP D 114 41.23 -3.16 -14.54
CA ASP D 114 40.91 -3.36 -13.12
C ASP D 114 41.96 -2.76 -12.20
N ALA D 115 43.23 -2.88 -12.57
CA ALA D 115 44.33 -2.27 -11.83
C ALA D 115 44.28 -0.75 -11.93
N CYS D 116 43.96 -0.24 -13.12
CA CYS D 116 43.82 1.19 -13.37
C CYS D 116 42.61 1.79 -12.65
N ALA D 117 41.61 0.95 -12.38
CA ALA D 117 40.41 1.37 -11.65
C ALA D 117 40.71 1.75 -10.20
N GLU D 118 41.83 1.25 -9.67
CA GLU D 118 42.27 1.58 -8.31
C GLU D 118 42.86 2.98 -8.16
N LEU D 119 43.26 3.59 -9.28
CA LEU D 119 43.90 4.90 -9.27
C LEU D 119 42.93 6.01 -8.86
N SER D 120 43.35 6.84 -7.92
CA SER D 120 42.55 7.98 -7.46
C SER D 120 43.02 9.28 -8.11
N ALA D 121 44.32 9.40 -8.32
CA ALA D 121 44.90 10.51 -9.07
C ALA D 121 44.55 10.36 -10.56
N PRO D 122 44.63 11.46 -11.35
CA PRO D 122 44.22 11.39 -12.75
C PRO D 122 44.96 10.34 -13.58
N LEU D 123 44.27 9.80 -14.58
CA LEU D 123 44.85 8.84 -15.51
C LEU D 123 44.59 9.29 -16.94
N ILE D 124 45.66 9.44 -17.72
CA ILE D 124 45.52 9.84 -19.11
C ILE D 124 45.98 8.72 -20.05
N GLU D 125 45.09 8.31 -20.93
CA GLU D 125 45.38 7.29 -21.93
C GLU D 125 45.99 7.96 -23.17
N VAL D 126 47.05 7.37 -23.70
CA VAL D 126 47.75 7.94 -24.85
C VAL D 126 47.94 6.92 -25.97
N HIS D 127 47.62 7.35 -27.19
CA HIS D 127 47.97 6.61 -28.40
C HIS D 127 48.70 7.55 -29.34
N ILE D 128 49.82 7.08 -29.89
CA ILE D 128 50.63 7.88 -30.81
C ILE D 128 49.92 8.09 -32.15
N SER D 129 49.50 6.99 -32.78
CA SER D 129 48.75 7.06 -34.04
C SER D 129 47.27 7.26 -33.78
N ASN D 130 46.54 7.72 -34.80
CA ASN D 130 45.09 7.81 -34.71
C ASN D 130 44.47 6.42 -34.79
N VAL D 131 44.08 5.92 -33.62
CA VAL D 131 43.58 4.56 -33.44
C VAL D 131 42.22 4.35 -34.13
N HIS D 132 41.59 5.44 -34.54
CA HIS D 132 40.28 5.39 -35.19
C HIS D 132 40.34 5.40 -36.71
N ALA D 133 41.54 5.61 -37.25
CA ALA D 133 41.76 5.61 -38.70
C ALA D 133 42.31 4.26 -39.18
N ARG D 134 42.47 3.34 -38.24
CA ARG D 134 43.03 2.01 -38.52
C ARG D 134 41.94 0.93 -38.50
N GLU D 135 42.28 -0.26 -38.02
CA GLU D 135 41.34 -1.39 -37.95
C GLU D 135 40.28 -1.16 -36.88
N GLU D 136 39.13 -1.80 -37.06
CA GLU D 136 37.97 -1.65 -36.17
C GLU D 136 38.20 -2.10 -34.72
N PHE D 137 39.00 -3.15 -34.52
CA PHE D 137 39.24 -3.67 -33.17
C PHE D 137 40.00 -2.69 -32.27
N ARG D 138 40.71 -1.76 -32.90
CA ARG D 138 41.45 -0.73 -32.19
C ARG D 138 40.55 0.41 -31.70
N ARG D 139 39.31 0.43 -32.18
CA ARG D 139 38.36 1.47 -31.81
C ARG D 139 37.63 1.18 -30.50
N HIS D 140 37.85 0.00 -29.94
CA HIS D 140 37.38 -0.29 -28.59
C HIS D 140 38.55 -0.31 -27.61
N SER D 141 38.33 0.31 -26.45
CA SER D 141 39.33 0.37 -25.40
C SER D 141 38.71 0.00 -24.06
N TYR D 142 39.32 -0.95 -23.37
CA TYR D 142 38.91 -1.30 -22.01
C TYR D 142 39.32 -0.22 -21.01
N LEU D 143 40.34 0.56 -21.37
CA LEU D 143 40.90 1.58 -20.48
C LEU D 143 40.15 2.90 -20.48
N SER D 144 39.64 3.30 -21.64
CA SER D 144 39.02 4.62 -21.81
C SER D 144 37.91 4.96 -20.80
N PRO D 145 36.94 4.04 -20.58
CA PRO D 145 35.85 4.32 -19.64
C PRO D 145 36.31 4.66 -18.21
N ILE D 146 37.46 4.15 -17.81
CA ILE D 146 37.95 4.36 -16.44
C ILE D 146 39.06 5.42 -16.35
N ALA D 147 39.54 5.87 -17.50
CA ALA D 147 40.55 6.92 -17.57
C ALA D 147 39.91 8.29 -17.34
N THR D 148 40.72 9.26 -16.91
CA THR D 148 40.26 10.64 -16.76
C THR D 148 40.00 11.22 -18.15
N GLY D 149 40.97 11.02 -19.04
CA GLY D 149 40.86 11.45 -20.43
C GLY D 149 41.70 10.60 -21.37
N VAL D 150 41.48 10.80 -22.67
CA VAL D 150 42.18 10.04 -23.72
C VAL D 150 42.74 10.98 -24.79
N ILE D 151 44.04 10.86 -25.07
CA ILE D 151 44.67 11.59 -26.16
C ILE D 151 45.12 10.61 -27.24
N VAL D 152 44.65 10.84 -28.47
CA VAL D 152 44.87 9.93 -29.59
C VAL D 152 45.33 10.70 -30.84
N GLY D 153 46.29 10.12 -31.56
CA GLY D 153 46.65 10.60 -32.90
C GLY D 153 47.52 11.83 -33.02
N LEU D 154 48.00 12.35 -31.89
CA LEU D 154 48.80 13.58 -31.90
C LEU D 154 50.30 13.29 -31.83
N GLY D 155 50.67 12.08 -32.23
CA GLY D 155 52.06 11.65 -32.24
C GLY D 155 52.69 11.63 -30.86
N ILE D 156 53.99 11.89 -30.83
CA ILE D 156 54.77 11.82 -29.60
C ILE D 156 54.42 12.94 -28.61
N GLN D 157 53.82 14.01 -29.13
CA GLN D 157 53.44 15.18 -28.32
C GLN D 157 52.26 14.88 -27.39
N GLY D 158 51.51 13.82 -27.70
CA GLY D 158 50.42 13.35 -26.84
C GLY D 158 50.85 13.13 -25.40
N TYR D 159 52.06 12.64 -25.21
CA TYR D 159 52.66 12.50 -23.88
C TYR D 159 52.88 13.86 -23.22
N LEU D 160 53.33 14.83 -24.01
CA LEU D 160 53.71 16.15 -23.50
C LEU D 160 52.50 16.99 -23.11
N LEU D 161 51.44 16.90 -23.91
CA LEU D 161 50.19 17.60 -23.63
C LEU D 161 49.49 17.00 -22.42
N ALA D 162 49.67 15.70 -22.22
CA ALA D 162 49.14 15.00 -21.05
C ALA D 162 49.80 15.51 -19.78
N LEU D 163 51.12 15.71 -19.83
CA LEU D 163 51.88 16.29 -18.73
C LEU D 163 51.38 17.69 -18.36
N ARG D 164 51.05 18.47 -19.39
CA ARG D 164 50.59 19.84 -19.21
C ARG D 164 49.20 19.91 -18.57
N TYR D 165 48.35 18.93 -18.88
CA TYR D 165 47.06 18.78 -18.20
C TYR D 165 47.26 18.58 -16.71
N LEU D 166 48.19 17.70 -16.36
CA LEU D 166 48.47 17.36 -14.97
C LEU D 166 49.11 18.52 -14.20
N ALA D 167 49.84 19.37 -14.92
CA ALA D 167 50.43 20.59 -14.35
C ALA D 167 49.36 21.58 -13.89
N GLU D 168 48.23 21.62 -14.60
CA GLU D 168 47.08 22.45 -14.23
C GLU D 168 46.13 21.76 -13.25
N HIS D 169 46.32 20.46 -13.04
CA HIS D 169 45.43 19.67 -12.19
C HIS D 169 46.20 18.92 -11.09
N VAL D 170 46.70 19.69 -10.13
CA VAL D 170 47.48 19.12 -9.01
C VAL D 170 46.63 19.04 -7.75
N LEU E 29 -1.53 -48.36 -30.51
CA LEU E 29 -0.67 -47.47 -29.67
C LEU E 29 -1.38 -46.16 -29.33
N ILE E 30 -1.09 -45.64 -28.12
CA ILE E 30 -1.65 -44.36 -27.69
C ILE E 30 -0.78 -43.21 -28.19
N VAL E 31 -1.42 -42.24 -28.84
CA VAL E 31 -0.72 -41.06 -29.36
C VAL E 31 -1.23 -39.80 -28.65
N ASN E 32 -0.32 -39.01 -28.10
CA ASN E 32 -0.67 -37.77 -27.41
C ASN E 32 -0.61 -36.57 -28.33
N VAL E 33 -1.75 -35.89 -28.49
CA VAL E 33 -1.82 -34.65 -29.26
C VAL E 33 -2.04 -33.48 -28.29
N ILE E 34 -0.99 -32.70 -28.09
CA ILE E 34 -1.02 -31.62 -27.09
C ILE E 34 -0.98 -30.25 -27.75
N ASN E 35 -2.00 -29.43 -27.45
CA ASN E 35 -2.10 -28.07 -27.96
C ASN E 35 -1.86 -27.02 -26.88
N GLY E 36 -1.01 -26.05 -27.18
CA GLY E 36 -0.66 -24.99 -26.26
C GLY E 36 -1.61 -23.80 -26.28
N PRO E 37 -1.17 -22.66 -25.72
CA PRO E 37 -1.97 -21.45 -25.58
C PRO E 37 -2.59 -20.95 -26.88
N ASN E 38 -3.83 -20.44 -26.78
CA ASN E 38 -4.57 -19.83 -27.88
C ASN E 38 -5.11 -20.81 -28.94
N LEU E 39 -4.90 -22.10 -28.72
CA LEU E 39 -5.35 -23.13 -29.66
C LEU E 39 -6.76 -23.61 -29.38
N GLY E 40 -7.24 -23.34 -28.16
CA GLY E 40 -8.65 -23.53 -27.83
C GLY E 40 -9.51 -22.45 -28.46
N ARG E 41 -8.86 -21.51 -29.15
CA ARG E 41 -9.53 -20.38 -29.80
C ARG E 41 -9.64 -20.53 -31.31
N LEU E 42 -9.38 -21.74 -31.82
CA LEU E 42 -9.45 -22.03 -33.24
C LEU E 42 -10.84 -21.76 -33.83
N GLY E 43 -10.86 -21.15 -35.01
CA GLY E 43 -12.12 -20.80 -35.68
C GLY E 43 -12.31 -19.30 -35.76
N ARG E 44 -12.45 -18.66 -34.60
CA ARG E 44 -12.65 -17.22 -34.53
C ARG E 44 -11.34 -16.43 -34.43
N GLY E 51 -10.68 -23.36 -42.74
CA GLY E 51 -10.31 -22.06 -42.19
C GLY E 51 -11.00 -21.74 -40.87
N GLY E 52 -12.26 -22.17 -40.73
CA GLY E 52 -13.05 -21.91 -39.54
C GLY E 52 -13.26 -23.12 -38.65
N THR E 53 -12.31 -24.06 -38.69
CA THR E 53 -12.37 -25.26 -37.86
C THR E 53 -12.12 -24.89 -36.38
N THR E 54 -13.02 -25.35 -35.51
CA THR E 54 -12.87 -25.15 -34.07
C THR E 54 -12.04 -26.28 -33.47
N HIS E 55 -11.55 -26.07 -32.25
CA HIS E 55 -10.76 -27.08 -31.55
C HIS E 55 -11.55 -28.36 -31.29
N ASP E 56 -12.83 -28.20 -30.93
CA ASP E 56 -13.74 -29.34 -30.74
C ASP E 56 -13.87 -30.18 -32.01
N GLU E 57 -13.95 -29.50 -33.16
CA GLU E 57 -13.97 -30.17 -34.46
C GLU E 57 -12.62 -30.82 -34.76
N LEU E 58 -11.55 -30.14 -34.35
CA LEU E 58 -10.18 -30.66 -34.53
C LEU E 58 -9.95 -31.92 -33.71
N VAL E 59 -10.37 -31.91 -32.44
CA VAL E 59 -10.28 -33.07 -31.55
C VAL E 59 -10.95 -34.28 -32.20
N ALA E 60 -12.18 -34.10 -32.65
CA ALA E 60 -12.96 -35.15 -33.29
C ALA E 60 -12.33 -35.66 -34.58
N LEU E 61 -11.80 -34.74 -35.39
CA LEU E 61 -11.16 -35.07 -36.66
C LEU E 61 -9.88 -35.89 -36.46
N ILE E 62 -9.10 -35.52 -35.44
CA ILE E 62 -7.87 -36.24 -35.09
C ILE E 62 -8.19 -37.64 -34.55
N GLU E 63 -9.17 -37.72 -33.65
CA GLU E 63 -9.64 -38.99 -33.08
C GLU E 63 -10.08 -39.99 -34.14
N ARG E 64 -10.87 -39.52 -35.12
CA ARG E 64 -11.36 -40.37 -36.21
C ARG E 64 -10.24 -40.83 -37.15
N GLU E 65 -9.32 -39.93 -37.48
CA GLU E 65 -8.18 -40.25 -38.36
C GLU E 65 -7.23 -41.27 -37.73
N ALA E 66 -6.97 -41.12 -36.43
CA ALA E 66 -6.10 -42.03 -35.70
C ALA E 66 -6.69 -43.42 -35.58
N ALA E 67 -8.00 -43.49 -35.38
CA ALA E 67 -8.73 -44.76 -35.29
C ALA E 67 -8.60 -45.57 -36.57
N GLU E 68 -8.67 -44.91 -37.71
CA GLU E 68 -8.53 -45.56 -39.02
C GLU E 68 -7.12 -46.10 -39.26
N LEU E 69 -6.13 -45.52 -38.58
CA LEU E 69 -4.74 -45.96 -38.68
C LEU E 69 -4.37 -46.97 -37.60
N GLY E 70 -5.35 -47.37 -36.80
CA GLY E 70 -5.16 -48.35 -35.73
C GLY E 70 -4.50 -47.77 -34.49
N LEU E 71 -4.69 -46.46 -34.28
CA LEU E 71 -4.12 -45.77 -33.12
C LEU E 71 -5.22 -45.13 -32.27
N LYS E 72 -4.91 -44.88 -31.01
CA LYS E 72 -5.79 -44.08 -30.16
C LYS E 72 -5.17 -42.70 -29.92
N ALA E 73 -5.91 -41.65 -30.25
CA ALA E 73 -5.44 -40.29 -30.08
C ALA E 73 -6.04 -39.63 -28.85
N VAL E 74 -5.17 -39.23 -27.92
CA VAL E 74 -5.59 -38.45 -26.76
C VAL E 74 -5.25 -36.99 -27.03
N VAL E 75 -6.29 -36.19 -27.28
CA VAL E 75 -6.11 -34.79 -27.65
C VAL E 75 -6.46 -33.88 -26.49
N ARG E 76 -5.49 -33.08 -26.06
CA ARG E 76 -5.67 -32.17 -24.94
C ARG E 76 -5.09 -30.78 -25.24
N GLN E 77 -5.78 -29.75 -24.73
CA GLN E 77 -5.38 -28.36 -24.93
C GLN E 77 -5.31 -27.63 -23.59
N SER E 78 -4.34 -26.74 -23.45
CA SER E 78 -4.24 -25.86 -22.28
C SER E 78 -3.52 -24.56 -22.59
N ASP E 79 -3.97 -23.49 -21.94
CA ASP E 79 -3.30 -22.19 -21.98
C ASP E 79 -2.25 -22.09 -20.87
N SER E 80 -2.23 -23.09 -19.99
CA SER E 80 -1.30 -23.14 -18.86
C SER E 80 -0.07 -23.94 -19.21
N GLU E 81 1.09 -23.31 -19.05
CA GLU E 81 2.38 -23.97 -19.26
C GLU E 81 2.58 -25.14 -18.30
N ALA E 82 2.23 -24.92 -17.02
CA ALA E 82 2.34 -25.96 -15.99
C ALA E 82 1.56 -27.22 -16.35
N GLN E 83 0.39 -27.02 -16.96
CA GLN E 83 -0.44 -28.14 -17.40
C GLN E 83 0.21 -28.87 -18.57
N LEU E 84 0.74 -28.12 -19.53
CA LEU E 84 1.43 -28.70 -20.68
C LEU E 84 2.64 -29.50 -20.24
N LEU E 85 3.41 -28.96 -19.29
CA LEU E 85 4.58 -29.64 -18.74
C LEU E 85 4.20 -30.97 -18.08
N ASP E 86 3.07 -30.98 -17.37
CA ASP E 86 2.59 -32.18 -16.69
C ASP E 86 2.19 -33.27 -17.68
N TRP E 87 1.56 -32.88 -18.78
CA TRP E 87 1.16 -33.81 -19.84
C TRP E 87 2.36 -34.40 -20.56
N ILE E 88 3.41 -33.62 -20.72
CA ILE E 88 4.68 -34.10 -21.29
C ILE E 88 5.35 -35.11 -20.35
N HIS E 89 5.36 -34.80 -19.05
CA HIS E 89 5.96 -35.70 -18.05
C HIS E 89 5.34 -37.09 -18.09
N GLN E 90 4.01 -37.14 -18.18
CA GLN E 90 3.27 -38.39 -18.25
C GLN E 90 3.57 -39.17 -19.53
N ALA E 91 3.70 -38.45 -20.65
CA ALA E 91 4.06 -39.05 -21.93
C ALA E 91 5.47 -39.63 -21.91
N ALA E 92 6.37 -39.01 -21.15
CA ALA E 92 7.73 -39.51 -20.97
C ALA E 92 7.76 -40.79 -20.15
N ASP E 93 6.96 -40.84 -19.09
CA ASP E 93 6.88 -42.01 -18.21
C ASP E 93 6.22 -43.19 -18.89
N ALA E 94 5.21 -42.92 -19.71
CA ALA E 94 4.47 -43.96 -20.43
C ALA E 94 5.12 -44.30 -21.76
N ALA E 95 6.20 -43.59 -22.10
CA ALA E 95 6.92 -43.75 -23.37
C ALA E 95 5.99 -43.68 -24.60
N GLU E 96 5.17 -42.64 -24.63
CA GLU E 96 4.17 -42.45 -25.69
C GLU E 96 4.54 -41.30 -26.62
N PRO E 97 4.25 -41.45 -27.93
CA PRO E 97 4.50 -40.40 -28.92
C PRO E 97 3.72 -39.12 -28.63
N VAL E 98 4.32 -37.97 -28.94
CA VAL E 98 3.70 -36.68 -28.72
C VAL E 98 3.66 -35.86 -30.01
N ILE E 99 2.45 -35.46 -30.40
CA ILE E 99 2.28 -34.46 -31.45
C ILE E 99 2.02 -33.13 -30.72
N LEU E 100 2.99 -32.23 -30.79
CA LEU E 100 2.93 -30.98 -30.02
C LEU E 100 2.81 -29.73 -30.87
N ASN E 101 1.82 -28.92 -30.55
CA ASN E 101 1.70 -27.56 -31.05
C ASN E 101 1.69 -26.65 -29.83
N ALA E 102 2.86 -26.12 -29.50
CA ALA E 102 3.04 -25.35 -28.27
C ALA E 102 2.54 -23.91 -28.40
N GLY E 103 2.22 -23.50 -29.63
CA GLY E 103 1.77 -22.14 -29.89
C GLY E 103 2.88 -21.15 -29.62
N GLY E 104 2.55 -20.05 -28.96
CA GLY E 104 3.53 -19.00 -28.62
C GLY E 104 4.71 -19.50 -27.79
N LEU E 105 4.48 -20.56 -27.03
CA LEU E 105 5.50 -21.13 -26.14
C LEU E 105 6.62 -21.83 -26.91
N THR E 106 6.37 -22.09 -28.20
CA THR E 106 7.36 -22.65 -29.12
C THR E 106 8.62 -21.78 -29.17
N HIS E 107 8.43 -20.46 -29.13
CA HIS E 107 9.51 -19.51 -29.32
C HIS E 107 10.12 -19.00 -28.02
N THR E 108 9.47 -19.30 -26.89
CA THR E 108 9.82 -18.65 -25.63
C THR E 108 10.22 -19.59 -24.48
N SER E 109 9.65 -20.79 -24.45
CA SER E 109 9.79 -21.66 -23.28
C SER E 109 10.95 -22.65 -23.34
N VAL E 110 11.97 -22.40 -22.53
CA VAL E 110 13.06 -23.34 -22.32
C VAL E 110 12.57 -24.49 -21.43
N ALA E 111 11.65 -24.19 -20.52
CA ALA E 111 11.07 -25.18 -19.62
C ALA E 111 10.35 -26.30 -20.37
N LEU E 112 9.57 -25.93 -21.39
CA LEU E 112 8.87 -26.90 -22.22
C LEU E 112 9.83 -27.75 -23.06
N ARG E 113 10.88 -27.11 -23.56
CA ARG E 113 11.94 -27.79 -24.29
C ARG E 113 12.59 -28.88 -23.43
N ASP E 114 12.95 -28.52 -22.19
CA ASP E 114 13.60 -29.42 -21.24
C ASP E 114 12.72 -30.61 -20.88
N ALA E 115 11.41 -30.40 -20.79
CA ALA E 115 10.45 -31.47 -20.53
C ALA E 115 10.33 -32.39 -21.74
N CYS E 116 10.23 -31.81 -22.93
CA CYS E 116 10.18 -32.58 -24.18
C CYS E 116 11.46 -33.37 -24.42
N ALA E 117 12.59 -32.84 -23.95
CA ALA E 117 13.89 -33.51 -24.04
C ALA E 117 13.90 -34.88 -23.33
N GLU E 118 12.98 -35.07 -22.39
CA GLU E 118 12.84 -36.33 -21.65
C GLU E 118 12.22 -37.47 -22.48
N LEU E 119 11.42 -37.11 -23.47
CA LEU E 119 10.68 -38.09 -24.27
C LEU E 119 11.60 -39.06 -25.00
N SER E 120 11.33 -40.35 -24.85
CA SER E 120 12.08 -41.39 -25.55
C SER E 120 11.42 -41.77 -26.86
N ALA E 121 10.08 -41.64 -26.90
CA ALA E 121 9.30 -41.88 -28.10
C ALA E 121 9.33 -40.66 -29.03
N PRO E 122 8.98 -40.83 -30.32
CA PRO E 122 9.01 -39.71 -31.28
C PRO E 122 8.20 -38.49 -30.85
N LEU E 123 8.75 -37.31 -31.13
CA LEU E 123 8.06 -36.04 -30.88
C LEU E 123 7.95 -35.26 -32.18
N ILE E 124 6.72 -34.91 -32.55
CA ILE E 124 6.49 -34.15 -33.78
C ILE E 124 5.92 -32.78 -33.47
N GLU E 125 6.65 -31.74 -33.89
CA GLU E 125 6.21 -30.37 -33.73
C GLU E 125 5.28 -30.00 -34.89
N VAL E 126 4.17 -29.34 -34.56
CA VAL E 126 3.18 -28.93 -35.56
C VAL E 126 2.83 -27.45 -35.42
N HIS E 127 2.84 -26.75 -36.56
CA HIS E 127 2.27 -25.41 -36.67
C HIS E 127 1.25 -25.41 -37.80
N ILE E 128 0.07 -24.86 -37.52
CA ILE E 128 -1.01 -24.78 -38.51
C ILE E 128 -0.64 -23.81 -39.64
N SER E 129 -0.16 -22.62 -39.27
CA SER E 129 0.30 -21.63 -40.23
C SER E 129 1.78 -21.81 -40.54
N ASN E 130 2.23 -21.14 -41.61
CA ASN E 130 3.64 -21.11 -41.97
C ASN E 130 4.35 -20.02 -41.18
N VAL E 131 5.07 -20.44 -40.13
CA VAL E 131 5.75 -19.51 -39.23
C VAL E 131 6.90 -18.76 -39.92
N HIS E 132 7.38 -19.31 -41.02
CA HIS E 132 8.49 -18.73 -41.76
C HIS E 132 8.07 -17.60 -42.70
N ALA E 133 6.77 -17.46 -42.91
CA ALA E 133 6.22 -16.41 -43.77
C ALA E 133 5.64 -15.24 -42.96
N ARG E 134 5.94 -15.22 -41.67
CA ARG E 134 5.40 -14.22 -40.75
C ARG E 134 6.52 -13.42 -40.10
N GLU E 135 6.36 -13.05 -38.83
CA GLU E 135 7.36 -12.29 -38.11
C GLU E 135 8.65 -13.11 -37.90
N GLU E 136 9.77 -12.41 -37.76
CA GLU E 136 11.08 -13.06 -37.67
C GLU E 136 11.27 -13.87 -36.38
N PHE E 137 10.63 -13.44 -35.30
CA PHE E 137 10.74 -14.14 -34.01
C PHE E 137 10.08 -15.54 -34.04
N ARG E 138 9.17 -15.75 -34.99
CA ARG E 138 8.51 -17.04 -35.16
C ARG E 138 9.39 -18.05 -35.91
N ARG E 139 10.53 -17.59 -36.42
CA ARG E 139 11.47 -18.40 -37.18
C ARG E 139 12.46 -19.16 -36.30
N HIS E 140 12.36 -18.95 -34.98
CA HIS E 140 13.12 -19.76 -34.02
C HIS E 140 12.18 -20.59 -33.16
N SER E 141 12.51 -21.87 -33.03
CA SER E 141 11.80 -22.78 -32.15
C SER E 141 12.80 -23.43 -31.20
N TYR E 142 12.46 -23.43 -29.91
CA TYR E 142 13.25 -24.14 -28.90
C TYR E 142 12.99 -25.65 -28.95
N LEU E 143 11.86 -26.03 -29.55
CA LEU E 143 11.43 -27.42 -29.60
C LEU E 143 12.00 -28.22 -30.77
N SER E 144 12.21 -27.55 -31.90
CA SER E 144 12.67 -28.20 -33.12
C SER E 144 13.97 -29.02 -32.98
N PRO E 145 15.01 -28.46 -32.32
CA PRO E 145 16.27 -29.21 -32.16
C PRO E 145 16.16 -30.52 -31.37
N ILE E 146 15.15 -30.62 -30.51
CA ILE E 146 14.95 -31.85 -29.72
C ILE E 146 13.77 -32.69 -30.20
N ALA E 147 13.03 -32.16 -31.18
CA ALA E 147 11.94 -32.89 -31.82
C ALA E 147 12.48 -33.89 -32.83
N THR E 148 11.70 -34.94 -33.11
CA THR E 148 12.03 -35.88 -34.16
C THR E 148 11.85 -35.20 -35.51
N GLY E 149 10.74 -34.49 -35.67
CA GLY E 149 10.42 -33.78 -36.89
C GLY E 149 9.50 -32.60 -36.69
N VAL E 150 9.37 -31.77 -37.72
CA VAL E 150 8.55 -30.55 -37.65
C VAL E 150 7.71 -30.40 -38.91
N ILE E 151 6.41 -30.17 -38.72
CA ILE E 151 5.48 -29.88 -39.81
C ILE E 151 4.94 -28.46 -39.65
N VAL E 152 5.01 -27.68 -40.74
CA VAL E 152 4.65 -26.27 -40.71
C VAL E 152 3.83 -25.88 -41.95
N GLY E 153 2.80 -25.06 -41.75
CA GLY E 153 2.06 -24.43 -42.85
C GLY E 153 1.08 -25.28 -43.63
N LEU E 154 0.88 -26.53 -43.19
CA LEU E 154 -0.02 -27.45 -43.90
C LEU E 154 -1.42 -27.50 -43.29
N GLY E 155 -1.81 -26.42 -42.60
CA GLY E 155 -3.11 -26.33 -41.95
C GLY E 155 -3.30 -27.36 -40.86
N ILE E 156 -4.56 -27.68 -40.57
CA ILE E 156 -4.91 -28.68 -39.56
C ILE E 156 -4.54 -30.10 -39.98
N GLN E 157 -4.33 -30.31 -41.28
CA GLN E 157 -3.93 -31.62 -41.81
C GLN E 157 -2.52 -32.01 -41.36
N GLY E 158 -1.76 -31.04 -40.87
CA GLY E 158 -0.44 -31.28 -40.28
C GLY E 158 -0.47 -32.26 -39.12
N TYR E 159 -1.54 -32.22 -38.33
CA TYR E 159 -1.79 -33.18 -37.27
C TYR E 159 -2.02 -34.59 -37.82
N LEU E 160 -2.77 -34.67 -38.93
CA LEU E 160 -3.15 -35.94 -39.54
C LEU E 160 -1.96 -36.63 -40.20
N LEU E 161 -1.08 -35.81 -40.80
CA LEU E 161 0.13 -36.31 -41.41
C LEU E 161 1.15 -36.75 -40.36
N ALA E 162 1.15 -36.06 -39.22
CA ALA E 162 1.98 -36.45 -38.08
C ALA E 162 1.55 -37.80 -37.50
N LEU E 163 0.23 -38.02 -37.45
CA LEU E 163 -0.35 -39.30 -37.04
C LEU E 163 0.10 -40.44 -37.96
N ARG E 164 0.11 -40.17 -39.26
CA ARG E 164 0.47 -41.17 -40.26
C ARG E 164 1.95 -41.57 -40.19
N TYR E 165 2.80 -40.63 -39.78
CA TYR E 165 4.21 -40.93 -39.53
C TYR E 165 4.35 -41.91 -38.38
N LEU E 166 3.61 -41.67 -37.31
CA LEU E 166 3.67 -42.50 -36.11
C LEU E 166 3.10 -43.90 -36.32
N ALA E 167 2.11 -44.01 -37.20
CA ALA E 167 1.55 -45.30 -37.60
C ALA E 167 2.59 -46.17 -38.31
N GLU E 168 3.55 -45.51 -38.97
CA GLU E 168 4.59 -46.20 -39.74
C GLU E 168 5.82 -46.56 -38.90
N HIS E 169 6.18 -45.68 -37.97
CA HIS E 169 7.43 -45.81 -37.21
C HIS E 169 7.22 -46.33 -35.78
N VAL E 170 8.08 -47.24 -35.33
CA VAL E 170 9.20 -47.76 -36.12
N LEU F 29 45.25 -35.50 0.31
CA LEU F 29 44.43 -34.61 -0.56
C LEU F 29 44.89 -33.17 -0.47
N ILE F 30 45.57 -32.71 -1.52
CA ILE F 30 46.05 -31.33 -1.60
C ILE F 30 45.21 -30.54 -2.62
N VAL F 31 44.66 -29.43 -2.17
CA VAL F 31 43.88 -28.55 -3.03
C VAL F 31 44.71 -27.32 -3.37
N ASN F 32 44.78 -26.99 -4.66
CA ASN F 32 45.50 -25.80 -5.11
C ASN F 32 44.55 -24.61 -5.24
N VAL F 33 44.84 -23.55 -4.51
CA VAL F 33 44.05 -22.32 -4.59
C VAL F 33 44.87 -21.26 -5.33
N ILE F 34 44.44 -20.95 -6.56
CA ILE F 34 45.19 -20.09 -7.45
C ILE F 34 44.47 -18.76 -7.74
N ASN F 35 45.09 -17.66 -7.33
CA ASN F 35 44.56 -16.32 -7.56
C ASN F 35 45.31 -15.56 -8.64
N GLY F 36 44.58 -14.99 -9.58
CA GLY F 36 45.15 -14.27 -10.72
C GLY F 36 45.39 -12.79 -10.48
N PRO F 37 45.59 -12.03 -11.56
CA PRO F 37 45.90 -10.60 -11.54
C PRO F 37 45.02 -9.77 -10.61
N ASN F 38 45.68 -8.84 -9.89
CA ASN F 38 45.02 -7.87 -9.01
C ASN F 38 44.46 -8.43 -7.70
N LEU F 39 44.51 -9.75 -7.55
CA LEU F 39 43.92 -10.40 -6.37
C LEU F 39 44.78 -10.29 -5.12
N GLY F 40 46.06 -10.01 -5.30
CA GLY F 40 46.95 -9.69 -4.17
C GLY F 40 46.65 -8.31 -3.61
N ARG F 41 45.78 -7.57 -4.29
CA ARG F 41 45.39 -6.22 -3.89
C ARG F 41 44.12 -6.19 -3.04
N LEU F 42 43.67 -7.36 -2.58
CA LEU F 42 42.46 -7.46 -1.77
C LEU F 42 42.55 -6.62 -0.49
N GLY F 43 41.50 -5.85 -0.23
CA GLY F 43 41.46 -4.96 0.93
C GLY F 43 42.13 -3.63 0.65
N ARG F 44 43.43 -3.67 0.35
CA ARG F 44 44.24 -2.48 0.07
C ARG F 44 43.69 -1.66 -1.09
N GLY F 51 35.27 -6.75 -0.83
CA GLY F 51 35.22 -6.51 0.61
C GLY F 51 36.51 -5.97 1.19
N GLY F 52 36.61 -5.96 2.51
CA GLY F 52 37.79 -5.45 3.22
C GLY F 52 38.77 -6.52 3.65
N THR F 53 38.51 -7.76 3.27
CA THR F 53 39.39 -8.89 3.59
C THR F 53 40.64 -8.87 2.71
N THR F 54 41.80 -8.79 3.36
CA THR F 54 43.08 -8.77 2.65
C THR F 54 43.46 -10.17 2.18
N HIS F 55 44.44 -10.25 1.29
CA HIS F 55 44.90 -11.55 0.78
C HIS F 55 45.55 -12.39 1.87
N ASP F 56 46.30 -11.74 2.76
CA ASP F 56 46.89 -12.40 3.93
C ASP F 56 45.82 -12.99 4.84
N GLU F 57 44.72 -12.25 5.04
CA GLU F 57 43.59 -12.72 5.84
C GLU F 57 42.87 -13.89 5.17
N LEU F 58 42.75 -13.85 3.84
CA LEU F 58 42.16 -14.93 3.06
C LEU F 58 42.99 -16.21 3.18
N VAL F 59 44.31 -16.06 3.15
CA VAL F 59 45.25 -17.17 3.31
C VAL F 59 45.06 -17.84 4.68
N ALA F 60 44.90 -17.01 5.71
CA ALA F 60 44.64 -17.48 7.07
C ALA F 60 43.29 -18.20 7.19
N LEU F 61 42.25 -17.63 6.57
CA LEU F 61 40.91 -18.21 6.58
C LEU F 61 40.88 -19.58 5.89
N ILE F 62 41.60 -19.70 4.77
CA ILE F 62 41.70 -20.96 4.04
C ILE F 62 42.46 -22.02 4.85
N GLU F 63 43.51 -21.60 5.56
CA GLU F 63 44.27 -22.50 6.42
C GLU F 63 43.40 -23.18 7.48
N ARG F 64 42.56 -22.40 8.15
CA ARG F 64 41.70 -22.90 9.23
C ARG F 64 40.61 -23.83 8.69
N GLU F 65 40.02 -23.46 7.56
CA GLU F 65 38.97 -24.25 6.91
C GLU F 65 39.54 -25.59 6.42
N ALA F 66 40.76 -25.56 5.88
CA ALA F 66 41.47 -26.77 5.47
C ALA F 66 41.71 -27.72 6.64
N ALA F 67 42.00 -27.15 7.81
CA ALA F 67 42.22 -27.93 9.03
C ALA F 67 40.94 -28.62 9.50
N GLU F 68 39.82 -27.91 9.39
CA GLU F 68 38.50 -28.47 9.73
C GLU F 68 38.10 -29.60 8.79
N LEU F 69 38.34 -29.39 7.49
CA LEU F 69 37.91 -30.33 6.46
C LEU F 69 38.85 -31.53 6.33
N GLY F 70 40.04 -31.41 6.92
CA GLY F 70 41.03 -32.50 6.90
C GLY F 70 41.75 -32.63 5.57
N LEU F 71 42.02 -31.50 4.93
CA LEU F 71 42.79 -31.48 3.69
C LEU F 71 43.90 -30.44 3.73
N LYS F 72 44.85 -30.53 2.80
CA LYS F 72 45.90 -29.52 2.67
C LYS F 72 45.52 -28.55 1.56
N ALA F 73 45.78 -27.26 1.79
CA ALA F 73 45.45 -26.23 0.81
C ALA F 73 46.65 -25.32 0.57
N VAL F 74 47.01 -25.17 -0.70
CA VAL F 74 48.11 -24.29 -1.09
C VAL F 74 47.55 -23.06 -1.81
N VAL F 75 47.74 -21.90 -1.20
CA VAL F 75 47.25 -20.64 -1.77
C VAL F 75 48.38 -19.91 -2.49
N ARG F 76 48.15 -19.64 -3.77
CA ARG F 76 49.13 -18.94 -4.61
C ARG F 76 48.45 -17.77 -5.33
N GLN F 77 49.20 -16.69 -5.50
CA GLN F 77 48.73 -15.52 -6.22
C GLN F 77 49.81 -14.96 -7.12
N SER F 78 49.44 -14.64 -8.36
CA SER F 78 50.34 -14.02 -9.32
C SER F 78 49.59 -13.14 -10.32
N ASP F 79 50.20 -12.02 -10.67
CA ASP F 79 49.70 -11.16 -11.76
C ASP F 79 50.25 -11.64 -13.11
N SER F 80 51.10 -12.66 -13.07
CA SER F 80 51.75 -13.18 -14.28
C SER F 80 50.99 -14.36 -14.87
N GLU F 81 50.50 -14.19 -16.09
CA GLU F 81 49.77 -15.25 -16.80
C GLU F 81 50.62 -16.51 -16.96
N ALA F 82 51.87 -16.35 -17.35
CA ALA F 82 52.81 -17.46 -17.51
C ALA F 82 52.97 -18.25 -16.21
N GLN F 83 53.01 -17.56 -15.08
CA GLN F 83 53.16 -18.19 -13.78
C GLN F 83 51.92 -19.00 -13.39
N LEU F 84 50.75 -18.48 -13.74
CA LEU F 84 49.49 -19.19 -13.52
C LEU F 84 49.41 -20.45 -14.39
N LEU F 85 49.87 -20.35 -15.63
CA LEU F 85 49.89 -21.49 -16.55
C LEU F 85 50.75 -22.63 -15.99
N ASP F 86 51.91 -22.29 -15.45
CA ASP F 86 52.84 -23.24 -14.86
C ASP F 86 52.22 -23.96 -13.65
N TRP F 87 51.50 -23.21 -12.82
CA TRP F 87 50.84 -23.76 -11.64
C TRP F 87 49.70 -24.72 -11.99
N ILE F 88 48.99 -24.42 -13.08
CA ILE F 88 47.97 -25.33 -13.58
C ILE F 88 48.62 -26.60 -14.11
N HIS F 89 49.70 -26.44 -14.88
CA HIS F 89 50.45 -27.59 -15.42
C HIS F 89 50.88 -28.58 -14.33
N GLN F 90 51.41 -28.05 -13.24
CA GLN F 90 51.84 -28.86 -12.09
C GLN F 90 50.67 -29.63 -11.48
N ALA F 91 49.55 -28.94 -11.33
CA ALA F 91 48.32 -29.52 -10.79
C ALA F 91 47.72 -30.58 -11.72
N ALA F 92 47.97 -30.44 -13.02
CA ALA F 92 47.54 -31.43 -14.00
C ALA F 92 48.35 -32.72 -13.86
N ASP F 93 49.68 -32.59 -13.77
CA ASP F 93 50.58 -33.73 -13.62
C ASP F 93 50.41 -34.42 -12.26
N ALA F 94 50.16 -33.63 -11.22
CA ALA F 94 49.96 -34.16 -9.87
C ALA F 94 48.52 -34.63 -9.62
N ALA F 95 47.66 -34.45 -10.63
CA ALA F 95 46.23 -34.78 -10.56
C ALA F 95 45.54 -34.19 -9.32
N GLU F 96 45.82 -32.91 -9.04
CA GLU F 96 45.30 -32.23 -7.87
C GLU F 96 44.18 -31.25 -8.23
N PRO F 97 43.13 -31.17 -7.40
CA PRO F 97 42.03 -30.23 -7.61
C PRO F 97 42.48 -28.77 -7.58
N VAL F 98 41.81 -27.93 -8.35
CA VAL F 98 42.13 -26.50 -8.42
C VAL F 98 40.92 -25.63 -8.13
N ILE F 99 41.12 -24.65 -7.25
CA ILE F 99 40.17 -23.54 -7.09
C ILE F 99 40.82 -22.32 -7.73
N LEU F 100 40.20 -21.80 -8.78
CA LEU F 100 40.79 -20.73 -9.57
C LEU F 100 39.95 -19.45 -9.62
N ASN F 101 40.57 -18.36 -9.19
CA ASN F 101 40.07 -17.01 -9.41
C ASN F 101 41.04 -16.31 -10.34
N ALA F 102 40.69 -16.23 -11.61
CA ALA F 102 41.60 -15.76 -12.65
C ALA F 102 41.63 -14.24 -12.80
N GLY F 103 40.81 -13.55 -12.01
CA GLY F 103 40.67 -12.10 -12.13
C GLY F 103 40.19 -11.71 -13.51
N GLY F 104 40.86 -10.74 -14.11
CA GLY F 104 40.51 -10.25 -15.45
C GLY F 104 40.78 -11.24 -16.58
N LEU F 105 41.67 -12.19 -16.32
CA LEU F 105 42.03 -13.21 -17.31
C LEU F 105 40.88 -14.16 -17.62
N THR F 106 39.92 -14.22 -16.71
CA THR F 106 38.70 -15.01 -16.86
C THR F 106 38.03 -14.76 -18.20
N HIS F 107 37.93 -13.48 -18.56
CA HIS F 107 37.15 -13.05 -19.72
C HIS F 107 37.97 -12.96 -21.00
N THR F 108 39.28 -13.18 -20.90
CA THR F 108 40.19 -12.82 -22.00
C THR F 108 41.15 -13.90 -22.45
N SER F 109 41.49 -14.84 -21.56
CA SER F 109 42.58 -15.77 -21.82
C SER F 109 42.16 -17.16 -22.29
N VAL F 110 42.44 -17.45 -23.56
CA VAL F 110 42.30 -18.80 -24.10
C VAL F 110 43.45 -19.67 -23.56
N ALA F 111 44.62 -19.07 -23.43
CA ALA F 111 45.80 -19.74 -22.91
C ALA F 111 45.56 -20.38 -21.55
N LEU F 112 44.88 -19.63 -20.66
CA LEU F 112 44.56 -20.14 -19.33
C LEU F 112 43.51 -21.24 -19.39
N ARG F 113 42.51 -21.06 -20.26
CA ARG F 113 41.49 -22.07 -20.50
C ARG F 113 42.14 -23.39 -20.98
N ASP F 114 43.06 -23.29 -21.93
CA ASP F 114 43.73 -24.46 -22.51
C ASP F 114 44.60 -25.20 -21.50
N ALA F 115 45.25 -24.45 -20.61
CA ALA F 115 46.02 -25.05 -19.52
C ALA F 115 45.10 -25.83 -18.58
N CYS F 116 43.95 -25.23 -18.26
CA CYS F 116 42.96 -25.84 -17.36
C CYS F 116 42.28 -27.07 -17.93
N ALA F 117 42.27 -27.20 -19.27
CA ALA F 117 41.65 -28.34 -19.93
C ALA F 117 42.40 -29.64 -19.67
N GLU F 118 43.66 -29.54 -19.25
CA GLU F 118 44.49 -30.70 -18.92
C GLU F 118 44.13 -31.29 -17.57
N LEU F 119 43.47 -30.50 -16.72
CA LEU F 119 43.12 -30.93 -15.36
C LEU F 119 42.12 -32.09 -15.38
N SER F 120 42.50 -33.19 -14.72
CA SER F 120 41.64 -34.37 -14.59
C SER F 120 40.87 -34.33 -13.27
N ALA F 121 41.47 -33.72 -12.26
CA ALA F 121 40.77 -33.46 -11.00
C ALA F 121 39.87 -32.24 -11.16
N PRO F 122 38.84 -32.09 -10.30
CA PRO F 122 37.86 -31.01 -10.46
C PRO F 122 38.47 -29.60 -10.43
N LEU F 123 37.89 -28.71 -11.23
CA LEU F 123 38.25 -27.30 -11.25
C LEU F 123 37.04 -26.46 -10.86
N ILE F 124 37.20 -25.64 -9.82
CA ILE F 124 36.15 -24.73 -9.41
C ILE F 124 36.54 -23.28 -9.69
N GLU F 125 35.75 -22.62 -10.54
CA GLU F 125 35.94 -21.20 -10.83
C GLU F 125 35.32 -20.36 -9.72
N VAL F 126 36.04 -19.33 -9.27
CA VAL F 126 35.56 -18.46 -8.18
C VAL F 126 35.65 -16.98 -8.55
N HIS F 127 34.58 -16.26 -8.25
CA HIS F 127 34.57 -14.79 -8.30
C HIS F 127 34.04 -14.26 -6.98
N ILE F 128 34.73 -13.29 -6.41
CA ILE F 128 34.33 -12.68 -5.14
C ILE F 128 33.06 -11.85 -5.31
N SER F 129 33.03 -11.00 -6.32
CA SER F 129 31.86 -10.15 -6.61
C SER F 129 30.88 -10.87 -7.52
N ASN F 130 29.63 -10.41 -7.54
CA ASN F 130 28.64 -10.92 -8.48
C ASN F 130 28.88 -10.33 -9.86
N VAL F 131 29.49 -11.14 -10.71
CA VAL F 131 29.98 -10.69 -12.01
C VAL F 131 28.87 -10.36 -13.02
N HIS F 132 27.65 -10.79 -12.73
CA HIS F 132 26.50 -10.52 -13.60
C HIS F 132 25.77 -9.22 -13.26
N ALA F 133 26.19 -8.56 -12.18
CA ALA F 133 25.64 -7.28 -11.77
C ALA F 133 26.53 -6.12 -12.23
N ARG F 134 27.60 -6.45 -12.93
CA ARG F 134 28.57 -5.46 -13.38
C ARG F 134 28.50 -5.32 -14.91
N GLU F 135 29.58 -4.85 -15.52
CA GLU F 135 29.62 -4.64 -16.98
C GLU F 135 29.36 -5.94 -17.75
N GLU F 136 28.74 -5.82 -18.92
CA GLU F 136 28.38 -6.97 -19.74
C GLU F 136 29.54 -7.87 -20.15
N PHE F 137 30.72 -7.28 -20.37
CA PHE F 137 31.88 -8.06 -20.80
C PHE F 137 32.37 -9.04 -19.74
N ARG F 138 31.97 -8.80 -18.49
CA ARG F 138 32.30 -9.67 -17.38
C ARG F 138 31.38 -10.90 -17.28
N ARG F 139 30.28 -10.87 -18.05
CA ARG F 139 29.30 -11.96 -18.03
C ARG F 139 29.65 -13.11 -18.98
N HIS F 140 30.81 -13.01 -19.62
CA HIS F 140 31.35 -14.13 -20.40
C HIS F 140 32.66 -14.61 -19.80
N SER F 141 32.86 -15.92 -19.81
CA SER F 141 34.04 -16.56 -19.23
C SER F 141 34.53 -17.70 -20.12
N TYR F 142 35.83 -17.70 -20.41
CA TYR F 142 36.45 -18.79 -21.16
C TYR F 142 36.63 -20.04 -20.31
N LEU F 143 36.68 -19.83 -18.99
CA LEU F 143 36.93 -20.91 -18.04
C LEU F 143 35.71 -21.74 -17.67
N SER F 144 34.56 -21.07 -17.57
CA SER F 144 33.31 -21.69 -17.12
C SER F 144 32.93 -22.99 -17.86
N PRO F 145 32.98 -23.01 -19.21
CA PRO F 145 32.62 -24.23 -19.94
C PRO F 145 33.48 -25.46 -19.61
N ILE F 146 34.73 -25.24 -19.22
CA ILE F 146 35.64 -26.36 -18.96
C ILE F 146 35.83 -26.65 -17.46
N ALA F 147 35.28 -25.79 -16.62
CA ALA F 147 35.33 -25.98 -15.16
C ALA F 147 34.24 -26.94 -14.70
N THR F 148 34.44 -27.54 -13.53
CA THR F 148 33.42 -28.41 -12.93
C THR F 148 32.22 -27.57 -12.52
N GLY F 149 32.49 -26.47 -11.82
CA GLY F 149 31.45 -25.57 -11.35
C GLY F 149 31.98 -24.17 -11.12
N VAL F 150 31.05 -23.21 -10.99
CA VAL F 150 31.38 -21.81 -10.78
C VAL F 150 30.63 -21.28 -9.56
N ILE F 151 31.34 -20.58 -8.68
CA ILE F 151 30.72 -19.85 -7.58
C ILE F 151 30.98 -18.36 -7.76
N VAL F 152 29.91 -17.57 -7.75
CA VAL F 152 29.98 -16.15 -8.04
C VAL F 152 29.24 -15.33 -6.98
N GLY F 153 29.85 -14.23 -6.54
CA GLY F 153 29.18 -13.27 -5.67
C GLY F 153 28.93 -13.66 -4.24
N LEU F 154 29.58 -14.75 -3.79
CA LEU F 154 29.46 -15.17 -2.40
C LEU F 154 30.65 -14.69 -1.57
N GLY F 155 31.35 -13.69 -2.09
CA GLY F 155 32.49 -13.07 -1.41
C GLY F 155 33.64 -14.05 -1.20
N ILE F 156 34.42 -13.77 -0.16
CA ILE F 156 35.53 -14.63 0.24
C ILE F 156 35.06 -16.05 0.58
N GLN F 157 33.82 -16.17 1.07
CA GLN F 157 33.22 -17.45 1.42
C GLN F 157 33.18 -18.42 0.24
N GLY F 158 33.10 -17.88 -0.97
CA GLY F 158 33.18 -18.67 -2.19
C GLY F 158 34.36 -19.64 -2.25
N TYR F 159 35.50 -19.20 -1.71
CA TYR F 159 36.70 -20.04 -1.62
C TYR F 159 36.47 -21.21 -0.66
N LEU F 160 35.94 -20.91 0.52
CA LEU F 160 35.74 -21.91 1.57
C LEU F 160 34.68 -22.93 1.18
N LEU F 161 33.66 -22.49 0.45
CA LEU F 161 32.60 -23.38 -0.04
C LEU F 161 33.10 -24.32 -1.13
N ALA F 162 33.99 -23.81 -1.98
CA ALA F 162 34.64 -24.62 -3.01
C ALA F 162 35.53 -25.69 -2.38
N LEU F 163 36.22 -25.32 -1.29
CA LEU F 163 37.03 -26.26 -0.51
C LEU F 163 36.18 -27.39 0.06
N ARG F 164 34.99 -27.05 0.55
CA ARG F 164 34.08 -28.04 1.13
C ARG F 164 33.54 -29.00 0.06
N TYR F 165 33.25 -28.48 -1.12
CA TYR F 165 32.81 -29.31 -2.25
C TYR F 165 33.84 -30.41 -2.55
N LEU F 166 35.11 -30.02 -2.58
CA LEU F 166 36.21 -30.94 -2.90
C LEU F 166 36.51 -31.92 -1.78
N ALA F 167 36.24 -31.50 -0.53
CA ALA F 167 36.44 -32.35 0.64
C ALA F 167 35.46 -33.53 0.66
N GLU F 168 34.25 -33.30 0.16
CA GLU F 168 33.19 -34.30 0.15
C GLU F 168 33.02 -34.98 -1.21
N HIS F 169 33.97 -34.77 -2.10
CA HIS F 169 33.98 -35.42 -3.41
C HIS F 169 35.29 -36.14 -3.67
N LEU G 29 70.09 -20.03 -44.71
CA LEU G 29 69.07 -19.12 -44.08
C LEU G 29 68.72 -19.59 -42.66
N ILE G 30 68.56 -18.61 -41.77
CA ILE G 30 68.12 -18.87 -40.40
C ILE G 30 66.62 -18.64 -40.30
N VAL G 31 65.89 -19.69 -39.91
CA VAL G 31 64.46 -19.62 -39.70
C VAL G 31 64.14 -19.78 -38.21
N ASN G 32 63.21 -18.97 -37.72
CA ASN G 32 62.79 -19.04 -36.32
C ASN G 32 61.44 -19.71 -36.17
N VAL G 33 61.41 -20.82 -35.42
CA VAL G 33 60.17 -21.51 -35.11
C VAL G 33 59.80 -21.19 -33.66
N ILE G 34 58.71 -20.45 -33.49
CA ILE G 34 58.29 -19.96 -32.18
C ILE G 34 56.94 -20.56 -31.76
N ASN G 35 56.92 -21.17 -30.57
CA ASN G 35 55.71 -21.76 -30.02
C ASN G 35 55.22 -21.05 -28.77
N GLY G 36 53.94 -20.73 -28.74
CA GLY G 36 53.32 -19.98 -27.64
C GLY G 36 52.90 -20.84 -26.46
N PRO G 37 52.01 -20.29 -25.59
CA PRO G 37 51.55 -20.93 -24.36
C PRO G 37 51.01 -22.34 -24.56
N ASN G 38 51.28 -23.20 -23.59
CA ASN G 38 50.79 -24.59 -23.55
C ASN G 38 51.41 -25.55 -24.58
N LEU G 39 52.18 -25.00 -25.52
CA LEU G 39 52.80 -25.82 -26.57
C LEU G 39 54.00 -26.63 -26.07
N GLY G 40 54.52 -26.27 -24.91
CA GLY G 40 55.53 -27.08 -24.23
C GLY G 40 54.94 -28.34 -23.63
N ARG G 41 53.61 -28.42 -23.61
CA ARG G 41 52.87 -29.53 -23.01
C ARG G 41 52.46 -30.60 -24.04
N LEU G 42 52.97 -30.47 -25.27
CA LEU G 42 52.66 -31.43 -26.34
C LEU G 42 53.04 -32.86 -25.97
N GLY G 43 52.19 -33.80 -26.38
CA GLY G 43 52.34 -35.20 -26.02
C GLY G 43 51.32 -35.57 -24.96
N ARG G 44 51.28 -34.79 -23.89
CA ARG G 44 50.34 -35.00 -22.78
C ARG G 44 49.02 -34.29 -23.00
N ARG G 45 49.07 -33.03 -23.45
CA ARG G 45 47.87 -32.19 -23.57
C ARG G 45 46.93 -32.67 -24.67
N GLU G 46 45.70 -32.95 -24.28
CA GLU G 46 44.62 -33.38 -25.18
C GLU G 46 45.13 -34.08 -26.45
N PRO G 47 45.69 -35.30 -26.29
CA PRO G 47 46.37 -36.02 -27.38
C PRO G 47 45.47 -36.35 -28.57
N ALA G 48 44.19 -36.57 -28.32
CA ALA G 48 43.21 -36.85 -29.39
C ALA G 48 42.92 -35.61 -30.23
N VAL G 49 43.51 -34.48 -29.85
CA VAL G 49 43.38 -33.21 -30.57
C VAL G 49 44.72 -32.77 -31.17
N TYR G 50 45.78 -32.84 -30.37
CA TYR G 50 47.09 -32.31 -30.76
C TYR G 50 48.14 -33.37 -31.14
N GLY G 51 47.84 -34.64 -30.84
CA GLY G 51 48.76 -35.74 -31.13
C GLY G 51 49.61 -36.15 -29.95
N GLY G 52 50.35 -37.25 -30.10
CA GLY G 52 51.17 -37.80 -29.03
C GLY G 52 52.64 -37.39 -29.05
N THR G 53 53.03 -36.63 -30.08
CA THR G 53 54.41 -36.16 -30.22
C THR G 53 54.72 -35.06 -29.21
N THR G 54 55.80 -35.25 -28.45
CA THR G 54 56.25 -34.26 -27.46
C THR G 54 56.93 -33.08 -28.14
N HIS G 55 57.15 -32.01 -27.38
CA HIS G 55 57.79 -30.81 -27.93
C HIS G 55 59.27 -31.03 -28.24
N ASP G 56 59.95 -31.82 -27.40
CA ASP G 56 61.35 -32.20 -27.63
C ASP G 56 61.51 -32.96 -28.94
N GLU G 57 60.59 -33.88 -29.21
CA GLU G 57 60.56 -34.63 -30.46
C GLU G 57 60.28 -33.73 -31.66
N LEU G 58 59.42 -32.74 -31.46
CA LEU G 58 59.11 -31.76 -32.50
C LEU G 58 60.36 -30.95 -32.87
N VAL G 59 61.12 -30.54 -31.86
CA VAL G 59 62.39 -29.83 -32.06
C VAL G 59 63.36 -30.66 -32.92
N ALA G 60 63.50 -31.94 -32.60
CA ALA G 60 64.38 -32.85 -33.34
C ALA G 60 63.93 -33.06 -34.78
N LEU G 61 62.62 -33.18 -35.00
CA LEU G 61 62.06 -33.33 -36.34
C LEU G 61 62.31 -32.11 -37.21
N ILE G 62 62.13 -30.92 -36.63
CA ILE G 62 62.34 -29.66 -37.33
C ILE G 62 63.82 -29.49 -37.72
N GLU G 63 64.73 -29.85 -36.81
CA GLU G 63 66.16 -29.78 -37.07
C GLU G 63 66.62 -30.78 -38.15
N ARG G 64 65.96 -31.93 -38.21
CA ARG G 64 66.25 -32.95 -39.23
C ARG G 64 65.78 -32.51 -40.61
N GLU G 65 64.62 -31.86 -40.67
CA GLU G 65 64.04 -31.35 -41.91
C GLU G 65 64.82 -30.13 -42.41
N ALA G 66 65.24 -29.27 -41.48
CA ALA G 66 66.01 -28.06 -41.80
C ALA G 66 67.35 -28.39 -42.46
N ALA G 67 68.04 -29.39 -41.92
CA ALA G 67 69.33 -29.84 -42.44
C ALA G 67 69.22 -30.36 -43.87
N GLU G 68 68.15 -31.11 -44.15
CA GLU G 68 67.87 -31.62 -45.49
C GLU G 68 67.61 -30.50 -46.48
N LEU G 69 66.95 -29.44 -46.01
CA LEU G 69 66.60 -28.30 -46.84
C LEU G 69 67.73 -27.27 -46.95
N GLY G 70 68.80 -27.49 -46.18
CA GLY G 70 69.96 -26.60 -46.18
C GLY G 70 69.75 -25.34 -45.37
N LEU G 71 68.86 -25.41 -44.38
CA LEU G 71 68.56 -24.26 -43.52
C LEU G 71 69.08 -24.49 -42.10
N LYS G 72 69.00 -23.44 -41.29
CA LYS G 72 69.27 -23.53 -39.85
C LYS G 72 68.00 -23.10 -39.10
N ALA G 73 67.46 -24.00 -38.29
CA ALA G 73 66.22 -23.74 -37.56
C ALA G 73 66.44 -23.61 -36.05
N VAL G 74 66.00 -22.49 -35.50
CA VAL G 74 66.04 -22.24 -34.06
C VAL G 74 64.61 -22.34 -33.52
N VAL G 75 64.35 -23.37 -32.73
CA VAL G 75 63.02 -23.63 -32.17
C VAL G 75 62.99 -23.22 -30.69
N ARG G 76 62.04 -22.36 -30.34
CA ARG G 76 61.88 -21.91 -28.97
C ARG G 76 60.41 -21.88 -28.55
N GLN G 77 60.16 -22.20 -27.28
CA GLN G 77 58.81 -22.20 -26.72
C GLN G 77 58.76 -21.42 -25.40
N SER G 78 57.71 -20.63 -25.25
CA SER G 78 57.45 -19.90 -24.00
C SER G 78 55.96 -19.76 -23.73
N ASP G 79 55.60 -19.81 -22.45
CA ASP G 79 54.24 -19.54 -21.99
C ASP G 79 54.03 -18.04 -21.74
N SER G 80 55.11 -17.27 -21.83
CA SER G 80 55.08 -15.84 -21.54
C SER G 80 54.94 -15.02 -22.81
N GLU G 81 53.96 -14.12 -22.82
CA GLU G 81 53.74 -13.20 -23.94
C GLU G 81 54.97 -12.31 -24.19
N ALA G 82 55.55 -11.79 -23.10
CA ALA G 82 56.71 -10.90 -23.16
C ALA G 82 57.93 -11.55 -23.84
N GLN G 83 58.19 -12.81 -23.49
CA GLN G 83 59.30 -13.56 -24.07
C GLN G 83 59.10 -13.80 -25.56
N LEU G 84 57.86 -14.07 -25.96
CA LEU G 84 57.51 -14.26 -27.37
C LEU G 84 57.66 -12.97 -28.16
N LEU G 85 57.25 -11.86 -27.56
CA LEU G 85 57.41 -10.54 -28.16
C LEU G 85 58.88 -10.22 -28.41
N ASP G 86 59.73 -10.54 -27.44
CA ASP G 86 61.17 -10.34 -27.53
C ASP G 86 61.81 -11.15 -28.67
N TRP G 87 61.36 -12.40 -28.83
CA TRP G 87 61.83 -13.25 -29.90
C TRP G 87 61.41 -12.73 -31.27
N ILE G 88 60.19 -12.20 -31.36
CA ILE G 88 59.70 -11.55 -32.58
C ILE G 88 60.52 -10.29 -32.89
N HIS G 89 60.81 -9.50 -31.86
CA HIS G 89 61.64 -8.29 -32.00
C HIS G 89 63.00 -8.60 -32.60
N GLN G 90 63.65 -9.63 -32.06
CA GLN G 90 64.98 -10.05 -32.52
C GLN G 90 64.95 -10.52 -33.98
N ALA G 91 63.90 -11.27 -34.32
CA ALA G 91 63.69 -11.77 -35.69
C ALA G 91 63.45 -10.63 -36.67
N ALA G 92 62.85 -9.53 -36.19
CA ALA G 92 62.63 -8.35 -37.00
C ALA G 92 63.93 -7.58 -37.25
N ASP G 93 64.76 -7.48 -36.21
CA ASP G 93 66.06 -6.81 -36.30
C ASP G 93 67.05 -7.57 -37.19
N ALA G 94 66.94 -8.90 -37.19
CA ALA G 94 67.85 -9.74 -37.97
C ALA G 94 67.27 -10.11 -39.35
N ALA G 95 66.03 -9.70 -39.60
CA ALA G 95 65.31 -9.98 -40.85
C ALA G 95 65.22 -11.48 -41.18
N GLU G 96 65.02 -12.29 -40.15
CA GLU G 96 64.88 -13.74 -40.31
C GLU G 96 63.40 -14.13 -40.31
N PRO G 97 63.01 -15.03 -41.25
CA PRO G 97 61.63 -15.51 -41.32
C PRO G 97 61.16 -16.22 -40.05
N VAL G 98 59.85 -16.20 -39.81
CA VAL G 98 59.26 -16.76 -38.61
C VAL G 98 58.12 -17.73 -38.90
N ILE G 99 58.19 -18.92 -38.30
CA ILE G 99 57.08 -19.85 -38.25
C ILE G 99 56.50 -19.77 -36.84
N LEU G 100 55.27 -19.27 -36.74
CA LEU G 100 54.67 -19.00 -35.42
C LEU G 100 53.41 -19.81 -35.16
N ASN G 101 53.40 -20.46 -33.99
CA ASN G 101 52.19 -21.03 -33.42
C ASN G 101 52.00 -20.38 -32.06
N ALA G 102 51.10 -19.41 -31.99
CA ALA G 102 50.93 -18.58 -30.80
C ALA G 102 50.07 -19.23 -29.72
N GLY G 103 49.55 -20.43 -30.01
CA GLY G 103 48.63 -21.09 -29.09
C GLY G 103 47.38 -20.28 -28.86
N GLY G 104 47.00 -20.13 -27.60
CA GLY G 104 45.81 -19.36 -27.22
C GLY G 104 45.88 -17.89 -27.58
N LEU G 105 47.10 -17.35 -27.60
CA LEU G 105 47.33 -15.94 -27.90
C LEU G 105 46.89 -15.55 -29.32
N THR G 106 46.84 -16.53 -30.21
CA THR G 106 46.36 -16.36 -31.58
C THR G 106 45.06 -15.57 -31.65
N HIS G 107 44.11 -15.92 -30.79
CA HIS G 107 42.75 -15.38 -30.83
C HIS G 107 42.58 -14.15 -29.93
N THR G 108 43.61 -13.80 -29.17
CA THR G 108 43.47 -12.80 -28.10
C THR G 108 44.42 -11.60 -28.17
N SER G 109 45.65 -11.82 -28.60
CA SER G 109 46.69 -10.81 -28.47
C SER G 109 46.83 -9.86 -29.66
N VAL G 110 46.55 -8.58 -29.41
CA VAL G 110 46.83 -7.53 -30.39
C VAL G 110 48.33 -7.19 -30.33
N ALA G 111 48.89 -7.23 -29.12
CA ALA G 111 50.30 -6.92 -28.88
C ALA G 111 51.24 -7.80 -29.70
N LEU G 112 50.89 -9.08 -29.84
CA LEU G 112 51.69 -10.03 -30.63
C LEU G 112 51.61 -9.70 -32.12
N ARG G 113 50.41 -9.39 -32.60
CA ARG G 113 50.18 -8.95 -33.98
C ARG G 113 51.02 -7.73 -34.31
N ASP G 114 51.02 -6.75 -33.41
CA ASP G 114 51.77 -5.51 -33.59
C ASP G 114 53.28 -5.75 -33.66
N ALA G 115 53.75 -6.75 -32.91
CA ALA G 115 55.14 -7.19 -33.00
C ALA G 115 55.43 -7.86 -34.33
N CYS G 116 54.52 -8.74 -34.75
CA CYS G 116 54.65 -9.52 -35.98
C CYS G 116 54.57 -8.66 -37.26
N ALA G 117 53.82 -7.56 -37.18
CA ALA G 117 53.70 -6.61 -38.29
C ALA G 117 55.03 -5.94 -38.62
N GLU G 118 55.94 -5.95 -37.65
CA GLU G 118 57.26 -5.35 -37.81
C GLU G 118 58.21 -6.23 -38.63
N LEU G 119 57.88 -7.51 -38.77
CA LEU G 119 58.71 -8.45 -39.53
C LEU G 119 58.66 -8.16 -41.02
N SER G 120 59.83 -8.01 -41.63
CA SER G 120 59.96 -7.79 -43.06
C SER G 120 60.08 -9.11 -43.82
N ALA G 121 60.72 -10.08 -43.17
CA ALA G 121 60.83 -11.44 -43.70
C ALA G 121 59.51 -12.18 -43.48
N PRO G 122 59.24 -13.25 -44.27
CA PRO G 122 57.94 -13.90 -44.23
C PRO G 122 57.54 -14.45 -42.86
N LEU G 123 56.23 -14.50 -42.61
CA LEU G 123 55.69 -15.08 -41.39
C LEU G 123 54.64 -16.13 -41.75
N ILE G 124 54.87 -17.35 -41.29
CA ILE G 124 53.93 -18.45 -41.52
C ILE G 124 53.28 -18.85 -40.20
N GLU G 125 51.95 -18.75 -40.16
CA GLU G 125 51.18 -19.17 -38.99
C GLU G 125 50.84 -20.66 -39.09
N VAL G 126 51.07 -21.39 -38.00
CA VAL G 126 50.80 -22.82 -37.96
C VAL G 126 49.89 -23.19 -36.79
N HIS G 127 48.85 -23.97 -37.08
CA HIS G 127 48.01 -24.58 -36.04
C HIS G 127 48.03 -26.09 -36.23
N ILE G 128 48.31 -26.82 -35.16
CA ILE G 128 48.33 -28.28 -35.18
C ILE G 128 46.93 -28.85 -35.41
N SER G 129 45.97 -28.46 -34.57
CA SER G 129 44.59 -28.91 -34.68
C SER G 129 43.84 -28.17 -35.79
N ASN G 130 42.80 -28.80 -36.32
CA ASN G 130 41.90 -28.10 -37.23
C ASN G 130 41.01 -27.17 -36.42
N VAL G 131 41.41 -25.91 -36.40
CA VAL G 131 40.84 -24.88 -35.54
C VAL G 131 39.39 -24.53 -35.92
N HIS G 132 39.00 -24.89 -37.15
CA HIS G 132 37.66 -24.60 -37.67
C HIS G 132 36.68 -25.75 -37.42
N ALA G 133 37.20 -26.87 -36.93
CA ALA G 133 36.38 -28.02 -36.57
C ALA G 133 36.04 -27.98 -35.08
N ARG G 134 36.51 -26.95 -34.40
CA ARG G 134 36.36 -26.81 -32.95
C ARG G 134 35.49 -25.61 -32.59
N GLU G 135 35.67 -25.06 -31.40
CA GLU G 135 34.89 -23.91 -30.91
C GLU G 135 35.00 -22.69 -31.83
N GLU G 136 33.93 -21.92 -31.91
CA GLU G 136 33.86 -20.76 -32.81
CA GLU G 136 33.86 -20.76 -32.81
C GLU G 136 34.89 -19.68 -32.49
N PHE G 137 35.21 -19.51 -31.20
CA PHE G 137 36.18 -18.47 -30.81
C PHE G 137 37.60 -18.75 -31.33
N ARG G 138 37.85 -19.99 -31.74
CA ARG G 138 39.14 -20.38 -32.30
C ARG G 138 39.23 -20.07 -33.80
N ARG G 139 38.09 -19.77 -34.41
CA ARG G 139 38.03 -19.53 -35.85
C ARG G 139 38.41 -18.10 -36.26
N HIS G 140 38.86 -17.29 -35.30
CA HIS G 140 39.41 -15.98 -35.59
C HIS G 140 40.86 -15.84 -35.08
N SER G 141 41.70 -15.22 -35.90
CA SER G 141 43.09 -14.97 -35.55
C SER G 141 43.46 -13.50 -35.76
N TYR G 142 44.14 -12.92 -34.79
CA TYR G 142 44.70 -11.58 -34.93
C TYR G 142 45.97 -11.61 -35.78
N LEU G 143 46.58 -12.79 -35.90
CA LEU G 143 47.85 -12.96 -36.61
C LEU G 143 47.71 -13.23 -38.09
N SER G 144 46.65 -13.96 -38.48
CA SER G 144 46.41 -14.36 -39.87
C SER G 144 46.47 -13.24 -40.91
N PRO G 145 45.78 -12.09 -40.67
CA PRO G 145 45.79 -11.02 -41.67
C PRO G 145 47.17 -10.46 -41.99
N ILE G 146 48.07 -10.42 -41.01
CA ILE G 146 49.41 -9.85 -41.22
C ILE G 146 50.47 -10.92 -41.56
N ALA G 147 50.08 -12.18 -41.48
CA ALA G 147 50.95 -13.29 -41.87
C ALA G 147 51.04 -13.41 -43.39
N THR G 148 52.10 -14.07 -43.86
CA THR G 148 52.26 -14.36 -45.28
C THR G 148 51.31 -15.49 -45.65
N GLY G 149 51.35 -16.57 -44.88
CA GLY G 149 50.50 -17.73 -45.08
C GLY G 149 50.09 -18.38 -43.78
N VAL G 150 49.10 -19.26 -43.86
CA VAL G 150 48.54 -19.93 -42.70
C VAL G 150 48.31 -21.41 -43.00
N ILE G 151 48.85 -22.28 -42.14
CA ILE G 151 48.65 -23.73 -42.23
C ILE G 151 47.89 -24.23 -40.99
N VAL G 152 46.75 -24.88 -41.23
CA VAL G 152 45.86 -25.31 -40.14
C VAL G 152 45.49 -26.80 -40.28
N GLY G 153 45.55 -27.52 -39.17
CA GLY G 153 44.99 -28.86 -39.09
C GLY G 153 45.75 -30.00 -39.73
N LEU G 154 47.01 -29.77 -40.09
CA LEU G 154 47.84 -30.81 -40.71
C LEU G 154 48.79 -31.45 -39.70
N GLY G 155 48.53 -31.21 -38.42
CA GLY G 155 49.33 -31.76 -37.33
C GLY G 155 50.72 -31.16 -37.24
N ILE G 156 51.67 -32.00 -36.83
CA ILE G 156 53.07 -31.62 -36.66
C ILE G 156 53.73 -31.30 -38.01
N GLN G 157 53.21 -31.94 -39.06
CA GLN G 157 53.69 -31.76 -40.43
C GLN G 157 53.62 -30.30 -40.89
N GLY G 158 52.64 -29.56 -40.37
CA GLY G 158 52.46 -28.14 -40.68
C GLY G 158 53.73 -27.31 -40.53
N TYR G 159 54.47 -27.57 -39.45
CA TYR G 159 55.76 -26.93 -39.20
C TYR G 159 56.78 -27.26 -40.30
N LEU G 160 56.82 -28.52 -40.71
CA LEU G 160 57.78 -29.00 -41.69
C LEU G 160 57.45 -28.48 -43.09
N LEU G 161 56.15 -28.36 -43.37
CA LEU G 161 55.67 -27.81 -44.63
C LEU G 161 55.99 -26.31 -44.73
N ALA G 162 55.91 -25.62 -43.61
CA ALA G 162 56.27 -24.21 -43.52
C ALA G 162 57.77 -23.99 -43.75
N LEU G 163 58.58 -24.93 -43.26
CA LEU G 163 60.02 -24.91 -43.49
C LEU G 163 60.39 -24.98 -44.97
N ARG G 164 59.75 -25.91 -45.69
CA ARG G 164 60.01 -26.11 -47.10
C ARG G 164 59.61 -24.91 -47.96
N TYR G 165 58.49 -24.28 -47.59
CA TYR G 165 58.06 -23.05 -48.25
C TYR G 165 59.13 -21.96 -48.16
N LEU G 166 59.67 -21.77 -46.96
CA LEU G 166 60.69 -20.74 -46.72
C LEU G 166 62.01 -21.07 -47.40
N ALA G 167 62.32 -22.36 -47.50
CA ALA G 167 63.54 -22.84 -48.15
C ALA G 167 63.50 -22.61 -49.66
N GLU G 168 62.31 -22.77 -50.25
CA GLU G 168 62.14 -22.72 -51.70
C GLU G 168 62.06 -21.29 -52.25
N HIS G 169 62.04 -20.31 -51.35
CA HIS G 169 62.09 -18.91 -51.77
CA HIS G 169 62.00 -18.88 -51.67
C HIS G 169 63.16 -18.11 -51.02
N VAL G 170 64.00 -18.83 -50.27
CA VAL G 170 65.11 -18.23 -49.52
C VAL G 170 66.13 -17.55 -50.42
N LEU H 29 1.81 26.55 -14.81
CA LEU H 29 0.91 27.39 -15.66
C LEU H 29 1.26 27.30 -17.15
N ILE H 30 2.52 27.58 -17.49
CA ILE H 30 2.96 27.60 -18.89
C ILE H 30 3.54 26.26 -19.33
N VAL H 31 2.86 25.61 -20.27
CA VAL H 31 3.30 24.35 -20.85
C VAL H 31 3.71 24.53 -22.31
N ASN H 32 4.90 24.06 -22.66
CA ASN H 32 5.39 24.14 -24.04
C ASN H 32 5.11 22.89 -24.85
N VAL H 33 4.44 23.05 -25.98
CA VAL H 33 4.20 21.96 -26.93
C VAL H 33 5.07 22.21 -28.16
N ILE H 34 6.07 21.36 -28.36
CA ILE H 34 7.03 21.54 -29.44
C ILE H 34 6.93 20.42 -30.48
N ASN H 35 6.67 20.81 -31.72
CA ASN H 35 6.58 19.86 -32.83
C ASN H 35 7.74 19.99 -33.82
N GLY H 36 8.33 18.84 -34.16
CA GLY H 36 9.50 18.80 -35.04
C GLY H 36 9.17 18.72 -36.52
N PRO H 37 10.14 18.27 -37.34
CA PRO H 37 10.04 18.21 -38.79
C PRO H 37 8.81 17.49 -39.32
N ASN H 38 8.21 18.04 -40.39
CA ASN H 38 7.07 17.44 -41.10
C ASN H 38 5.72 17.52 -40.41
N LEU H 39 5.70 17.96 -39.15
CA LEU H 39 4.47 18.01 -38.37
C LEU H 39 3.58 19.20 -38.68
N GLY H 40 4.12 20.18 -39.42
CA GLY H 40 3.33 21.27 -39.98
C GLY H 40 2.48 20.78 -41.15
N ARG H 41 2.79 19.58 -41.62
CA ARG H 41 2.11 18.97 -42.77
C ARG H 41 0.96 18.03 -42.37
N LEU H 42 0.56 18.08 -41.10
CA LEU H 42 -0.56 17.26 -40.60
C LEU H 42 -1.85 17.57 -41.35
N GLY H 43 -2.57 16.52 -41.74
CA GLY H 43 -3.75 16.66 -42.56
C GLY H 43 -3.44 16.35 -44.02
N ARG H 44 -2.41 17.01 -44.55
CA ARG H 44 -1.97 16.79 -45.93
C ARG H 44 -1.03 15.59 -46.01
N GLY H 51 -4.97 11.31 -40.19
CA GLY H 51 -6.19 12.08 -39.99
C GLY H 51 -6.11 13.46 -40.61
N GLY H 52 -7.26 13.99 -41.03
CA GLY H 52 -7.33 15.29 -41.70
C GLY H 52 -7.25 16.50 -40.78
N THR H 53 -6.70 16.30 -39.58
CA THR H 53 -6.52 17.39 -38.61
C THR H 53 -5.26 18.19 -38.97
N THR H 54 -5.45 19.48 -39.23
CA THR H 54 -4.33 20.36 -39.58
C THR H 54 -3.59 20.80 -38.31
N HIS H 55 -2.38 21.31 -38.49
CA HIS H 55 -1.57 21.81 -37.38
C HIS H 55 -2.21 23.05 -36.74
N ASP H 56 -2.90 23.84 -37.55
CA ASP H 56 -3.68 24.98 -37.07
C ASP H 56 -4.79 24.52 -36.13
N GLU H 57 -5.48 23.46 -36.53
CA GLU H 57 -6.54 22.86 -35.72
C GLU H 57 -5.98 22.22 -34.45
N LEU H 58 -4.79 21.62 -34.57
CA LEU H 58 -4.09 21.03 -33.43
C LEU H 58 -3.71 22.10 -32.39
N VAL H 59 -3.21 23.24 -32.87
CA VAL H 59 -2.91 24.38 -31.99
C VAL H 59 -4.18 24.83 -31.25
N ALA H 60 -5.28 24.95 -32.00
CA ALA H 60 -6.57 25.35 -31.44
C ALA H 60 -7.07 24.37 -30.36
N LEU H 61 -7.01 23.07 -30.66
CA LEU H 61 -7.42 22.03 -29.72
C LEU H 61 -6.61 22.04 -28.43
N ILE H 62 -5.29 22.18 -28.57
CA ILE H 62 -4.38 22.22 -27.42
C ILE H 62 -4.65 23.44 -26.54
N GLU H 63 -4.75 24.62 -27.16
CA GLU H 63 -5.06 25.87 -26.46
C GLU H 63 -6.43 25.80 -25.76
N ARG H 64 -7.39 25.12 -26.38
CA ARG H 64 -8.71 24.89 -25.80
C ARG H 64 -8.62 24.00 -24.55
N GLU H 65 -7.87 22.90 -24.68
CA GLU H 65 -7.71 21.94 -23.58
C GLU H 65 -6.93 22.54 -22.41
N ALA H 66 -5.93 23.35 -22.73
CA ALA H 66 -5.13 24.04 -21.71
C ALA H 66 -5.99 25.01 -20.91
N ALA H 67 -6.93 25.68 -21.59
CA ALA H 67 -7.85 26.61 -20.96
C ALA H 67 -8.78 25.91 -19.97
N GLU H 68 -9.20 24.70 -20.30
CA GLU H 68 -10.06 23.89 -19.44
C GLU H 68 -9.32 23.40 -18.19
N LEU H 69 -8.03 23.15 -18.32
CA LEU H 69 -7.21 22.64 -17.23
C LEU H 69 -6.54 23.73 -16.40
N GLY H 70 -6.71 24.98 -16.85
CA GLY H 70 -6.13 26.15 -16.15
C GLY H 70 -4.65 26.33 -16.45
N LEU H 71 -4.27 26.06 -17.70
CA LEU H 71 -2.89 26.21 -18.15
C LEU H 71 -2.82 27.06 -19.40
N LYS H 72 -1.63 27.61 -19.67
CA LYS H 72 -1.36 28.29 -20.92
C LYS H 72 -0.39 27.44 -21.75
N ALA H 73 -0.79 27.13 -22.98
CA ALA H 73 0.01 26.30 -23.87
C ALA H 73 0.60 27.11 -25.02
N VAL H 74 1.93 27.10 -25.11
CA VAL H 74 2.63 27.73 -26.22
C VAL H 74 3.03 26.62 -27.20
N VAL H 75 2.33 26.57 -28.33
CA VAL H 75 2.56 25.54 -29.34
C VAL H 75 3.41 26.09 -30.48
N ARG H 76 4.48 25.38 -30.81
CA ARG H 76 5.40 25.78 -31.88
C ARG H 76 5.88 24.60 -32.72
N GLN H 77 5.97 24.82 -34.03
CA GLN H 77 6.46 23.81 -34.96
C GLN H 77 7.64 24.36 -35.77
N SER H 78 8.63 23.51 -36.01
CA SER H 78 9.76 23.86 -36.87
C SER H 78 10.40 22.62 -37.50
N ASP H 79 10.91 22.80 -38.72
CA ASP H 79 11.63 21.75 -39.44
C ASP H 79 13.13 21.83 -39.18
N SER H 80 13.55 22.88 -38.48
CA SER H 80 14.96 23.11 -38.18
C SER H 80 15.32 22.57 -36.81
N GLU H 81 16.28 21.66 -36.78
CA GLU H 81 16.80 21.10 -35.53
C GLU H 81 17.32 22.20 -34.62
N ALA H 82 18.05 23.15 -35.20
CA ALA H 82 18.62 24.28 -34.48
C ALA H 82 17.56 25.12 -33.76
N GLN H 83 16.44 25.36 -34.44
CA GLN H 83 15.32 26.10 -33.88
C GLN H 83 14.70 25.36 -32.69
N LEU H 84 14.57 24.04 -32.81
CA LEU H 84 14.04 23.21 -31.74
C LEU H 84 14.95 23.21 -30.52
N LEU H 85 16.27 23.16 -30.76
CA LEU H 85 17.25 23.23 -29.69
C LEU H 85 17.13 24.54 -28.91
N ASP H 86 16.98 25.64 -29.66
CA ASP H 86 16.76 26.96 -29.07
C ASP H 86 15.56 26.98 -28.15
N TRP H 87 14.45 26.38 -28.61
CA TRP H 87 13.22 26.33 -27.81
C TRP H 87 13.38 25.48 -26.56
N ILE H 88 14.10 24.37 -26.67
CA ILE H 88 14.39 23.51 -25.52
C ILE H 88 15.21 24.29 -24.48
N HIS H 89 16.23 25.00 -24.94
CA HIS H 89 17.06 25.84 -24.06
C HIS H 89 16.21 26.85 -23.28
N GLN H 90 15.29 27.51 -23.97
CA GLN H 90 14.40 28.49 -23.36
C GLN H 90 13.52 27.86 -22.28
N ALA H 91 12.97 26.70 -22.58
CA ALA H 91 12.17 25.93 -21.62
C ALA H 91 13.00 25.53 -20.40
N ALA H 92 14.25 25.15 -20.64
CA ALA H 92 15.19 24.79 -19.56
C ALA H 92 15.46 25.98 -18.65
N ASP H 93 15.70 27.15 -19.24
CA ASP H 93 15.98 28.37 -18.48
C ASP H 93 14.77 28.88 -17.72
N ALA H 94 13.58 28.58 -18.24
CA ALA H 94 12.33 29.02 -17.62
C ALA H 94 11.71 27.95 -16.71
N ALA H 95 12.36 26.78 -16.67
CA ALA H 95 11.88 25.62 -15.90
C ALA H 95 10.42 25.26 -16.22
N GLU H 96 10.08 25.28 -17.51
CA GLU H 96 8.74 24.99 -17.98
C GLU H 96 8.66 23.59 -18.58
N PRO H 97 7.54 22.87 -18.35
CA PRO H 97 7.35 21.52 -18.89
C PRO H 97 7.26 21.52 -20.41
N VAL H 98 7.70 20.43 -21.03
CA VAL H 98 7.69 20.31 -22.49
C VAL H 98 6.93 19.05 -22.94
N ILE H 99 6.04 19.24 -23.90
CA ILE H 99 5.44 18.13 -24.64
C ILE H 99 6.10 18.14 -26.02
N LEU H 100 6.81 17.06 -26.33
CA LEU H 100 7.66 17.02 -27.52
C LEU H 100 7.32 15.90 -28.50
N ASN H 101 7.03 16.29 -29.73
CA ASN H 101 6.96 15.38 -30.86
C ASN H 101 8.04 15.80 -31.85
N ALA H 102 9.18 15.10 -31.80
CA ALA H 102 10.36 15.47 -32.56
C ALA H 102 10.35 14.94 -33.99
N GLY H 103 9.34 14.13 -34.32
CA GLY H 103 9.25 13.50 -35.63
C GLY H 103 10.40 12.54 -35.89
N GLY H 104 11.05 12.70 -37.03
CA GLY H 104 12.17 11.85 -37.42
C GLY H 104 13.41 12.04 -36.56
N LEU H 105 13.48 13.18 -35.87
CA LEU H 105 14.62 13.50 -35.02
C LEU H 105 14.65 12.67 -33.73
N THR H 106 13.51 12.07 -33.41
CA THR H 106 13.38 11.18 -32.27
C THR H 106 14.37 10.01 -32.35
N HIS H 107 14.55 9.48 -33.57
CA HIS H 107 15.36 8.30 -33.78
C HIS H 107 16.81 8.62 -34.17
N THR H 108 17.08 9.89 -34.44
CA THR H 108 18.35 10.28 -35.06
C THR H 108 19.19 11.31 -34.31
N SER H 109 18.55 12.16 -33.50
CA SER H 109 19.24 13.32 -32.92
C SER H 109 19.71 13.15 -31.48
N VAL H 110 21.04 13.08 -31.31
CA VAL H 110 21.67 13.09 -29.99
C VAL H 110 21.76 14.52 -29.46
N ALA H 111 21.92 15.48 -30.36
CA ALA H 111 21.91 16.90 -30.02
C ALA H 111 20.62 17.28 -29.28
N LEU H 112 19.49 16.83 -29.81
CA LEU H 112 18.18 17.07 -29.20
C LEU H 112 18.03 16.33 -27.86
N ARG H 113 18.62 15.15 -27.76
CA ARG H 113 18.61 14.39 -26.51
C ARG H 113 19.35 15.15 -25.41
N ASP H 114 20.53 15.67 -25.75
CA ASP H 114 21.38 16.40 -24.82
C ASP H 114 20.76 17.72 -24.36
N ALA H 115 20.03 18.37 -25.27
CA ALA H 115 19.32 19.60 -24.94
C ALA H 115 18.18 19.32 -23.97
N CYS H 116 17.40 18.28 -24.28
CA CYS H 116 16.27 17.85 -23.44
C CYS H 116 16.70 17.32 -22.08
N ALA H 117 17.95 16.87 -21.99
CA ALA H 117 18.52 16.40 -20.72
C ALA H 117 18.65 17.53 -19.70
N GLU H 118 18.78 18.76 -20.19
CA GLU H 118 18.89 19.95 -19.32
C GLU H 118 17.59 20.28 -18.58
N LEU H 119 16.46 19.86 -19.12
CA LEU H 119 15.15 20.19 -18.55
C LEU H 119 14.99 19.67 -17.12
N SER H 120 14.59 20.57 -16.22
CA SER H 120 14.32 20.21 -14.83
C SER H 120 12.83 19.91 -14.63
N ALA H 121 11.99 20.55 -15.43
CA ALA H 121 10.56 20.27 -15.45
C ALA H 121 10.28 19.03 -16.30
N PRO H 122 9.13 18.36 -16.07
CA PRO H 122 8.80 17.13 -16.81
C PRO H 122 8.80 17.28 -18.33
N LEU H 123 9.16 16.20 -19.02
CA LEU H 123 9.17 16.15 -20.48
C LEU H 123 8.39 14.94 -20.96
N ILE H 124 7.36 15.18 -21.76
CA ILE H 124 6.54 14.10 -22.30
C ILE H 124 6.74 13.95 -23.81
N GLU H 125 7.28 12.81 -24.20
CA GLU H 125 7.46 12.47 -25.61
C GLU H 125 6.12 11.98 -26.19
N VAL H 126 5.76 12.51 -27.35
CA VAL H 126 4.49 12.18 -27.98
C VAL H 126 4.68 11.73 -29.44
N HIS H 127 4.01 10.63 -29.80
CA HIS H 127 3.94 10.18 -31.19
C HIS H 127 2.48 9.94 -31.56
N ILE H 128 2.08 10.44 -32.72
CA ILE H 128 0.70 10.33 -33.19
C ILE H 128 0.37 8.91 -33.63
N SER H 129 1.23 8.33 -34.47
CA SER H 129 1.07 6.95 -34.92
C SER H 129 1.70 5.99 -33.91
N ASN H 130 1.28 4.73 -33.95
CA ASN H 130 1.94 3.69 -33.17
C ASN H 130 3.27 3.34 -33.83
N VAL H 131 4.34 3.88 -33.26
CA VAL H 131 5.67 3.78 -33.83
C VAL H 131 6.21 2.34 -33.84
N HIS H 132 5.60 1.48 -33.03
CA HIS H 132 6.04 0.09 -32.89
C HIS H 132 5.39 -0.85 -33.91
N ALA H 133 4.37 -0.36 -34.60
CA ALA H 133 3.64 -1.13 -35.62
C ALA H 133 4.19 -0.86 -37.02
N ARG H 134 5.25 -0.06 -37.09
CA ARG H 134 5.83 0.36 -38.36
C ARG H 134 7.23 -0.26 -38.56
N GLU H 135 8.12 0.46 -39.24
CA GLU H 135 9.48 -0.03 -39.49
C GLU H 135 10.29 -0.13 -38.19
N GLU H 136 11.26 -1.04 -38.18
CA GLU H 136 12.06 -1.32 -36.98
C GLU H 136 12.90 -0.14 -36.48
N PHE H 137 13.36 0.71 -37.40
CA PHE H 137 14.19 1.87 -37.03
C PHE H 137 13.43 2.91 -36.20
N ARG H 138 12.11 2.88 -36.29
CA ARG H 138 11.24 3.78 -35.52
C ARG H 138 11.07 3.33 -34.07
N ARG H 139 11.41 2.07 -33.80
CA ARG H 139 11.22 1.50 -32.47
C ARG H 139 12.32 1.89 -31.47
N HIS H 140 13.26 2.72 -31.92
CA HIS H 140 14.28 3.29 -31.03
C HIS H 140 14.13 4.80 -30.90
N SER H 141 14.20 5.29 -29.67
CA SER H 141 14.09 6.72 -29.39
C SER H 141 15.24 7.19 -28.51
N TYR H 142 15.95 8.23 -28.96
CA TYR H 142 16.99 8.88 -28.16
C TYR H 142 16.39 9.76 -27.06
N LEU H 143 15.10 10.08 -27.19
CA LEU H 143 14.39 10.94 -26.24
C LEU H 143 13.75 10.19 -25.09
N SER H 144 13.28 8.98 -25.37
CA SER H 144 12.58 8.16 -24.38
C SER H 144 13.32 7.99 -23.02
N PRO H 145 14.61 7.61 -23.05
CA PRO H 145 15.33 7.39 -21.78
C PRO H 145 15.41 8.62 -20.85
N ILE H 146 15.40 9.82 -21.43
CA ILE H 146 15.52 11.04 -20.63
C ILE H 146 14.18 11.76 -20.42
N ALA H 147 13.13 11.29 -21.08
CA ALA H 147 11.79 11.83 -20.91
C ALA H 147 11.17 11.32 -19.61
N THR H 148 10.21 12.08 -19.08
CA THR H 148 9.40 11.62 -17.94
C THR H 148 8.51 10.47 -18.40
N GLY H 149 7.85 10.66 -19.54
CA GLY H 149 6.96 9.65 -20.10
C GLY H 149 6.86 9.70 -21.61
N VAL H 150 6.22 8.69 -22.18
CA VAL H 150 6.04 8.58 -23.63
C VAL H 150 4.60 8.15 -23.94
N ILE H 151 3.93 8.91 -24.80
CA ILE H 151 2.60 8.56 -25.31
C ILE H 151 2.69 8.27 -26.80
N VAL H 152 2.32 7.05 -27.18
CA VAL H 152 2.48 6.57 -28.55
C VAL H 152 1.15 6.05 -29.11
N GLY H 153 0.86 6.44 -30.35
CA GLY H 153 -0.25 5.84 -31.10
C GLY H 153 -1.68 6.16 -30.68
N LEU H 154 -1.85 7.23 -29.91
CA LEU H 154 -3.19 7.62 -29.46
C LEU H 154 -3.72 8.81 -30.27
N GLY H 155 -3.14 9.01 -31.45
CA GLY H 155 -3.53 10.09 -32.34
C GLY H 155 -3.29 11.47 -31.73
N ILE H 156 -4.10 12.42 -32.17
CA ILE H 156 -3.97 13.82 -31.76
C ILE H 156 -4.24 14.04 -30.26
N GLN H 157 -5.00 13.11 -29.64
CA GLN H 157 -5.35 13.21 -28.24
C GLN H 157 -4.16 12.97 -27.29
N GLY H 158 -3.12 12.32 -27.80
CA GLY H 158 -1.89 12.10 -27.04
C GLY H 158 -1.37 13.38 -26.42
N TYR H 159 -1.40 14.47 -27.19
CA TYR H 159 -1.05 15.80 -26.71
C TYR H 159 -1.92 16.24 -25.53
N LEU H 160 -3.24 16.10 -25.69
CA LEU H 160 -4.20 16.56 -24.67
C LEU H 160 -4.12 15.74 -23.39
N LEU H 161 -3.82 14.45 -23.54
CA LEU H 161 -3.59 13.56 -22.40
C LEU H 161 -2.29 13.92 -21.67
N ALA H 162 -1.29 14.36 -22.45
CA ALA H 162 -0.02 14.82 -21.89
C ALA H 162 -0.19 16.14 -21.14
N LEU H 163 -1.08 17.00 -21.63
CA LEU H 163 -1.44 18.23 -20.93
C LEU H 163 -2.10 17.94 -19.59
N ARG H 164 -2.96 16.93 -19.58
CA ARG H 164 -3.69 16.53 -18.37
C ARG H 164 -2.75 15.97 -17.30
N TYR H 165 -1.73 15.22 -17.71
CA TYR H 165 -0.73 14.71 -16.77
C TYR H 165 -0.01 15.85 -16.05
N LEU H 166 0.37 16.88 -16.79
CA LEU H 166 1.11 18.02 -16.26
C LEU H 166 0.26 18.88 -15.34
N ALA H 167 -1.04 18.97 -15.66
CA ALA H 167 -2.00 19.70 -14.84
C ALA H 167 -2.21 19.03 -13.48
N GLU H 168 -1.88 17.74 -13.39
CA GLU H 168 -2.03 16.95 -12.18
C GLU H 168 -0.77 16.99 -11.30
N HIS H 169 0.34 17.46 -11.88
CA HIS H 169 1.61 17.58 -11.16
C HIS H 169 1.98 19.03 -10.85
N LEU I 29 48.97 32.93 -38.87
CA LEU I 29 48.69 31.58 -38.26
C LEU I 29 47.32 31.57 -37.58
N ILE I 30 46.30 31.19 -38.34
CA ILE I 30 44.92 31.23 -37.86
C ILE I 30 44.37 29.83 -37.58
N VAL I 31 43.86 29.65 -36.37
CA VAL I 31 43.23 28.40 -35.95
C VAL I 31 41.74 28.62 -35.75
N ASN I 32 40.94 27.75 -36.34
CA ASN I 32 39.49 27.83 -36.20
C ASN I 32 38.94 26.85 -35.17
N VAL I 33 38.38 27.39 -34.09
CA VAL I 33 37.73 26.59 -33.06
C VAL I 33 36.22 26.62 -33.30
N ILE I 34 35.66 25.46 -33.63
CA ILE I 34 34.24 25.35 -33.99
C ILE I 34 33.47 24.49 -33.00
N ASN I 35 32.54 25.12 -32.29
CA ASN I 35 31.70 24.43 -31.31
C ASN I 35 30.28 24.18 -31.82
N GLY I 36 29.82 22.94 -31.70
CA GLY I 36 28.52 22.53 -32.22
C GLY I 36 27.38 22.65 -31.23
N PRO I 37 26.26 21.97 -31.51
CA PRO I 37 25.03 22.03 -30.72
C PRO I 37 25.24 21.89 -29.21
N ASN I 38 24.51 22.70 -28.46
CA ASN I 38 24.49 22.68 -26.99
C ASN I 38 25.73 23.23 -26.28
N LEU I 39 26.76 23.54 -27.05
CA LEU I 39 28.02 24.01 -26.47
C LEU I 39 27.99 25.47 -26.01
N GLY I 40 27.01 26.23 -26.49
CA GLY I 40 26.73 27.56 -25.97
C GLY I 40 26.11 27.49 -24.59
N ARG I 41 25.69 26.28 -24.18
CA ARG I 41 25.00 26.06 -22.91
C ARG I 41 25.93 25.69 -21.75
N LEU I 42 27.24 25.79 -21.98
CA LEU I 42 28.24 25.47 -20.94
C LEU I 42 28.05 26.34 -19.69
N GLY I 43 28.04 25.69 -18.53
CA GLY I 43 27.86 26.38 -17.26
C GLY I 43 26.51 26.13 -16.60
N ARG I 44 25.44 26.41 -17.34
CA ARG I 44 24.08 26.26 -16.83
C ARG I 44 23.69 24.79 -16.73
N GLY I 51 33.14 21.94 -15.96
CA GLY I 51 32.52 22.34 -14.70
C GLY I 51 31.51 23.45 -14.86
N GLY I 52 31.81 24.60 -14.27
CA GLY I 52 30.94 25.78 -14.36
C GLY I 52 31.48 26.85 -15.29
N THR I 53 32.43 26.45 -16.15
CA THR I 53 33.02 27.36 -17.13
C THR I 53 32.03 27.59 -18.27
N THR I 54 31.72 28.87 -18.52
CA THR I 54 30.77 29.24 -19.56
C THR I 54 31.45 29.32 -20.92
N HIS I 55 30.66 29.48 -21.98
CA HIS I 55 31.20 29.56 -23.33
C HIS I 55 32.03 30.83 -23.56
N ASP I 56 31.59 31.95 -23.00
CA ASP I 56 32.33 33.21 -23.06
C ASP I 56 33.71 33.07 -22.40
N GLU I 57 33.74 32.42 -21.25
CA GLU I 57 34.98 32.16 -20.52
C GLU I 57 35.90 31.24 -21.31
N LEU I 58 35.31 30.26 -22.00
CA LEU I 58 36.04 29.36 -22.88
C LEU I 58 36.70 30.11 -24.04
N VAL I 59 35.93 30.99 -24.69
CA VAL I 59 36.44 31.83 -25.78
C VAL I 59 37.59 32.71 -25.29
N ALA I 60 37.44 33.26 -24.09
CA ALA I 60 38.46 34.07 -23.44
C ALA I 60 39.75 33.28 -23.21
N LEU I 61 39.62 32.08 -22.65
CA LEU I 61 40.76 31.21 -22.34
C LEU I 61 41.53 30.77 -23.59
N ILE I 62 40.80 30.50 -24.67
CA ILE I 62 41.38 30.09 -25.95
C ILE I 62 42.18 31.24 -26.58
N GLU I 63 41.65 32.46 -26.48
CA GLU I 63 42.31 33.63 -27.04
C GLU I 63 43.56 34.05 -26.28
N ARG I 64 43.54 33.89 -24.95
CA ARG I 64 44.73 34.06 -24.11
C ARG I 64 45.86 33.13 -24.55
N GLU I 65 45.52 31.85 -24.69
CA GLU I 65 46.47 30.82 -25.08
C GLU I 65 46.97 31.02 -26.51
N ALA I 66 46.07 31.47 -27.39
CA ALA I 66 46.41 31.76 -28.79
C ALA I 66 47.46 32.84 -28.90
N ALA I 67 47.31 33.89 -28.09
CA ALA I 67 48.24 35.03 -28.09
C ALA I 67 49.63 34.62 -27.59
N GLU I 68 49.65 33.81 -26.54
CA GLU I 68 50.91 33.33 -25.94
C GLU I 68 51.68 32.41 -26.87
N LEU I 69 50.96 31.72 -27.77
CA LEU I 69 51.58 30.78 -28.70
C LEU I 69 51.91 31.40 -30.05
N GLY I 70 51.58 32.68 -30.21
CA GLY I 70 51.81 33.40 -31.46
C GLY I 70 50.84 33.00 -32.56
N LEU I 71 49.60 32.70 -32.18
CA LEU I 71 48.56 32.29 -33.12
C LEU I 71 47.33 33.18 -33.00
N LYS I 72 46.43 33.05 -33.97
CA LYS I 72 45.16 33.77 -33.94
C LYS I 72 44.02 32.74 -33.93
N ALA I 73 43.23 32.75 -32.87
CA ALA I 73 42.15 31.78 -32.73
C ALA I 73 40.78 32.39 -32.98
N VAL I 74 40.05 31.79 -33.92
CA VAL I 74 38.69 32.22 -34.22
C VAL I 74 37.71 31.19 -33.67
N VAL I 75 37.14 31.49 -32.50
CA VAL I 75 36.20 30.60 -31.82
C VAL I 75 34.76 30.96 -32.16
N ARG I 76 34.01 29.99 -32.67
CA ARG I 76 32.62 30.19 -33.07
C ARG I 76 31.74 29.01 -32.69
N GLN I 77 30.51 29.30 -32.28
CA GLN I 77 29.56 28.27 -31.84
C GLN I 77 28.25 28.42 -32.60
N SER I 78 27.62 27.28 -32.91
CA SER I 78 26.28 27.25 -33.49
C SER I 78 25.57 25.93 -33.22
N ASP I 79 24.26 26.00 -33.02
CA ASP I 79 23.41 24.82 -32.88
C ASP I 79 22.95 24.32 -34.26
N SER I 80 23.38 25.01 -35.30
CA SER I 80 22.99 24.68 -36.68
C SER I 80 24.07 23.86 -37.39
N GLU I 81 23.67 22.67 -37.85
CA GLU I 81 24.56 21.79 -38.61
C GLU I 81 25.07 22.47 -39.87
N ALA I 82 24.15 23.11 -40.61
CA ALA I 82 24.47 23.83 -41.84
C ALA I 82 25.50 24.92 -41.61
N GLN I 83 25.39 25.61 -40.47
CA GLN I 83 26.34 26.65 -40.10
C GLN I 83 27.74 26.11 -39.85
N LEU I 84 27.82 24.96 -39.15
CA LEU I 84 29.10 24.31 -38.91
C LEU I 84 29.74 23.86 -40.23
N LEU I 85 28.92 23.29 -41.12
CA LEU I 85 29.36 22.90 -42.46
C LEU I 85 29.98 24.06 -43.22
N ASP I 86 29.37 25.24 -43.09
CA ASP I 86 29.84 26.46 -43.74
C ASP I 86 31.20 26.90 -43.19
N TRP I 87 31.36 26.84 -41.87
CA TRP I 87 32.61 27.24 -41.23
C TRP I 87 33.79 26.34 -41.60
N ILE I 88 33.54 25.05 -41.76
CA ILE I 88 34.60 24.14 -42.19
CA ILE I 88 34.55 24.07 -42.20
C ILE I 88 34.89 24.26 -43.68
N HIS I 89 33.88 24.69 -44.46
CA HIS I 89 34.09 24.99 -45.88
C HIS I 89 35.08 26.14 -46.04
N GLN I 90 34.91 27.19 -45.22
CA GLN I 90 35.80 28.35 -45.21
C GLN I 90 37.21 27.96 -44.80
N ALA I 91 37.31 27.13 -43.76
CA ALA I 91 38.59 26.64 -43.26
C ALA I 91 39.26 25.71 -44.28
N ALA I 92 38.46 25.01 -45.08
CA ALA I 92 38.97 24.18 -46.17
C ALA I 92 39.55 25.04 -47.29
N ASP I 93 38.84 26.11 -47.63
CA ASP I 93 39.27 27.04 -48.68
C ASP I 93 40.52 27.84 -48.27
N ALA I 94 40.58 28.23 -47.00
CA ALA I 94 41.69 29.03 -46.50
C ALA I 94 42.88 28.16 -46.05
N ALA I 95 42.67 26.84 -46.04
CA ALA I 95 43.68 25.86 -45.58
C ALA I 95 44.12 26.12 -44.14
N GLU I 96 43.16 26.43 -43.29
CA GLU I 96 43.41 26.70 -41.88
C GLU I 96 43.03 25.49 -41.03
N PRO I 97 43.84 25.17 -40.00
CA PRO I 97 43.53 24.05 -39.11
C PRO I 97 42.24 24.26 -38.32
N VAL I 98 41.60 23.16 -37.94
CA VAL I 98 40.33 23.20 -37.22
C VAL I 98 40.41 22.40 -35.92
N ILE I 99 39.95 23.01 -34.84
CA ILE I 99 39.66 22.29 -33.61
C ILE I 99 38.13 22.21 -33.53
N LEU I 100 37.61 20.98 -33.55
CA LEU I 100 36.16 20.77 -33.65
C LEU I 100 35.56 19.99 -32.49
N ASN I 101 34.62 20.63 -31.80
CA ASN I 101 33.74 19.96 -30.86
C ASN I 101 32.32 20.04 -31.39
N ALA I 102 31.85 18.94 -31.95
CA ALA I 102 30.59 18.92 -32.70
C ALA I 102 29.39 18.59 -31.85
N GLY I 103 29.60 18.31 -30.57
CA GLY I 103 28.52 17.88 -29.68
C GLY I 103 27.90 16.58 -30.15
N GLY I 104 26.58 16.50 -30.11
CA GLY I 104 25.84 15.30 -30.51
C GLY I 104 25.99 14.91 -31.97
N LEU I 105 26.40 15.86 -32.80
CA LEU I 105 26.58 15.63 -34.24
C LEU I 105 27.77 14.72 -34.54
N THR I 106 28.70 14.65 -33.59
CA THR I 106 29.84 13.73 -33.62
C THR I 106 29.39 12.31 -33.96
N HIS I 107 28.33 11.86 -33.30
CA HIS I 107 27.89 10.48 -33.37
C HIS I 107 26.85 10.23 -34.46
N THR I 108 26.40 11.30 -35.12
CA THR I 108 25.24 11.20 -36.02
C THR I 108 25.44 11.75 -37.44
N SER I 109 26.32 12.74 -37.59
CA SER I 109 26.43 13.46 -38.86
C SER I 109 27.50 12.94 -39.83
N VAL I 110 27.04 12.30 -40.90
CA VAL I 110 27.92 11.89 -42.00
C VAL I 110 28.28 13.12 -42.85
N ALA I 111 27.33 14.04 -42.95
CA ALA I 111 27.50 15.29 -43.70
C ALA I 111 28.66 16.13 -43.16
N LEU I 112 28.77 16.19 -41.83
CA LEU I 112 29.84 16.91 -41.15
C LEU I 112 31.19 16.21 -41.40
N ARG I 113 31.17 14.88 -41.37
CA ARG I 113 32.35 14.07 -41.70
C ARG I 113 32.82 14.36 -43.13
N ASP I 114 31.88 14.40 -44.06
CA ASP I 114 32.17 14.66 -45.47
C ASP I 114 32.80 16.03 -45.74
N ALA I 115 32.33 17.03 -45.02
CA ALA I 115 32.88 18.38 -45.13
C ALA I 115 34.28 18.45 -44.52
N CYS I 116 34.46 17.80 -43.38
CA CYS I 116 35.75 17.73 -42.69
C CYS I 116 36.80 16.96 -43.50
N ALA I 117 36.34 16.10 -44.39
CA ALA I 117 37.23 15.33 -45.27
C ALA I 117 37.98 16.22 -46.25
N GLU I 118 37.38 17.36 -46.59
CA GLU I 118 37.99 18.34 -47.50
C GLU I 118 39.19 19.06 -46.91
N LEU I 119 39.25 19.12 -45.58
CA LEU I 119 40.30 19.85 -44.88
C LEU I 119 41.67 19.30 -45.20
N SER I 120 42.56 20.17 -45.67
CA SER I 120 43.95 19.81 -45.94
C SER I 120 44.80 20.00 -44.67
N ALA I 121 44.51 21.07 -43.94
CA ALA I 121 45.20 21.35 -42.68
C ALA I 121 44.70 20.43 -41.56
N PRO I 122 45.50 20.27 -40.48
CA PRO I 122 45.14 19.34 -39.41
C PRO I 122 43.77 19.60 -38.77
N LEU I 123 43.13 18.52 -38.31
CA LEU I 123 41.85 18.59 -37.64
C LEU I 123 41.91 17.83 -36.32
N ILE I 124 41.64 18.52 -35.22
CA ILE I 124 41.61 17.89 -33.91
C ILE I 124 40.18 17.88 -33.37
N GLU I 125 39.70 16.67 -33.04
CA GLU I 125 38.39 16.48 -32.46
C GLU I 125 38.50 16.61 -30.94
N VAL I 126 37.58 17.36 -30.35
CA VAL I 126 37.61 17.62 -28.91
C VAL I 126 36.28 17.28 -28.24
N HIS I 127 36.36 16.56 -27.13
CA HIS I 127 35.23 16.38 -26.23
C HIS I 127 35.65 16.81 -24.83
N ILE I 128 34.80 17.58 -24.17
CA ILE I 128 35.06 18.08 -22.82
C ILE I 128 35.00 16.95 -21.81
N SER I 129 33.91 16.18 -21.86
CA SER I 129 33.72 15.03 -20.98
C SER I 129 34.38 13.78 -21.56
N ASN I 130 34.60 12.77 -20.71
CA ASN I 130 35.07 11.47 -21.19
C ASN I 130 33.92 10.75 -21.90
N VAL I 131 33.97 10.78 -23.22
CA VAL I 131 32.90 10.26 -24.07
C VAL I 131 32.76 8.74 -23.98
N HIS I 132 33.76 8.08 -23.38
CA HIS I 132 33.77 6.62 -23.24
C HIS I 132 33.28 6.13 -21.87
N ALA I 133 33.00 7.05 -20.96
CA ALA I 133 32.51 6.72 -19.62
C ALA I 133 30.99 6.94 -19.50
N ARG I 134 30.35 7.20 -20.64
CA ARG I 134 28.93 7.51 -20.67
C ARG I 134 28.15 6.40 -21.39
N GLU I 135 27.18 6.76 -22.22
CA GLU I 135 26.40 5.79 -23.00
C GLU I 135 27.22 5.21 -24.16
N GLU I 136 26.88 3.99 -24.58
CA GLU I 136 27.58 3.29 -25.65
C GLU I 136 27.54 3.98 -27.02
N PHE I 137 26.42 4.64 -27.33
CA PHE I 137 26.27 5.33 -28.62
C PHE I 137 27.23 6.51 -28.79
N ARG I 138 27.78 6.99 -27.66
CA ARG I 138 28.74 8.10 -27.66
C ARG I 138 30.16 7.62 -27.91
N ARG I 139 30.37 6.31 -27.83
CA ARG I 139 31.70 5.74 -28.02
C ARG I 139 32.04 5.55 -29.51
N HIS I 140 31.11 5.92 -30.38
CA HIS I 140 31.36 5.94 -31.82
C HIS I 140 31.31 7.37 -32.38
N SER I 141 32.35 7.72 -33.12
CA SER I 141 32.46 9.03 -33.75
C SER I 141 32.64 8.88 -35.26
N TYR I 142 31.87 9.66 -36.01
CA TYR I 142 32.05 9.75 -37.47
C TYR I 142 33.23 10.63 -37.83
N LEU I 143 33.68 11.44 -36.87
CA LEU I 143 34.74 12.41 -37.10
C LEU I 143 36.14 11.89 -36.80
N SER I 144 36.25 11.01 -35.81
CA SER I 144 37.54 10.44 -35.39
C SER I 144 38.40 9.86 -36.52
N PRO I 145 37.81 8.99 -37.40
CA PRO I 145 38.59 8.39 -38.48
C PRO I 145 39.25 9.38 -39.45
N ILE I 146 38.61 10.53 -39.68
CA ILE I 146 39.16 11.51 -40.64
C ILE I 146 39.96 12.64 -39.98
N ALA I 147 39.88 12.72 -38.66
CA ALA I 147 40.63 13.70 -37.88
C ALA I 147 42.11 13.32 -37.76
N THR I 148 42.96 14.31 -37.52
CA THR I 148 44.37 14.06 -37.23
C THR I 148 44.48 13.40 -35.87
N GLY I 149 43.85 14.00 -34.86
CA GLY I 149 43.88 13.48 -33.50
C GLY I 149 42.60 13.77 -32.74
N VAL I 150 42.46 13.13 -31.58
CA VAL I 150 41.26 13.28 -30.76
C VAL I 150 41.65 13.46 -29.28
N ILE I 151 41.14 14.53 -28.68
CA ILE I 151 41.30 14.76 -27.24
C ILE I 151 39.94 14.69 -26.56
N VAL I 152 39.86 13.87 -25.52
CA VAL I 152 38.60 13.57 -24.85
C VAL I 152 38.79 13.55 -23.32
N GLY I 153 37.85 14.16 -22.60
CA GLY I 153 37.79 14.04 -21.14
C GLY I 153 38.75 14.87 -20.33
N LEU I 154 39.46 15.79 -20.99
CA LEU I 154 40.43 16.65 -20.31
C LEU I 154 39.85 18.04 -19.99
N GLY I 155 38.52 18.12 -19.97
CA GLY I 155 37.82 19.36 -19.69
C GLY I 155 38.06 20.45 -20.73
N ILE I 156 37.98 21.70 -20.28
CA ILE I 156 38.19 22.87 -21.12
C ILE I 156 39.62 22.94 -21.69
N GLN I 157 40.59 22.43 -20.93
CA GLN I 157 42.00 22.43 -21.35
C GLN I 157 42.26 21.61 -22.63
N GLY I 158 41.36 20.70 -22.96
CA GLY I 158 41.43 19.94 -24.21
C GLY I 158 41.55 20.84 -25.43
N TYR I 159 40.84 21.96 -25.40
CA TYR I 159 40.96 23.00 -26.43
C TYR I 159 42.35 23.62 -26.48
N LEU I 160 42.88 23.96 -25.31
CA LEU I 160 44.17 24.65 -25.21
C LEU I 160 45.34 23.74 -25.59
N LEU I 161 45.22 22.45 -25.27
CA LEU I 161 46.24 21.47 -25.62
C LEU I 161 46.20 21.16 -27.12
N ALA I 162 45.04 21.35 -27.73
CA ALA I 162 44.88 21.19 -29.18
C ALA I 162 45.53 22.36 -29.93
N LEU I 163 45.43 23.56 -29.37
CA LEU I 163 46.11 24.75 -29.90
C LEU I 163 47.62 24.54 -29.91
N ARG I 164 48.13 24.08 -28.78
CA ARG I 164 49.56 23.84 -28.59
C ARG I 164 50.13 22.82 -29.56
N TYR I 165 49.33 21.82 -29.93
CA TYR I 165 49.72 20.87 -30.97
C TYR I 165 49.87 21.57 -32.31
N LEU I 166 48.90 22.42 -32.64
CA LEU I 166 48.88 23.12 -33.92
C LEU I 166 49.97 24.18 -34.04
N ALA I 167 50.42 24.71 -32.89
CA ALA I 167 51.53 25.65 -32.84
C ALA I 167 52.85 25.00 -33.27
N GLU I 168 53.03 23.73 -32.92
CA GLU I 168 54.20 22.95 -33.35
C GLU I 168 54.00 22.26 -34.70
N HIS I 169 52.88 22.55 -35.37
CA HIS I 169 52.60 22.00 -36.69
C HIS I 169 51.95 23.05 -37.59
N LEU J 29 6.51 17.93 -67.09
CA LEU J 29 6.91 19.34 -67.39
C LEU J 29 8.03 19.78 -66.47
N ILE J 30 7.69 19.99 -65.18
CA ILE J 30 8.65 20.50 -64.20
C ILE J 30 9.26 19.37 -63.37
N VAL J 31 10.59 19.36 -63.31
CA VAL J 31 11.34 18.38 -62.54
C VAL J 31 12.27 19.10 -61.56
N ASN J 32 12.16 18.74 -60.29
CA ASN J 32 13.00 19.33 -59.24
C ASN J 32 14.26 18.52 -58.99
N VAL J 33 15.42 19.16 -59.15
CA VAL J 33 16.70 18.55 -58.82
C VAL J 33 17.20 19.16 -57.51
N ILE J 34 17.20 18.36 -56.45
CA ILE J 34 17.54 18.85 -55.11
C ILE J 34 18.85 18.22 -54.60
N ASN J 35 19.82 19.08 -54.31
CA ASN J 35 21.11 18.66 -53.79
C ASN J 35 21.30 19.04 -52.32
N GLY J 36 21.74 18.07 -51.53
CA GLY J 36 21.94 18.25 -50.09
C GLY J 36 23.31 18.79 -49.70
N PRO J 37 23.70 18.60 -48.43
CA PRO J 37 24.95 19.10 -47.86
C PRO J 37 26.19 18.77 -48.69
N ASN J 38 27.13 19.72 -48.74
CA ASN J 38 28.44 19.56 -49.40
C ASN J 38 28.43 19.42 -50.91
N LEU J 39 27.25 19.47 -51.53
CA LEU J 39 27.14 19.32 -52.98
C LEU J 39 27.35 20.63 -53.75
N GLY J 40 27.41 21.75 -53.02
CA GLY J 40 27.80 23.03 -53.60
C GLY J 40 29.32 23.14 -53.65
N ARG J 41 30.00 22.13 -53.11
CA ARG J 41 31.46 22.10 -53.02
C ARG J 41 32.10 21.34 -54.18
N LEU J 42 31.29 20.88 -55.13
CA LEU J 42 31.77 20.15 -56.30
C LEU J 42 32.89 20.91 -57.03
N GLY J 43 33.92 20.19 -57.44
CA GLY J 43 35.08 20.78 -58.08
C GLY J 43 36.25 20.87 -57.12
N ARG J 44 36.19 21.82 -56.19
CA ARG J 44 37.23 22.00 -55.18
C ARG J 44 37.05 21.04 -54.01
N GLY J 51 34.97 14.43 -59.32
CA GLY J 51 35.52 14.94 -60.57
C GLY J 51 36.08 16.35 -60.45
N GLY J 52 35.78 17.19 -61.43
CA GLY J 52 36.23 18.58 -61.46
C GLY J 52 35.13 19.58 -61.77
N THR J 53 33.96 19.06 -62.17
CA THR J 53 32.79 19.88 -62.50
C THR J 53 32.23 20.57 -61.25
N THR J 54 32.05 21.88 -61.32
CA THR J 54 31.46 22.66 -60.23
C THR J 54 29.93 22.58 -60.26
N HIS J 55 29.30 23.09 -59.21
CA HIS J 55 27.84 23.04 -59.10
C HIS J 55 27.14 23.96 -60.11
N ASP J 56 27.68 25.15 -60.33
CA ASP J 56 27.16 26.08 -61.33
C ASP J 56 27.10 25.45 -62.73
N GLU J 57 28.16 24.70 -63.06
CA GLU J 57 28.25 24.00 -64.34
C GLU J 57 27.28 22.82 -64.41
N LEU J 58 27.08 22.16 -63.28
CA LEU J 58 26.12 21.06 -63.18
C LEU J 58 24.69 21.53 -63.45
N VAL J 59 24.31 22.65 -62.83
CA VAL J 59 23.02 23.28 -63.07
C VAL J 59 22.84 23.56 -64.57
N ALA J 60 23.88 24.12 -65.18
CA ALA J 60 23.88 24.40 -66.62
C ALA J 60 23.71 23.14 -67.46
N LEU J 61 24.42 22.07 -67.08
CA LEU J 61 24.31 20.78 -67.76
C LEU J 61 22.90 20.19 -67.67
N ILE J 62 22.32 20.23 -66.47
CA ILE J 62 20.98 19.69 -66.22
C ILE J 62 19.91 20.44 -67.02
N GLU J 63 19.97 21.77 -66.99
CA GLU J 63 19.02 22.62 -67.72
C GLU J 63 19.07 22.40 -69.22
N ARG J 64 20.29 22.28 -69.76
CA ARG J 64 20.49 22.03 -71.19
C ARG J 64 19.93 20.68 -71.60
N GLU J 65 20.12 19.67 -70.75
CA GLU J 65 19.61 18.32 -71.01
C GLU J 65 18.09 18.27 -70.89
N ALA J 66 17.54 19.01 -69.93
CA ALA J 66 16.09 19.07 -69.71
C ALA J 66 15.38 19.74 -70.89
N ALA J 67 15.99 20.80 -71.42
CA ALA J 67 15.45 21.53 -72.57
C ALA J 67 15.36 20.63 -73.81
N GLU J 68 16.38 19.81 -74.02
CA GLU J 68 16.43 18.88 -75.16
C GLU J 68 15.38 17.76 -75.05
N LEU J 69 14.95 17.48 -73.82
CA LEU J 69 13.96 16.43 -73.58
C LEU J 69 12.53 16.97 -73.50
N GLY J 70 12.40 18.29 -73.47
CA GLY J 70 11.09 18.95 -73.38
C GLY J 70 10.62 19.11 -71.94
N LEU J 71 11.56 19.33 -71.04
CA LEU J 71 11.27 19.48 -69.62
C LEU J 71 11.89 20.76 -69.08
N LYS J 72 11.33 21.25 -67.97
CA LYS J 72 11.92 22.37 -67.25
C LYS J 72 12.49 21.85 -65.93
N ALA J 73 13.77 22.13 -65.70
CA ALA J 73 14.46 21.67 -64.49
C ALA J 73 14.74 22.83 -63.54
N VAL J 74 14.30 22.67 -62.30
CA VAL J 74 14.62 23.62 -61.23
C VAL J 74 15.64 22.97 -60.29
N VAL J 75 16.87 23.46 -60.36
CA VAL J 75 17.98 22.90 -59.59
C VAL J 75 18.33 23.79 -58.40
N ARG J 76 18.27 23.22 -57.21
CA ARG J 76 18.55 23.95 -55.98
C ARG J 76 19.44 23.14 -55.03
N GLN J 77 20.33 23.84 -54.33
CA GLN J 77 21.26 23.21 -53.41
C GLN J 77 21.22 23.89 -52.04
N SER J 78 21.23 23.08 -50.98
CA SER J 78 21.30 23.59 -49.60
C SER J 78 22.00 22.62 -48.67
N ASP J 79 22.74 23.18 -47.71
CA ASP J 79 23.35 22.41 -46.62
C ASP J 79 22.37 22.25 -45.45
N SER J 80 21.27 23.00 -45.49
CA SER J 80 20.26 22.99 -44.43
C SER J 80 19.20 21.93 -44.67
N GLU J 81 19.05 21.03 -43.70
CA GLU J 81 18.02 19.99 -43.73
C GLU J 81 16.61 20.60 -43.85
N ALA J 82 16.35 21.63 -43.06
CA ALA J 82 15.05 22.31 -43.04
C ALA J 82 14.68 22.90 -44.40
N GLN J 83 15.67 23.43 -45.11
CA GLN J 83 15.48 23.97 -46.45
C GLN J 83 15.15 22.89 -47.47
N LEU J 84 15.77 21.71 -47.29
CA LEU J 84 15.51 20.58 -48.18
C LEU J 84 14.10 20.03 -48.00
N LEU J 85 13.64 19.94 -46.75
CA LEU J 85 12.29 19.47 -46.43
C LEU J 85 11.25 20.39 -47.05
N ASP J 86 11.48 21.71 -46.93
CA ASP J 86 10.62 22.73 -47.51
C ASP J 86 10.49 22.57 -49.03
N TRP J 87 11.62 22.33 -49.70
CA TRP J 87 11.61 22.12 -51.16
C TRP J 87 10.85 20.85 -51.55
N ILE J 88 10.97 19.81 -50.73
CA ILE J 88 10.26 18.56 -50.95
C ILE J 88 8.75 18.69 -50.66
N HIS J 89 8.41 19.48 -49.63
CA HIS J 89 7.00 19.80 -49.35
C HIS J 89 6.31 20.47 -50.54
N GLN J 90 7.01 21.41 -51.18
CA GLN J 90 6.49 22.12 -52.34
C GLN J 90 6.29 21.19 -53.54
N ALA J 91 7.21 20.24 -53.71
CA ALA J 91 7.12 19.27 -54.80
C ALA J 91 5.98 18.28 -54.58
N ALA J 92 5.68 17.98 -53.31
CA ALA J 92 4.56 17.13 -52.96
C ALA J 92 3.24 17.82 -53.29
N ASP J 93 3.13 19.09 -52.92
CA ASP J 93 1.94 19.91 -53.20
C ASP J 93 1.72 20.12 -54.70
N ALA J 94 2.82 20.30 -55.43
CA ALA J 94 2.76 20.57 -56.86
C ALA J 94 2.75 19.28 -57.71
N ALA J 95 2.91 18.14 -57.04
CA ALA J 95 2.95 16.82 -57.69
C ALA J 95 3.99 16.73 -58.82
N GLU J 96 5.19 17.22 -58.52
CA GLU J 96 6.29 17.24 -59.50
C GLU J 96 7.38 16.24 -59.13
N PRO J 97 7.96 15.57 -60.14
CA PRO J 97 9.05 14.60 -59.92
C PRO J 97 10.26 15.23 -59.23
N VAL J 98 10.97 14.42 -58.43
CA VAL J 98 12.15 14.87 -57.71
C VAL J 98 13.35 13.99 -58.02
N ILE J 99 14.46 14.63 -58.36
CA ILE J 99 15.76 13.97 -58.41
C ILE J 99 16.55 14.47 -57.21
N LEU J 100 16.81 13.56 -56.26
CA LEU J 100 17.39 13.94 -54.98
C LEU J 100 18.75 13.31 -54.70
N ASN J 101 19.76 14.18 -54.56
CA ASN J 101 21.05 13.78 -54.01
C ASN J 101 21.20 14.44 -52.64
N ALA J 102 20.89 13.68 -51.60
CA ALA J 102 20.83 14.21 -50.23
C ALA J 102 22.18 14.24 -49.52
N GLY J 103 23.22 13.73 -50.19
CA GLY J 103 24.55 13.64 -49.61
C GLY J 103 24.56 12.78 -48.37
N GLY J 104 25.17 13.29 -47.30
CA GLY J 104 25.28 12.57 -46.03
C GLY J 104 23.96 12.25 -45.38
N LEU J 105 22.96 13.10 -45.61
CA LEU J 105 21.63 12.95 -45.03
C LEU J 105 20.91 11.68 -45.49
N THR J 106 21.36 11.13 -46.62
CA THR J 106 20.85 9.87 -47.15
C THR J 106 20.89 8.76 -46.11
N HIS J 107 21.97 8.74 -45.33
CA HIS J 107 22.25 7.64 -44.40
C HIS J 107 21.78 7.92 -42.98
N THR J 108 21.30 9.14 -42.72
CA THR J 108 21.05 9.60 -41.36
C THR J 108 19.66 10.18 -41.09
N SER J 109 19.01 10.70 -42.13
CA SER J 109 17.79 11.49 -41.92
C SER J 109 16.47 10.76 -42.15
N VAL J 110 15.78 10.46 -41.05
CA VAL J 110 14.42 9.91 -41.10
C VAL J 110 13.45 11.04 -41.48
N ALA J 111 13.73 12.24 -40.98
CA ALA J 111 12.92 13.42 -41.27
C ALA J 111 12.80 13.66 -42.78
N LEU J 112 13.93 13.58 -43.48
CA LEU J 112 13.95 13.74 -44.93
C LEU J 112 13.20 12.63 -45.63
N ARG J 113 13.33 11.41 -45.13
CA ARG J 113 12.62 10.24 -45.65
C ARG J 113 11.10 10.44 -45.56
N ASP J 114 10.64 10.88 -44.39
CA ASP J 114 9.21 11.11 -44.15
C ASP J 114 8.64 12.18 -45.08
N ALA J 115 9.42 13.22 -45.34
CA ALA J 115 9.03 14.27 -46.30
C ALA J 115 8.86 13.69 -47.71
N CYS J 116 9.84 12.89 -48.13
CA CYS J 116 9.82 12.26 -49.45
C CYS J 116 8.69 11.25 -49.61
N ALA J 117 8.19 10.74 -48.48
CA ALA J 117 7.08 9.79 -48.48
C ALA J 117 5.77 10.42 -48.97
N GLU J 118 5.65 11.74 -48.81
CA GLU J 118 4.48 12.49 -49.26
C GLU J 118 4.39 12.63 -50.77
N LEU J 119 5.52 12.49 -51.46
CA LEU J 119 5.58 12.66 -52.91
C LEU J 119 4.75 11.61 -53.63
N SER J 120 3.93 12.06 -54.57
CA SER J 120 3.13 11.17 -55.42
C SER J 120 3.83 10.93 -56.76
N ALA J 121 4.49 11.98 -57.28
CA ALA J 121 5.28 11.87 -58.50
C ALA J 121 6.59 11.12 -58.21
N PRO J 122 7.21 10.53 -59.27
CA PRO J 122 8.42 9.71 -59.08
C PRO J 122 9.58 10.41 -58.37
N LEU J 123 10.38 9.62 -57.65
CA LEU J 123 11.54 10.14 -56.92
C LEU J 123 12.78 9.31 -57.26
N ILE J 124 13.81 9.99 -57.75
CA ILE J 124 15.07 9.33 -58.10
C ILE J 124 16.20 9.77 -57.16
N GLU J 125 16.74 8.80 -56.43
CA GLU J 125 17.88 9.01 -55.56
C GLU J 125 19.17 8.89 -56.38
N VAL J 126 20.04 9.87 -56.24
CA VAL J 126 21.27 9.93 -57.03
C VAL J 126 22.50 10.09 -56.14
N HIS J 127 23.52 9.28 -56.43
CA HIS J 127 24.86 9.48 -55.84
C HIS J 127 25.87 9.54 -56.97
N ILE J 128 26.81 10.47 -56.86
CA ILE J 128 27.85 10.66 -57.87
C ILE J 128 28.90 9.53 -57.82
N SER J 129 29.35 9.21 -56.62
CA SER J 129 30.33 8.13 -56.43
C SER J 129 29.65 6.79 -56.14
N ASN J 130 30.38 5.69 -56.33
CA ASN J 130 29.86 4.37 -56.02
C ASN J 130 29.85 4.16 -54.51
N VAL J 131 28.67 4.35 -53.92
CA VAL J 131 28.49 4.36 -52.48
C VAL J 131 28.78 2.99 -51.84
N HIS J 132 28.86 1.95 -52.66
CA HIS J 132 29.09 0.60 -52.18
C HIS J 132 30.57 0.20 -52.21
N ALA J 133 31.40 1.04 -52.81
CA ALA J 133 32.84 0.80 -52.88
C ALA J 133 33.59 1.61 -51.81
N ARG J 134 32.83 2.14 -50.85
CA ARG J 134 33.39 2.96 -49.78
C ARG J 134 33.03 2.33 -48.42
N GLU J 135 32.93 3.15 -47.37
CA GLU J 135 32.60 2.66 -46.02
C GLU J 135 31.23 1.97 -45.97
N GLU J 136 31.07 1.07 -45.00
CA GLU J 136 29.83 0.29 -44.86
C GLU J 136 28.58 1.09 -44.47
N PHE J 137 28.78 2.17 -43.72
CA PHE J 137 27.65 3.00 -43.28
C PHE J 137 26.99 3.76 -44.44
N ARG J 138 27.72 3.89 -45.54
CA ARG J 138 27.19 4.53 -46.75
C ARG J 138 26.32 3.58 -47.56
N ARG J 139 26.40 2.30 -47.23
CA ARG J 139 25.66 1.26 -47.95
C ARG J 139 24.23 1.07 -47.43
N HIS J 140 23.86 1.84 -46.41
CA HIS J 140 22.47 1.94 -46.00
C HIS J 140 21.89 3.30 -46.38
N SER J 141 20.67 3.29 -46.90
CA SER J 141 19.98 4.50 -47.31
C SER J 141 18.53 4.49 -46.80
N TYR J 142 18.15 5.55 -46.11
CA TYR J 142 16.77 5.74 -45.68
C TYR J 142 15.88 6.15 -46.86
N LEU J 143 16.50 6.70 -47.89
CA LEU J 143 15.78 7.19 -49.07
C LEU J 143 15.36 6.09 -50.03
N SER J 144 16.23 5.10 -50.22
CA SER J 144 16.05 4.06 -51.24
C SER J 144 14.73 3.28 -51.18
N PRO J 145 14.30 2.83 -49.97
CA PRO J 145 13.04 2.06 -49.90
C PRO J 145 11.81 2.81 -50.40
N ILE J 146 11.82 4.14 -50.32
CA ILE J 146 10.64 4.94 -50.70
C ILE J 146 10.79 5.67 -52.04
N ALA J 147 11.99 5.63 -52.60
CA ALA J 147 12.26 6.22 -53.92
C ALA J 147 11.82 5.27 -55.02
N THR J 148 11.47 5.82 -56.18
CA THR J 148 11.14 5.02 -57.35
C THR J 148 12.38 4.25 -57.82
N GLY J 149 13.53 4.92 -57.82
CA GLY J 149 14.79 4.32 -58.24
C GLY J 149 16.03 4.97 -57.67
N VAL J 150 17.16 4.29 -57.84
CA VAL J 150 18.44 4.76 -57.32
C VAL J 150 19.53 4.64 -58.38
N ILE J 151 20.24 5.73 -58.63
CA ILE J 151 21.41 5.73 -59.52
C ILE J 151 22.65 6.09 -58.71
N VAL J 152 23.68 5.24 -58.82
CA VAL J 152 24.90 5.36 -58.03
C VAL J 152 26.13 5.14 -58.90
N GLY J 153 27.18 5.94 -58.70
CA GLY J 153 28.49 5.71 -59.31
C GLY J 153 28.61 6.02 -60.80
N LEU J 154 27.60 6.67 -61.37
CA LEU J 154 27.62 7.06 -62.77
C LEU J 154 28.00 8.53 -62.95
N GLY J 155 28.59 9.09 -61.89
CA GLY J 155 29.09 10.45 -61.89
C GLY J 155 28.02 11.50 -62.08
N ILE J 156 28.43 12.64 -62.63
CA ILE J 156 27.55 13.79 -62.86
C ILE J 156 26.41 13.42 -63.83
N GLN J 157 26.66 12.42 -64.67
CA GLN J 157 25.69 11.97 -65.68
C GLN J 157 24.50 11.24 -65.06
N GLY J 158 24.62 10.88 -63.78
CA GLY J 158 23.52 10.25 -63.04
C GLY J 158 22.27 11.09 -63.02
N TYR J 159 22.44 12.42 -62.89
CA TYR J 159 21.34 13.38 -62.97
C TYR J 159 20.67 13.36 -64.33
N LEU J 160 21.47 13.30 -65.39
CA LEU J 160 20.98 13.37 -66.77
C LEU J 160 20.16 12.13 -67.13
N LEU J 161 20.63 10.97 -66.68
CA LEU J 161 19.93 9.70 -66.94
C LEU J 161 18.63 9.62 -66.14
N ALA J 162 18.63 10.23 -64.96
CA ALA J 162 17.43 10.35 -64.13
C ALA J 162 16.38 11.22 -64.80
N LEU J 163 16.83 12.31 -65.43
CA LEU J 163 15.95 13.18 -66.23
C LEU J 163 15.32 12.43 -67.40
N ARG J 164 16.13 11.61 -68.06
CA ARG J 164 15.68 10.84 -69.22
C ARG J 164 14.64 9.78 -68.87
N TYR J 165 14.77 9.21 -67.67
CA TYR J 165 13.77 8.29 -67.15
C TYR J 165 12.43 8.98 -66.99
N LEU J 166 12.45 10.19 -66.43
CA LEU J 166 11.24 10.95 -66.13
C LEU J 166 10.52 11.44 -67.40
N ALA J 167 11.28 11.73 -68.44
CA ALA J 167 10.72 12.15 -69.73
C ALA J 167 9.90 11.03 -70.37
N GLU J 168 10.29 9.79 -70.10
CA GLU J 168 9.55 8.61 -70.58
C GLU J 168 8.47 8.13 -69.61
N HIS J 169 8.30 8.85 -68.50
CA HIS J 169 7.31 8.52 -67.48
C HIS J 169 6.57 9.75 -66.97
N LEU K 29 -4.09 -35.46 -62.76
CA LEU K 29 -3.41 -34.50 -61.84
C LEU K 29 -1.98 -34.95 -61.56
N ILE K 30 -1.02 -34.10 -61.92
CA ILE K 30 0.40 -34.41 -61.76
C ILE K 30 1.12 -33.52 -60.75
N VAL K 31 1.95 -34.16 -59.93
CA VAL K 31 2.73 -33.48 -58.90
C VAL K 31 4.21 -33.67 -59.18
N ASN K 32 4.98 -32.58 -59.11
CA ASN K 32 6.41 -32.63 -59.37
C ASN K 32 7.23 -32.77 -58.08
N VAL K 33 8.05 -33.81 -58.03
CA VAL K 33 9.00 -34.00 -56.93
C VAL K 33 10.40 -33.67 -57.43
N ILE K 34 10.99 -32.62 -56.86
CA ILE K 34 12.29 -32.13 -57.30
C ILE K 34 13.33 -32.21 -56.19
N ASN K 35 14.42 -32.94 -56.47
CA ASN K 35 15.52 -33.06 -55.52
C ASN K 35 16.77 -32.32 -56.01
N GLY K 36 17.39 -31.60 -55.07
CA GLY K 36 18.57 -30.80 -55.38
C GLY K 36 19.88 -31.55 -55.25
N PRO K 37 21.00 -30.82 -55.17
CA PRO K 37 22.35 -31.38 -55.11
C PRO K 37 22.53 -32.43 -54.01
N ASN K 38 23.35 -33.44 -54.31
CA ASN K 38 23.70 -34.51 -53.37
C ASN K 38 22.60 -35.53 -53.04
N LEU K 39 21.38 -35.25 -53.50
CA LEU K 39 20.24 -36.12 -53.18
C LEU K 39 20.13 -37.36 -54.06
N GLY K 40 20.90 -37.40 -55.15
CA GLY K 40 21.09 -38.62 -55.91
C GLY K 40 22.00 -39.59 -55.17
N ARG K 41 22.64 -39.10 -54.11
CA ARG K 41 23.59 -39.88 -53.31
C ARG K 41 22.94 -40.57 -52.11
N LEU K 42 21.60 -40.61 -52.10
CA LEU K 42 20.85 -41.26 -51.01
C LEU K 42 21.21 -42.73 -50.87
N GLY K 43 21.46 -43.15 -49.64
CA GLY K 43 21.85 -44.53 -49.35
C GLY K 43 23.19 -44.62 -48.65
N ARG K 44 24.24 -44.13 -49.32
CA ARG K 44 25.59 -44.10 -48.76
C ARG K 44 25.77 -42.96 -47.75
N ARG K 45 25.55 -43.30 -46.47
CA ARG K 45 25.62 -42.34 -45.37
C ARG K 45 24.69 -42.71 -44.23
N GLU K 46 23.95 -41.72 -43.72
CA GLU K 46 22.99 -41.85 -42.61
C GLU K 46 23.66 -41.76 -41.24
N GLY K 51 19.04 -42.14 -43.83
CA GLY K 51 18.63 -43.54 -43.89
C GLY K 51 19.40 -44.35 -44.91
N GLY K 52 18.91 -45.56 -45.19
CA GLY K 52 19.56 -46.46 -46.15
C GLY K 52 18.73 -46.78 -47.37
N THR K 53 18.04 -45.77 -47.90
CA THR K 53 17.22 -45.91 -49.11
C THR K 53 17.85 -45.13 -50.25
N THR K 54 17.91 -45.74 -51.44
CA THR K 54 18.48 -45.10 -52.62
C THR K 54 17.46 -44.20 -53.32
N HIS K 55 17.94 -43.35 -54.22
CA HIS K 55 17.07 -42.44 -54.96
C HIS K 55 16.14 -43.17 -55.93
N ASP K 56 16.63 -44.27 -56.52
CA ASP K 56 15.81 -45.12 -57.39
C ASP K 56 14.62 -45.69 -56.61
N GLU K 57 14.91 -46.20 -55.42
CA GLU K 57 13.89 -46.76 -54.54
C GLU K 57 12.93 -45.68 -54.05
N LEU K 58 13.44 -44.47 -53.85
CA LEU K 58 12.61 -43.33 -53.48
C LEU K 58 11.64 -42.96 -54.60
N VAL K 59 12.12 -43.02 -55.85
CA VAL K 59 11.28 -42.79 -57.03
C VAL K 59 10.16 -43.84 -57.08
N ALA K 60 10.51 -45.09 -56.77
CA ALA K 60 9.55 -46.18 -56.72
C ALA K 60 8.51 -46.02 -55.60
N LEU K 61 8.97 -45.53 -54.44
CA LEU K 61 8.09 -45.29 -53.29
C LEU K 61 7.07 -44.18 -53.54
N ILE K 62 7.53 -43.11 -54.18
CA ILE K 62 6.68 -41.94 -54.47
C ILE K 62 5.63 -42.28 -55.54
N GLU K 63 6.05 -42.96 -56.60
CA GLU K 63 5.16 -43.35 -57.70
C GLU K 63 4.05 -44.31 -57.25
N ARG K 64 4.41 -45.28 -56.41
CA ARG K 64 3.46 -46.25 -55.85
C ARG K 64 2.42 -45.55 -54.96
N GLU K 65 2.88 -44.55 -54.21
CA GLU K 65 2.02 -43.78 -53.32
C GLU K 65 1.14 -42.79 -54.09
N ALA K 66 1.68 -42.24 -55.17
CA ALA K 66 0.96 -41.25 -55.99
C ALA K 66 -0.23 -41.86 -56.71
N ALA K 67 -0.02 -43.03 -57.30
CA ALA K 67 -1.07 -43.76 -58.01
C ALA K 67 -2.21 -44.16 -57.07
N GLU K 68 -1.85 -44.58 -55.86
CA GLU K 68 -2.80 -44.93 -54.81
C GLU K 68 -3.69 -43.75 -54.44
N LEU K 69 -3.11 -42.55 -54.43
CA LEU K 69 -3.83 -41.32 -54.09
C LEU K 69 -4.60 -40.72 -55.27
N GLY K 70 -4.38 -41.28 -56.46
CA GLY K 70 -5.01 -40.78 -57.68
C GLY K 70 -4.26 -39.60 -58.28
N LEU K 71 -2.94 -39.65 -58.16
CA LEU K 71 -2.06 -38.59 -58.67
C LEU K 71 -0.95 -39.17 -59.53
N LYS K 72 -0.27 -38.31 -60.28
CA LYS K 72 0.88 -38.72 -61.07
C LYS K 72 2.10 -37.97 -60.57
N ALA K 73 3.17 -38.71 -60.26
CA ALA K 73 4.38 -38.11 -59.72
C ALA K 73 5.56 -38.18 -60.67
N VAL K 74 6.14 -37.01 -60.95
CA VAL K 74 7.36 -36.92 -61.76
C VAL K 74 8.52 -36.56 -60.84
N VAL K 75 9.35 -37.57 -60.54
CA VAL K 75 10.47 -37.40 -59.62
C VAL K 75 11.78 -37.23 -60.38
N ARG K 76 12.42 -36.09 -60.18
CA ARG K 76 13.68 -35.77 -60.86
C ARG K 76 14.72 -35.17 -59.92
N GLN K 77 15.97 -35.54 -60.13
CA GLN K 77 17.09 -35.10 -59.31
C GLN K 77 18.20 -34.51 -60.17
N SER K 78 18.75 -33.38 -59.74
CA SER K 78 19.90 -32.76 -60.40
C SER K 78 20.81 -32.05 -59.41
N ASP K 79 22.11 -32.12 -59.66
CA ASP K 79 23.10 -31.35 -58.90
C ASP K 79 23.25 -29.96 -59.48
N SER K 80 22.70 -29.75 -60.68
CA SER K 80 22.76 -28.47 -61.37
C SER K 80 21.63 -27.54 -60.95
N GLU K 81 22.00 -26.36 -60.47
CA GLU K 81 21.02 -25.36 -60.05
C GLU K 81 20.17 -24.89 -61.24
N ALA K 82 20.83 -24.70 -62.39
CA ALA K 82 20.15 -24.28 -63.63
C ALA K 82 19.08 -25.27 -64.09
N GLN K 83 19.30 -26.55 -63.82
CA GLN K 83 18.33 -27.59 -64.16
C GLN K 83 17.11 -27.58 -63.24
N LEU K 84 17.34 -27.29 -61.96
CA LEU K 84 16.24 -27.17 -60.98
C LEU K 84 15.36 -25.95 -61.30
N LEU K 85 16.00 -24.85 -61.71
CA LEU K 85 15.29 -23.62 -62.08
C LEU K 85 14.40 -23.85 -63.30
N ASP K 86 14.90 -24.62 -64.25
CA ASP K 86 14.16 -24.95 -65.47
C ASP K 86 12.94 -25.83 -65.18
N TRP K 87 13.14 -26.83 -64.30
CA TRP K 87 12.04 -27.70 -63.87
C TRP K 87 10.96 -26.93 -63.12
N ILE K 88 11.37 -25.91 -62.36
CA ILE K 88 10.42 -25.06 -61.62
C ILE K 88 9.70 -24.08 -62.55
N HIS K 89 10.39 -23.61 -63.58
CA HIS K 89 9.77 -22.74 -64.59
C HIS K 89 8.64 -23.47 -65.33
N GLN K 90 8.89 -24.72 -65.70
CA GLN K 90 7.91 -25.55 -66.39
C GLN K 90 6.72 -25.86 -65.49
N ALA K 91 7.01 -26.14 -64.22
CA ALA K 91 5.97 -26.41 -63.22
C ALA K 91 5.05 -25.21 -63.02
N ALA K 92 5.63 -24.01 -63.09
CA ALA K 92 4.87 -22.77 -62.94
C ALA K 92 3.98 -22.51 -64.16
N ASP K 93 4.49 -22.82 -65.35
CA ASP K 93 3.74 -22.66 -66.59
C ASP K 93 2.57 -23.64 -66.69
N ALA K 94 2.79 -24.85 -66.18
CA ALA K 94 1.76 -25.90 -66.21
C ALA K 94 0.81 -25.81 -65.01
N ALA K 95 1.11 -24.89 -64.10
CA ALA K 95 0.35 -24.70 -62.84
C ALA K 95 0.26 -25.97 -62.00
N GLU K 96 1.37 -26.72 -61.94
CA GLU K 96 1.44 -27.97 -61.21
C GLU K 96 2.12 -27.77 -59.85
N PRO K 97 1.69 -28.54 -58.82
CA PRO K 97 2.31 -28.50 -57.49
C PRO K 97 3.76 -29.01 -57.50
N VAL K 98 4.55 -28.53 -56.54
CA VAL K 98 5.95 -28.92 -56.43
C VAL K 98 6.31 -29.33 -55.00
N ILE K 99 6.80 -30.56 -54.86
CA ILE K 99 7.44 -31.01 -53.62
C ILE K 99 8.93 -30.87 -53.86
N LEU K 100 9.59 -30.00 -53.09
CA LEU K 100 10.98 -29.65 -53.34
C LEU K 100 11.90 -29.90 -52.15
N ASN K 101 12.97 -30.68 -52.40
CA ASN K 101 14.07 -30.84 -51.48
C ASN K 101 15.33 -30.31 -52.14
N ALA K 102 15.65 -29.05 -51.87
CA ALA K 102 16.73 -28.34 -52.58
C ALA K 102 18.12 -28.72 -52.08
N GLY K 103 18.20 -29.54 -51.04
CA GLY K 103 19.47 -29.90 -50.43
C GLY K 103 20.12 -28.68 -49.82
N GLY K 104 21.41 -28.52 -50.04
CA GLY K 104 22.17 -27.38 -49.52
C GLY K 104 21.74 -26.04 -50.09
N LEU K 105 21.09 -26.05 -51.26
CA LEU K 105 20.63 -24.83 -51.93
C LEU K 105 19.51 -24.13 -51.18
N THR K 106 18.89 -24.85 -50.24
CA THR K 106 17.84 -24.30 -49.38
C THR K 106 18.32 -23.05 -48.65
N HIS K 107 19.58 -23.06 -48.24
CA HIS K 107 20.14 -22.05 -47.35
C HIS K 107 20.91 -20.96 -48.08
N THR K 108 21.19 -21.19 -49.37
CA THR K 108 22.13 -20.33 -50.10
C THR K 108 21.57 -19.64 -51.34
N SER K 109 20.52 -20.19 -51.94
CA SER K 109 20.07 -19.74 -53.26
C SER K 109 18.85 -18.83 -53.28
N VAL K 110 19.08 -17.56 -53.58
CA VAL K 110 18.00 -16.58 -53.78
C VAL K 110 17.32 -16.81 -55.13
N ALA K 111 18.10 -17.19 -56.14
CA ALA K 111 17.57 -17.47 -57.48
C ALA K 111 16.51 -18.57 -57.45
N LEU K 112 16.75 -19.62 -56.66
CA LEU K 112 15.82 -20.73 -56.53
C LEU K 112 14.54 -20.30 -55.83
N ARG K 113 14.66 -19.41 -54.86
CA ARG K 113 13.51 -18.81 -54.20
C ARG K 113 12.69 -17.96 -55.18
N ASP K 114 13.39 -17.19 -56.01
CA ASP K 114 12.74 -16.34 -57.02
C ASP K 114 11.98 -17.15 -58.06
N ALA K 115 12.52 -18.31 -58.44
CA ALA K 115 11.85 -19.23 -59.36
C ALA K 115 10.59 -19.84 -58.71
N CYS K 116 10.73 -20.28 -57.46
CA CYS K 116 9.63 -20.85 -56.71
C CYS K 116 8.52 -19.82 -56.40
N ALA K 117 8.89 -18.55 -56.39
CA ALA K 117 7.94 -17.45 -56.19
C ALA K 117 6.91 -17.35 -57.32
N GLU K 118 7.27 -17.88 -58.49
CA GLU K 118 6.37 -17.91 -59.66
C GLU K 118 5.22 -18.90 -59.49
N LEU K 119 5.43 -19.94 -58.69
CA LEU K 119 4.47 -21.04 -58.54
C LEU K 119 3.14 -20.59 -57.96
N SER K 120 2.07 -20.86 -58.71
CA SER K 120 0.71 -20.55 -58.27
C SER K 120 0.08 -21.76 -57.58
N ALA K 121 0.56 -22.95 -57.93
CA ALA K 121 0.16 -24.19 -57.26
C ALA K 121 1.02 -24.40 -56.01
N PRO K 122 0.48 -25.12 -55.00
CA PRO K 122 1.19 -25.26 -53.72
C PRO K 122 2.62 -25.77 -53.85
N LEU K 123 3.50 -25.28 -52.96
CA LEU K 123 4.88 -25.74 -52.88
C LEU K 123 5.16 -26.24 -51.46
N ILE K 124 5.62 -27.48 -51.36
CA ILE K 124 6.00 -28.04 -50.07
C ILE K 124 7.50 -28.36 -50.03
N GLU K 125 8.20 -27.69 -49.13
CA GLU K 125 9.61 -27.94 -48.87
C GLU K 125 9.75 -29.21 -48.03
N VAL K 126 10.75 -30.01 -48.35
CA VAL K 126 11.01 -31.26 -47.63
C VAL K 126 12.50 -31.38 -47.26
N HIS K 127 12.76 -31.71 -46.01
CA HIS K 127 14.10 -32.11 -45.58
C HIS K 127 13.97 -33.48 -44.92
N ILE K 128 14.93 -34.36 -45.23
CA ILE K 128 14.92 -35.73 -44.74
C ILE K 128 15.33 -35.79 -43.26
N SER K 129 16.44 -35.13 -42.93
CA SER K 129 16.91 -35.06 -41.56
C SER K 129 16.30 -33.85 -40.85
N ASN K 130 16.39 -33.83 -39.52
CA ASN K 130 15.95 -32.68 -38.75
C ASN K 130 16.99 -31.57 -38.84
N VAL K 131 16.69 -30.59 -39.70
CA VAL K 131 17.58 -29.50 -40.05
C VAL K 131 17.92 -28.59 -38.85
N HIS K 132 17.08 -28.64 -37.81
CA HIS K 132 17.26 -27.81 -36.62
C HIS K 132 18.07 -28.50 -35.52
N ALA K 133 18.37 -29.77 -35.72
CA ALA K 133 19.18 -30.54 -34.75
C ALA K 133 20.63 -30.68 -35.23
N ARG K 134 21.04 -29.79 -36.13
CA ARG K 134 22.38 -29.82 -36.72
C ARG K 134 23.05 -28.45 -36.59
N GLU K 135 23.83 -28.05 -37.60
CA GLU K 135 24.49 -26.74 -37.57
C GLU K 135 23.48 -25.60 -37.71
N GLU K 136 23.81 -24.46 -37.12
CA GLU K 136 22.91 -23.30 -37.10
C GLU K 136 22.57 -22.73 -38.47
N PHE K 137 23.53 -22.78 -39.40
CA PHE K 137 23.34 -22.23 -40.75
C PHE K 137 22.27 -22.99 -41.55
N ARG K 138 22.00 -24.23 -41.15
CA ARG K 138 20.95 -25.04 -41.76
C ARG K 138 19.56 -24.62 -41.27
N ARG K 139 19.53 -23.87 -40.16
CA ARG K 139 18.26 -23.46 -39.54
C ARG K 139 17.62 -22.25 -40.21
N HIS K 140 18.26 -21.74 -41.27
CA HIS K 140 17.65 -20.72 -42.11
C HIS K 140 17.38 -21.25 -43.52
N SER K 141 16.20 -20.94 -44.04
CA SER K 141 15.77 -21.37 -45.36
C SER K 141 15.26 -20.18 -46.18
N TYR K 142 15.78 -20.04 -47.40
CA TYR K 142 15.30 -19.04 -48.33
C TYR K 142 13.97 -19.45 -48.96
N LEU K 143 13.69 -20.74 -48.93
CA LEU K 143 12.50 -21.30 -49.57
C LEU K 143 11.26 -21.30 -48.68
N SER K 144 11.46 -21.47 -47.37
CA SER K 144 10.36 -21.58 -46.40
C SER K 144 9.34 -20.43 -46.42
N PRO K 145 9.81 -19.16 -46.44
CA PRO K 145 8.85 -18.05 -46.44
C PRO K 145 7.88 -18.02 -47.62
N ILE K 146 8.29 -18.57 -48.77
CA ILE K 146 7.45 -18.54 -49.97
C ILE K 146 6.75 -19.89 -50.25
N ALA K 147 7.14 -20.92 -49.51
CA ALA K 147 6.50 -22.23 -49.59
C ALA K 147 5.14 -22.21 -48.89
N THR K 148 4.27 -23.14 -49.28
CA THR K 148 2.99 -23.33 -48.59
C THR K 148 3.26 -23.93 -47.21
N GLY K 149 4.04 -25.02 -47.19
CA GLY K 149 4.38 -25.71 -45.96
C GLY K 149 5.74 -26.38 -46.00
N VAL K 150 6.25 -26.74 -44.83
CA VAL K 150 7.56 -27.39 -44.71
C VAL K 150 7.48 -28.65 -43.84
N ILE K 151 8.09 -29.72 -44.32
CA ILE K 151 8.20 -30.97 -43.57
C ILE K 151 9.68 -31.30 -43.36
N VAL K 152 10.08 -31.47 -42.11
CA VAL K 152 11.48 -31.64 -41.74
C VAL K 152 11.66 -32.76 -40.71
N GLY K 153 12.63 -33.64 -40.95
CA GLY K 153 13.02 -34.65 -39.98
C GLY K 153 12.17 -35.91 -39.93
N LEU K 154 11.28 -36.05 -40.90
CA LEU K 154 10.39 -37.22 -40.95
C LEU K 154 10.87 -38.26 -41.97
N GLY K 155 12.14 -38.14 -42.36
CA GLY K 155 12.78 -39.06 -43.28
C GLY K 155 12.16 -39.08 -44.67
N ILE K 156 12.24 -40.24 -45.32
CA ILE K 156 11.72 -40.46 -46.66
C ILE K 156 10.20 -40.30 -46.71
N GLN K 157 9.55 -40.63 -45.61
CA GLN K 157 8.08 -40.55 -45.50
C GLN K 157 7.56 -39.11 -45.64
N GLY K 158 8.46 -38.13 -45.46
CA GLY K 158 8.13 -36.72 -45.63
C GLY K 158 7.58 -36.40 -47.01
N TYR K 159 8.15 -37.04 -48.04
CA TYR K 159 7.68 -36.90 -49.42
C TYR K 159 6.25 -37.39 -49.59
N LEU K 160 5.95 -38.55 -49.00
CA LEU K 160 4.64 -39.19 -49.12
C LEU K 160 3.56 -38.40 -48.39
N LEU K 161 3.92 -37.85 -47.23
CA LEU K 161 3.02 -37.01 -46.45
C LEU K 161 2.73 -35.70 -47.19
N ALA K 162 3.72 -35.22 -47.94
CA ALA K 162 3.55 -34.02 -48.77
C ALA K 162 2.56 -34.28 -49.92
N LEU K 163 2.64 -35.46 -50.52
CA LEU K 163 1.72 -35.88 -51.59
C LEU K 163 0.29 -35.91 -51.10
N ARG K 164 0.09 -36.52 -49.94
CA ARG K 164 -1.24 -36.69 -49.34
C ARG K 164 -1.92 -35.35 -49.09
N TYR K 165 -1.14 -34.34 -48.67
CA TYR K 165 -1.64 -32.99 -48.50
C TYR K 165 -2.20 -32.42 -49.82
N LEU K 166 -1.50 -32.71 -50.91
CA LEU K 166 -1.87 -32.19 -52.22
C LEU K 166 -3.11 -32.85 -52.80
N ALA K 167 -3.30 -34.13 -52.49
CA ALA K 167 -4.51 -34.87 -52.87
C ALA K 167 -5.74 -34.25 -52.20
N GLU K 168 -5.57 -33.80 -50.96
CA GLU K 168 -6.61 -33.08 -50.22
C GLU K 168 -6.81 -31.65 -50.76
N HIS K 169 -5.71 -30.94 -50.98
CA HIS K 169 -5.75 -29.54 -51.43
C HIS K 169 -5.36 -29.41 -52.90
N LEU L 29 31.95 -0.40 -81.35
CA LEU L 29 32.12 -0.57 -79.88
C LEU L 29 31.08 -1.52 -79.30
N ILE L 30 31.55 -2.66 -78.80
CA ILE L 30 30.67 -3.71 -78.29
C ILE L 30 30.39 -3.53 -76.79
N VAL L 31 29.12 -3.65 -76.42
CA VAL L 31 28.69 -3.59 -75.03
C VAL L 31 27.95 -4.89 -74.67
N ASN L 32 28.41 -5.57 -73.63
CA ASN L 32 27.81 -6.84 -73.21
C ASN L 32 26.70 -6.66 -72.20
N VAL L 33 25.49 -7.06 -72.58
CA VAL L 33 24.35 -7.09 -71.68
C VAL L 33 24.13 -8.52 -71.23
N ILE L 34 24.41 -8.79 -69.96
CA ILE L 34 24.35 -10.14 -69.42
C ILE L 34 23.26 -10.25 -68.35
N ASN L 35 22.28 -11.12 -68.61
CA ASN L 35 21.19 -11.36 -67.67
C ASN L 35 21.30 -12.74 -67.01
N GLY L 36 21.12 -12.76 -65.69
CA GLY L 36 21.28 -13.98 -64.90
C GLY L 36 19.98 -14.75 -64.70
N PRO L 37 19.95 -15.64 -63.69
CA PRO L 37 18.83 -16.54 -63.42
C PRO L 37 17.46 -15.87 -63.38
N ASN L 38 16.47 -16.54 -63.94
CA ASN L 38 15.06 -16.13 -63.89
C ASN L 38 14.69 -14.92 -64.76
N LEU L 39 15.68 -14.34 -65.43
CA LEU L 39 15.46 -13.16 -66.27
C LEU L 39 15.05 -13.48 -67.70
N GLY L 40 15.15 -14.76 -68.06
CA GLY L 40 14.58 -15.25 -69.32
C GLY L 40 13.07 -15.35 -69.18
N ARG L 41 12.62 -15.39 -67.93
CA ARG L 41 11.20 -15.50 -67.58
C ARG L 41 10.51 -14.14 -67.44
N LEU L 42 11.14 -13.08 -67.94
CA LEU L 42 10.55 -11.75 -67.95
C LEU L 42 9.26 -11.74 -68.76
N GLY L 43 8.27 -11.00 -68.27
CA GLY L 43 6.91 -11.07 -68.81
C GLY L 43 6.04 -11.93 -67.92
N ARG L 44 6.56 -12.25 -66.74
CA ARG L 44 5.86 -12.98 -65.69
C ARG L 44 6.59 -12.78 -64.36
N ARG L 45 5.95 -13.19 -63.26
CA ARG L 45 6.51 -13.08 -61.90
C ARG L 45 6.42 -11.67 -61.28
N GLU L 46 6.18 -10.65 -62.12
CA GLU L 46 6.07 -9.28 -61.65
C GLU L 46 5.15 -8.44 -62.55
N GLY L 51 6.40 -4.67 -66.34
CA GLY L 51 5.15 -5.42 -66.29
C GLY L 51 5.22 -6.72 -67.07
N GLY L 52 4.84 -6.66 -68.34
CA GLY L 52 4.83 -7.85 -69.19
C GLY L 52 5.74 -7.75 -70.40
N THR L 53 6.96 -7.27 -70.19
CA THR L 53 7.97 -7.20 -71.24
C THR L 53 8.82 -8.46 -71.24
N THR L 54 8.76 -9.21 -72.34
CA THR L 54 9.50 -10.47 -72.48
C THR L 54 10.98 -10.20 -72.75
N HIS L 55 11.80 -11.23 -72.56
CA HIS L 55 13.25 -11.10 -72.77
C HIS L 55 13.61 -10.85 -74.23
N ASP L 56 12.85 -11.45 -75.14
CA ASP L 56 13.01 -11.21 -76.57
C ASP L 56 12.74 -9.74 -76.93
N GLU L 57 11.74 -9.15 -76.30
CA GLU L 57 11.42 -7.73 -76.44
C GLU L 57 12.52 -6.86 -75.84
N LEU L 58 13.13 -7.36 -74.77
CA LEU L 58 14.25 -6.67 -74.11
C LEU L 58 15.50 -6.65 -74.99
N VAL L 59 15.80 -7.79 -75.61
CA VAL L 59 16.90 -7.89 -76.56
C VAL L 59 16.70 -6.93 -77.73
N ALA L 60 15.50 -6.95 -78.30
CA ALA L 60 15.15 -6.11 -79.45
C ALA L 60 15.28 -4.61 -79.15
N LEU L 61 14.80 -4.19 -77.98
CA LEU L 61 14.84 -2.78 -77.58
C LEU L 61 16.25 -2.28 -77.24
N ILE L 62 17.07 -3.15 -76.64
CA ILE L 62 18.45 -2.82 -76.32
C ILE L 62 19.27 -2.66 -77.62
N GLU L 63 19.06 -3.56 -78.57
CA GLU L 63 19.74 -3.52 -79.87
C GLU L 63 19.37 -2.29 -80.71
N ARG L 64 18.10 -1.86 -80.61
CA ARG L 64 17.64 -0.63 -81.25
C ARG L 64 18.28 0.60 -80.61
N GLU L 65 18.37 0.60 -79.28
CA GLU L 65 18.96 1.69 -78.51
C GLU L 65 20.47 1.77 -78.73
N ALA L 66 21.11 0.61 -78.81
CA ALA L 66 22.55 0.51 -79.06
C ALA L 66 22.92 1.07 -80.44
N ALA L 67 22.11 0.73 -81.44
CA ALA L 67 22.31 1.21 -82.81
C ALA L 67 22.19 2.73 -82.91
N GLU L 68 21.23 3.30 -82.18
CA GLU L 68 21.03 4.74 -82.14
C GLU L 68 22.19 5.48 -81.47
N LEU L 69 22.83 4.82 -80.50
CA LEU L 69 23.94 5.41 -79.76
C LEU L 69 25.29 5.17 -80.42
N GLY L 70 25.31 4.34 -81.46
CA GLY L 70 26.54 4.00 -82.16
C GLY L 70 27.33 2.90 -81.48
N LEU L 71 26.60 1.92 -80.94
CA LEU L 71 27.19 0.79 -80.25
C LEU L 71 26.61 -0.52 -80.80
N LYS L 72 27.27 -1.63 -80.50
CA LYS L 72 26.75 -2.95 -80.79
C LYS L 72 26.55 -3.72 -79.48
N ALA L 73 25.30 -4.01 -79.15
CA ALA L 73 24.96 -4.71 -77.92
C ALA L 73 24.83 -6.21 -78.13
N VAL L 74 25.58 -6.98 -77.34
CA VAL L 74 25.45 -8.43 -77.29
C VAL L 74 24.69 -8.79 -76.02
N VAL L 75 23.43 -9.18 -76.20
CA VAL L 75 22.52 -9.47 -75.10
C VAL L 75 22.35 -10.98 -74.92
N ARG L 76 22.63 -11.47 -73.72
CA ARG L 76 22.58 -12.90 -73.43
C ARG L 76 22.00 -13.19 -72.04
N GLN L 77 21.31 -14.32 -71.92
CA GLN L 77 20.67 -14.73 -70.67
C GLN L 77 20.96 -16.20 -70.35
N SER L 78 21.22 -16.48 -69.07
CA SER L 78 21.43 -17.85 -68.61
C SER L 78 21.06 -18.04 -67.15
N ASP L 79 20.51 -19.21 -66.83
CA ASP L 79 20.24 -19.62 -65.46
C ASP L 79 21.47 -20.31 -64.83
N SER L 80 22.50 -20.51 -65.65
CA SER L 80 23.71 -21.21 -65.23
C SER L 80 24.80 -20.22 -64.81
N GLU L 81 25.33 -20.42 -63.60
CA GLU L 81 26.39 -19.58 -63.05
C GLU L 81 27.69 -19.70 -63.85
N ALA L 82 28.04 -20.93 -64.22
CA ALA L 82 29.25 -21.21 -65.00
C ALA L 82 29.24 -20.46 -66.34
N GLN L 83 28.07 -20.39 -66.97
CA GLN L 83 27.89 -19.71 -68.25
C GLN L 83 28.09 -18.20 -68.10
N LEU L 84 27.55 -17.64 -67.03
CA LEU L 84 27.72 -16.22 -66.71
C LEU L 84 29.17 -15.91 -66.41
N LEU L 85 29.83 -16.80 -65.68
CA LEU L 85 31.26 -16.69 -65.39
C LEU L 85 32.07 -16.64 -66.68
N ASP L 86 31.74 -17.55 -67.60
CA ASP L 86 32.41 -17.62 -68.90
C ASP L 86 32.21 -16.37 -69.75
N TRP L 87 30.97 -15.87 -69.82
CA TRP L 87 30.68 -14.64 -70.55
C TRP L 87 31.45 -13.43 -70.00
N ILE L 88 31.62 -13.39 -68.68
CA ILE L 88 32.38 -12.32 -68.03
C ILE L 88 33.89 -12.46 -68.28
N HIS L 89 34.39 -13.69 -68.30
CA HIS L 89 35.77 -13.96 -68.69
C HIS L 89 36.03 -13.43 -70.09
N GLN L 90 35.11 -13.73 -71.01
CA GLN L 90 35.18 -13.25 -72.39
C GLN L 90 35.23 -11.72 -72.47
N ALA L 91 34.40 -11.06 -71.65
CA ALA L 91 34.35 -9.60 -71.60
C ALA L 91 35.60 -8.97 -70.98
N ALA L 92 36.25 -9.71 -70.07
CA ALA L 92 37.52 -9.28 -69.51
C ALA L 92 38.65 -9.51 -70.51
N ASP L 93 38.62 -10.68 -71.14
CA ASP L 93 39.58 -11.08 -72.17
C ASP L 93 39.56 -10.12 -73.37
N ALA L 94 38.38 -9.60 -73.70
CA ALA L 94 38.21 -8.67 -74.82
C ALA L 94 38.15 -7.20 -74.38
N ALA L 95 38.26 -6.98 -73.06
CA ALA L 95 38.20 -5.63 -72.47
C ALA L 95 36.98 -4.83 -72.92
N GLU L 96 35.80 -5.44 -72.75
CA GLU L 96 34.54 -4.85 -73.21
C GLU L 96 33.62 -4.50 -72.03
N PRO L 97 32.90 -3.36 -72.15
CA PRO L 97 31.96 -2.92 -71.10
C PRO L 97 30.87 -3.96 -70.82
N VAL L 98 30.45 -4.05 -69.56
CA VAL L 98 29.43 -5.02 -69.14
C VAL L 98 28.26 -4.34 -68.43
N ILE L 99 27.06 -4.58 -68.94
CA ILE L 99 25.83 -4.27 -68.22
C ILE L 99 25.30 -5.59 -67.66
N LEU L 100 25.27 -5.70 -66.34
CA LEU L 100 24.98 -6.98 -65.69
C LEU L 100 23.78 -6.92 -64.74
N ASN L 101 22.81 -7.78 -65.00
CA ASN L 101 21.72 -8.06 -64.06
C ASN L 101 21.83 -9.54 -63.68
N ALA L 102 22.38 -9.78 -62.50
CA ALA L 102 22.72 -11.14 -62.07
C ALA L 102 21.56 -11.91 -61.44
N GLY L 103 20.43 -11.24 -61.26
CA GLY L 103 19.27 -11.83 -60.59
C GLY L 103 19.62 -12.18 -59.16
N GLY L 104 19.19 -13.36 -58.72
CA GLY L 104 19.44 -13.84 -57.36
C GLY L 104 20.91 -13.99 -57.00
N LEU L 105 21.76 -14.16 -58.01
CA LEU L 105 23.20 -14.35 -57.79
C LEU L 105 23.90 -13.07 -57.33
N THR L 106 23.18 -11.95 -57.43
CA THR L 106 23.66 -10.66 -56.96
C THR L 106 24.02 -10.70 -55.47
N HIS L 107 23.13 -11.32 -54.69
CA HIS L 107 23.23 -11.33 -53.23
C HIS L 107 24.00 -12.54 -52.69
N THR L 108 24.39 -13.46 -53.57
CA THR L 108 24.90 -14.76 -53.13
C THR L 108 26.28 -15.16 -53.64
N SER L 109 26.58 -14.80 -54.90
CA SER L 109 27.73 -15.36 -55.60
C SER L 109 29.03 -14.56 -55.45
N VAL L 110 29.97 -15.09 -54.68
CA VAL L 110 31.31 -14.53 -54.57
C VAL L 110 32.10 -14.81 -55.85
N ALA L 111 31.89 -16.00 -56.42
CA ALA L 111 32.53 -16.40 -57.67
C ALA L 111 32.31 -15.36 -58.78
N LEU L 112 31.05 -14.98 -58.96
CA LEU L 112 30.67 -13.97 -59.95
C LEU L 112 31.35 -12.63 -59.68
N ARG L 113 31.43 -12.24 -58.41
CA ARG L 113 32.14 -11.04 -57.99
C ARG L 113 33.62 -11.10 -58.38
N ASP L 114 34.26 -12.24 -58.08
CA ASP L 114 35.67 -12.44 -58.42
C ASP L 114 35.91 -12.37 -59.94
N ALA L 115 35.01 -12.98 -60.71
CA ALA L 115 35.06 -12.89 -62.17
C ALA L 115 34.95 -11.44 -62.65
N CYS L 116 34.01 -10.70 -62.08
CA CYS L 116 33.77 -9.30 -62.44
C CYS L 116 34.93 -8.38 -62.05
N ALA L 117 35.66 -8.75 -61.00
CA ALA L 117 36.82 -7.98 -60.53
C ALA L 117 37.94 -7.96 -61.56
N GLU L 118 37.95 -8.95 -62.45
CA GLU L 118 38.97 -9.05 -63.50
C GLU L 118 38.74 -8.06 -64.65
N LEU L 119 37.50 -7.57 -64.78
CA LEU L 119 37.12 -6.64 -65.85
C LEU L 119 37.87 -5.31 -65.73
N SER L 120 38.45 -4.88 -66.85
CA SER L 120 39.16 -3.60 -66.89
C SER L 120 38.26 -2.50 -67.46
N ALA L 121 37.28 -2.89 -68.27
CA ALA L 121 36.30 -1.95 -68.82
C ALA L 121 35.15 -1.75 -67.82
N PRO L 122 34.41 -0.64 -67.96
CA PRO L 122 33.33 -0.32 -67.01
C PRO L 122 32.29 -1.43 -66.82
N LEU L 123 31.69 -1.49 -65.64
CA LEU L 123 30.65 -2.45 -65.31
C LEU L 123 29.48 -1.77 -64.61
N ILE L 124 28.29 -1.91 -65.18
CA ILE L 124 27.09 -1.35 -64.56
C ILE L 124 26.15 -2.46 -64.11
N GLU L 125 25.81 -2.44 -62.82
CA GLU L 125 24.88 -3.38 -62.23
C GLU L 125 23.44 -2.86 -62.37
N VAL L 126 22.54 -3.73 -62.80
CA VAL L 126 21.16 -3.34 -63.06
C VAL L 126 20.16 -4.21 -62.31
N HIS L 127 19.19 -3.56 -61.68
CA HIS L 127 18.02 -4.22 -61.13
C HIS L 127 16.78 -3.53 -61.68
N ILE L 128 15.84 -4.32 -62.18
CA ILE L 128 14.60 -3.80 -62.75
C ILE L 128 13.69 -3.25 -61.66
N SER L 129 13.47 -4.04 -60.61
CA SER L 129 12.68 -3.61 -59.46
C SER L 129 13.54 -2.83 -58.46
N ASN L 130 12.89 -2.06 -57.61
CA ASN L 130 13.59 -1.40 -56.51
C ASN L 130 13.89 -2.45 -55.44
N VAL L 131 15.17 -2.80 -55.34
CA VAL L 131 15.63 -3.88 -54.49
C VAL L 131 15.57 -3.51 -52.99
N HIS L 132 15.39 -2.22 -52.71
CA HIS L 132 15.40 -1.71 -51.34
C HIS L 132 14.01 -1.56 -50.73
N ALA L 133 12.98 -1.74 -51.57
CA ALA L 133 11.59 -1.72 -51.11
C ALA L 133 11.04 -3.14 -50.96
N ARG L 134 11.95 -4.11 -50.88
CA ARG L 134 11.58 -5.53 -50.74
C ARG L 134 12.24 -6.13 -49.49
N GLU L 135 12.53 -7.43 -49.53
CA GLU L 135 13.17 -8.11 -48.40
C GLU L 135 14.55 -7.54 -48.09
N GLU L 136 14.92 -7.59 -46.81
CA GLU L 136 16.16 -6.99 -46.33
C GLU L 136 17.42 -7.67 -46.85
N PHE L 137 17.32 -8.96 -47.21
CA PHE L 137 18.46 -9.68 -47.76
C PHE L 137 18.84 -9.24 -49.18
N ARG L 138 17.91 -8.56 -49.84
CA ARG L 138 18.13 -8.05 -51.19
C ARG L 138 18.89 -6.72 -51.20
N ARG L 139 19.04 -6.12 -50.02
CA ARG L 139 19.71 -4.83 -49.90
C ARG L 139 21.24 -4.94 -49.79
N HIS L 140 21.75 -6.17 -49.86
CA HIS L 140 23.19 -6.41 -49.94
C HIS L 140 23.55 -7.05 -51.28
N SER L 141 24.66 -6.59 -51.85
CA SER L 141 25.14 -7.07 -53.14
C SER L 141 26.65 -7.26 -53.10
N TYR L 142 27.11 -8.41 -53.62
CA TYR L 142 28.53 -8.67 -53.74
C TYR L 142 29.14 -7.95 -54.95
N LEU L 143 28.30 -7.61 -55.92
CA LEU L 143 28.74 -7.01 -57.17
C LEU L 143 28.90 -5.49 -57.09
N SER L 144 28.03 -4.84 -56.32
CA SER L 144 28.02 -3.38 -56.19
C SER L 144 29.37 -2.74 -55.82
N PRO L 145 30.09 -3.31 -54.82
CA PRO L 145 31.40 -2.74 -54.47
C PRO L 145 32.45 -2.75 -55.59
N ILE L 146 32.31 -3.66 -56.55
CA ILE L 146 33.29 -3.79 -57.63
C ILE L 146 32.82 -3.26 -59.00
N ALA L 147 31.56 -2.83 -59.05
CA ALA L 147 30.99 -2.22 -60.26
C ALA L 147 31.39 -0.74 -60.38
N THR L 148 31.28 -0.19 -61.59
CA THR L 148 31.46 1.25 -61.80
C THR L 148 30.30 1.99 -61.16
N GLY L 149 29.08 1.53 -61.45
CA GLY L 149 27.86 2.10 -60.91
C GLY L 149 26.73 1.10 -60.86
N VAL L 150 25.63 1.50 -60.23
CA VAL L 150 24.46 0.63 -60.05
C VAL L 150 23.17 1.38 -60.37
N ILE L 151 22.31 0.76 -61.18
CA ILE L 151 20.98 1.30 -61.46
C ILE L 151 19.91 0.35 -60.92
N VAL L 152 19.02 0.92 -60.11
CA VAL L 152 18.01 0.14 -59.40
C VAL L 152 16.61 0.76 -59.54
N GLY L 153 15.63 -0.07 -59.88
CA GLY L 153 14.22 0.31 -59.80
C GLY L 153 13.65 1.19 -60.91
N LEU L 154 14.43 1.41 -61.97
CA LEU L 154 13.98 2.23 -63.09
C LEU L 154 13.39 1.36 -64.20
N GLY L 155 12.93 0.16 -63.82
CA GLY L 155 12.34 -0.79 -64.76
C GLY L 155 13.31 -1.26 -65.81
N ILE L 156 12.75 -1.64 -66.97
CA ILE L 156 13.53 -2.14 -68.09
C ILE L 156 14.39 -1.04 -68.74
N GLN L 157 14.06 0.22 -68.43
CA GLN L 157 14.77 1.38 -68.97
C GLN L 157 16.16 1.54 -68.34
N GLY L 158 16.37 0.87 -67.21
CA GLY L 158 17.68 0.85 -66.54
C GLY L 158 18.79 0.36 -67.44
N TYR L 159 18.50 -0.66 -68.24
CA TYR L 159 19.44 -1.17 -69.26
C TYR L 159 19.78 -0.10 -70.29
N LEU L 160 18.77 0.63 -70.75
CA LEU L 160 18.93 1.63 -71.80
C LEU L 160 19.74 2.84 -71.32
N LEU L 161 19.53 3.24 -70.08
CA LEU L 161 20.28 4.34 -69.48
C LEU L 161 21.73 3.95 -69.20
N ALA L 162 21.94 2.67 -68.91
CA ALA L 162 23.29 2.12 -68.72
C ALA L 162 24.10 2.18 -70.02
N LEU L 163 23.44 1.89 -71.14
CA LEU L 163 24.04 2.01 -72.47
C LEU L 163 24.47 3.44 -72.77
N ARG L 164 23.60 4.39 -72.43
CA ARG L 164 23.85 5.81 -72.70
C ARG L 164 25.04 6.34 -71.91
N TYR L 165 25.20 5.87 -70.67
CA TYR L 165 26.38 6.19 -69.86
C TYR L 165 27.65 5.73 -70.57
N LEU L 166 27.61 4.52 -71.12
CA LEU L 166 28.75 3.91 -71.79
C LEU L 166 29.08 4.53 -73.15
N ALA L 167 28.17 5.35 -73.67
CA ALA L 167 28.41 6.06 -74.93
C ALA L 167 29.43 7.18 -74.77
N GLU L 168 29.57 7.69 -73.54
CA GLU L 168 30.56 8.72 -73.21
C GLU L 168 31.71 8.20 -72.33
N HIS L 169 31.78 6.89 -72.14
CA HIS L 169 32.70 6.29 -71.18
C HIS L 169 33.32 4.97 -71.69
N VAL L 170 34.46 4.49 -71.15
CA VAL L 170 35.24 5.07 -70.04
C VAL L 170 34.51 5.08 -68.69
N ASN M 19 -11.29 48.34 31.92
CA ASN M 19 -10.57 47.13 31.44
C ASN M 19 -11.33 46.51 30.25
N LEU M 20 -11.03 47.01 29.04
CA LEU M 20 -11.77 46.67 27.79
C LEU M 20 -13.25 47.09 27.80
N TYR M 21 -13.59 47.88 28.83
CA TYR M 21 -14.90 48.48 28.97
C TYR M 21 -14.73 49.86 29.61
N PHE M 22 -15.71 50.74 29.42
CA PHE M 22 -15.70 52.04 30.07
C PHE M 22 -16.35 51.97 31.45
N GLN M 23 -15.60 52.42 32.47
CA GLN M 23 -16.10 52.49 33.83
C GLN M 23 -15.80 53.85 34.44
N SER M 24 -16.85 54.61 34.72
CA SER M 24 -16.73 55.89 35.43
C SER M 24 -16.01 55.73 36.77
N HIS M 25 -15.35 56.80 37.22
CA HIS M 25 -14.65 56.80 38.52
C HIS M 25 -15.61 56.58 39.69
N MET M 26 -16.90 56.85 39.46
CA MET M 26 -17.93 56.72 40.49
C MET M 26 -18.71 55.40 40.40
N SER M 27 -18.60 54.72 39.26
CA SER M 27 -19.33 53.46 39.01
C SER M 27 -18.83 52.31 39.87
N GLU M 28 -17.53 52.33 40.17
CA GLU M 28 -16.87 51.31 40.98
C GLU M 28 -17.38 51.29 42.43
N LEU M 29 -17.91 52.43 42.88
CA LEU M 29 -18.37 52.61 44.26
C LEU M 29 -19.87 52.32 44.45
N ILE M 30 -20.60 52.17 43.35
CA ILE M 30 -22.04 51.92 43.40
C ILE M 30 -22.34 50.42 43.27
N VAL M 31 -22.82 49.83 44.37
CA VAL M 31 -23.05 48.39 44.45
C VAL M 31 -24.53 48.04 44.31
N ASN M 32 -24.85 47.26 43.28
CA ASN M 32 -26.21 46.80 43.06
C ASN M 32 -26.46 45.46 43.73
N VAL M 33 -27.27 45.47 44.79
CA VAL M 33 -27.69 44.25 45.44
C VAL M 33 -29.03 43.83 44.86
N ILE M 34 -29.02 42.70 44.16
CA ILE M 34 -30.21 42.21 43.45
C ILE M 34 -30.67 40.89 44.07
N ASN M 35 -31.91 40.89 44.56
CA ASN M 35 -32.52 39.70 45.15
C ASN M 35 -33.62 39.14 44.26
N GLY M 36 -33.56 37.84 44.01
CA GLY M 36 -34.51 37.16 43.14
C GLY M 36 -35.78 36.70 43.85
N PRO M 37 -36.54 35.80 43.20
CA PRO M 37 -37.83 35.28 43.69
C PRO M 37 -37.81 34.79 45.14
N ASN M 38 -38.91 35.05 45.85
CA ASN M 38 -39.13 34.59 47.23
C ASN M 38 -38.28 35.29 48.30
N LEU M 39 -37.43 36.22 47.89
CA LEU M 39 -36.54 36.91 48.83
C LEU M 39 -37.13 38.17 49.43
N GLY M 40 -38.18 38.70 48.81
CA GLY M 40 -38.98 39.77 49.40
C GLY M 40 -39.84 39.22 50.53
N ARG M 41 -39.69 37.92 50.80
CA ARG M 41 -40.49 37.20 51.77
C ARG M 41 -39.69 36.84 53.02
N LEU M 42 -38.44 37.29 53.06
CA LEU M 42 -37.57 37.05 54.22
C LEU M 42 -38.22 37.57 55.49
N GLY M 43 -38.30 36.71 56.50
CA GLY M 43 -38.95 37.06 57.75
C GLY M 43 -39.91 35.98 58.23
N ARG M 44 -40.87 35.61 57.38
CA ARG M 44 -41.88 34.63 57.74
C ARG M 44 -41.54 33.22 57.24
N GLY M 51 -33.75 33.21 60.15
CA GLY M 51 -34.68 33.82 59.21
C GLY M 51 -35.72 34.70 59.88
N GLY M 52 -35.25 35.63 60.69
CA GLY M 52 -36.15 36.54 61.42
C GLY M 52 -36.20 37.94 60.83
N THR M 53 -35.06 38.41 60.32
CA THR M 53 -34.94 39.75 59.75
C THR M 53 -35.64 39.88 58.40
N THR M 54 -36.47 40.91 58.26
CA THR M 54 -37.24 41.14 57.03
C THR M 54 -36.40 41.76 55.93
N HIS M 55 -36.96 41.84 54.72
CA HIS M 55 -36.26 42.42 53.57
C HIS M 55 -36.03 43.92 53.72
N ASP M 56 -37.01 44.62 54.30
CA ASP M 56 -36.88 46.05 54.60
C ASP M 56 -35.72 46.32 55.55
N GLU M 57 -35.59 45.48 56.58
CA GLU M 57 -34.48 45.55 57.53
C GLU M 57 -33.16 45.20 56.86
N LEU M 58 -33.21 44.25 55.91
CA LEU M 58 -32.05 43.86 55.11
C LEU M 58 -31.53 45.03 54.29
N VAL M 59 -32.44 45.76 53.64
CA VAL M 59 -32.11 46.94 52.85
C VAL M 59 -31.39 47.99 53.70
N ALA M 60 -31.94 48.25 54.90
CA ALA M 60 -31.36 49.21 55.83
C ALA M 60 -30.00 48.76 56.36
N LEU M 61 -29.84 47.46 56.56
CA LEU M 61 -28.56 46.89 57.01
C LEU M 61 -27.47 47.05 55.97
N ILE M 62 -27.81 46.80 54.70
CA ILE M 62 -26.85 46.91 53.60
C ILE M 62 -26.45 48.36 53.37
N GLU M 63 -27.45 49.24 53.21
CA GLU M 63 -27.22 50.67 53.00
C GLU M 63 -26.29 51.30 54.03
N ARG M 64 -26.52 50.97 55.31
CA ARG M 64 -25.72 51.48 56.42
C ARG M 64 -24.28 50.95 56.38
N GLU M 65 -24.13 49.66 56.09
CA GLU M 65 -22.82 49.02 56.01
C GLU M 65 -22.03 49.49 54.79
N ALA M 66 -22.73 49.74 53.69
CA ALA M 66 -22.10 50.26 52.47
C ALA M 66 -21.59 51.68 52.69
N ALA M 67 -22.35 52.48 53.44
CA ALA M 67 -21.97 53.85 53.78
C ALA M 67 -20.71 53.90 54.64
N GLU M 68 -20.58 52.94 55.56
CA GLU M 68 -19.40 52.81 56.41
C GLU M 68 -18.14 52.45 55.61
N LEU M 69 -18.32 51.64 54.59
CA LEU M 69 -17.20 51.17 53.76
C LEU M 69 -16.80 52.19 52.68
N GLY M 70 -17.62 53.22 52.51
CA GLY M 70 -17.38 54.26 51.50
C GLY M 70 -18.00 53.93 50.17
N LEU M 71 -19.17 53.29 50.21
CA LEU M 71 -19.88 52.86 49.01
C LEU M 71 -21.33 53.32 49.04
N LYS M 72 -21.98 53.25 47.89
CA LYS M 72 -23.42 53.48 47.78
C LYS M 72 -24.09 52.19 47.34
N ALA M 73 -25.12 51.78 48.07
CA ALA M 73 -25.83 50.53 47.77
C ALA M 73 -27.23 50.78 47.25
N VAL M 74 -27.58 50.07 46.18
CA VAL M 74 -28.94 50.07 45.65
C VAL M 74 -29.49 48.65 45.77
N VAL M 75 -30.40 48.44 46.73
CA VAL M 75 -30.96 47.13 47.01
C VAL M 75 -32.36 47.00 46.42
N ARG M 76 -32.53 46.01 45.53
CA ARG M 76 -33.81 45.79 44.87
C ARG M 76 -34.17 44.31 44.79
N GLN M 77 -35.47 44.02 44.88
CA GLN M 77 -35.99 42.66 44.86
C GLN M 77 -37.12 42.51 43.86
N SER M 78 -37.11 41.40 43.13
CA SER M 78 -38.20 41.06 42.20
C SER M 78 -38.39 39.55 42.07
N ASP M 79 -39.64 39.15 41.86
CA ASP M 79 -39.97 37.76 41.56
C ASP M 79 -39.92 37.49 40.06
N SER M 80 -39.86 38.58 39.28
CA SER M 80 -39.87 38.51 37.83
C SER M 80 -38.45 38.33 37.28
N GLU M 81 -38.29 37.29 36.46
CA GLU M 81 -37.00 37.01 35.82
C GLU M 81 -36.61 38.13 34.87
N ALA M 82 -37.58 38.62 34.09
CA ALA M 82 -37.37 39.73 33.16
C ALA M 82 -36.88 41.00 33.86
N GLN M 83 -37.45 41.29 35.02
CA GLN M 83 -37.07 42.46 35.82
C GLN M 83 -35.63 42.35 36.32
N LEU M 84 -35.24 41.15 36.73
CA LEU M 84 -33.88 40.89 37.16
C LEU M 84 -32.90 41.01 35.99
N LEU M 85 -33.31 40.53 34.82
CA LEU M 85 -32.51 40.64 33.60
C LEU M 85 -32.25 42.09 33.23
N ASP M 86 -33.29 42.92 33.32
CA ASP M 86 -33.19 44.35 33.07
C ASP M 86 -32.19 45.03 34.00
N TRP M 87 -32.26 44.71 35.29
CA TRP M 87 -31.34 45.26 36.29
C TRP M 87 -29.90 44.84 36.07
N ILE M 88 -29.69 43.59 35.65
CA ILE M 88 -28.37 43.08 35.32
C ILE M 88 -27.80 43.81 34.08
N HIS M 89 -28.66 44.02 33.08
CA HIS M 89 -28.26 44.77 31.88
C HIS M 89 -27.76 46.17 32.23
N GLN M 90 -28.49 46.86 33.10
CA GLN M 90 -28.13 48.20 33.57
C GLN M 90 -26.77 48.21 34.28
N ALA M 91 -26.51 47.20 35.10
CA ALA M 91 -25.25 47.09 35.84
C ALA M 91 -24.08 46.72 34.95
N ALA M 92 -24.35 45.96 33.89
CA ALA M 92 -23.35 45.64 32.88
C ALA M 92 -22.98 46.89 32.09
N ASP M 93 -24.00 47.64 31.67
CA ASP M 93 -23.81 48.86 30.89
C ASP M 93 -23.10 49.96 31.68
N ALA M 94 -23.48 50.12 32.95
CA ALA M 94 -22.89 51.16 33.80
C ALA M 94 -21.59 50.71 34.47
N ALA M 95 -21.22 49.44 34.26
CA ALA M 95 -20.03 48.83 34.86
C ALA M 95 -20.04 48.95 36.40
N GLU M 96 -21.16 48.59 37.00
CA GLU M 96 -21.36 48.65 38.44
C GLU M 96 -21.33 47.24 39.03
N PRO M 97 -20.63 47.06 40.17
CA PRO M 97 -20.57 45.79 40.89
C PRO M 97 -21.95 45.25 41.26
N VAL M 98 -22.12 43.92 41.13
CA VAL M 98 -23.36 43.27 41.50
C VAL M 98 -23.14 42.25 42.62
N ILE M 99 -24.00 42.30 43.64
CA ILE M 99 -24.16 41.22 44.61
C ILE M 99 -25.50 40.57 44.30
N LEU M 100 -25.48 39.29 43.96
CA LEU M 100 -26.68 38.61 43.46
C LEU M 100 -27.10 37.38 44.26
N ASN M 101 -28.35 37.39 44.70
CA ASN M 101 -29.02 36.21 45.22
C ASN M 101 -30.24 35.99 44.36
N ALA M 102 -30.15 35.01 43.46
CA ALA M 102 -31.18 34.80 42.45
C ALA M 102 -32.30 33.87 42.92
N GLY M 103 -32.17 33.36 44.14
CA GLY M 103 -33.13 32.40 44.68
C GLY M 103 -33.11 31.12 43.87
N GLY M 104 -34.29 30.60 43.56
CA GLY M 104 -34.43 29.37 42.78
C GLY M 104 -33.85 29.42 41.38
N LEU M 105 -33.76 30.62 40.81
CA LEU M 105 -33.28 30.82 39.45
C LEU M 105 -31.79 30.52 39.30
N THR M 106 -31.08 30.49 40.43
CA THR M 106 -29.67 30.10 40.48
C THR M 106 -29.43 28.76 39.78
N HIS M 107 -30.35 27.82 40.00
CA HIS M 107 -30.18 26.45 39.54
C HIS M 107 -30.85 26.18 38.19
N THR M 108 -31.61 27.15 37.68
CA THR M 108 -32.46 26.91 36.51
C THR M 108 -32.21 27.80 35.30
N SER M 109 -31.82 29.06 35.54
CA SER M 109 -31.85 30.08 34.48
C SER M 109 -30.54 30.29 33.72
N VAL M 110 -30.54 29.86 32.46
CA VAL M 110 -29.43 30.11 31.54
C VAL M 110 -29.46 31.57 31.08
N ALA M 111 -30.66 32.09 30.87
CA ALA M 111 -30.86 33.49 30.48
C ALA M 111 -30.20 34.46 31.47
N LEU M 112 -30.37 34.20 32.76
CA LEU M 112 -29.75 35.01 33.80
C LEU M 112 -28.24 34.83 33.83
N ARG M 113 -27.78 33.60 33.64
CA ARG M 113 -26.35 33.32 33.52
C ARG M 113 -25.73 34.11 32.37
N ASP M 114 -26.39 34.10 31.22
CA ASP M 114 -25.89 34.79 30.02
C ASP M 114 -25.85 36.30 30.20
N ALA M 115 -26.84 36.86 30.89
CA ALA M 115 -26.88 38.28 31.19
C ALA M 115 -25.81 38.68 32.21
N CYS M 116 -25.59 37.81 33.20
CA CYS M 116 -24.56 38.04 34.22
C CYS M 116 -23.15 37.86 33.65
N ALA M 117 -23.04 37.16 32.52
CA ALA M 117 -21.76 37.00 31.82
C ALA M 117 -21.31 38.30 31.15
N GLU M 118 -22.26 39.19 30.88
CA GLU M 118 -21.97 40.51 30.31
C GLU M 118 -21.31 41.45 31.32
N LEU M 119 -21.53 41.19 32.61
CA LEU M 119 -21.02 42.06 33.68
C LEU M 119 -19.51 42.22 33.62
N SER M 120 -19.06 43.47 33.65
CA SER M 120 -17.64 43.78 33.56
C SER M 120 -17.05 44.05 34.95
N ALA M 121 -17.82 44.70 35.81
CA ALA M 121 -17.45 44.86 37.22
C ALA M 121 -17.75 43.56 37.96
N PRO M 122 -17.15 43.36 39.16
CA PRO M 122 -17.29 42.08 39.86
C PRO M 122 -18.74 41.65 40.12
N LEU M 123 -18.93 40.33 40.21
CA LEU M 123 -20.20 39.74 40.57
C LEU M 123 -19.97 38.75 41.71
N ILE M 124 -20.65 38.97 42.84
CA ILE M 124 -20.59 38.03 43.95
C ILE M 124 -21.95 37.36 44.14
N GLU M 125 -21.95 36.02 44.09
CA GLU M 125 -23.15 35.24 44.32
C GLU M 125 -23.32 34.99 45.81
N VAL M 126 -24.52 35.29 46.32
CA VAL M 126 -24.81 35.13 47.74
C VAL M 126 -25.99 34.20 47.97
N HIS M 127 -25.82 33.27 48.90
CA HIS M 127 -26.91 32.44 49.39
C HIS M 127 -26.97 32.54 50.91
N ILE M 128 -28.18 32.66 51.44
CA ILE M 128 -28.37 32.81 52.88
C ILE M 128 -28.15 31.49 53.62
N SER M 129 -28.86 30.44 53.19
CA SER M 129 -28.70 29.11 53.77
C SER M 129 -27.54 28.38 53.11
N ASN M 130 -27.03 27.34 53.78
CA ASN M 130 -26.01 26.48 53.17
C ASN M 130 -26.65 25.61 52.09
N VAL M 131 -26.46 26.04 50.85
CA VAL M 131 -27.11 25.44 49.69
C VAL M 131 -26.65 23.98 49.44
N HIS M 132 -25.56 23.58 50.12
CA HIS M 132 -24.99 22.24 49.95
C HIS M 132 -25.47 21.25 51.02
N ALA M 133 -26.18 21.75 52.03
CA ALA M 133 -26.70 20.91 53.11
C ALA M 133 -28.18 20.57 52.91
N ARG M 134 -28.71 20.87 51.72
CA ARG M 134 -30.12 20.66 51.42
C ARG M 134 -30.28 19.60 50.31
N GLU M 135 -31.22 19.83 49.39
CA GLU M 135 -31.44 18.92 48.26
C GLU M 135 -30.26 18.95 47.30
N GLU M 136 -30.12 17.89 46.51
CA GLU M 136 -28.98 17.72 45.61
C GLU M 136 -29.00 18.71 44.45
N PHE M 137 -30.19 19.10 44.01
CA PHE M 137 -30.33 20.01 42.85
C PHE M 137 -29.91 21.44 43.15
N ARG M 138 -29.85 21.79 44.44
CA ARG M 138 -29.39 23.10 44.87
C ARG M 138 -27.87 23.24 44.82
N ARG M 139 -27.19 22.09 44.71
CA ARG M 139 -25.73 22.05 44.74
C ARG M 139 -25.06 22.38 43.40
N HIS M 140 -25.88 22.54 42.36
CA HIS M 140 -25.40 23.06 41.08
C HIS M 140 -25.92 24.48 40.86
N SER M 141 -25.04 25.34 40.33
CA SER M 141 -25.36 26.73 40.07
C SER M 141 -24.88 27.16 38.68
N TYR M 142 -25.79 27.72 37.90
CA TYR M 142 -25.43 28.29 36.58
C TYR M 142 -24.63 29.59 36.72
N LEU M 143 -24.79 30.27 37.85
CA LEU M 143 -24.16 31.58 38.07
C LEU M 143 -22.73 31.50 38.61
N SER M 144 -22.45 30.47 39.41
CA SER M 144 -21.15 30.31 40.07
C SER M 144 -19.93 30.37 39.13
N PRO M 145 -19.96 29.63 37.99
CA PRO M 145 -18.79 29.65 37.09
C PRO M 145 -18.45 31.03 36.53
N ILE M 146 -19.46 31.87 36.30
CA ILE M 146 -19.24 33.18 35.68
C ILE M 146 -19.21 34.35 36.68
N ALA M 147 -19.29 34.02 37.97
CA ALA M 147 -19.18 35.01 39.03
C ALA M 147 -17.73 35.12 39.50
N THR M 148 -17.41 36.22 40.18
CA THR M 148 -16.09 36.42 40.78
C THR M 148 -15.91 35.48 41.96
N GLY M 149 -16.97 35.37 42.77
CA GLY M 149 -16.96 34.55 43.98
C GLY M 149 -18.35 34.21 44.48
N VAL M 150 -18.42 33.28 45.42
CA VAL M 150 -19.69 32.83 45.99
C VAL M 150 -19.61 32.76 47.51
N ILE M 151 -20.61 33.31 48.17
CA ILE M 151 -20.75 33.19 49.62
C ILE M 151 -22.06 32.45 49.92
N VAL M 152 -21.94 31.39 50.70
CA VAL M 152 -23.05 30.49 50.98
C VAL M 152 -23.11 30.17 52.47
N GLY M 153 -24.31 30.13 53.02
CA GLY M 153 -24.54 29.63 54.38
C GLY M 153 -24.12 30.50 55.55
N LEU M 154 -23.68 31.72 55.27
CA LEU M 154 -23.30 32.66 56.32
C LEU M 154 -24.44 33.63 56.67
N GLY M 155 -25.63 33.33 56.19
CA GLY M 155 -26.82 34.12 56.48
C GLY M 155 -26.81 35.50 55.88
N ILE M 156 -27.56 36.41 56.51
CA ILE M 156 -27.70 37.80 56.06
C ILE M 156 -26.37 38.55 56.01
N GLN M 157 -25.40 38.12 56.82
CA GLN M 157 -24.09 38.75 56.87
C GLN M 157 -23.26 38.50 55.61
N GLY M 158 -23.68 37.53 54.81
CA GLY M 158 -23.05 37.23 53.52
C GLY M 158 -23.05 38.42 52.57
N TYR M 159 -24.13 39.19 52.59
CA TYR M 159 -24.24 40.43 51.82
C TYR M 159 -23.21 41.47 52.28
N LEU M 160 -23.07 41.60 53.60
CA LEU M 160 -22.18 42.60 54.19
C LEU M 160 -20.71 42.25 53.97
N LEU M 161 -20.41 40.95 53.92
CA LEU M 161 -19.07 40.48 53.63
C LEU M 161 -18.75 40.63 52.14
N ALA M 162 -19.78 40.51 51.30
CA ALA M 162 -19.65 40.74 49.86
C ALA M 162 -19.38 42.22 49.58
N LEU M 163 -20.02 43.10 50.35
CA LEU M 163 -19.77 44.54 50.29
C LEU M 163 -18.34 44.89 50.69
N ARG M 164 -17.84 44.21 51.72
CA ARG M 164 -16.50 44.45 52.23
C ARG M 164 -15.42 44.03 51.23
N TYR M 165 -15.66 42.92 50.53
CA TYR M 165 -14.78 42.48 49.46
C TYR M 165 -14.66 43.55 48.37
N LEU M 166 -15.81 44.11 47.98
CA LEU M 166 -15.88 45.15 46.94
C LEU M 166 -15.20 46.45 47.36
N ALA M 167 -15.33 46.80 48.65
CA ALA M 167 -14.70 48.00 49.20
C ALA M 167 -13.18 47.90 49.21
N GLU M 168 -12.66 46.71 49.49
CA GLU M 168 -11.22 46.49 49.55
C GLU M 168 -10.60 46.41 48.17
N HIS M 169 -11.43 46.20 47.15
CA HIS M 169 -10.96 46.11 45.77
C HIS M 169 -11.30 47.35 44.93
N VAL M 170 -11.92 48.34 45.56
CA VAL M 170 -12.25 49.60 44.90
C VAL M 170 -11.07 50.57 44.93
N LEU N 29 14.05 -9.87 12.55
CA LEU N 29 13.03 -9.46 13.56
C LEU N 29 12.17 -8.30 13.03
N ILE N 30 11.04 -8.66 12.41
CA ILE N 30 10.16 -7.68 11.77
C ILE N 30 9.19 -7.04 12.76
N VAL N 31 9.15 -5.71 12.74
CA VAL N 31 8.18 -4.95 13.53
C VAL N 31 7.27 -4.14 12.60
N ASN N 32 5.96 -4.23 12.84
CA ASN N 32 4.98 -3.51 12.04
C ASN N 32 4.53 -2.21 12.70
N VAL N 33 4.66 -1.11 11.97
CA VAL N 33 4.15 0.18 12.42
C VAL N 33 2.95 0.54 11.57
N ILE N 34 1.77 0.55 12.19
CA ILE N 34 0.54 0.85 11.49
C ILE N 34 -0.03 2.19 11.93
N ASN N 35 -0.16 3.10 10.97
CA ASN N 35 -0.76 4.41 11.21
C ASN N 35 -2.14 4.51 10.57
N GLY N 36 -3.13 4.92 11.37
CA GLY N 36 -4.51 5.00 10.92
C GLY N 36 -4.86 6.29 10.20
N PRO N 37 -6.17 6.57 10.05
CA PRO N 37 -6.67 7.74 9.34
C PRO N 37 -6.08 9.06 9.84
N ASN N 38 -5.81 9.97 8.90
CA ASN N 38 -5.32 11.33 9.17
C ASN N 38 -3.83 11.46 9.50
N LEU N 39 -3.14 10.33 9.62
CA LEU N 39 -1.72 10.35 10.00
C LEU N 39 -0.78 10.55 8.81
N GLY N 40 -1.29 10.38 7.60
CA GLY N 40 -0.55 10.75 6.39
C GLY N 40 -0.50 12.26 6.22
N ARG N 41 -1.32 12.95 7.03
CA ARG N 41 -1.43 14.41 7.00
C ARG N 41 -0.47 15.09 7.98
N LEU N 42 0.36 14.30 8.66
CA LEU N 42 1.34 14.82 9.61
C LEU N 42 2.24 15.90 9.01
N GLY N 43 2.56 16.90 9.82
CA GLY N 43 3.34 18.04 9.36
C GLY N 43 2.44 19.09 8.75
N ARG N 44 1.97 18.84 7.52
CA ARG N 44 1.09 19.77 6.81
C ARG N 44 -0.36 19.61 7.25
N TYR N 50 -0.11 22.17 14.93
CA TYR N 50 0.94 21.60 15.79
C TYR N 50 1.64 20.43 15.11
N GLY N 51 2.91 20.24 15.44
CA GLY N 51 3.74 19.19 14.83
C GLY N 51 4.47 19.68 13.59
N GLY N 52 5.69 19.19 13.39
CA GLY N 52 6.52 19.60 12.26
C GLY N 52 7.01 18.46 11.39
N THR N 53 6.88 17.23 11.90
CA THR N 53 7.37 16.05 11.21
C THR N 53 6.30 15.48 10.26
N THR N 54 6.68 15.30 9.00
CA THR N 54 5.80 14.68 8.01
C THR N 54 5.82 13.16 8.17
N HIS N 55 4.92 12.47 7.48
CA HIS N 55 4.88 11.01 7.54
C HIS N 55 6.10 10.38 6.86
N ASP N 56 6.57 11.00 5.77
CA ASP N 56 7.78 10.54 5.08
C ASP N 56 9.01 10.64 5.98
N GLU N 57 9.10 11.74 6.72
CA GLU N 57 10.18 11.95 7.68
C GLU N 57 10.06 11.01 8.88
N LEU N 58 8.80 10.68 9.24
CA LEU N 58 8.51 9.71 10.30
C LEU N 58 9.00 8.30 9.94
N VAL N 59 8.74 7.89 8.69
CA VAL N 59 9.16 6.57 8.20
C VAL N 59 10.69 6.44 8.24
N ALA N 60 11.38 7.49 7.81
CA ALA N 60 12.85 7.51 7.79
C ALA N 60 13.45 7.43 9.20
N LEU N 61 12.84 8.13 10.15
CA LEU N 61 13.28 8.09 11.56
C LEU N 61 13.07 6.71 12.19
N ILE N 62 11.94 6.09 11.89
CA ILE N 62 11.60 4.76 12.42
C ILE N 62 12.54 3.70 11.86
N GLU N 63 12.76 3.72 10.55
CA GLU N 63 13.65 2.77 9.88
C GLU N 63 15.12 2.94 10.29
N ARG N 64 15.51 4.17 10.58
CA ARG N 64 16.84 4.49 11.08
C ARG N 64 17.03 3.93 12.49
N GLU N 65 15.99 4.03 13.30
CA GLU N 65 16.01 3.56 14.68
C GLU N 65 15.97 2.03 14.74
N ALA N 66 15.25 1.43 13.78
CA ALA N 66 15.14 -0.03 13.69
C ALA N 66 16.48 -0.69 13.40
N ALA N 67 17.24 -0.10 12.46
CA ALA N 67 18.55 -0.62 12.06
C ALA N 67 19.55 -0.65 13.22
N GLU N 68 19.54 0.40 14.03
CA GLU N 68 20.41 0.50 15.20
C GLU N 68 20.05 -0.51 16.29
N LEU N 69 18.77 -0.89 16.33
CA LEU N 69 18.29 -1.88 17.29
C LEU N 69 18.30 -3.31 16.73
N GLY N 70 18.72 -3.44 15.47
CA GLY N 70 18.78 -4.74 14.80
C GLY N 70 17.40 -5.30 14.47
N LEU N 71 16.48 -4.41 14.12
CA LEU N 71 15.11 -4.79 13.77
C LEU N 71 14.77 -4.33 12.34
N LYS N 72 13.75 -4.95 11.76
CA LYS N 72 13.22 -4.50 10.48
C LYS N 72 11.82 -3.92 10.66
N ALA N 73 11.71 -2.61 10.49
CA ALA N 73 10.43 -1.92 10.64
C ALA N 73 9.69 -1.78 9.32
N VAL N 74 8.44 -2.21 9.31
CA VAL N 74 7.56 -2.04 8.16
C VAL N 74 6.49 -0.99 8.52
N VAL N 75 6.64 0.20 7.96
CA VAL N 75 5.74 1.31 8.27
C VAL N 75 4.72 1.51 7.14
N ARG N 76 3.45 1.48 7.51
CA ARG N 76 2.36 1.63 6.54
C ARG N 76 1.25 2.52 7.11
N GLN N 77 0.64 3.31 6.22
CA GLN N 77 -0.43 4.24 6.61
C GLN N 77 -1.61 4.13 5.65
N SER N 78 -2.81 4.16 6.22
CA SER N 78 -4.05 4.18 5.43
C SER N 78 -5.19 4.88 6.17
N ASP N 79 -6.08 5.51 5.39
CA ASP N 79 -7.29 6.12 5.94
C ASP N 79 -8.45 5.12 5.91
N SER N 80 -8.21 3.97 5.30
CA SER N 80 -9.21 2.92 5.17
C SER N 80 -9.13 1.94 6.34
N GLU N 81 -10.26 1.75 7.02
CA GLU N 81 -10.37 0.81 8.13
C GLU N 81 -10.09 -0.62 7.68
N ALA N 82 -10.68 -1.00 6.56
CA ALA N 82 -10.51 -2.35 5.99
C ALA N 82 -9.06 -2.71 5.73
N GLN N 83 -8.28 -1.73 5.27
CA GLN N 83 -6.85 -1.91 4.98
C GLN N 83 -6.04 -2.10 6.27
N LEU N 84 -6.41 -1.39 7.33
CA LEU N 84 -5.79 -1.56 8.64
C LEU N 84 -6.10 -2.95 9.20
N LEU N 85 -7.35 -3.38 9.06
CA LEU N 85 -7.77 -4.72 9.48
C LEU N 85 -6.96 -5.80 8.76
N ASP N 86 -6.76 -5.60 7.45
CA ASP N 86 -5.98 -6.51 6.62
C ASP N 86 -4.54 -6.63 7.10
N TRP N 87 -3.89 -5.49 7.33
CA TRP N 87 -2.51 -5.45 7.82
C TRP N 87 -2.35 -6.12 9.19
N ILE N 88 -3.36 -5.96 10.04
CA ILE N 88 -3.38 -6.59 11.36
C ILE N 88 -3.57 -8.11 11.25
N HIS N 89 -4.42 -8.55 10.33
CA HIS N 89 -4.61 -9.98 10.07
C HIS N 89 -3.31 -10.67 9.67
N GLN N 90 -2.55 -10.01 8.80
CA GLN N 90 -1.27 -10.54 8.31
C GLN N 90 -0.22 -10.63 9.42
N ALA N 91 -0.21 -9.62 10.29
CA ALA N 91 0.69 -9.61 11.45
C ALA N 91 0.35 -10.70 12.45
N ALA N 92 -0.94 -11.00 12.59
CA ALA N 92 -1.42 -12.09 13.42
C ALA N 92 -0.94 -13.43 12.88
N ASP N 93 -1.11 -13.63 11.57
CA ASP N 93 -0.68 -14.86 10.92
C ASP N 93 0.84 -15.03 10.89
N ALA N 94 1.56 -13.91 10.81
CA ALA N 94 3.02 -13.92 10.81
C ALA N 94 3.61 -13.86 12.21
N ALA N 95 2.73 -13.70 13.21
CA ALA N 95 3.13 -13.55 14.62
C ALA N 95 4.14 -12.42 14.81
N GLU N 96 3.85 -11.27 14.20
CA GLU N 96 4.75 -10.12 14.22
C GLU N 96 4.22 -9.00 15.12
N PRO N 97 5.12 -8.37 15.90
CA PRO N 97 4.74 -7.26 16.79
C PRO N 97 4.16 -6.08 16.03
N VAL N 98 3.14 -5.45 16.62
CA VAL N 98 2.48 -4.29 16.01
C VAL N 98 2.61 -3.06 16.91
N ILE N 99 3.07 -1.95 16.31
CA ILE N 99 2.99 -0.63 16.92
C ILE N 99 1.87 0.10 16.19
N LEU N 100 0.79 0.39 16.91
CA LEU N 100 -0.42 0.93 16.29
C LEU N 100 -0.83 2.32 16.79
N ASN N 101 -0.87 3.27 15.86
CA ASN N 101 -1.56 4.53 16.06
C ASN N 101 -2.77 4.54 15.15
N ALA N 102 -3.92 4.21 15.73
CA ALA N 102 -5.17 4.06 14.97
C ALA N 102 -5.85 5.38 14.62
N GLY N 103 -5.28 6.49 15.10
CA GLY N 103 -5.88 7.81 14.91
C GLY N 103 -7.24 7.87 15.58
N GLY N 104 -8.25 8.34 14.83
CA GLY N 104 -9.60 8.49 15.35
C GLY N 104 -10.32 7.20 15.69
N LEU N 105 -9.93 6.11 15.02
CA LEU N 105 -10.55 4.80 15.20
C LEU N 105 -10.35 4.21 16.61
N THR N 106 -9.30 4.68 17.28
CA THR N 106 -8.99 4.34 18.66
C THR N 106 -10.22 4.38 19.58
N HIS N 107 -11.02 5.43 19.44
CA HIS N 107 -12.17 5.67 20.32
C HIS N 107 -13.48 5.09 19.77
N THR N 108 -13.47 4.59 18.54
CA THR N 108 -14.71 4.26 17.84
C THR N 108 -14.82 2.82 17.33
N SER N 109 -13.71 2.24 16.92
CA SER N 109 -13.75 0.97 16.18
C SER N 109 -13.65 -0.28 17.06
N VAL N 110 -14.75 -1.02 17.13
CA VAL N 110 -14.76 -2.33 17.78
C VAL N 110 -14.13 -3.36 16.84
N ALA N 111 -14.37 -3.22 15.54
CA ALA N 111 -13.81 -4.09 14.52
C ALA N 111 -12.27 -4.13 14.59
N LEU N 112 -11.68 -2.97 14.85
CA LEU N 112 -10.22 -2.85 14.97
C LEU N 112 -9.71 -3.53 16.24
N ARG N 113 -10.45 -3.37 17.34
CA ARG N 113 -10.14 -4.04 18.60
C ARG N 113 -10.14 -5.57 18.43
N ASP N 114 -11.19 -6.09 17.78
CA ASP N 114 -11.33 -7.53 17.53
C ASP N 114 -10.21 -8.08 16.67
N ALA N 115 -9.80 -7.32 15.66
CA ALA N 115 -8.68 -7.69 14.80
C ALA N 115 -7.38 -7.77 15.60
N CYS N 116 -7.16 -6.77 16.45
CA CYS N 116 -5.97 -6.69 17.29
C CYS N 116 -5.92 -7.77 18.38
N ALA N 117 -7.09 -8.33 18.71
CA ALA N 117 -7.19 -9.40 19.71
C ALA N 117 -6.56 -10.70 19.24
N GLU N 118 -6.49 -10.89 17.92
CA GLU N 118 -5.89 -12.08 17.32
C GLU N 118 -4.36 -12.10 17.42
N LEU N 119 -3.76 -10.95 17.68
CA LEU N 119 -2.30 -10.82 17.75
C LEU N 119 -1.72 -11.56 18.95
N SER N 120 -0.83 -12.51 18.67
CA SER N 120 -0.13 -13.26 19.72
C SER N 120 1.15 -12.55 20.16
N ALA N 121 1.72 -11.76 19.26
CA ALA N 121 2.88 -10.94 19.56
C ALA N 121 2.43 -9.60 20.16
N PRO N 122 3.32 -8.92 20.92
CA PRO N 122 2.96 -7.68 21.61
C PRO N 122 2.32 -6.61 20.71
N LEU N 123 1.35 -5.89 21.27
CA LEU N 123 0.71 -4.76 20.61
C LEU N 123 0.90 -3.50 21.43
N ILE N 124 1.50 -2.48 20.84
CA ILE N 124 1.74 -1.22 21.55
C ILE N 124 0.95 -0.07 20.93
N GLU N 125 0.05 0.50 21.72
CA GLU N 125 -0.76 1.63 21.28
C GLU N 125 0.04 2.93 21.42
N VAL N 126 0.06 3.73 20.36
CA VAL N 126 0.81 4.98 20.35
C VAL N 126 -0.09 6.16 20.00
N HIS N 127 0.00 7.22 20.79
CA HIS N 127 -0.62 8.51 20.48
C HIS N 127 0.44 9.60 20.51
N ILE N 128 0.44 10.44 19.49
CA ILE N 128 1.42 11.52 19.38
C ILE N 128 1.18 12.58 20.45
N SER N 129 -0.04 13.11 20.50
CA SER N 129 -0.42 14.09 21.52
C SER N 129 -0.96 13.39 22.77
N ASN N 130 -1.06 14.14 23.86
CA ASN N 130 -1.66 13.66 25.09
C ASN N 130 -3.18 13.75 25.00
N VAL N 131 -3.82 12.61 24.78
CA VAL N 131 -5.29 12.54 24.61
C VAL N 131 -6.07 12.95 25.86
N HIS N 132 -5.39 12.93 27.02
CA HIS N 132 -6.03 13.23 28.29
C HIS N 132 -6.04 14.73 28.63
N ALA N 133 -5.32 15.51 27.84
CA ALA N 133 -5.33 16.97 27.98
C ALA N 133 -6.27 17.62 26.96
N ARG N 134 -7.05 16.79 26.28
CA ARG N 134 -7.96 17.24 25.22
C ARG N 134 -9.41 16.88 25.56
N GLU N 135 -10.23 16.64 24.55
CA GLU N 135 -11.65 16.32 24.77
C GLU N 135 -11.83 15.03 25.57
N GLU N 136 -12.95 14.94 26.28
CA GLU N 136 -13.26 13.78 27.13
C GLU N 136 -13.43 12.48 26.36
N PHE N 137 -13.94 12.57 25.13
CA PHE N 137 -14.18 11.38 24.30
C PHE N 137 -12.89 10.71 23.79
N ARG N 138 -11.76 11.41 23.94
CA ARG N 138 -10.46 10.87 23.53
C ARG N 138 -9.79 10.07 24.66
N ARG N 139 -10.38 10.14 25.85
CA ARG N 139 -9.84 9.47 27.04
C ARG N 139 -10.26 8.00 27.13
N HIS N 140 -11.19 7.58 26.28
CA HIS N 140 -11.56 6.18 26.15
C HIS N 140 -10.98 5.56 24.88
N SER N 141 -10.40 4.38 25.04
CA SER N 141 -9.82 3.64 23.93
C SER N 141 -10.31 2.20 23.95
N TYR N 142 -10.75 1.71 22.79
CA TYR N 142 -11.13 0.31 22.64
C TYR N 142 -9.91 -0.60 22.52
N LEU N 143 -8.80 -0.03 22.09
CA LEU N 143 -7.56 -0.78 21.86
C LEU N 143 -6.75 -1.00 23.13
N SER N 144 -6.78 -0.02 24.04
CA SER N 144 -5.99 -0.05 25.28
C SER N 144 -6.09 -1.35 26.10
N PRO N 145 -7.33 -1.83 26.37
CA PRO N 145 -7.48 -3.07 27.15
C PRO N 145 -6.80 -4.30 26.56
N ILE N 146 -6.75 -4.40 25.24
CA ILE N 146 -6.19 -5.59 24.57
C ILE N 146 -4.74 -5.42 24.11
N ALA N 147 -4.23 -4.19 24.21
CA ALA N 147 -2.84 -3.90 23.90
C ALA N 147 -1.92 -4.35 25.04
N THR N 148 -0.65 -4.56 24.73
CA THR N 148 0.36 -4.85 25.75
C THR N 148 0.56 -3.59 26.60
N GLY N 149 0.88 -2.49 25.92
CA GLY N 149 1.08 -1.21 26.58
C GLY N 149 0.62 -0.05 25.72
N VAL N 150 0.62 1.14 26.32
CA VAL N 150 0.18 2.36 25.64
C VAL N 150 1.16 3.50 25.91
N ILE N 151 1.60 4.17 24.85
CA ILE N 151 2.44 5.37 24.95
C ILE N 151 1.68 6.56 24.39
N VAL N 152 1.59 7.62 25.18
CA VAL N 152 0.79 8.79 24.84
C VAL N 152 1.57 10.09 25.15
N GLY N 153 1.47 11.06 24.26
CA GLY N 153 1.94 12.42 24.53
C GLY N 153 3.43 12.69 24.45
N LEU N 154 4.20 11.68 24.06
CA LEU N 154 5.65 11.84 23.95
C LEU N 154 6.05 12.20 22.51
N GLY N 155 5.07 12.71 21.76
CA GLY N 155 5.27 13.14 20.39
C GLY N 155 5.64 12.02 19.44
N ILE N 156 6.51 12.34 18.50
CA ILE N 156 6.94 11.42 17.47
C ILE N 156 7.86 10.31 18.03
N GLN N 157 8.45 10.59 19.20
CA GLN N 157 9.41 9.68 19.84
C GLN N 157 8.74 8.45 20.47
N GLY N 158 7.41 8.51 20.62
CA GLY N 158 6.63 7.39 21.12
C GLY N 158 6.80 6.12 20.29
N TYR N 159 6.89 6.29 18.97
CA TYR N 159 7.15 5.19 18.04
C TYR N 159 8.51 4.56 18.28
N LEU N 160 9.54 5.40 18.40
CA LEU N 160 10.92 4.94 18.59
C LEU N 160 11.11 4.27 19.95
N LEU N 161 10.43 4.81 20.96
CA LEU N 161 10.44 4.22 22.30
C LEU N 161 9.68 2.88 22.33
N ALA N 162 8.61 2.79 21.55
CA ALA N 162 7.86 1.55 21.38
C ALA N 162 8.71 0.49 20.66
N LEU N 163 9.53 0.95 19.70
CA LEU N 163 10.45 0.08 18.99
C LEU N 163 11.49 -0.50 19.92
N ARG N 164 11.98 0.32 20.84
CA ARG N 164 13.03 -0.08 21.77
C ARG N 164 12.53 -1.13 22.77
N TYR N 165 11.26 -1.02 23.17
CA TYR N 165 10.64 -2.02 24.03
C TYR N 165 10.67 -3.40 23.37
N LEU N 166 10.30 -3.44 22.10
CA LEU N 166 10.24 -4.69 21.33
C LEU N 166 11.63 -5.29 21.10
N ALA N 167 12.64 -4.44 21.08
CA ALA N 167 14.03 -4.87 20.95
C ALA N 167 14.52 -5.62 22.20
N GLU N 168 13.95 -5.28 23.36
CA GLU N 168 14.30 -5.94 24.63
C GLU N 168 13.36 -7.09 25.00
N HIS N 169 12.19 -7.14 24.37
CA HIS N 169 11.21 -8.20 24.63
C HIS N 169 10.93 -9.04 23.37
N LEU O 29 -36.10 -18.29 -4.82
CA LEU O 29 -36.05 -17.23 -3.78
C LEU O 29 -34.63 -17.02 -3.27
N ILE O 30 -34.17 -15.78 -3.33
CA ILE O 30 -32.79 -15.44 -2.98
C ILE O 30 -32.67 -14.92 -1.54
N VAL O 31 -31.77 -15.52 -0.76
CA VAL O 31 -31.47 -15.10 0.61
C VAL O 31 -30.01 -14.65 0.68
N ASN O 32 -29.79 -13.47 1.23
CA ASN O 32 -28.44 -12.89 1.32
C ASN O 32 -27.82 -13.00 2.72
N VAL O 33 -26.71 -13.74 2.79
CA VAL O 33 -25.95 -13.85 4.04
C VAL O 33 -24.75 -12.90 3.95
N ILE O 34 -24.79 -11.85 4.76
CA ILE O 34 -23.75 -10.82 4.74
C ILE O 34 -22.95 -10.82 6.03
N ASN O 35 -21.68 -11.18 5.92
CA ASN O 35 -20.76 -11.19 7.06
C ASN O 35 -19.82 -9.98 7.04
N GLY O 36 -19.76 -9.28 8.16
CA GLY O 36 -18.95 -8.08 8.30
C GLY O 36 -17.49 -8.33 8.62
N PRO O 37 -16.78 -7.30 9.09
CA PRO O 37 -15.34 -7.36 9.38
C PRO O 37 -14.93 -8.49 10.34
N ASN O 38 -13.71 -8.99 10.15
CA ASN O 38 -13.11 -10.05 10.98
C ASN O 38 -13.71 -11.46 10.79
N LEU O 39 -14.82 -11.55 10.06
CA LEU O 39 -15.54 -12.81 9.89
C LEU O 39 -14.94 -13.70 8.79
N GLY O 40 -14.08 -13.12 7.96
CA GLY O 40 -13.30 -13.91 7.01
C GLY O 40 -12.18 -14.63 7.72
N ARG O 41 -12.03 -14.37 9.02
CA ARG O 41 -10.98 -14.94 9.85
C ARG O 41 -11.47 -16.10 10.71
N LEU O 42 -12.72 -16.51 10.49
CA LEU O 42 -13.32 -17.61 11.24
C LEU O 42 -12.50 -18.90 11.20
N GLY O 43 -12.62 -19.70 12.26
CA GLY O 43 -11.85 -20.92 12.39
C GLY O 43 -10.48 -20.63 12.99
N ARG O 44 -9.50 -20.41 12.12
CA ARG O 44 -8.14 -20.09 12.55
C ARG O 44 -7.95 -18.59 12.76
N GLY O 51 -14.25 -20.50 16.16
CA GLY O 51 -13.96 -21.78 16.81
C GLY O 51 -13.10 -22.67 15.95
N GLY O 52 -13.73 -23.53 15.16
CA GLY O 52 -13.04 -24.43 14.26
C GLY O 52 -13.43 -24.26 12.80
N THR O 53 -14.69 -23.91 12.57
CA THR O 53 -15.22 -23.74 11.21
C THR O 53 -14.68 -22.46 10.55
N THR O 54 -13.99 -22.65 9.43
CA THR O 54 -13.51 -21.53 8.60
C THR O 54 -14.68 -20.90 7.85
N HIS O 55 -14.46 -19.73 7.26
CA HIS O 55 -15.51 -19.06 6.49
C HIS O 55 -15.93 -19.84 5.25
N ASP O 56 -14.94 -20.43 4.57
CA ASP O 56 -15.19 -21.27 3.39
C ASP O 56 -16.09 -22.46 3.70
N GLU O 57 -15.82 -23.12 4.83
CA GLU O 57 -16.63 -24.25 5.29
C GLU O 57 -18.04 -23.81 5.69
N LEU O 58 -18.15 -22.60 6.25
CA LEU O 58 -19.43 -22.00 6.59
C LEU O 58 -20.25 -21.69 5.34
N VAL O 59 -19.57 -21.20 4.30
CA VAL O 59 -20.20 -20.95 2.99
C VAL O 59 -20.76 -22.26 2.43
N ALA O 60 -19.97 -23.32 2.53
CA ALA O 60 -20.38 -24.66 2.12
C ALA O 60 -21.58 -25.16 2.92
N LEU O 61 -21.58 -24.89 4.22
CA LEU O 61 -22.65 -25.31 5.13
C LEU O 61 -23.97 -24.58 4.88
N ILE O 62 -23.89 -23.28 4.57
CA ILE O 62 -25.08 -22.46 4.34
C ILE O 62 -25.78 -22.80 3.02
N GLU O 63 -24.99 -22.90 1.94
CA GLU O 63 -25.52 -23.24 0.61
C GLU O 63 -26.17 -24.63 0.58
N ARG O 64 -25.56 -25.56 1.30
CA ARG O 64 -26.06 -26.93 1.42
C ARG O 64 -27.39 -26.97 2.17
N GLU O 65 -27.48 -26.20 3.25
CA GLU O 65 -28.67 -26.12 4.10
C GLU O 65 -29.85 -25.43 3.39
N ALA O 66 -29.54 -24.37 2.64
CA ALA O 66 -30.55 -23.62 1.89
C ALA O 66 -31.14 -24.45 0.74
N ALA O 67 -30.35 -25.39 0.23
CA ALA O 67 -30.80 -26.32 -0.82
C ALA O 67 -31.90 -27.26 -0.30
N GLU O 68 -31.71 -27.75 0.93
CA GLU O 68 -32.70 -28.60 1.61
C GLU O 68 -34.02 -27.88 1.85
N LEU O 69 -33.96 -26.55 1.94
CA LEU O 69 -35.13 -25.73 2.22
C LEU O 69 -35.72 -25.09 0.96
N GLY O 70 -35.06 -25.32 -0.18
CA GLY O 70 -35.52 -24.79 -1.47
C GLY O 70 -35.29 -23.30 -1.62
N LEU O 71 -34.12 -22.84 -1.19
CA LEU O 71 -33.76 -21.43 -1.25
C LEU O 71 -32.40 -21.25 -1.91
N LYS O 72 -32.21 -20.09 -2.54
CA LYS O 72 -30.94 -19.72 -3.13
C LYS O 72 -30.17 -18.87 -2.13
N ALA O 73 -28.93 -19.25 -1.83
CA ALA O 73 -28.14 -18.57 -0.82
C ALA O 73 -26.91 -17.87 -1.41
N VAL O 74 -26.87 -16.54 -1.23
CA VAL O 74 -25.71 -15.74 -1.63
C VAL O 74 -24.96 -15.32 -0.36
N VAL O 75 -23.75 -15.87 -0.19
CA VAL O 75 -22.95 -15.62 1.01
C VAL O 75 -21.70 -14.80 0.68
N ARG O 76 -21.63 -13.61 1.24
CA ARG O 76 -20.53 -12.68 0.97
C ARG O 76 -19.94 -12.10 2.24
N GLN O 77 -18.65 -11.79 2.21
CA GLN O 77 -17.92 -11.26 3.37
C GLN O 77 -16.98 -10.13 2.98
N SER O 78 -17.00 -9.06 3.77
CA SER O 78 -16.11 -7.92 3.56
C SER O 78 -15.72 -7.24 4.87
N ASP O 79 -14.47 -6.78 4.92
CA ASP O 79 -13.98 -5.97 6.03
C ASP O 79 -14.30 -4.49 5.80
N SER O 80 -14.77 -4.17 4.60
CA SER O 80 -15.10 -2.81 4.21
C SER O 80 -16.56 -2.50 4.55
N GLU O 81 -16.77 -1.39 5.25
CA GLU O 81 -18.10 -0.93 5.60
C GLU O 81 -18.88 -0.50 4.35
N ALA O 82 -18.18 0.17 3.43
CA ALA O 82 -18.77 0.64 2.18
C ALA O 82 -19.30 -0.50 1.32
N GLN O 83 -18.54 -1.58 1.26
CA GLN O 83 -18.93 -2.78 0.52
C GLN O 83 -20.15 -3.47 1.14
N LEU O 84 -20.23 -3.48 2.48
CA LEU O 84 -21.39 -4.01 3.19
C LEU O 84 -22.63 -3.17 2.94
N LEU O 85 -22.45 -1.85 2.88
CA LEU O 85 -23.54 -0.93 2.55
C LEU O 85 -24.04 -1.18 1.14
N ASP O 86 -23.11 -1.35 0.20
CA ASP O 86 -23.42 -1.61 -1.20
C ASP O 86 -24.28 -2.86 -1.39
N TRP O 87 -23.94 -3.93 -0.66
CA TRP O 87 -24.68 -5.19 -0.73
C TRP O 87 -26.09 -5.07 -0.12
N ILE O 88 -26.21 -4.27 0.94
CA ILE O 88 -27.51 -4.02 1.57
C ILE O 88 -28.41 -3.18 0.67
N HIS O 89 -27.82 -2.21 -0.03
CA HIS O 89 -28.54 -1.40 -1.01
C HIS O 89 -29.09 -2.27 -2.14
N GLN O 90 -28.27 -3.21 -2.62
CA GLN O 90 -28.66 -4.17 -3.65
C GLN O 90 -29.80 -5.08 -3.17
N ALA O 91 -29.67 -5.58 -1.95
CA ALA O 91 -30.67 -6.46 -1.34
C ALA O 91 -32.01 -5.73 -1.13
N ALA O 92 -31.93 -4.44 -0.81
CA ALA O 92 -33.11 -3.61 -0.61
C ALA O 92 -33.87 -3.38 -1.93
N ASP O 93 -33.11 -3.16 -3.01
CA ASP O 93 -33.67 -2.93 -4.33
C ASP O 93 -34.36 -4.16 -4.89
N ALA O 94 -33.84 -5.34 -4.56
CA ALA O 94 -34.41 -6.61 -5.04
C ALA O 94 -35.43 -7.20 -4.06
N ALA O 95 -35.60 -6.54 -2.91
CA ALA O 95 -36.51 -6.99 -1.84
C ALA O 95 -36.19 -8.41 -1.36
N GLU O 96 -34.90 -8.69 -1.20
CA GLU O 96 -34.43 -10.00 -0.75
C GLU O 96 -34.09 -9.98 0.74
N PRO O 97 -34.49 -11.03 1.48
CA PRO O 97 -34.20 -11.13 2.92
C PRO O 97 -32.70 -11.17 3.21
N VAL O 98 -32.31 -10.57 4.35
CA VAL O 98 -30.90 -10.45 4.72
C VAL O 98 -30.59 -11.11 6.06
N ILE O 99 -29.59 -11.99 6.06
CA ILE O 99 -29.01 -12.51 7.29
C ILE O 99 -27.68 -11.79 7.51
N LEU O 100 -27.61 -11.01 8.57
CA LEU O 100 -26.48 -10.10 8.79
C LEU O 100 -25.73 -10.35 10.09
N ASN O 101 -24.43 -10.63 9.96
CA ASN O 101 -23.51 -10.60 11.08
C ASN O 101 -22.51 -9.49 10.80
N ALA O 102 -22.73 -8.33 11.41
CA ALA O 102 -21.93 -7.14 11.14
C ALA O 102 -20.58 -7.16 11.81
N GLY O 103 -20.41 -8.06 12.78
CA GLY O 103 -19.20 -8.12 13.59
C GLY O 103 -19.15 -6.93 14.54
N GLY O 104 -18.04 -6.20 14.50
CA GLY O 104 -17.84 -5.03 15.36
C GLY O 104 -18.69 -3.83 14.99
N LEU O 105 -19.14 -3.77 13.74
CA LEU O 105 -19.96 -2.66 13.25
C LEU O 105 -21.38 -2.69 13.83
N THR O 106 -21.75 -3.84 14.40
CA THR O 106 -23.01 -4.03 15.12
C THR O 106 -23.24 -2.94 16.17
N HIS O 107 -22.18 -2.63 16.93
CA HIS O 107 -22.27 -1.73 18.08
C HIS O 107 -21.87 -0.30 17.74
N THR O 108 -21.31 -0.09 16.56
CA THR O 108 -20.67 1.18 16.21
C THR O 108 -21.28 1.95 15.05
N SER O 109 -21.81 1.24 14.06
CA SER O 109 -22.21 1.89 12.79
C SER O 109 -23.68 2.28 12.70
N VAL O 110 -23.92 3.58 12.66
CA VAL O 110 -25.24 4.14 12.40
C VAL O 110 -25.54 4.07 10.90
N ALA O 111 -24.50 4.21 10.09
CA ALA O 111 -24.60 4.13 8.63
C ALA O 111 -25.14 2.76 8.19
N LEU O 112 -24.64 1.70 8.81
CA LEU O 112 -25.08 0.34 8.52
C LEU O 112 -26.53 0.12 8.97
N ARG O 113 -26.90 0.73 10.09
CA ARG O 113 -28.27 0.68 10.59
C ARG O 113 -29.23 1.33 9.61
N ASP O 114 -28.87 2.51 9.12
CA ASP O 114 -29.71 3.29 8.20
C ASP O 114 -29.97 2.57 6.88
N ALA O 115 -28.93 1.92 6.35
CA ALA O 115 -29.06 1.12 5.13
C ALA O 115 -30.03 -0.05 5.32
N CYS O 116 -29.91 -0.74 6.45
CA CYS O 116 -30.77 -1.87 6.79
C CYS O 116 -32.23 -1.44 7.03
N ALA O 117 -32.43 -0.17 7.39
CA ALA O 117 -33.76 0.39 7.59
C ALA O 117 -34.56 0.50 6.28
N GLU O 118 -33.86 0.50 5.16
CA GLU O 118 -34.47 0.54 3.82
C GLU O 118 -35.10 -0.79 3.43
N LEU O 119 -34.62 -1.87 4.04
CA LEU O 119 -35.07 -3.22 3.71
C LEU O 119 -36.56 -3.43 4.00
N SER O 120 -37.27 -3.98 3.02
CA SER O 120 -38.69 -4.30 3.16
C SER O 120 -38.88 -5.78 3.48
N ALA O 121 -37.98 -6.60 2.94
CA ALA O 121 -37.92 -8.03 3.26
C ALA O 121 -37.28 -8.22 4.63
N PRO O 122 -37.60 -9.33 5.33
CA PRO O 122 -37.13 -9.55 6.70
C PRO O 122 -35.60 -9.49 6.86
N LEU O 123 -35.16 -9.02 8.02
CA LEU O 123 -33.74 -8.93 8.34
C LEU O 123 -33.45 -9.68 9.63
N ILE O 124 -32.52 -10.63 9.57
CA ILE O 124 -32.11 -11.39 10.75
C ILE O 124 -30.69 -11.04 11.14
N GLU O 125 -30.52 -10.61 12.40
CA GLU O 125 -29.20 -10.32 12.96
C GLU O 125 -28.65 -11.57 13.62
N VAL O 126 -27.40 -11.91 13.29
CA VAL O 126 -26.77 -13.12 13.82
C VAL O 126 -25.44 -12.83 14.49
N HIS O 127 -25.25 -13.39 15.68
CA HIS O 127 -23.96 -13.39 16.36
C HIS O 127 -23.60 -14.81 16.74
N ILE O 128 -22.38 -15.23 16.43
CA ILE O 128 -21.92 -16.59 16.69
C ILE O 128 -21.74 -16.83 18.20
N SER O 129 -21.09 -15.90 18.87
CA SER O 129 -20.94 -15.97 20.32
C SER O 129 -22.09 -15.27 21.04
N ASN O 130 -22.23 -15.53 22.33
CA ASN O 130 -23.19 -14.83 23.18
C ASN O 130 -22.63 -13.48 23.58
N VAL O 131 -23.12 -12.41 22.94
CA VAL O 131 -22.62 -11.05 23.16
C VAL O 131 -22.91 -10.50 24.56
N HIS O 132 -23.91 -11.08 25.23
CA HIS O 132 -24.31 -10.64 26.56
C HIS O 132 -23.49 -11.28 27.67
N ALA O 133 -22.65 -12.24 27.30
CA ALA O 133 -21.76 -12.92 28.24
C ALA O 133 -20.31 -12.41 28.13
N ARG O 134 -20.13 -11.30 27.41
CA ARG O 134 -18.82 -10.72 27.19
C ARG O 134 -18.76 -9.29 27.71
N GLU O 135 -18.05 -8.40 27.01
CA GLU O 135 -17.94 -7.00 27.41
C GLU O 135 -19.29 -6.28 27.36
N GLU O 136 -19.44 -5.27 28.23
CA GLU O 136 -20.66 -4.48 28.33
C GLU O 136 -21.05 -3.77 27.04
N PHE O 137 -20.07 -3.29 26.28
CA PHE O 137 -20.32 -2.54 25.05
C PHE O 137 -20.88 -3.40 23.91
N ARG O 138 -20.80 -4.73 24.08
CA ARG O 138 -21.34 -5.67 23.09
C ARG O 138 -22.82 -5.95 23.33
N ARG O 139 -23.36 -5.41 24.42
CA ARG O 139 -24.76 -5.64 24.79
C ARG O 139 -25.71 -4.59 24.20
N HIS O 140 -25.16 -3.63 23.47
CA HIS O 140 -25.94 -2.68 22.67
C HIS O 140 -25.73 -2.94 21.19
N SER O 141 -26.83 -2.91 20.44
CA SER O 141 -26.78 -3.09 18.99
C SER O 141 -27.62 -2.02 18.31
N TYR O 142 -27.01 -1.31 17.35
CA TYR O 142 -27.73 -0.34 16.53
C TYR O 142 -28.63 -1.05 15.52
N LEU O 143 -28.32 -2.30 15.23
CA LEU O 143 -29.02 -3.09 14.21
C LEU O 143 -30.30 -3.76 14.74
N SER O 144 -30.29 -4.14 16.01
CA SER O 144 -31.39 -4.90 16.61
C SER O 144 -32.78 -4.24 16.54
N PRO O 145 -32.89 -2.94 16.88
CA PRO O 145 -34.21 -2.31 16.86
C PRO O 145 -34.86 -2.27 15.47
N ILE O 146 -34.05 -2.10 14.43
CA ILE O 146 -34.55 -2.03 13.05
C ILE O 146 -34.60 -3.40 12.37
N ALA O 147 -34.14 -4.43 13.09
CA ALA O 147 -34.24 -5.81 12.61
C ALA O 147 -35.58 -6.42 13.04
N THR O 148 -35.96 -7.51 12.39
CA THR O 148 -37.16 -8.24 12.78
C THR O 148 -36.82 -9.27 13.87
N GLY O 149 -35.68 -9.93 13.71
CA GLY O 149 -35.22 -10.93 14.67
C GLY O 149 -33.73 -10.93 14.93
N VAL O 150 -33.34 -11.46 16.10
CA VAL O 150 -31.95 -11.55 16.49
C VAL O 150 -31.63 -12.92 17.10
N ILE O 151 -30.63 -13.59 16.52
CA ILE O 151 -30.14 -14.87 17.05
C ILE O 151 -28.71 -14.68 17.56
N VAL O 152 -28.48 -15.06 18.82
CA VAL O 152 -27.21 -14.80 19.48
C VAL O 152 -26.71 -16.02 20.25
N GLY O 153 -25.45 -16.39 20.05
CA GLY O 153 -24.78 -17.38 20.88
C GLY O 153 -25.03 -18.85 20.59
N LEU O 154 -25.63 -19.14 19.44
CA LEU O 154 -25.93 -20.51 19.05
C LEU O 154 -24.95 -21.05 18.00
N GLY O 155 -23.73 -20.52 18.03
CA GLY O 155 -22.67 -20.92 17.09
C GLY O 155 -22.98 -20.55 15.66
N ILE O 156 -22.36 -21.27 14.72
CA ILE O 156 -22.63 -21.09 13.29
C ILE O 156 -24.01 -21.59 12.89
N GLN O 157 -24.62 -22.41 13.76
CA GLN O 157 -25.96 -22.92 13.53
C GLN O 157 -27.02 -21.83 13.62
N GLY O 158 -26.62 -20.67 14.13
CA GLY O 158 -27.47 -19.48 14.16
C GLY O 158 -27.81 -19.02 12.75
N TYR O 159 -26.89 -19.23 11.82
CA TYR O 159 -27.10 -18.94 10.40
C TYR O 159 -28.13 -19.89 9.79
N LEU O 160 -28.00 -21.18 10.08
CA LEU O 160 -28.88 -22.21 9.53
C LEU O 160 -30.30 -22.10 10.09
N LEU O 161 -30.40 -21.72 11.36
CA LEU O 161 -31.69 -21.48 12.00
C LEU O 161 -32.35 -20.21 11.44
N ALA O 162 -31.52 -19.26 11.02
CA ALA O 162 -32.02 -18.03 10.39
C ALA O 162 -32.54 -18.31 8.98
N LEU O 163 -31.89 -19.24 8.28
CA LEU O 163 -32.35 -19.69 6.96
C LEU O 163 -33.70 -20.37 7.04
N ARG O 164 -33.88 -21.21 8.06
CA ARG O 164 -35.11 -21.97 8.27
C ARG O 164 -36.32 -21.07 8.49
N TYR O 165 -36.14 -20.02 9.29
CA TYR O 165 -37.19 -19.03 9.55
C TYR O 165 -37.67 -18.38 8.25
N LEU O 166 -36.72 -18.01 7.39
CA LEU O 166 -37.01 -17.31 6.14
C LEU O 166 -37.70 -18.19 5.10
N ALA O 167 -37.57 -19.50 5.25
CA ALA O 167 -38.26 -20.47 4.40
C ALA O 167 -39.76 -20.53 4.73
N GLU O 168 -40.13 -19.98 5.87
CA GLU O 168 -41.52 -20.01 6.35
C GLU O 168 -42.09 -18.62 6.66
N HIS O 169 -41.30 -17.58 6.41
CA HIS O 169 -41.74 -16.21 6.61
C HIS O 169 -41.22 -15.30 5.50
N LEU P 29 -1.50 -17.59 67.83
CA LEU P 29 -2.04 -17.16 66.51
C LEU P 29 -2.41 -15.68 66.53
N ILE P 30 -1.75 -14.89 65.69
CA ILE P 30 -1.90 -13.45 65.68
C ILE P 30 -3.00 -12.98 64.73
N VAL P 31 -3.95 -12.22 65.28
CA VAL P 31 -4.96 -11.54 64.47
C VAL P 31 -4.75 -10.03 64.59
N ASN P 32 -4.64 -9.35 63.46
CA ASN P 32 -4.41 -7.91 63.44
C ASN P 32 -5.71 -7.11 63.31
N VAL P 33 -6.00 -6.27 64.30
CA VAL P 33 -7.10 -5.33 64.19
C VAL P 33 -6.52 -3.95 63.86
N ILE P 34 -6.86 -3.44 62.68
CA ILE P 34 -6.35 -2.17 62.22
C ILE P 34 -7.48 -1.15 62.06
N ASN P 35 -7.37 -0.06 62.84
CA ASN P 35 -8.34 1.03 62.79
C ASN P 35 -7.77 2.28 62.12
N GLY P 36 -8.51 2.82 61.18
CA GLY P 36 -8.08 3.99 60.40
C GLY P 36 -8.44 5.32 61.03
N PRO P 37 -8.47 6.39 60.20
CA PRO P 37 -8.72 7.77 60.61
C PRO P 37 -10.00 7.98 61.41
N ASN P 38 -9.89 8.75 62.49
CA ASN P 38 -11.03 9.16 63.34
C ASN P 38 -11.56 8.09 64.30
N LEU P 39 -11.01 6.88 64.20
CA LEU P 39 -11.44 5.78 65.07
C LEU P 39 -10.83 5.87 66.47
N GLY P 40 -9.77 6.68 66.60
CA GLY P 40 -9.20 7.00 67.90
C GLY P 40 -10.06 8.02 68.64
N ARG P 41 -11.16 8.44 68.01
CA ARG P 41 -12.07 9.44 68.56
C ARG P 41 -13.37 8.82 69.10
N LEU P 42 -13.41 7.50 69.18
CA LEU P 42 -14.56 6.81 69.76
C LEU P 42 -14.81 7.24 71.20
N GLY P 43 -16.07 7.51 71.52
CA GLY P 43 -16.43 8.11 72.80
C GLY P 43 -17.10 9.45 72.57
N ARG P 44 -16.28 10.49 72.42
CA ARG P 44 -16.79 11.85 72.18
C ARG P 44 -16.79 12.23 70.70
N GLY P 51 -20.77 6.28 69.91
CA GLY P 51 -20.96 5.42 71.07
C GLY P 51 -20.10 5.85 72.25
N GLY P 52 -20.48 5.40 73.45
CA GLY P 52 -19.76 5.75 74.67
C GLY P 52 -18.41 5.08 74.83
N THR P 53 -18.27 3.92 74.18
CA THR P 53 -17.03 3.14 74.25
C THR P 53 -15.85 3.87 73.60
N THR P 54 -14.77 4.01 74.36
CA THR P 54 -13.55 4.66 73.86
C THR P 54 -12.67 3.65 73.14
N HIS P 55 -11.68 4.13 72.41
CA HIS P 55 -10.77 3.24 71.69
C HIS P 55 -9.95 2.36 72.63
N ASP P 56 -9.49 2.93 73.75
CA ASP P 56 -8.78 2.18 74.77
C ASP P 56 -9.62 1.02 75.29
N GLU P 57 -10.90 1.30 75.56
CA GLU P 57 -11.85 0.28 76.00
C GLU P 57 -12.10 -0.76 74.92
N LEU P 58 -12.12 -0.31 73.66
CA LEU P 58 -12.27 -1.20 72.52
C LEU P 58 -11.08 -2.15 72.39
N VAL P 59 -9.87 -1.62 72.53
CA VAL P 59 -8.65 -2.42 72.47
C VAL P 59 -8.71 -3.55 73.49
N ALA P 60 -9.09 -3.20 74.73
CA ALA P 60 -9.22 -4.17 75.81
C ALA P 60 -10.30 -5.21 75.55
N LEU P 61 -11.45 -4.77 75.02
CA LEU P 61 -12.57 -5.67 74.68
C LEU P 61 -12.18 -6.71 73.63
N ILE P 62 -11.44 -6.28 72.61
CA ILE P 62 -11.00 -7.16 71.52
C ILE P 62 -10.00 -8.20 72.05
N GLU P 63 -9.01 -7.72 72.81
CA GLU P 63 -7.99 -8.58 73.42
C GLU P 63 -8.58 -9.65 74.33
N ARG P 64 -9.58 -9.25 75.13
CA ARG P 64 -10.26 -10.15 76.06
CA ARG P 64 -10.25 -10.15 76.06
C ARG P 64 -10.97 -11.27 75.30
N GLU P 65 -11.69 -10.90 74.25
CA GLU P 65 -12.44 -11.85 73.43
C GLU P 65 -11.50 -12.73 72.61
N ALA P 66 -10.36 -12.16 72.19
CA ALA P 66 -9.35 -12.91 71.45
C ALA P 66 -8.79 -14.06 72.28
N ALA P 67 -8.46 -13.78 73.54
CA ALA P 67 -7.91 -14.78 74.45
C ALA P 67 -8.90 -15.91 74.73
N GLU P 68 -10.17 -15.53 74.86
CA GLU P 68 -11.25 -16.50 75.11
C GLU P 68 -11.42 -17.46 73.94
N LEU P 69 -11.06 -17.00 72.74
CA LEU P 69 -11.12 -17.80 71.52
C LEU P 69 -9.80 -18.53 71.22
N GLY P 70 -8.80 -18.31 72.07
CA GLY P 70 -7.49 -18.92 71.90
C GLY P 70 -6.60 -18.19 70.90
N LEU P 71 -6.91 -16.92 70.66
CA LEU P 71 -6.16 -16.11 69.72
C LEU P 71 -5.46 -14.97 70.45
N LYS P 72 -4.59 -14.26 69.73
CA LYS P 72 -4.01 -13.03 70.22
C LYS P 72 -4.28 -11.89 69.24
N ALA P 73 -4.84 -10.80 69.75
CA ALA P 73 -5.15 -9.64 68.92
C ALA P 73 -4.18 -8.50 69.16
N VAL P 74 -3.64 -7.98 68.05
CA VAL P 74 -2.82 -6.78 68.08
C VAL P 74 -3.65 -5.63 67.49
N VAL P 75 -4.17 -4.78 68.36
CA VAL P 75 -5.07 -3.70 67.95
C VAL P 75 -4.31 -2.39 67.79
N ARG P 76 -4.38 -1.79 66.60
CA ARG P 76 -3.64 -0.57 66.29
C ARG P 76 -4.47 0.44 65.51
N GLN P 77 -4.33 1.71 65.88
CA GLN P 77 -5.04 2.81 65.22
C GLN P 77 -4.08 3.85 64.68
N SER P 78 -4.38 4.36 63.49
CA SER P 78 -3.63 5.46 62.89
C SER P 78 -4.51 6.32 62.00
N ASP P 79 -4.26 7.63 61.99
CA ASP P 79 -4.92 8.56 61.08
C ASP P 79 -4.15 8.67 59.75
N SER P 80 -2.99 8.02 59.70
CA SER P 80 -2.09 8.10 58.56
C SER P 80 -2.34 6.95 57.58
N GLU P 81 -2.67 7.29 56.34
CA GLU P 81 -2.84 6.30 55.27
C GLU P 81 -1.56 5.46 55.11
N ALA P 82 -0.41 6.13 55.11
CA ALA P 82 0.90 5.48 54.95
C ALA P 82 1.16 4.42 56.03
N GLN P 83 0.78 4.72 57.27
CA GLN P 83 0.96 3.79 58.38
C GLN P 83 0.10 2.54 58.26
N LEU P 84 -1.16 2.72 57.84
CA LEU P 84 -2.05 1.59 57.59
C LEU P 84 -1.50 0.69 56.49
N LEU P 85 -0.99 1.32 55.43
CA LEU P 85 -0.32 0.61 54.35
C LEU P 85 0.84 -0.23 54.87
N ASP P 86 1.64 0.36 55.77
CA ASP P 86 2.77 -0.35 56.37
C ASP P 86 2.30 -1.55 57.20
N TRP P 87 1.30 -1.33 58.06
CA TRP P 87 0.72 -2.39 58.88
C TRP P 87 0.15 -3.54 58.04
N ILE P 88 -0.47 -3.20 56.91
CA ILE P 88 -0.97 -4.20 55.97
C ILE P 88 0.18 -4.98 55.32
N HIS P 89 1.27 -4.29 55.00
CA HIS P 89 2.45 -4.92 54.41
C HIS P 89 3.08 -5.95 55.36
N GLN P 90 3.16 -5.60 56.64
CA GLN P 90 3.71 -6.49 57.67
C GLN P 90 2.87 -7.75 57.83
N ALA P 91 1.55 -7.59 57.77
CA ALA P 91 0.61 -8.72 57.90
C ALA P 91 0.65 -9.64 56.68
N ALA P 92 0.93 -9.08 55.51
CA ALA P 92 1.08 -9.87 54.29
C ALA P 92 2.35 -10.75 54.37
N ASP P 93 3.43 -10.16 54.85
CA ASP P 93 4.71 -10.87 55.03
C ASP P 93 4.62 -11.96 56.09
N ALA P 94 3.92 -11.68 57.18
CA ALA P 94 3.81 -12.61 58.31
C ALA P 94 2.65 -13.60 58.14
N ALA P 95 1.93 -13.48 57.02
CA ALA P 95 0.75 -14.32 56.73
C ALA P 95 -0.27 -14.30 57.87
N GLU P 96 -0.56 -13.10 58.37
CA GLU P 96 -1.50 -12.93 59.48
C GLU P 96 -2.84 -12.37 58.97
N PRO P 97 -3.96 -12.87 59.52
CA PRO P 97 -5.29 -12.35 59.20
C PRO P 97 -5.48 -10.91 59.68
N VAL P 98 -6.36 -10.17 59.01
CA VAL P 98 -6.61 -8.77 59.33
C VAL P 98 -8.10 -8.47 59.50
N ILE P 99 -8.43 -7.84 60.62
CA ILE P 99 -9.71 -7.19 60.79
C ILE P 99 -9.46 -5.70 60.55
N LEU P 100 -10.07 -5.17 59.50
CA LEU P 100 -9.80 -3.80 59.09
C LEU P 100 -11.03 -2.90 59.13
N ASN P 101 -10.95 -1.85 59.94
CA ASN P 101 -11.89 -0.74 59.86
C ASN P 101 -11.11 0.49 59.39
N ALA P 102 -11.27 0.81 58.11
CA ALA P 102 -10.46 1.84 57.47
C ALA P 102 -11.01 3.26 57.62
N GLY P 103 -12.18 3.37 58.24
CA GLY P 103 -12.85 4.66 58.37
C GLY P 103 -13.21 5.22 57.01
N GLY P 104 -12.92 6.50 56.79
CA GLY P 104 -13.22 7.19 55.55
C GLY P 104 -12.43 6.70 54.35
N LEU P 105 -11.26 6.12 54.61
CA LEU P 105 -10.39 5.59 53.57
C LEU P 105 -11.01 4.42 52.82
N THR P 106 -11.97 3.77 53.47
CA THR P 106 -12.78 2.71 52.86
C THR P 106 -13.29 3.11 51.48
N HIS P 107 -13.81 4.33 51.38
CA HIS P 107 -14.51 4.80 50.19
C HIS P 107 -13.59 5.53 49.21
N THR P 108 -12.37 5.82 49.62
CA THR P 108 -11.50 6.73 48.87
C THR P 108 -10.15 6.17 48.44
N SER P 109 -9.63 5.19 49.17
CA SER P 109 -8.25 4.74 48.96
C SER P 109 -8.09 3.48 48.09
N VAL P 110 -7.57 3.68 46.88
CA VAL P 110 -7.19 2.58 46.00
C VAL P 110 -5.86 2.01 46.50
N ALA P 111 -4.99 2.89 47.00
CA ALA P 111 -3.70 2.49 47.55
C ALA P 111 -3.84 1.47 48.68
N LEU P 112 -4.80 1.72 49.57
CA LEU P 112 -5.11 0.79 50.67
C LEU P 112 -5.65 -0.54 50.15
N ARG P 113 -6.54 -0.45 49.17
CA ARG P 113 -7.09 -1.64 48.49
C ARG P 113 -5.98 -2.49 47.88
N ASP P 114 -5.03 -1.84 47.20
CA ASP P 114 -3.93 -2.53 46.54
C ASP P 114 -3.04 -3.27 47.54
N ALA P 115 -2.80 -2.64 48.69
CA ALA P 115 -2.01 -3.24 49.77
C ALA P 115 -2.71 -4.47 50.34
N CYS P 116 -4.02 -4.38 50.51
CA CYS P 116 -4.83 -5.48 51.05
C CYS P 116 -4.92 -6.68 50.11
N ALA P 117 -4.68 -6.45 48.83
CA ALA P 117 -4.72 -7.51 47.82
C ALA P 117 -3.56 -8.50 47.98
N GLU P 118 -2.49 -8.07 48.64
CA GLU P 118 -1.33 -8.93 48.92
C GLU P 118 -1.59 -9.99 49.99
N LEU P 119 -2.63 -9.77 50.80
CA LEU P 119 -2.92 -10.65 51.94
C LEU P 119 -3.35 -12.05 51.47
N SER P 120 -2.66 -13.07 51.99
CA SER P 120 -3.02 -14.46 51.73
C SER P 120 -4.01 -14.96 52.77
N ALA P 121 -3.85 -14.49 54.01
CA ALA P 121 -4.77 -14.82 55.11
C ALA P 121 -6.03 -13.96 55.00
N PRO P 122 -7.13 -14.39 55.66
CA PRO P 122 -8.41 -13.68 55.50
C PRO P 122 -8.38 -12.21 55.95
N LEU P 123 -9.19 -11.39 55.29
CA LEU P 123 -9.36 -9.98 55.61
C LEU P 123 -10.85 -9.72 55.88
N ILE P 124 -11.15 -9.18 57.06
CA ILE P 124 -12.53 -8.87 57.41
C ILE P 124 -12.73 -7.36 57.55
N GLU P 125 -13.56 -6.80 56.69
CA GLU P 125 -13.89 -5.37 56.72
C GLU P 125 -14.96 -5.11 57.77
N VAL P 126 -14.74 -4.09 58.60
CA VAL P 126 -15.66 -3.78 59.70
C VAL P 126 -16.08 -2.32 59.69
N HIS P 127 -17.40 -2.09 59.81
CA HIS P 127 -17.95 -0.76 60.03
C HIS P 127 -18.87 -0.82 61.24
N ILE P 128 -18.62 0.08 62.20
CA ILE P 128 -19.40 0.16 63.43
C ILE P 128 -20.85 0.56 63.14
N SER P 129 -21.03 1.62 62.34
CA SER P 129 -22.35 2.08 61.95
C SER P 129 -22.79 1.39 60.66
N ASN P 130 -24.07 1.51 60.35
CA ASN P 130 -24.61 1.00 59.09
C ASN P 130 -24.37 2.00 57.96
N VAL P 131 -23.31 1.77 57.19
CA VAL P 131 -22.90 2.63 56.09
C VAL P 131 -24.00 2.81 55.03
N HIS P 132 -24.93 1.87 54.98
CA HIS P 132 -26.00 1.87 53.98
C HIS P 132 -27.23 2.69 54.39
N ALA P 133 -27.29 3.08 55.66
CA ALA P 133 -28.40 3.89 56.17
C ALA P 133 -28.05 5.37 56.18
N ARG P 134 -26.87 5.70 55.64
CA ARG P 134 -26.35 7.06 55.70
C ARG P 134 -26.26 7.65 54.28
N GLU P 135 -25.25 8.49 54.03
CA GLU P 135 -25.07 9.12 52.72
C GLU P 135 -24.73 8.06 51.66
N GLU P 136 -25.15 8.33 50.42
CA GLU P 136 -24.98 7.39 49.32
C GLU P 136 -23.51 7.07 49.01
N PHE P 137 -22.62 8.03 49.22
CA PHE P 137 -21.19 7.85 48.93
C PHE P 137 -20.49 6.84 49.85
N ARG P 138 -21.13 6.51 50.98
CA ARG P 138 -20.61 5.53 51.93
C ARG P 138 -21.00 4.10 51.55
N ARG P 139 -21.88 3.98 50.55
CA ARG P 139 -22.38 2.68 50.13
C ARG P 139 -21.48 2.00 49.10
N HIS P 140 -20.41 2.69 48.70
CA HIS P 140 -19.36 2.07 47.91
C HIS P 140 -18.08 1.91 48.73
N SER P 141 -17.43 0.77 48.56
CA SER P 141 -16.20 0.45 49.26
C SER P 141 -15.19 -0.15 48.29
N TYR P 142 -13.95 0.36 48.34
CA TYR P 142 -12.85 -0.19 47.56
C TYR P 142 -12.30 -1.46 48.19
N LEU P 143 -12.57 -1.65 49.48
CA LEU P 143 -12.07 -2.80 50.24
C LEU P 143 -12.95 -4.04 50.14
N SER P 144 -14.25 -3.84 50.00
CA SER P 144 -15.23 -4.93 49.98
C SER P 144 -14.97 -6.03 48.95
N PRO P 145 -14.70 -5.67 47.67
CA PRO P 145 -14.49 -6.72 46.66
C PRO P 145 -13.31 -7.63 46.92
N ILE P 146 -12.31 -7.15 47.66
CA ILE P 146 -11.09 -7.93 47.92
C ILE P 146 -11.06 -8.58 49.30
N ALA P 147 -11.95 -8.15 50.18
CA ALA P 147 -12.06 -8.71 51.53
C ALA P 147 -12.68 -10.10 51.50
N THR P 148 -12.40 -10.89 52.53
CA THR P 148 -13.05 -12.19 52.71
C THR P 148 -14.54 -11.98 53.01
N GLY P 149 -14.81 -11.12 53.99
CA GLY P 149 -16.17 -10.77 54.37
C GLY P 149 -16.25 -9.36 54.94
N VAL P 150 -17.47 -8.87 55.09
CA VAL P 150 -17.72 -7.52 55.59
C VAL P 150 -18.80 -7.54 56.66
N ILE P 151 -18.53 -6.92 57.80
CA ILE P 151 -19.52 -6.76 58.86
C ILE P 151 -19.84 -5.27 59.02
N VAL P 152 -21.12 -4.94 58.95
CA VAL P 152 -21.57 -3.55 58.96
C VAL P 152 -22.76 -3.36 59.91
N GLY P 153 -22.72 -2.29 60.67
CA GLY P 153 -23.88 -1.85 61.46
C GLY P 153 -24.15 -2.56 62.77
N LEU P 154 -23.26 -3.47 63.16
CA LEU P 154 -23.44 -4.24 64.40
C LEU P 154 -22.68 -3.63 65.59
N GLY P 155 -22.30 -2.36 65.43
CA GLY P 155 -21.62 -1.62 66.47
C GLY P 155 -20.24 -2.17 66.77
N ILE P 156 -19.83 -2.00 68.02
CA ILE P 156 -18.51 -2.40 68.48
C ILE P 156 -18.33 -3.93 68.44
N GLN P 157 -19.45 -4.67 68.53
CA GLN P 157 -19.46 -6.13 68.55
C GLN P 157 -19.00 -6.74 67.22
N GLY P 158 -19.08 -5.96 66.15
CA GLY P 158 -18.63 -6.38 64.82
C GLY P 158 -17.18 -6.88 64.80
N TYR P 159 -16.35 -6.31 65.66
CA TYR P 159 -14.96 -6.73 65.82
C TYR P 159 -14.87 -8.12 66.42
N LEU P 160 -15.65 -8.36 67.47
CA LEU P 160 -15.62 -9.63 68.20
C LEU P 160 -16.18 -10.77 67.35
N LEU P 161 -17.19 -10.44 66.55
CA LEU P 161 -17.79 -11.40 65.62
C LEU P 161 -16.81 -11.75 64.50
N ALA P 162 -16.01 -10.78 64.08
CA ALA P 162 -14.97 -10.99 63.09
C ALA P 162 -13.87 -11.90 63.64
N LEU P 163 -13.56 -11.74 64.92
CA LEU P 163 -12.60 -12.61 65.62
C LEU P 163 -13.08 -14.05 65.68
N ARG P 164 -14.37 -14.23 65.98
CA ARG P 164 -14.98 -15.54 66.11
C ARG P 164 -14.97 -16.31 64.79
N TYR P 165 -15.18 -15.59 63.69
CA TYR P 165 -15.05 -16.18 62.35
C TYR P 165 -13.62 -16.68 62.10
N LEU P 166 -12.64 -15.83 62.44
CA LEU P 166 -11.23 -16.16 62.25
C LEU P 166 -10.75 -17.30 63.15
N ALA P 167 -11.36 -17.42 64.33
CA ALA P 167 -11.08 -18.52 65.25
C ALA P 167 -11.46 -19.88 64.66
N GLU P 168 -12.43 -19.86 63.75
CA GLU P 168 -12.92 -21.07 63.10
C GLU P 168 -12.25 -21.32 61.75
N HIS P 169 -11.28 -20.48 61.41
CA HIS P 169 -10.53 -20.60 60.15
C HIS P 169 -9.04 -20.34 60.35
N LEU Q 29 -13.77 30.96 -5.69
CA LEU Q 29 -15.23 30.79 -5.52
C LEU Q 29 -15.67 29.34 -5.72
N ILE Q 30 -14.83 28.39 -5.32
CA ILE Q 30 -15.12 26.97 -5.46
C ILE Q 30 -15.58 26.37 -4.13
N VAL Q 31 -16.82 25.88 -4.11
CA VAL Q 31 -17.43 25.31 -2.90
C VAL Q 31 -17.64 23.80 -3.05
N ASN Q 32 -17.14 23.04 -2.08
CA ASN Q 32 -17.30 21.59 -2.08
C ASN Q 32 -18.50 21.13 -1.27
N VAL Q 33 -19.43 20.45 -1.94
CA VAL Q 33 -20.55 19.81 -1.25
C VAL Q 33 -20.28 18.31 -1.19
N ILE Q 34 -20.23 17.78 0.03
CA ILE Q 34 -19.82 16.39 0.27
C ILE Q 34 -20.90 15.63 1.03
N ASN Q 35 -21.35 14.53 0.44
CA ASN Q 35 -22.36 13.66 1.06
C ASN Q 35 -21.82 12.30 1.44
N GLY Q 36 -22.11 11.87 2.67
CA GLY Q 36 -21.62 10.61 3.22
C GLY Q 36 -22.46 9.40 2.86
N PRO Q 37 -22.38 8.34 3.68
CA PRO Q 37 -23.07 7.06 3.45
C PRO Q 37 -24.58 7.18 3.29
N ASN Q 38 -25.15 6.35 2.42
CA ASN Q 38 -26.59 6.25 2.18
C ASN Q 38 -27.23 7.49 1.52
N LEU Q 39 -26.43 8.52 1.28
CA LEU Q 39 -26.93 9.77 0.71
C LEU Q 39 -27.00 9.79 -0.81
N GLY Q 40 -26.38 8.79 -1.43
CA GLY Q 40 -26.53 8.56 -2.87
C GLY Q 40 -27.79 7.77 -3.14
N ARG Q 41 -28.54 7.49 -2.07
CA ARG Q 41 -29.75 6.68 -2.12
C ARG Q 41 -31.01 7.51 -1.83
N LEU Q 42 -30.89 8.83 -2.01
CA LEU Q 42 -32.02 9.74 -1.83
C LEU Q 42 -33.09 9.53 -2.90
N GLY Q 43 -34.34 9.76 -2.53
CA GLY Q 43 -35.47 9.52 -3.42
C GLY Q 43 -36.13 8.18 -3.16
N ARG Q 44 -35.32 7.19 -2.82
CA ARG Q 44 -35.81 5.86 -2.47
C ARG Q 44 -35.64 5.58 -0.98
N ARG Q 45 -35.00 6.50 -0.27
CA ARG Q 45 -34.75 6.37 1.17
C ARG Q 45 -36.02 6.60 2.00
N GLU Q 46 -36.72 7.70 1.72
CA GLU Q 46 -37.97 8.02 2.40
C GLU Q 46 -38.90 8.82 1.49
N TYR Q 50 -36.24 13.44 4.65
CA TYR Q 50 -37.08 13.75 3.49
C TYR Q 50 -36.53 13.11 2.22
N GLY Q 51 -37.42 12.49 1.45
CA GLY Q 51 -37.05 11.82 0.21
C GLY Q 51 -37.72 12.42 -1.02
N GLY Q 52 -37.82 11.62 -2.08
CA GLY Q 52 -38.40 12.07 -3.34
C GLY Q 52 -37.33 12.54 -4.32
N THR Q 53 -36.55 13.54 -3.90
CA THR Q 53 -35.47 14.08 -4.72
C THR Q 53 -34.27 13.14 -4.73
N THR Q 54 -33.84 12.75 -5.92
CA THR Q 54 -32.66 11.88 -6.09
C THR Q 54 -31.37 12.67 -5.95
N HIS Q 55 -30.25 11.96 -5.83
CA HIS Q 55 -28.95 12.60 -5.70
C HIS Q 55 -28.52 13.33 -6.98
N ASP Q 56 -28.86 12.74 -8.13
CA ASP Q 56 -28.57 13.34 -9.44
C ASP Q 56 -29.27 14.70 -9.60
N GLU Q 57 -30.51 14.78 -9.12
CA GLU Q 57 -31.28 16.01 -9.12
C GLU Q 57 -30.71 17.03 -8.13
N LEU Q 58 -30.20 16.53 -7.01
CA LEU Q 58 -29.56 17.36 -5.98
C LEU Q 58 -28.31 18.04 -6.53
N VAL Q 59 -27.51 17.30 -7.32
CA VAL Q 59 -26.32 17.85 -7.97
C VAL Q 59 -26.71 18.96 -8.95
N ALA Q 60 -27.79 18.73 -9.71
CA ALA Q 60 -28.30 19.70 -10.68
C ALA Q 60 -28.85 20.96 -10.01
N LEU Q 61 -29.55 20.78 -8.89
CA LEU Q 61 -30.13 21.90 -8.14
C LEU Q 61 -29.07 22.75 -7.46
N ILE Q 62 -28.00 22.11 -6.99
CA ILE Q 62 -26.88 22.81 -6.36
C ILE Q 62 -26.07 23.59 -7.40
N GLU Q 63 -25.80 22.96 -8.54
CA GLU Q 63 -25.07 23.60 -9.65
C GLU Q 63 -25.84 24.75 -10.28
N ARG Q 64 -27.17 24.66 -10.23
CA ARG Q 64 -28.06 25.73 -10.69
C ARG Q 64 -28.00 26.93 -9.73
N GLU Q 65 -27.99 26.65 -8.43
CA GLU Q 65 -27.97 27.68 -7.40
C GLU Q 65 -26.61 28.38 -7.28
N ALA Q 66 -25.54 27.59 -7.38
CA ALA Q 66 -24.17 28.11 -7.29
C ALA Q 66 -23.87 29.11 -8.40
N ALA Q 67 -24.27 28.76 -9.63
CA ALA Q 67 -24.10 29.64 -10.78
C ALA Q 67 -24.90 30.94 -10.65
N GLU Q 68 -26.09 30.83 -10.05
CA GLU Q 68 -26.93 32.01 -9.77
C GLU Q 68 -26.32 32.93 -8.70
N LEU Q 69 -25.32 32.42 -7.99
CA LEU Q 69 -24.68 33.18 -6.91
C LEU Q 69 -23.22 33.53 -7.21
N GLY Q 70 -22.71 33.01 -8.34
CA GLY Q 70 -21.33 33.27 -8.75
C GLY Q 70 -20.33 32.27 -8.20
N LEU Q 71 -20.84 31.17 -7.65
CA LEU Q 71 -20.00 30.12 -7.07
C LEU Q 71 -19.86 28.91 -8.00
N LYS Q 72 -18.82 28.13 -7.77
CA LYS Q 72 -18.57 26.91 -8.53
C LYS Q 72 -18.64 25.73 -7.57
N ALA Q 73 -19.70 24.93 -7.70
CA ALA Q 73 -19.95 23.83 -6.77
C ALA Q 73 -19.48 22.48 -7.31
N VAL Q 74 -18.74 21.76 -6.47
CA VAL Q 74 -18.32 20.39 -6.78
C VAL Q 74 -19.04 19.45 -5.80
N VAL Q 75 -20.00 18.69 -6.32
CA VAL Q 75 -20.82 17.81 -5.50
C VAL Q 75 -20.38 16.36 -5.65
N ARG Q 76 -20.05 15.73 -4.53
CA ARG Q 76 -19.61 14.33 -4.52
C ARG Q 76 -20.22 13.54 -3.36
N GLN Q 77 -20.51 12.29 -3.61
CA GLN Q 77 -21.06 11.37 -2.60
C GLN Q 77 -20.19 10.12 -2.52
N SER Q 78 -20.03 9.59 -1.31
CA SER Q 78 -19.31 8.34 -1.09
C SER Q 78 -19.81 7.60 0.15
N ASP Q 79 -19.96 6.29 0.03
CA ASP Q 79 -20.26 5.42 1.15
C ASP Q 79 -18.99 5.03 1.90
N SER Q 80 -17.84 5.41 1.33
CA SER Q 80 -16.53 5.09 1.90
C SER Q 80 -16.00 6.24 2.74
N GLU Q 81 -15.74 5.96 4.01
CA GLU Q 81 -15.19 6.92 4.96
C GLU Q 81 -13.85 7.48 4.49
N ALA Q 82 -12.98 6.59 4.00
CA ALA Q 82 -11.65 6.95 3.52
C ALA Q 82 -11.67 7.91 2.34
N GLN Q 83 -12.67 7.75 1.47
CA GLN Q 83 -12.85 8.63 0.32
C GLN Q 83 -13.34 10.02 0.75
N LEU Q 84 -14.22 10.04 1.75
CA LEU Q 84 -14.69 11.29 2.34
C LEU Q 84 -13.53 12.04 3.00
N LEU Q 85 -12.68 11.31 3.72
CA LEU Q 85 -11.49 11.86 4.36
C LEU Q 85 -10.55 12.50 3.34
N ASP Q 86 -10.37 11.83 2.20
CA ASP Q 86 -9.53 12.33 1.11
C ASP Q 86 -10.06 13.64 0.53
N TRP Q 87 -11.38 13.74 0.36
CA TRP Q 87 -12.00 14.93 -0.21
C TRP Q 87 -11.88 16.17 0.68
N ILE Q 88 -12.00 15.98 1.99
CA ILE Q 88 -11.84 17.10 2.92
C ILE Q 88 -10.36 17.44 3.15
N HIS Q 89 -9.47 16.46 2.95
CA HIS Q 89 -8.04 16.73 2.92
C HIS Q 89 -7.69 17.65 1.75
N GLN Q 90 -8.29 17.38 0.59
CA GLN Q 90 -8.10 18.20 -0.60
C GLN Q 90 -8.65 19.61 -0.39
N ALA Q 91 -9.79 19.69 0.30
CA ALA Q 91 -10.41 20.97 0.62
C ALA Q 91 -9.63 21.76 1.67
N ALA Q 92 -8.87 21.05 2.49
CA ALA Q 92 -7.97 21.67 3.46
C ALA Q 92 -6.74 22.27 2.78
N ASP Q 93 -6.15 21.52 1.84
CA ASP Q 93 -4.98 21.98 1.10
C ASP Q 93 -5.30 23.15 0.16
N ALA Q 94 -6.46 23.09 -0.48
CA ALA Q 94 -6.89 24.13 -1.42
C ALA Q 94 -7.57 25.31 -0.72
N ALA Q 95 -7.78 25.17 0.59
CA ALA Q 95 -8.48 26.18 1.40
C ALA Q 95 -9.85 26.54 0.85
N GLU Q 96 -10.61 25.51 0.47
CA GLU Q 96 -11.95 25.67 -0.08
C GLU Q 96 -13.02 25.38 0.99
N PRO Q 97 -14.13 26.14 0.97
CA PRO Q 97 -15.26 25.89 1.88
C PRO Q 97 -15.91 24.51 1.66
N VAL Q 98 -16.46 23.95 2.73
CA VAL Q 98 -17.07 22.62 2.67
C VAL Q 98 -18.49 22.63 3.23
N ILE Q 99 -19.43 22.10 2.46
CA ILE Q 99 -20.77 21.80 2.95
C ILE Q 99 -20.88 20.29 3.10
N LEU Q 100 -20.98 19.82 4.33
CA LEU Q 100 -20.92 18.38 4.61
C LEU Q 100 -22.19 17.82 5.23
N ASN Q 101 -22.74 16.80 4.60
CA ASN Q 101 -23.73 15.92 5.21
C ASN Q 101 -23.08 14.55 5.33
N ALA Q 102 -22.65 14.22 6.55
CA ALA Q 102 -21.86 13.01 6.78
C ALA Q 102 -22.70 11.75 6.93
N GLY Q 103 -24.02 11.90 6.86
CA GLY Q 103 -24.93 10.80 7.10
C GLY Q 103 -24.75 10.25 8.50
N GLY Q 104 -24.69 8.92 8.61
CA GLY Q 104 -24.53 8.26 9.90
C GLY Q 104 -23.22 8.52 10.60
N LEU Q 105 -22.19 8.89 9.84
CA LEU Q 105 -20.85 9.15 10.37
C LEU Q 105 -20.78 10.40 11.25
N THR Q 106 -21.78 11.26 11.11
CA THR Q 106 -21.96 12.45 11.94
C THR Q 106 -21.88 12.12 13.44
N HIS Q 107 -22.48 10.99 13.81
CA HIS Q 107 -22.63 10.59 15.21
C HIS Q 107 -21.57 9.58 15.66
N THR Q 108 -20.76 9.10 14.72
CA THR Q 108 -19.83 7.99 15.01
C THR Q 108 -18.35 8.27 14.74
N SER Q 109 -18.07 9.09 13.74
CA SER Q 109 -16.68 9.23 13.26
C SER Q 109 -15.86 10.33 13.92
N VAL Q 110 -14.81 9.93 14.63
CA VAL Q 110 -13.83 10.86 15.18
C VAL Q 110 -12.81 11.22 14.11
N ALA Q 111 -12.50 10.25 13.26
CA ALA Q 111 -11.59 10.44 12.12
C ALA Q 111 -12.07 11.55 11.17
N LEU Q 112 -13.36 11.58 10.89
CA LEU Q 112 -13.94 12.61 10.02
C LEU Q 112 -13.87 13.99 10.68
N ARG Q 113 -14.16 14.04 11.99
CA ARG Q 113 -14.03 15.25 12.78
C ARG Q 113 -12.60 15.81 12.74
N ASP Q 114 -11.62 14.93 12.96
CA ASP Q 114 -10.21 15.31 13.00
C ASP Q 114 -9.71 15.87 11.67
N ALA Q 115 -10.23 15.32 10.57
CA ALA Q 115 -9.90 15.81 9.22
C ALA Q 115 -10.58 17.15 8.94
N CYS Q 116 -11.82 17.29 9.38
CA CYS Q 116 -12.59 18.53 9.23
C CYS Q 116 -12.01 19.68 10.05
N ALA Q 117 -11.25 19.34 11.09
CA ALA Q 117 -10.59 20.32 11.95
C ALA Q 117 -9.43 21.02 11.24
N GLU Q 118 -8.99 20.46 10.12
CA GLU Q 118 -7.89 21.02 9.33
C GLU Q 118 -8.34 22.14 8.39
N LEU Q 119 -9.65 22.21 8.14
CA LEU Q 119 -10.22 23.18 7.22
C LEU Q 119 -10.12 24.60 7.78
N SER Q 120 -9.51 25.49 6.99
CA SER Q 120 -9.39 26.90 7.37
C SER Q 120 -10.57 27.71 6.85
N ALA Q 121 -11.12 27.27 5.72
CA ALA Q 121 -12.34 27.86 5.15
C ALA Q 121 -13.56 27.34 5.90
N PRO Q 122 -14.71 28.06 5.84
CA PRO Q 122 -15.88 27.67 6.61
C PRO Q 122 -16.40 26.26 6.31
N LEU Q 123 -16.94 25.61 7.34
CA LEU Q 123 -17.52 24.27 7.22
C LEU Q 123 -18.95 24.28 7.72
N ILE Q 124 -19.89 23.94 6.85
CA ILE Q 124 -21.30 23.90 7.21
C ILE Q 124 -21.84 22.47 7.20
N GLU Q 125 -22.38 22.06 8.34
CA GLU Q 125 -23.01 20.76 8.50
C GLU Q 125 -24.48 20.84 8.10
N VAL Q 126 -24.92 19.90 7.27
CA VAL Q 126 -26.30 19.89 6.79
C VAL Q 126 -26.98 18.55 7.09
N HIS Q 127 -28.19 18.63 7.63
CA HIS Q 127 -29.04 17.45 7.81
C HIS Q 127 -30.38 17.71 7.15
N ILE Q 128 -30.78 16.79 6.27
CA ILE Q 128 -32.02 16.91 5.52
C ILE Q 128 -33.25 16.79 6.43
N SER Q 129 -33.30 15.72 7.23
CA SER Q 129 -34.39 15.54 8.20
C SER Q 129 -34.08 16.26 9.51
N ASN Q 130 -35.11 16.49 10.32
CA ASN Q 130 -34.92 17.03 11.66
C ASN Q 130 -34.33 15.96 12.58
N VAL Q 131 -33.04 16.10 12.86
CA VAL Q 131 -32.27 15.09 13.57
C VAL Q 131 -32.61 15.01 15.06
N HIS Q 132 -33.26 16.06 15.58
CA HIS Q 132 -33.65 16.12 17.00
C HIS Q 132 -35.07 15.62 17.24
N ALA Q 133 -35.78 15.34 16.15
CA ALA Q 133 -37.14 14.80 16.22
C ALA Q 133 -37.13 13.28 16.18
N ARG Q 134 -35.94 12.71 16.00
CA ARG Q 134 -35.77 11.26 15.84
C ARG Q 134 -35.15 10.62 17.08
N GLU Q 135 -34.38 9.55 16.89
CA GLU Q 135 -33.75 8.82 18.00
C GLU Q 135 -32.74 9.69 18.75
N GLU Q 136 -32.54 9.38 20.02
CA GLU Q 136 -31.65 10.16 20.89
C GLU Q 136 -30.19 10.21 20.47
N PHE Q 137 -29.67 9.10 19.92
CA PHE Q 137 -28.28 9.04 19.50
C PHE Q 137 -27.96 9.98 18.33
N ARG Q 138 -28.98 10.33 17.55
CA ARG Q 138 -28.85 11.26 16.43
C ARG Q 138 -28.70 12.72 16.88
N ARG Q 139 -28.91 12.96 18.17
CA ARG Q 139 -28.88 14.32 18.73
C ARG Q 139 -27.49 14.76 19.16
N HIS Q 140 -26.50 13.88 19.01
CA HIS Q 140 -25.10 14.24 19.23
C HIS Q 140 -24.32 14.17 17.92
N SER Q 141 -23.48 15.17 17.69
CA SER Q 141 -22.65 15.25 16.50
C SER Q 141 -21.21 15.53 16.87
N TYR Q 142 -20.29 14.73 16.32
CA TYR Q 142 -18.86 14.99 16.46
C TYR Q 142 -18.43 16.16 15.58
N LEU Q 143 -19.24 16.46 14.57
CA LEU Q 143 -18.92 17.49 13.58
C LEU Q 143 -19.33 18.90 14.01
N SER Q 144 -20.49 19.00 14.65
CA SER Q 144 -21.09 20.29 15.04
C SER Q 144 -20.15 21.26 15.79
N PRO Q 145 -19.42 20.80 16.83
CA PRO Q 145 -18.56 21.71 17.59
C PRO Q 145 -17.45 22.37 16.76
N ILE Q 146 -16.93 21.66 15.76
CA ILE Q 146 -15.80 22.16 14.97
C ILE Q 146 -16.23 22.81 13.65
N ALA Q 147 -17.52 22.73 13.34
CA ALA Q 147 -18.08 23.35 12.14
C ALA Q 147 -18.43 24.81 12.39
N THR Q 148 -18.45 25.60 11.31
CA THR Q 148 -18.84 27.01 11.40
C THR Q 148 -20.32 27.12 11.80
N GLY Q 149 -21.16 26.33 11.14
CA GLY Q 149 -22.60 26.31 11.43
C GLY Q 149 -23.26 25.00 11.04
N VAL Q 150 -24.48 24.80 11.55
CA VAL Q 150 -25.25 23.59 11.28
C VAL Q 150 -26.68 23.94 10.85
N ILE Q 151 -27.10 23.39 9.71
CA ILE Q 151 -28.48 23.49 9.25
C ILE Q 151 -29.15 22.12 9.33
N VAL Q 152 -30.29 22.06 10.03
CA VAL Q 152 -30.98 20.79 10.28
C VAL Q 152 -32.47 20.91 9.92
N GLY Q 153 -32.99 19.87 9.29
CA GLY Q 153 -34.43 19.71 9.09
C GLY Q 153 -35.12 20.60 8.07
N LEU Q 154 -34.33 21.25 7.21
CA LEU Q 154 -34.88 22.13 6.18
C LEU Q 154 -34.85 21.50 4.79
N GLY Q 155 -34.83 20.16 4.76
CA GLY Q 155 -34.86 19.39 3.53
C GLY Q 155 -33.65 19.59 2.65
N ILE Q 156 -33.86 19.43 1.34
CA ILE Q 156 -32.80 19.59 0.34
C ILE Q 156 -32.33 21.05 0.23
N GLN Q 157 -33.20 21.99 0.62
CA GLN Q 157 -32.91 23.42 0.52
C GLN Q 157 -31.79 23.87 1.47
N GLY Q 158 -31.51 23.06 2.49
CA GLY Q 158 -30.42 23.31 3.44
C GLY Q 158 -29.07 23.45 2.75
N TYR Q 159 -28.86 22.69 1.69
CA TYR Q 159 -27.64 22.76 0.87
C TYR Q 159 -27.49 24.12 0.20
N LEU Q 160 -28.59 24.63 -0.34
CA LEU Q 160 -28.60 25.89 -1.08
C LEU Q 160 -28.48 27.08 -0.12
N LEU Q 161 -29.12 26.97 1.04
CA LEU Q 161 -29.03 27.99 2.08
C LEU Q 161 -27.61 28.09 2.63
N ALA Q 162 -26.92 26.95 2.67
CA ALA Q 162 -25.51 26.89 3.06
C ALA Q 162 -24.62 27.57 2.02
N LEU Q 163 -24.94 27.35 0.74
CA LEU Q 163 -24.25 28.00 -0.38
C LEU Q 163 -24.43 29.52 -0.33
N ARG Q 164 -25.65 29.96 -0.05
CA ARG Q 164 -25.97 31.39 0.01
C ARG Q 164 -25.24 32.09 1.15
N TYR Q 165 -25.01 31.35 2.24
CA TYR Q 165 -24.20 31.85 3.35
C TYR Q 165 -22.75 32.03 2.90
N LEU Q 166 -22.21 31.03 2.20
CA LEU Q 166 -20.83 31.05 1.73
C LEU Q 166 -20.57 32.07 0.63
N ALA Q 167 -21.61 32.41 -0.12
CA ALA Q 167 -21.53 33.43 -1.18
C ALA Q 167 -21.22 34.82 -0.62
N GLU Q 168 -21.66 35.07 0.62
CA GLU Q 168 -21.52 36.38 1.24
C GLU Q 168 -20.47 36.42 2.36
N HIS Q 169 -19.46 35.55 2.25
CA HIS Q 169 -18.38 35.48 3.25
C HIS Q 169 -17.01 35.22 2.61
N LEU R 29 22.50 17.29 34.72
CA LEU R 29 21.05 17.11 34.38
C LEU R 29 20.40 16.05 35.27
N ILE R 30 19.63 16.52 36.26
CA ILE R 30 19.02 15.64 37.26
C ILE R 30 17.56 15.30 36.92
N VAL R 31 17.25 14.01 36.92
CA VAL R 31 15.89 13.52 36.71
C VAL R 31 15.38 12.83 37.98
N ASN R 32 14.19 13.22 38.42
CA ASN R 32 13.57 12.63 39.60
C ASN R 32 12.56 11.53 39.26
N VAL R 33 12.88 10.31 39.67
CA VAL R 33 11.94 9.20 39.55
C VAL R 33 11.29 8.99 40.91
N ILE R 34 9.98 9.25 40.98
CA ILE R 34 9.24 9.18 42.22
C ILE R 34 8.19 8.08 42.16
N ASN R 35 8.31 7.14 43.09
CA ASN R 35 7.36 6.02 43.19
C ASN R 35 6.44 6.14 44.39
N GLY R 36 5.15 5.91 44.15
CA GLY R 36 4.12 6.06 45.17
C GLY R 36 3.84 4.79 45.96
N PRO R 37 2.68 4.74 46.63
CA PRO R 37 2.25 3.65 47.50
C PRO R 37 2.39 2.26 46.88
N ASN R 38 2.86 1.31 47.70
CA ASN R 38 2.94 -0.11 47.33
C ASN R 38 4.04 -0.50 46.34
N LEU R 39 4.71 0.49 45.77
CA LEU R 39 5.76 0.23 44.78
C LEU R 39 7.08 -0.23 45.41
N GLY R 40 7.22 -0.04 46.72
CA GLY R 40 8.34 -0.62 47.45
C GLY R 40 8.17 -2.11 47.63
N ARG R 41 6.95 -2.59 47.41
CA ARG R 41 6.60 -4.01 47.56
C ARG R 41 6.83 -4.83 46.29
N LEU R 42 7.46 -4.20 45.28
CA LEU R 42 7.77 -4.86 44.02
C LEU R 42 8.58 -6.14 44.23
N GLY R 43 8.14 -7.22 43.59
CA GLY R 43 8.77 -8.53 43.75
C GLY R 43 7.81 -9.54 44.33
N ARG R 44 7.58 -9.44 45.64
CA ARG R 44 6.65 -10.32 46.35
C ARG R 44 5.19 -9.91 46.12
N GLY R 51 8.36 -12.56 37.37
CA GLY R 51 8.71 -12.27 38.75
C GLY R 51 8.23 -10.90 39.21
N GLY R 52 9.06 -10.18 39.96
CA GLY R 52 10.39 -10.64 40.34
C GLY R 52 11.33 -9.51 40.73
N THR R 53 11.31 -8.43 39.95
CA THR R 53 12.19 -7.29 40.15
C THR R 53 11.78 -6.48 41.38
N THR R 54 12.74 -6.29 42.29
CA THR R 54 12.52 -5.52 43.52
C THR R 54 12.75 -4.04 43.25
N HIS R 55 12.35 -3.19 44.20
CA HIS R 55 12.56 -1.75 44.05
C HIS R 55 14.05 -1.38 44.05
N ASP R 56 14.82 -2.04 44.91
CA ASP R 56 16.27 -1.88 44.94
C ASP R 56 16.90 -2.17 43.58
N GLU R 57 16.46 -3.27 42.97
CA GLU R 57 16.91 -3.65 41.63
C GLU R 57 16.45 -2.66 40.57
N LEU R 58 15.24 -2.13 40.74
CA LEU R 58 14.68 -1.12 39.84
C LEU R 58 15.49 0.17 39.88
N VAL R 59 15.86 0.60 41.08
CA VAL R 59 16.71 1.79 41.26
C VAL R 59 18.04 1.60 40.55
N ALA R 60 18.63 0.41 40.69
CA ALA R 60 19.90 0.06 40.05
C ALA R 60 19.81 0.16 38.52
N LEU R 61 18.71 -0.32 37.95
CA LEU R 61 18.49 -0.28 36.50
C LEU R 61 18.32 1.15 36.00
N ILE R 62 17.58 1.96 36.75
CA ILE R 62 17.32 3.37 36.40
C ILE R 62 18.61 4.18 36.44
N GLU R 63 19.38 4.04 37.52
CA GLU R 63 20.64 4.78 37.69
C GLU R 63 21.67 4.44 36.61
N ARG R 64 21.73 3.16 36.24
CA ARG R 64 22.64 2.70 35.19
C ARG R 64 22.25 3.25 33.82
N GLU R 65 20.95 3.25 33.53
CA GLU R 65 20.42 3.75 32.27
C GLU R 65 20.60 5.27 32.13
N ALA R 66 20.38 6.00 33.23
CA ALA R 66 20.52 7.44 33.23
C ALA R 66 21.97 7.88 32.97
N ALA R 67 22.91 7.28 33.69
CA ALA R 67 24.34 7.54 33.51
C ALA R 67 24.78 7.22 32.08
N GLU R 68 24.20 6.16 31.52
CA GLU R 68 24.45 5.76 30.13
C GLU R 68 23.92 6.80 29.15
N LEU R 69 22.87 7.51 29.56
CA LEU R 69 22.24 8.55 28.73
C LEU R 69 22.78 9.94 29.02
N GLY R 70 23.73 10.03 29.95
CA GLY R 70 24.33 11.31 30.33
C GLY R 70 23.49 12.10 31.32
N LEU R 71 22.61 11.41 32.03
CA LEU R 71 21.75 12.01 33.03
C LEU R 71 22.10 11.48 34.43
N LYS R 72 21.57 12.15 35.45
CA LYS R 72 21.66 11.67 36.82
C LYS R 72 20.24 11.43 37.35
N ALA R 73 20.00 10.22 37.84
CA ALA R 73 18.67 9.85 38.32
C ALA R 73 18.59 9.77 39.84
N VAL R 74 17.60 10.46 40.40
CA VAL R 74 17.30 10.37 41.83
C VAL R 74 15.98 9.62 41.98
N VAL R 75 16.05 8.41 42.54
CA VAL R 75 14.90 7.53 42.65
C VAL R 75 14.45 7.42 44.11
N ARG R 76 13.20 7.75 44.37
CA ARG R 76 12.66 7.75 45.73
C ARG R 76 11.24 7.16 45.78
N GLN R 77 10.98 6.33 46.79
CA GLN R 77 9.69 5.67 46.97
C GLN R 77 9.09 5.99 48.33
N SER R 78 7.78 6.24 48.36
CA SER R 78 7.05 6.49 49.59
C SER R 78 5.57 6.13 49.49
N ASP R 79 5.03 5.59 50.57
CA ASP R 79 3.60 5.31 50.68
C ASP R 79 2.84 6.53 51.18
N SER R 80 3.58 7.54 51.62
CA SER R 80 3.01 8.78 52.14
C SER R 80 2.79 9.81 51.03
N GLU R 81 1.53 10.23 50.88
CA GLU R 81 1.16 11.29 49.93
C GLU R 81 1.88 12.60 50.25
N ALA R 82 2.00 12.91 51.54
CA ALA R 82 2.69 14.10 52.00
C ALA R 82 4.16 14.11 51.58
N GLN R 83 4.81 12.95 51.71
CA GLN R 83 6.20 12.78 51.29
C GLN R 83 6.35 13.01 49.79
N LEU R 84 5.40 12.47 49.01
CA LEU R 84 5.39 12.66 47.56
C LEU R 84 5.20 14.11 47.17
N LEU R 85 4.23 14.78 47.80
CA LEU R 85 3.97 16.20 47.56
C LEU R 85 5.23 17.04 47.74
N ASP R 86 5.94 16.80 48.85
CA ASP R 86 7.19 17.49 49.17
C ASP R 86 8.25 17.30 48.09
N TRP R 87 8.39 16.07 47.59
CA TRP R 87 9.36 15.76 46.53
C TRP R 87 9.04 16.47 45.21
N ILE R 88 7.75 16.60 44.89
CA ILE R 88 7.32 17.33 43.71
C ILE R 88 7.59 18.83 43.86
N HIS R 89 7.33 19.36 45.05
CA HIS R 89 7.64 20.77 45.37
C HIS R 89 9.11 21.10 45.12
N GLN R 90 9.99 20.20 45.56
CA GLN R 90 11.44 20.35 45.36
C GLN R 90 11.82 20.34 43.88
N ALA R 91 11.25 19.39 43.14
CA ALA R 91 11.49 19.27 41.71
C ALA R 91 10.98 20.50 40.96
N ALA R 92 9.87 21.05 41.42
CA ALA R 92 9.29 22.27 40.86
C ALA R 92 10.20 23.46 41.11
N ASP R 93 10.74 23.54 42.34
CA ASP R 93 11.66 24.60 42.74
C ASP R 93 12.99 24.53 42.00
N ALA R 94 13.45 23.32 41.72
CA ALA R 94 14.71 23.10 41.04
C ALA R 94 14.56 23.00 39.51
N ALA R 95 13.31 23.13 39.03
CA ALA R 95 12.96 22.99 37.61
C ALA R 95 13.48 21.68 37.01
N GLU R 96 13.26 20.59 37.73
CA GLU R 96 13.75 19.27 37.32
C GLU R 96 12.62 18.40 36.76
N PRO R 97 12.91 17.62 35.71
CA PRO R 97 11.92 16.68 35.17
C PRO R 97 11.53 15.61 36.19
N VAL R 98 10.26 15.18 36.13
CA VAL R 98 9.75 14.15 37.03
C VAL R 98 9.16 12.98 36.25
N ILE R 99 9.63 11.78 36.56
CA ILE R 99 9.00 10.55 36.12
C ILE R 99 8.21 10.04 37.32
N LEU R 100 6.89 10.00 37.20
CA LEU R 100 6.02 9.70 38.34
C LEU R 100 5.17 8.45 38.15
N ASN R 101 5.30 7.54 39.12
CA ASN R 101 4.39 6.41 39.28
C ASN R 101 3.72 6.53 40.65
N ALA R 102 2.49 7.02 40.66
CA ALA R 102 1.81 7.36 41.90
C ALA R 102 1.04 6.21 42.54
N GLY R 103 1.07 5.03 41.91
CA GLY R 103 0.29 3.90 42.37
C GLY R 103 -1.19 4.25 42.43
N GLY R 104 -1.85 3.89 43.52
CA GLY R 104 -3.27 4.15 43.71
C GLY R 104 -3.67 5.62 43.74
N LEU R 105 -2.72 6.48 44.09
CA LEU R 105 -2.95 7.92 44.18
C LEU R 105 -3.18 8.56 42.82
N THR R 106 -2.87 7.81 41.76
CA THR R 106 -3.11 8.21 40.38
C THR R 106 -4.59 8.53 40.15
N HIS R 107 -5.46 7.70 40.72
CA HIS R 107 -6.88 7.73 40.43
C HIS R 107 -7.69 8.53 41.46
N THR R 108 -7.02 8.96 42.52
CA THR R 108 -7.73 9.50 43.69
C THR R 108 -7.25 10.88 44.17
N SER R 109 -5.98 11.20 43.96
CA SER R 109 -5.38 12.38 44.57
C SER R 109 -5.39 13.65 43.70
N VAL R 110 -6.26 14.59 44.06
CA VAL R 110 -6.29 15.92 43.44
C VAL R 110 -5.10 16.73 43.95
N ALA R 111 -4.75 16.53 45.22
CA ALA R 111 -3.63 17.22 45.86
C ALA R 111 -2.32 16.96 45.12
N LEU R 112 -2.10 15.71 44.72
CA LEU R 112 -0.91 15.32 43.98
C LEU R 112 -0.91 15.93 42.59
N ARG R 113 -2.08 15.95 41.95
CA ARG R 113 -2.25 16.59 40.65
C ARG R 113 -1.87 18.08 40.73
N ASP R 114 -2.43 18.78 41.71
CA ASP R 114 -2.19 20.21 41.90
C ASP R 114 -0.72 20.54 42.13
N ALA R 115 -0.04 19.68 42.89
CA ALA R 115 1.40 19.83 43.10
C ALA R 115 2.16 19.60 41.79
N CYS R 116 1.74 18.60 41.02
CA CYS R 116 2.36 18.27 39.74
C CYS R 116 2.17 19.36 38.68
N ALA R 117 1.03 20.05 38.75
CA ALA R 117 0.71 21.15 37.84
C ALA R 117 1.67 22.33 37.99
N GLU R 118 2.43 22.34 39.07
CA GLU R 118 3.38 23.41 39.37
C GLU R 118 4.73 23.21 38.66
N LEU R 119 4.98 21.97 38.22
CA LEU R 119 6.23 21.63 37.55
C LEU R 119 6.39 22.34 36.21
N SER R 120 7.54 22.96 35.99
CA SER R 120 7.84 23.67 34.75
C SER R 120 8.55 22.76 33.73
N ALA R 121 9.25 21.76 34.25
CA ALA R 121 9.91 20.75 33.41
C ALA R 121 8.94 19.59 33.11
N PRO R 122 9.24 18.79 32.06
CA PRO R 122 8.35 17.67 31.65
C PRO R 122 8.00 16.69 32.77
N LEU R 123 6.79 16.15 32.70
CA LEU R 123 6.32 15.14 33.64
C LEU R 123 5.82 13.91 32.88
N ILE R 124 6.41 12.74 33.18
CA ILE R 124 6.00 11.50 32.54
C ILE R 124 5.33 10.59 33.56
N GLU R 125 4.05 10.29 33.33
CA GLU R 125 3.30 9.35 34.15
C GLU R 125 3.64 7.93 33.72
N VAL R 126 3.97 7.08 34.68
CA VAL R 126 4.36 5.70 34.40
C VAL R 126 3.51 4.70 35.19
N HIS R 127 3.05 3.66 34.49
CA HIS R 127 2.40 2.52 35.12
C HIS R 127 3.06 1.24 34.60
N ILE R 128 3.49 0.39 35.54
CA ILE R 128 4.14 -0.88 35.20
C ILE R 128 3.22 -1.81 34.41
N SER R 129 2.00 -2.01 34.92
CA SER R 129 1.02 -2.88 34.26
C SER R 129 0.05 -2.06 33.40
N ASN R 130 -0.64 -2.74 32.48
CA ASN R 130 -1.63 -2.09 31.64
C ASN R 130 -2.88 -1.80 32.44
N VAL R 131 -3.04 -0.52 32.78
CA VAL R 131 -4.07 -0.04 33.68
C VAL R 131 -5.48 -0.09 33.04
N HIS R 132 -5.52 -0.24 31.72
CA HIS R 132 -6.79 -0.31 30.98
C HIS R 132 -7.28 -1.75 30.80
N ALA R 133 -6.45 -2.71 31.19
CA ALA R 133 -6.79 -4.12 31.11
C ALA R 133 -7.27 -4.69 32.45
N ARG R 134 -7.62 -3.79 33.37
CA ARG R 134 -8.05 -4.18 34.71
C ARG R 134 -9.41 -3.53 35.05
N GLU R 135 -9.57 -3.09 36.30
CA GLU R 135 -10.83 -2.48 36.75
C GLU R 135 -11.06 -1.11 36.10
N GLU R 136 -12.34 -0.76 35.96
CA GLU R 136 -12.76 0.49 35.32
CA GLU R 136 -12.74 0.49 35.31
C GLU R 136 -12.21 1.74 36.03
N PHE R 137 -12.19 1.71 37.37
CA PHE R 137 -11.72 2.86 38.16
C PHE R 137 -10.24 3.18 37.94
N ARG R 138 -9.48 2.20 37.46
CA ARG R 138 -8.08 2.39 37.14
C ARG R 138 -7.87 3.08 35.78
N ARG R 139 -8.95 3.20 35.00
CA ARG R 139 -8.88 3.82 33.68
C ARG R 139 -9.04 5.34 33.70
N HIS R 140 -9.12 5.90 34.91
CA HIS R 140 -9.11 7.36 35.07
C HIS R 140 -7.92 7.81 35.90
N SER R 141 -7.22 8.81 35.39
CA SER R 141 -6.09 9.41 36.07
C SER R 141 -6.30 10.91 36.23
N TYR R 142 -6.05 11.41 37.44
CA TYR R 142 -6.04 12.84 37.68
C TYR R 142 -4.72 13.44 37.19
N LEU R 143 -3.72 12.58 37.00
CA LEU R 143 -2.37 13.01 36.64
C LEU R 143 -2.17 13.19 35.13
N SER R 144 -2.86 12.37 34.34
CA SER R 144 -2.68 12.36 32.89
C SER R 144 -2.89 13.71 32.16
N PRO R 145 -3.99 14.43 32.47
CA PRO R 145 -4.25 15.70 31.78
C PRO R 145 -3.14 16.74 31.92
N ILE R 146 -2.43 16.72 33.04
CA ILE R 146 -1.39 17.72 33.32
C ILE R 146 0.02 17.20 33.06
N ALA R 147 0.12 15.91 32.75
CA ALA R 147 1.40 15.28 32.40
C ALA R 147 1.77 15.57 30.95
N THR R 148 3.08 15.54 30.66
CA THR R 148 3.56 15.69 29.29
C THR R 148 3.19 14.45 28.49
N GLY R 149 3.53 13.29 29.03
CA GLY R 149 3.20 12.00 28.43
C GLY R 149 2.89 10.93 29.45
N VAL R 150 2.31 9.82 28.97
CA VAL R 150 1.92 8.71 29.85
C VAL R 150 2.37 7.38 29.24
N ILE R 151 3.15 6.61 29.99
CA ILE R 151 3.59 5.28 29.58
C ILE R 151 2.94 4.22 30.47
N VAL R 152 2.24 3.29 29.85
CA VAL R 152 1.46 2.28 30.57
C VAL R 152 1.70 0.89 29.98
N GLY R 153 1.83 -0.11 30.84
CA GLY R 153 1.84 -1.51 30.43
C GLY R 153 3.10 -2.07 29.81
N LEU R 154 4.20 -1.33 29.92
CA LEU R 154 5.47 -1.80 29.36
C LEU R 154 6.43 -2.29 30.45
N GLY R 155 5.88 -2.54 31.65
CA GLY R 155 6.64 -3.06 32.77
C GLY R 155 7.68 -2.10 33.33
N ILE R 156 8.73 -2.67 33.90
CA ILE R 156 9.83 -1.90 34.48
C ILE R 156 10.55 -1.03 33.44
N GLN R 157 10.57 -1.48 32.18
CA GLN R 157 11.24 -0.75 31.10
C GLN R 157 10.57 0.59 30.77
N GLY R 158 9.33 0.75 31.22
CA GLY R 158 8.60 2.01 31.07
C GLY R 158 9.33 3.20 31.68
N TYR R 159 9.99 2.96 32.82
CA TYR R 159 10.82 3.97 33.47
C TYR R 159 12.01 4.36 32.59
N LEU R 160 12.66 3.34 32.01
CA LEU R 160 13.86 3.54 31.20
C LEU R 160 13.54 4.23 29.88
N LEU R 161 12.37 3.93 29.31
CA LEU R 161 11.90 4.58 28.09
C LEU R 161 11.53 6.05 28.36
N ALA R 162 11.00 6.31 29.55
CA ALA R 162 10.70 7.68 29.99
C ALA R 162 11.98 8.50 30.15
N LEU R 163 13.03 7.85 30.63
CA LEU R 163 14.35 8.47 30.78
C LEU R 163 14.95 8.88 29.44
N ARG R 164 14.72 8.06 28.42
CA ARG R 164 15.27 8.30 27.09
C ARG R 164 14.60 9.47 26.39
N TYR R 165 13.30 9.65 26.61
CA TYR R 165 12.56 10.79 26.11
C TYR R 165 13.13 12.10 26.66
N LEU R 166 13.40 12.12 27.97
CA LEU R 166 13.97 13.29 28.64
C LEU R 166 15.42 13.55 28.22
N ALA R 167 16.13 12.48 27.84
CA ALA R 167 17.50 12.58 27.35
C ALA R 167 17.59 13.33 26.02
N GLU R 168 16.53 13.23 25.22
CA GLU R 168 16.50 13.84 23.89
C GLU R 168 15.50 14.99 23.81
N HIS R 169 15.55 15.88 24.80
CA HIS R 169 14.71 17.07 24.88
C HIS R 169 15.37 18.19 25.69
N GLU S 28 -9.07 35.51 75.52
CA GLU S 28 -8.52 35.09 74.19
C GLU S 28 -9.45 34.11 73.48
N LEU S 29 -10.24 34.64 72.54
CA LEU S 29 -11.16 33.84 71.74
C LEU S 29 -10.44 33.32 70.50
N ILE S 30 -10.10 32.03 70.52
CA ILE S 30 -9.23 31.43 69.52
C ILE S 30 -9.98 30.95 68.27
N VAL S 31 -9.47 31.34 67.10
CA VAL S 31 -9.96 30.87 65.80
C VAL S 31 -8.84 30.13 65.09
N ASN S 32 -9.13 28.91 64.63
CA ASN S 32 -8.16 28.08 63.92
C ASN S 32 -8.26 28.20 62.40
N VAL S 33 -7.22 28.76 61.79
CA VAL S 33 -7.10 28.79 60.33
C VAL S 33 -6.24 27.60 59.92
N ILE S 34 -6.83 26.70 59.14
CA ILE S 34 -6.13 25.47 58.73
C ILE S 34 -6.05 25.35 57.21
N ASN S 35 -4.82 25.24 56.71
CA ASN S 35 -4.56 25.10 55.29
C ASN S 35 -4.02 23.73 54.92
N GLY S 36 -4.70 23.09 53.97
CA GLY S 36 -4.31 21.76 53.50
C GLY S 36 -3.17 21.77 52.49
N PRO S 37 -3.01 20.66 51.76
CA PRO S 37 -1.93 20.42 50.79
C PRO S 37 -1.73 21.55 49.77
N ASN S 38 -0.46 21.83 49.47
CA ASN S 38 -0.05 22.79 48.43
C ASN S 38 -0.30 24.26 48.71
N LEU S 39 -0.85 24.56 49.88
CA LEU S 39 -1.14 25.95 50.25
C LEU S 39 0.04 26.64 50.93
N GLY S 40 1.03 25.86 51.33
CA GLY S 40 2.31 26.40 51.78
C GLY S 40 3.15 26.87 50.60
N ARG S 41 2.70 26.48 49.40
CA ARG S 41 3.38 26.81 48.15
C ARG S 41 2.89 28.15 47.59
N LEU S 42 1.93 28.75 48.28
CA LEU S 42 1.29 30.00 47.87
C LEU S 42 2.31 31.09 47.52
N GLY S 43 2.11 31.70 46.36
CA GLY S 43 3.01 32.76 45.88
C GLY S 43 3.97 32.34 44.79
N ARG S 44 3.61 31.32 44.01
CA ARG S 44 4.39 30.89 42.86
C ARG S 44 3.50 30.62 41.64
N GLY S 51 -2.07 36.01 42.04
CA GLY S 51 -1.73 36.28 43.44
C GLY S 51 -0.28 35.95 43.76
N GLY S 52 0.40 36.90 44.42
CA GLY S 52 1.79 36.75 44.79
C GLY S 52 2.03 36.66 46.28
N THR S 53 0.94 36.64 47.05
CA THR S 53 0.99 36.57 48.51
C THR S 53 1.50 35.21 48.97
N THR S 54 2.64 35.21 49.67
CA THR S 54 3.20 33.99 50.25
C THR S 54 2.42 33.58 51.50
N HIS S 55 2.60 32.34 51.93
CA HIS S 55 1.90 31.82 53.10
C HIS S 55 2.26 32.56 54.39
N ASP S 56 3.54 32.90 54.53
CA ASP S 56 4.02 33.71 55.66
C ASP S 56 3.30 35.06 55.72
N GLU S 57 3.14 35.69 54.55
CA GLU S 57 2.42 36.96 54.44
C GLU S 57 0.92 36.78 54.74
N LEU S 58 0.38 35.61 54.41
CA LEU S 58 -1.01 35.27 54.71
C LEU S 58 -1.23 35.11 56.22
N VAL S 59 -0.25 34.51 56.91
CA VAL S 59 -0.29 34.34 58.36
C VAL S 59 -0.35 35.69 59.09
N ALA S 60 0.57 36.58 58.74
CA ALA S 60 0.65 37.92 59.34
C ALA S 60 -0.59 38.76 59.09
N LEU S 61 -1.14 38.67 57.88
CA LEU S 61 -2.33 39.41 57.48
C LEU S 61 -3.57 38.96 58.28
N ILE S 62 -3.69 37.66 58.50
CA ILE S 62 -4.80 37.09 59.27
C ILE S 62 -4.73 37.51 60.74
N GLU S 63 -3.55 37.35 61.33
CA GLU S 63 -3.31 37.73 62.73
C GLU S 63 -3.62 39.20 62.99
N ARG S 64 -3.18 40.06 62.07
CA ARG S 64 -3.46 41.49 62.13
C ARG S 64 -4.96 41.76 62.16
N GLU S 65 -5.67 41.12 61.23
CA GLU S 65 -7.13 41.27 61.10
C GLU S 65 -7.88 40.71 62.31
N ALA S 66 -7.42 39.56 62.80
CA ALA S 66 -8.02 38.91 63.97
C ALA S 66 -7.88 39.77 65.23
N ALA S 67 -6.68 40.31 65.44
CA ALA S 67 -6.39 41.18 66.58
C ALA S 67 -7.21 42.48 66.53
N GLU S 68 -7.47 42.96 65.32
CA GLU S 68 -8.28 44.17 65.13
C GLU S 68 -9.78 43.85 65.18
N LEU S 69 -10.10 42.62 65.54
CA LEU S 69 -11.49 42.18 65.73
C LEU S 69 -11.71 41.55 67.10
N GLY S 70 -10.65 41.54 67.92
CA GLY S 70 -10.70 40.96 69.26
C GLY S 70 -10.67 39.44 69.26
N LEU S 71 -9.91 38.88 68.31
CA LEU S 71 -9.77 37.43 68.18
C LEU S 71 -8.30 37.04 68.11
N LYS S 72 -8.01 35.83 68.59
CA LYS S 72 -6.67 35.27 68.43
C LYS S 72 -6.70 34.22 67.33
N ALA S 73 -5.89 34.41 66.30
CA ALA S 73 -5.86 33.50 65.15
C ALA S 73 -4.64 32.58 65.19
N VAL S 74 -4.91 31.28 65.14
CA VAL S 74 -3.85 30.28 65.03
C VAL S 74 -3.88 29.71 63.61
N VAL S 75 -2.84 30.02 62.84
CA VAL S 75 -2.77 29.68 61.42
C VAL S 75 -1.70 28.62 61.19
N ARG S 76 -2.12 27.48 60.62
CA ARG S 76 -1.21 26.36 60.37
C ARG S 76 -1.46 25.72 59.01
N GLN S 77 -0.38 25.21 58.41
CA GLN S 77 -0.44 24.57 57.10
C GLN S 77 0.25 23.21 57.12
N SER S 78 -0.38 22.23 56.49
CA SER S 78 0.20 20.89 56.36
C SER S 78 -0.22 20.19 55.07
N ASP S 79 0.71 19.44 54.49
CA ASP S 79 0.41 18.58 53.34
C ASP S 79 -0.02 17.20 53.81
N SER S 80 0.13 16.94 55.11
CA SER S 80 -0.21 15.65 55.70
C SER S 80 -1.65 15.63 56.22
N GLU S 81 -2.46 14.74 55.64
CA GLU S 81 -3.85 14.55 56.06
C GLU S 81 -3.94 14.18 57.54
N ALA S 82 -3.06 13.29 57.99
CA ALA S 82 -2.97 12.88 59.39
C ALA S 82 -2.78 14.07 60.33
N GLN S 83 -1.89 14.98 59.94
CA GLN S 83 -1.64 16.21 60.70
C GLN S 83 -2.86 17.13 60.71
N LEU S 84 -3.56 17.22 59.59
CA LEU S 84 -4.77 18.04 59.49
C LEU S 84 -5.89 17.49 60.35
N LEU S 85 -6.02 16.16 60.38
CA LEU S 85 -7.03 15.49 61.21
C LEU S 85 -6.77 15.79 62.68
N ASP S 86 -5.50 15.75 63.07
CA ASP S 86 -5.08 16.03 64.45
C ASP S 86 -5.47 17.43 64.90
N TRP S 87 -5.22 18.44 64.04
CA TRP S 87 -5.60 19.83 64.35
C TRP S 87 -7.10 20.01 64.48
N ILE S 88 -7.86 19.28 63.66
CA ILE S 88 -9.32 19.34 63.70
C ILE S 88 -9.86 18.68 64.97
N HIS S 89 -9.20 17.61 65.42
CA HIS S 89 -9.56 16.92 66.67
C HIS S 89 -9.39 17.85 67.87
N GLN S 90 -8.26 18.57 67.88
CA GLN S 90 -7.94 19.50 68.96
C GLN S 90 -8.96 20.65 69.03
N ALA S 91 -9.37 21.14 67.87
CA ALA S 91 -10.36 22.20 67.77
C ALA S 91 -11.76 21.71 68.17
N ALA S 92 -12.02 20.42 67.98
CA ALA S 92 -13.26 19.80 68.43
C ALA S 92 -13.28 19.67 69.95
N ASP S 93 -12.15 19.23 70.53
CA ASP S 93 -12.00 19.07 71.97
C ASP S 93 -12.03 20.41 72.72
N ALA S 94 -11.56 21.47 72.06
CA ALA S 94 -11.49 22.80 72.66
C ALA S 94 -12.70 23.68 72.30
N ALA S 95 -13.61 23.13 71.50
CA ALA S 95 -14.81 23.84 71.04
C ALA S 95 -14.49 25.16 70.32
N GLU S 96 -13.40 25.16 69.56
CA GLU S 96 -12.94 26.33 68.81
C GLU S 96 -13.41 26.29 67.35
N PRO S 97 -13.79 27.45 66.80
CA PRO S 97 -14.18 27.54 65.39
C PRO S 97 -13.01 27.25 64.45
N VAL S 98 -13.32 26.74 63.26
CA VAL S 98 -12.30 26.43 62.27
C VAL S 98 -12.61 27.09 60.93
N ILE S 99 -11.61 27.78 60.39
CA ILE S 99 -11.65 28.20 58.99
C ILE S 99 -10.71 27.27 58.22
N LEU S 100 -11.27 26.54 57.27
CA LEU S 100 -10.53 25.47 56.58
C LEU S 100 -10.48 25.62 55.06
N ASN S 101 -9.25 25.61 54.54
CA ASN S 101 -8.99 25.43 53.12
C ASN S 101 -8.26 24.10 52.96
N ALA S 102 -8.99 23.07 52.56
CA ALA S 102 -8.46 21.72 52.52
C ALA S 102 -7.62 21.44 51.28
N GLY S 103 -7.59 22.38 50.35
CA GLY S 103 -6.88 22.22 49.08
C GLY S 103 -7.54 21.14 48.24
N GLY S 104 -6.72 20.19 47.77
CA GLY S 104 -7.20 19.09 46.96
C GLY S 104 -8.05 18.08 47.74
N LEU S 105 -7.85 18.03 49.05
CA LEU S 105 -8.58 17.09 49.92
C LEU S 105 -10.06 17.45 50.05
N THR S 106 -10.41 18.67 49.66
CA THR S 106 -11.79 19.14 49.65
C THR S 106 -12.71 18.21 48.85
N HIS S 107 -12.18 17.71 47.73
CA HIS S 107 -12.97 16.96 46.76
C HIS S 107 -12.82 15.44 46.91
N THR S 108 -11.95 15.02 47.82
CA THR S 108 -11.52 13.62 47.85
C THR S 108 -11.53 12.94 49.23
N SER S 109 -11.51 13.72 50.31
CA SER S 109 -11.33 13.15 51.65
C SER S 109 -12.61 13.02 52.47
N VAL S 110 -13.06 11.78 52.65
CA VAL S 110 -14.17 11.47 53.55
C VAL S 110 -13.68 11.54 55.00
N ALA S 111 -12.44 11.12 55.23
CA ALA S 111 -11.82 11.16 56.56
C ALA S 111 -11.82 12.57 57.16
N LEU S 112 -11.51 13.56 56.33
CA LEU S 112 -11.49 14.96 56.77
C LEU S 112 -12.90 15.45 57.09
N ARG S 113 -13.87 15.08 56.26
CA ARG S 113 -15.27 15.38 56.47
C ARG S 113 -15.75 14.86 57.83
N ASP S 114 -15.41 13.61 58.14
CA ASP S 114 -15.81 12.97 59.39
C ASP S 114 -15.22 13.65 60.62
N ALA S 115 -13.96 14.09 60.51
CA ALA S 115 -13.30 14.83 61.59
C ALA S 115 -13.98 16.17 61.85
N CYS S 116 -14.31 16.87 60.76
CA CYS S 116 -14.99 18.16 60.84
C CYS S 116 -16.43 18.06 61.36
N ALA S 117 -17.01 16.85 61.29
CA ALA S 117 -18.36 16.62 61.79
C ALA S 117 -18.45 16.65 63.32
N GLU S 118 -17.30 16.45 63.98
CA GLU S 118 -17.20 16.54 65.44
C GLU S 118 -17.28 17.97 65.96
N LEU S 119 -16.99 18.93 65.09
CA LEU S 119 -16.93 20.34 65.47
C LEU S 119 -18.31 20.88 65.87
N SER S 120 -18.39 21.41 67.08
CA SER S 120 -19.61 22.04 67.59
C SER S 120 -19.62 23.54 67.29
N ALA S 121 -18.44 24.14 67.26
CA ALA S 121 -18.26 25.53 66.87
C ALA S 121 -18.30 25.65 65.33
N PRO S 122 -18.69 26.84 64.81
CA PRO S 122 -18.86 27.02 63.36
C PRO S 122 -17.62 26.65 62.53
N LEU S 123 -17.86 26.06 61.36
CA LEU S 123 -16.81 25.71 60.42
C LEU S 123 -17.05 26.41 59.09
N ILE S 124 -16.07 27.19 58.65
CA ILE S 124 -16.17 27.91 57.38
C ILE S 124 -15.16 27.38 56.37
N GLU S 125 -15.66 26.94 55.22
CA GLU S 125 -14.83 26.45 54.13
C GLU S 125 -14.38 27.63 53.25
N VAL S 126 -13.10 27.64 52.89
CA VAL S 126 -12.54 28.73 52.09
C VAL S 126 -11.79 28.19 50.87
N HIS S 127 -12.06 28.80 49.72
CA HIS S 127 -11.29 28.58 48.50
C HIS S 127 -10.85 29.92 47.94
N ILE S 128 -9.55 30.04 47.68
CA ILE S 128 -8.97 31.28 47.15
C ILE S 128 -9.47 31.55 45.73
N SER S 129 -9.29 30.58 44.84
CA SER S 129 -9.80 30.67 43.47
C SER S 129 -11.29 30.31 43.44
N ASN S 130 -11.94 30.61 42.31
CA ASN S 130 -13.33 30.19 42.11
C ASN S 130 -13.35 28.77 41.55
N VAL S 131 -13.65 27.81 42.42
CA VAL S 131 -13.62 26.38 42.07
C VAL S 131 -14.67 25.99 41.01
N HIS S 132 -15.70 26.82 40.87
CA HIS S 132 -16.77 26.57 39.92
C HIS S 132 -16.43 27.03 38.50
N ALA S 133 -15.32 27.76 38.37
CA ALA S 133 -14.86 28.27 37.08
C ALA S 133 -13.73 27.42 36.49
N ARG S 134 -13.44 26.29 37.13
CA ARG S 134 -12.34 25.43 36.73
C ARG S 134 -12.86 24.06 36.29
N GLU S 135 -12.09 23.00 36.57
CA GLU S 135 -12.50 21.64 36.21
C GLU S 135 -13.74 21.21 37.00
N GLU S 136 -14.57 20.37 36.39
CA GLU S 136 -15.85 19.98 36.95
C GLU S 136 -15.76 19.18 38.26
N PHE S 137 -14.66 18.45 38.45
CA PHE S 137 -14.47 17.67 39.68
C PHE S 137 -14.24 18.54 40.92
N ARG S 138 -13.80 19.78 40.70
CA ARG S 138 -13.57 20.73 41.80
C ARG S 138 -14.88 21.32 42.32
N ARG S 139 -15.97 21.08 41.60
CA ARG S 139 -17.27 21.62 41.97
C ARG S 139 -18.02 20.75 42.99
N HIS S 140 -17.42 19.62 43.37
CA HIS S 140 -17.95 18.83 44.47
C HIS S 140 -17.05 18.92 45.70
N SER S 141 -17.68 19.24 46.83
CA SER S 141 -16.97 19.31 48.10
C SER S 141 -17.60 18.36 49.11
N TYR S 142 -16.76 17.56 49.76
CA TYR S 142 -17.20 16.71 50.86
C TYR S 142 -17.42 17.53 52.12
N LEU S 143 -16.81 18.71 52.16
CA LEU S 143 -16.84 19.58 53.34
C LEU S 143 -18.08 20.46 53.41
N SER S 144 -18.50 21.00 52.26
CA SER S 144 -19.61 21.96 52.18
C SER S 144 -20.90 21.55 52.92
N PRO S 145 -21.38 20.30 52.74
CA PRO S 145 -22.61 19.90 53.42
C PRO S 145 -22.54 19.94 54.96
N ILE S 146 -21.36 19.67 55.52
CA ILE S 146 -21.22 19.64 56.99
C ILE S 146 -20.68 20.95 57.59
N ALA S 147 -20.29 21.88 56.73
CA ALA S 147 -19.79 23.19 57.16
C ALA S 147 -20.93 24.18 57.40
N THR S 148 -20.66 25.23 58.18
CA THR S 148 -21.62 26.29 58.43
C THR S 148 -21.80 27.13 57.16
N GLY S 149 -20.69 27.58 56.61
CA GLY S 149 -20.68 28.37 55.40
C GLY S 149 -19.49 28.09 54.50
N VAL S 150 -19.54 28.61 53.28
CA VAL S 150 -18.48 28.42 52.30
C VAL S 150 -18.19 29.75 51.58
N ILE S 151 -16.92 30.14 51.55
CA ILE S 151 -16.49 31.30 50.78
C ILE S 151 -15.55 30.84 49.67
N VAL S 152 -15.88 31.22 48.44
CA VAL S 152 -15.16 30.76 47.26
C VAL S 152 -14.89 31.92 46.30
N GLY S 153 -13.63 32.03 45.84
CA GLY S 153 -13.27 32.91 44.74
C GLY S 153 -12.93 34.35 45.10
N LEU S 154 -13.04 34.69 46.37
CA LEU S 154 -12.79 36.06 46.82
C LEU S 154 -11.33 36.27 47.23
N GLY S 155 -10.45 35.46 46.64
CA GLY S 155 -9.02 35.56 46.87
C GLY S 155 -8.63 35.31 48.31
N ILE S 156 -7.53 35.94 48.71
CA ILE S 156 -6.97 35.80 50.05
C ILE S 156 -7.87 36.41 51.13
N GLN S 157 -8.71 37.37 50.72
CA GLN S 157 -9.63 38.07 51.61
C GLN S 157 -10.73 37.16 52.16
N GLY S 158 -10.95 36.02 51.51
CA GLY S 158 -11.92 35.02 51.97
C GLY S 158 -11.71 34.57 53.40
N TYR S 159 -10.44 34.47 53.79
CA TYR S 159 -10.06 34.19 55.19
C TYR S 159 -10.52 35.31 56.13
N LEU S 160 -10.28 36.55 55.72
CA LEU S 160 -10.58 37.73 56.54
C LEU S 160 -12.07 37.96 56.70
N LEU S 161 -12.84 37.65 55.66
CA LEU S 161 -14.29 37.73 55.70
C LEU S 161 -14.89 36.62 56.58
N ALA S 162 -14.24 35.47 56.60
CA ALA S 162 -14.62 34.36 57.47
C ALA S 162 -14.37 34.70 58.94
N LEU S 163 -13.24 35.36 59.20
CA LEU S 163 -12.91 35.85 60.54
C LEU S 163 -13.97 36.80 61.06
N ARG S 164 -14.42 37.71 60.19
CA ARG S 164 -15.42 38.72 60.55
C ARG S 164 -16.78 38.12 60.89
N TYR S 165 -17.14 37.02 60.20
CA TYR S 165 -18.36 36.28 60.50
C TYR S 165 -18.31 35.72 61.93
N LEU S 166 -17.17 35.11 62.26
CA LEU S 166 -16.97 34.50 63.58
C LEU S 166 -16.91 35.55 64.69
N ALA S 167 -16.37 36.72 64.39
CA ALA S 167 -16.35 37.85 65.32
C ALA S 167 -17.75 38.37 65.62
N GLU S 168 -18.67 38.11 64.70
CA GLU S 168 -20.07 38.56 64.81
C GLU S 168 -20.96 37.49 65.41
N HIS S 169 -20.51 36.24 65.36
CA HIS S 169 -21.27 35.10 65.87
C HIS S 169 -20.54 34.39 67.00
N LEU T 29 -33.63 -37.96 26.17
CA LEU T 29 -33.58 -36.67 25.42
C LEU T 29 -34.79 -35.80 25.74
N ILE T 30 -34.94 -35.44 27.01
CA ILE T 30 -36.04 -34.59 27.48
C ILE T 30 -35.66 -33.11 27.48
N VAL T 31 -36.49 -32.29 26.84
CA VAL T 31 -36.27 -30.85 26.77
C VAL T 31 -37.42 -30.11 27.47
N ASN T 32 -37.07 -29.21 28.38
CA ASN T 32 -38.05 -28.41 29.11
C ASN T 32 -38.31 -27.06 28.46
N VAL T 33 -39.56 -26.81 28.09
CA VAL T 33 -39.97 -25.49 27.60
C VAL T 33 -40.76 -24.80 28.70
N ILE T 34 -40.20 -23.72 29.23
CA ILE T 34 -40.80 -23.01 30.37
C ILE T 34 -41.19 -21.59 30.00
N ASN T 35 -42.46 -21.26 30.19
CA ASN T 35 -42.99 -19.94 29.88
C ASN T 35 -43.41 -19.18 31.13
N GLY T 36 -42.99 -17.92 31.21
CA GLY T 36 -43.24 -17.08 32.38
C GLY T 36 -44.60 -16.42 32.39
N PRO T 37 -44.78 -15.39 33.26
CA PRO T 37 -46.03 -14.67 33.43
C PRO T 37 -46.61 -14.10 32.12
N ASN T 38 -47.94 -14.07 32.04
CA ASN T 38 -48.69 -13.49 30.91
C ASN T 38 -48.57 -14.23 29.58
N LEU T 39 -47.84 -15.35 29.57
CA LEU T 39 -47.60 -16.11 28.35
C LEU T 39 -48.65 -17.18 28.08
N GLY T 40 -49.57 -17.37 29.03
CA GLY T 40 -50.76 -18.19 28.81
C GLY T 40 -51.83 -17.35 28.14
N ARG T 41 -51.60 -16.04 28.09
CA ARG T 41 -52.55 -15.07 27.53
C ARG T 41 -52.29 -14.78 26.04
N LEU T 42 -51.60 -15.71 25.37
CA LEU T 42 -51.20 -15.53 23.98
C LEU T 42 -52.36 -15.48 22.99
N GLY T 43 -52.54 -14.32 22.36
CA GLY T 43 -53.57 -14.11 21.33
C GLY T 43 -54.95 -13.79 21.89
N ARG T 44 -54.99 -12.98 22.93
CA ARG T 44 -56.26 -12.63 23.60
C ARG T 44 -56.32 -11.13 23.92
N GLY T 51 -51.16 -13.33 15.29
CA GLY T 51 -50.84 -14.09 16.49
C GLY T 51 -51.60 -13.60 17.72
N GLY T 52 -52.79 -14.14 17.97
CA GLY T 52 -53.40 -15.15 17.11
C GLY T 52 -53.29 -16.56 17.67
N THR T 53 -52.06 -17.03 17.80
CA THR T 53 -51.78 -18.38 18.30
C THR T 53 -51.91 -18.43 19.83
N THR T 54 -52.63 -19.44 20.32
CA THR T 54 -52.80 -19.66 21.76
C THR T 54 -51.69 -20.54 22.32
N HIS T 55 -51.61 -20.61 23.65
CA HIS T 55 -50.63 -21.46 24.33
C HIS T 55 -50.89 -22.94 24.08
N ASP T 56 -52.16 -23.32 24.00
CA ASP T 56 -52.56 -24.69 23.67
C ASP T 56 -52.07 -25.09 22.27
N GLU T 57 -52.22 -24.19 21.32
CA GLU T 57 -51.72 -24.40 19.95
C GLU T 57 -50.19 -24.42 19.93
N LEU T 58 -49.58 -23.58 20.77
CA LEU T 58 -48.13 -23.52 20.92
C LEU T 58 -47.55 -24.83 21.47
N VAL T 59 -48.21 -25.38 22.49
CA VAL T 59 -47.82 -26.67 23.09
C VAL T 59 -47.83 -27.78 22.03
N ALA T 60 -48.91 -27.85 21.25
CA ALA T 60 -49.05 -28.84 20.19
C ALA T 60 -47.98 -28.69 19.11
N LEU T 61 -47.69 -27.44 18.74
CA LEU T 61 -46.66 -27.13 17.74
C LEU T 61 -45.26 -27.53 18.19
N ILE T 62 -44.96 -27.27 19.46
CA ILE T 62 -43.65 -27.60 20.05
C ILE T 62 -43.42 -29.12 20.12
N GLU T 63 -44.44 -29.84 20.57
CA GLU T 63 -44.38 -31.30 20.70
C GLU T 63 -44.28 -32.00 19.34
N ARG T 64 -44.92 -31.41 18.32
CA ARG T 64 -44.86 -31.92 16.95
C ARG T 64 -43.45 -31.81 16.37
N GLU T 65 -42.82 -30.66 16.60
CA GLU T 65 -41.47 -30.39 16.12
C GLU T 65 -40.44 -31.26 16.85
N ALA T 66 -40.69 -31.49 18.15
CA ALA T 66 -39.84 -32.36 18.96
C ALA T 66 -39.92 -33.81 18.52
N ALA T 67 -41.14 -34.26 18.21
CA ALA T 67 -41.38 -35.61 17.73
C ALA T 67 -40.73 -35.87 16.36
N GLU T 68 -40.65 -34.81 15.55
CA GLU T 68 -40.04 -34.89 14.23
C GLU T 68 -38.51 -34.74 14.30
N LEU T 69 -38.01 -34.34 15.47
CA LEU T 69 -36.57 -34.20 15.68
C LEU T 69 -35.97 -35.33 16.51
N GLY T 70 -36.83 -36.14 17.12
CA GLY T 70 -36.39 -37.25 17.99
C GLY T 70 -36.16 -36.81 19.42
N LEU T 71 -36.98 -35.87 19.89
CA LEU T 71 -36.89 -35.34 21.25
C LEU T 71 -38.25 -35.39 21.93
N LYS T 72 -38.25 -35.39 23.26
CA LYS T 72 -39.48 -35.26 24.05
C LYS T 72 -39.51 -33.89 24.72
N ALA T 73 -40.64 -33.19 24.57
CA ALA T 73 -40.78 -31.83 25.07
C ALA T 73 -41.90 -31.68 26.09
N VAL T 74 -41.53 -31.27 27.30
CA VAL T 74 -42.50 -30.94 28.34
C VAL T 74 -42.67 -29.42 28.37
N VAL T 75 -43.85 -28.95 27.99
CA VAL T 75 -44.13 -27.52 27.91
C VAL T 75 -45.00 -27.09 29.08
N ARG T 76 -44.51 -26.11 29.84
CA ARG T 76 -45.21 -25.62 31.03
C ARG T 76 -45.19 -24.10 31.11
N GLN T 77 -46.27 -23.55 31.67
CA GLN T 77 -46.40 -22.11 31.85
C GLN T 77 -46.91 -21.81 33.26
N SER T 78 -46.35 -20.76 33.87
CA SER T 78 -46.82 -20.27 35.16
C SER T 78 -46.64 -18.77 35.29
N ASP T 79 -47.54 -18.13 36.04
CA ASP T 79 -47.42 -16.72 36.39
C ASP T 79 -46.70 -16.54 37.74
N SER T 80 -46.38 -17.67 38.37
CA SER T 80 -45.73 -17.68 39.68
C SER T 80 -44.22 -17.86 39.54
N GLU T 81 -43.46 -16.98 40.18
CA GLU T 81 -42.00 -17.02 40.15
C GLU T 81 -41.45 -18.27 40.85
N ALA T 82 -42.03 -18.60 42.00
CA ALA T 82 -41.63 -19.79 42.76
C ALA T 82 -41.79 -21.09 41.95
N GLN T 83 -42.88 -21.17 41.20
CA GLN T 83 -43.15 -22.34 40.34
C GLN T 83 -42.11 -22.48 39.23
N LEU T 84 -41.73 -21.36 38.62
CA LEU T 84 -40.71 -21.35 37.58
C LEU T 84 -39.35 -21.75 38.14
N LEU T 85 -39.06 -21.27 39.35
CA LEU T 85 -37.84 -21.65 40.06
C LEU T 85 -37.79 -23.14 40.34
N ASP T 86 -38.93 -23.70 40.74
CA ASP T 86 -39.06 -25.13 41.02
C ASP T 86 -38.78 -25.98 39.77
N TRP T 87 -39.39 -25.60 38.65
CA TRP T 87 -39.17 -26.30 37.38
C TRP T 87 -37.71 -26.24 36.94
N ILE T 88 -37.06 -25.10 37.18
CA ILE T 88 -35.65 -24.93 36.86
C ILE T 88 -34.75 -25.73 37.81
N HIS T 89 -35.13 -25.79 39.08
CA HIS T 89 -34.44 -26.65 40.06
C HIS T 89 -34.48 -28.12 39.63
N GLN T 90 -35.66 -28.57 39.19
CA GLN T 90 -35.85 -29.94 38.72
C GLN T 90 -35.05 -30.22 37.46
N ALA T 91 -35.01 -29.24 36.56
CA ALA T 91 -34.25 -29.35 35.31
C ALA T 91 -32.74 -29.34 35.56
N ALA T 92 -32.32 -28.73 36.66
CA ALA T 92 -30.92 -28.73 37.06
C ALA T 92 -30.49 -30.11 37.57
N ASP T 93 -31.34 -30.73 38.38
CA ASP T 93 -31.09 -32.05 38.97
C ASP T 93 -31.15 -33.17 37.93
N ALA T 94 -32.08 -33.05 36.99
CA ALA T 94 -32.26 -34.05 35.94
C ALA T 94 -31.32 -33.81 34.76
N ALA T 95 -30.54 -32.72 34.84
CA ALA T 95 -29.58 -32.31 33.80
C ALA T 95 -30.20 -32.23 32.40
N GLU T 96 -31.36 -31.58 32.34
CA GLU T 96 -32.12 -31.46 31.10
C GLU T 96 -32.01 -30.04 30.54
N PRO T 97 -31.91 -29.91 29.20
CA PRO T 97 -31.87 -28.60 28.53
C PRO T 97 -33.16 -27.81 28.76
N VAL T 98 -33.05 -26.48 28.82
CA VAL T 98 -34.18 -25.61 29.07
C VAL T 98 -34.33 -24.53 27.99
N ILE T 99 -35.53 -24.43 27.44
CA ILE T 99 -35.91 -23.30 26.60
C ILE T 99 -36.81 -22.40 27.44
N LEU T 100 -36.30 -21.22 27.79
CA LEU T 100 -37.01 -20.34 28.72
C LEU T 100 -37.45 -19.01 28.09
N ASN T 101 -38.73 -18.70 28.26
CA ASN T 101 -39.27 -17.37 27.99
C ASN T 101 -39.91 -16.90 29.29
N ALA T 102 -39.15 -16.10 30.05
CA ALA T 102 -39.57 -15.68 31.38
C ALA T 102 -40.59 -14.54 31.35
N GLY T 103 -40.85 -14.00 30.17
CA GLY T 103 -41.72 -12.84 30.02
C GLY T 103 -41.13 -11.64 30.71
N GLY T 104 -41.96 -10.98 31.53
CA GLY T 104 -41.54 -9.78 32.26
C GLY T 104 -40.48 -10.00 33.33
N LEU T 105 -40.32 -11.25 33.77
CA LEU T 105 -39.33 -11.60 34.78
C LEU T 105 -37.88 -11.56 34.25
N THR T 106 -37.76 -11.63 32.93
CA THR T 106 -36.46 -11.55 32.25
C THR T 106 -35.65 -10.32 32.65
N HIS T 107 -36.33 -9.18 32.78
CA HIS T 107 -35.67 -7.90 33.03
C HIS T 107 -35.59 -7.54 34.52
N THR T 108 -36.18 -8.35 35.39
CA THR T 108 -36.37 -7.99 36.79
C THR T 108 -35.87 -9.01 37.82
N SER T 109 -35.78 -10.27 37.43
CA SER T 109 -35.55 -11.35 38.41
C SER T 109 -34.10 -11.83 38.48
N VAL T 110 -33.43 -11.50 39.58
CA VAL T 110 -32.09 -12.01 39.88
C VAL T 110 -32.20 -13.44 40.40
N ALA T 111 -33.26 -13.70 41.17
CA ALA T 111 -33.56 -15.03 41.69
C ALA T 111 -33.67 -16.08 40.58
N LEU T 112 -34.32 -15.71 39.48
CA LEU T 112 -34.47 -16.58 38.32
C LEU T 112 -33.12 -16.82 37.64
N ARG T 113 -32.30 -15.76 37.58
CA ARG T 113 -30.95 -15.84 37.03
C ARG T 113 -30.08 -16.81 37.82
N ASP T 114 -30.18 -16.75 39.15
CA ASP T 114 -29.38 -17.59 40.05
C ASP T 114 -29.74 -19.07 39.94
N ALA T 115 -31.04 -19.35 39.79
CA ALA T 115 -31.52 -20.72 39.60
C ALA T 115 -31.08 -21.28 38.24
N CYS T 116 -31.15 -20.44 37.21
CA CYS T 116 -30.71 -20.81 35.87
C CYS T 116 -29.21 -21.05 35.77
N ALA T 117 -28.46 -20.50 36.72
CA ALA T 117 -27.00 -20.69 36.79
C ALA T 117 -26.61 -22.12 37.18
N GLU T 118 -27.51 -22.82 37.87
CA GLU T 118 -27.27 -24.21 38.28
C GLU T 118 -27.34 -25.18 37.10
N LEU T 119 -28.10 -24.81 36.08
CA LEU T 119 -28.29 -25.64 34.88
C LEU T 119 -26.95 -26.00 34.22
N SER T 120 -26.68 -27.30 34.13
CA SER T 120 -25.46 -27.80 33.49
C SER T 120 -25.68 -28.05 32.00
N ALA T 121 -26.93 -28.31 31.64
CA ALA T 121 -27.32 -28.50 30.24
C ALA T 121 -27.67 -27.15 29.60
N PRO T 122 -27.64 -27.07 28.25
CA PRO T 122 -27.83 -25.80 27.55
C PRO T 122 -29.12 -25.08 27.90
N LEU T 123 -29.05 -23.75 27.94
CA LEU T 123 -30.20 -22.90 28.21
C LEU T 123 -30.39 -21.90 27.07
N ILE T 124 -31.58 -21.89 26.47
CA ILE T 124 -31.89 -20.96 25.40
C ILE T 124 -33.00 -20.00 25.83
N GLU T 125 -32.69 -18.71 25.76
CA GLU T 125 -33.64 -17.65 26.07
C GLU T 125 -34.45 -17.30 24.82
N VAL T 126 -35.77 -17.23 24.97
CA VAL T 126 -36.65 -16.93 23.84
C VAL T 126 -37.57 -15.75 24.16
N HIS T 127 -37.68 -14.83 23.20
CA HIS T 127 -38.67 -13.77 23.23
C HIS T 127 -39.43 -13.80 21.91
N ILE T 128 -40.76 -13.74 21.99
CA ILE T 128 -41.62 -13.81 20.80
C ILE T 128 -41.52 -12.53 19.95
N SER T 129 -41.69 -11.37 20.61
CA SER T 129 -41.55 -10.09 19.94
C SER T 129 -40.08 -9.65 19.88
N ASN T 130 -39.80 -8.65 19.06
CA ASN T 130 -38.47 -8.06 19.02
C ASN T 130 -38.29 -7.08 20.19
N VAL T 131 -37.65 -7.58 21.25
CA VAL T 131 -37.41 -6.86 22.50
C VAL T 131 -36.71 -5.51 22.29
N HIS T 132 -35.79 -5.46 21.33
CA HIS T 132 -34.98 -4.27 21.08
C HIS T 132 -35.70 -3.17 20.29
N ALA T 133 -36.86 -3.51 19.72
CA ALA T 133 -37.65 -2.54 18.97
C ALA T 133 -38.72 -1.85 19.82
N ARG T 134 -38.76 -2.21 21.11
CA ARG T 134 -39.74 -1.67 22.04
C ARG T 134 -39.09 -0.69 23.02
N GLU T 135 -39.73 -0.51 24.18
CA GLU T 135 -39.19 0.37 25.23
C GLU T 135 -37.81 -0.07 25.71
N GLU T 136 -37.03 0.89 26.22
CA GLU T 136 -35.63 0.67 26.58
C GLU T 136 -35.37 -0.37 27.68
N PHE T 137 -36.24 -0.42 28.69
CA PHE T 137 -36.02 -1.30 29.84
C PHE T 137 -36.04 -2.79 29.50
N ARG T 138 -36.64 -3.12 28.36
CA ARG T 138 -36.71 -4.50 27.89
C ARG T 138 -35.38 -4.96 27.30
N ARG T 139 -34.58 -4.00 26.84
CA ARG T 139 -33.31 -4.30 26.17
C ARG T 139 -32.20 -4.80 27.11
N HIS T 140 -32.52 -4.91 28.40
CA HIS T 140 -31.65 -5.58 29.35
C HIS T 140 -32.28 -6.90 29.81
N SER T 141 -31.44 -7.93 29.93
CA SER T 141 -31.87 -9.24 30.38
C SER T 141 -30.91 -9.78 31.43
N TYR T 142 -31.46 -10.21 32.57
CA TYR T 142 -30.67 -10.86 33.60
C TYR T 142 -30.27 -12.28 33.20
N LEU T 143 -31.01 -12.85 32.24
CA LEU T 143 -30.82 -14.24 31.82
C LEU T 143 -29.79 -14.40 30.70
N SER T 144 -29.74 -13.45 29.78
CA SER T 144 -28.85 -13.51 28.62
C SER T 144 -27.38 -13.84 28.91
N PRO T 145 -26.77 -13.19 29.94
CA PRO T 145 -25.37 -13.52 30.26
C PRO T 145 -25.13 -14.98 30.65
N ILE T 146 -26.09 -15.61 31.32
CA ILE T 146 -25.92 -16.99 31.78
C ILE T 146 -26.53 -18.04 30.85
N ALA T 147 -27.32 -17.59 29.87
CA ALA T 147 -27.89 -18.47 28.85
C ALA T 147 -26.84 -18.88 27.83
N THR T 148 -27.03 -20.03 27.19
CA THR T 148 -26.16 -20.47 26.10
C THR T 148 -26.35 -19.56 24.89
N GLY T 149 -27.61 -19.27 24.57
CA GLY T 149 -27.96 -18.42 23.43
C GLY T 149 -29.32 -17.78 23.59
N VAL T 150 -29.59 -16.76 22.78
CA VAL T 150 -30.82 -15.99 22.86
C VAL T 150 -31.45 -15.79 21.48
N ILE T 151 -32.73 -16.14 21.36
CA ILE T 151 -33.50 -15.92 20.15
C ILE T 151 -34.61 -14.91 20.43
N VAL T 152 -34.64 -13.83 19.64
CA VAL T 152 -35.58 -12.73 19.85
C VAL T 152 -36.26 -12.34 18.53
N GLY T 153 -37.57 -12.10 18.59
CA GLY T 153 -38.30 -11.48 17.48
C GLY T 153 -38.69 -12.36 16.32
N LEU T 154 -38.45 -13.67 16.44
CA LEU T 154 -38.79 -14.61 15.39
C LEU T 154 -40.15 -15.28 15.64
N GLY T 155 -40.92 -14.67 16.56
CA GLY T 155 -42.24 -15.15 16.90
C GLY T 155 -42.23 -16.51 17.59
N ILE T 156 -43.29 -17.26 17.39
CA ILE T 156 -43.47 -18.58 17.96
C ILE T 156 -42.45 -19.61 17.44
N GLN T 157 -41.94 -19.37 16.23
CA GLN T 157 -40.94 -20.25 15.62
C GLN T 157 -39.61 -20.23 16.38
N GLY T 158 -39.40 -19.20 17.21
CA GLY T 158 -38.25 -19.11 18.10
C GLY T 158 -38.12 -20.32 19.00
N TYR T 159 -39.25 -20.83 19.48
CA TYR T 159 -39.30 -22.07 20.27
C TYR T 159 -38.86 -23.27 19.44
N LEU T 160 -39.39 -23.38 18.22
CA LEU T 160 -39.12 -24.51 17.34
C LEU T 160 -37.65 -24.52 16.89
N LEU T 161 -37.12 -23.34 16.62
CA LEU T 161 -35.71 -23.20 16.23
C LEU T 161 -34.76 -23.47 17.39
N ALA T 162 -35.23 -23.23 18.62
CA ALA T 162 -34.48 -23.56 19.82
C ALA T 162 -34.40 -25.07 20.01
N LEU T 163 -35.50 -25.77 19.67
CA LEU T 163 -35.55 -27.23 19.72
C LEU T 163 -34.58 -27.89 18.75
N ARG T 164 -34.44 -27.29 17.56
CA ARG T 164 -33.55 -27.81 16.52
C ARG T 164 -32.08 -27.67 16.89
N TYR T 165 -31.74 -26.61 17.61
CA TYR T 165 -30.38 -26.39 18.08
C TYR T 165 -29.94 -27.48 19.05
N LEU T 166 -30.85 -27.85 19.96
CA LEU T 166 -30.58 -28.86 20.98
C LEU T 166 -30.49 -30.27 20.40
N ALA T 167 -31.16 -30.49 19.27
CA ALA T 167 -31.18 -31.79 18.60
C ALA T 167 -29.82 -32.19 18.03
N GLU T 168 -29.03 -31.19 17.63
CA GLU T 168 -27.74 -31.42 16.98
C GLU T 168 -26.56 -30.96 17.83
N HIS T 169 -26.75 -30.93 19.15
CA HIS T 169 -25.72 -30.49 20.09
C HIS T 169 -25.61 -31.39 21.32
N GLU U 28 -38.99 -17.59 76.57
CA GLU U 28 -38.36 -18.06 75.30
C GLU U 28 -38.24 -16.91 74.31
N LEU U 29 -36.99 -16.58 73.95
CA LEU U 29 -36.71 -15.47 73.04
C LEU U 29 -36.57 -15.96 71.60
N ILE U 30 -37.67 -15.86 70.86
CA ILE U 30 -37.71 -16.35 69.48
C ILE U 30 -36.90 -15.46 68.54
N VAL U 31 -36.07 -16.09 67.71
CA VAL U 31 -35.35 -15.41 66.64
C VAL U 31 -35.74 -16.08 65.31
N ASN U 32 -36.21 -15.27 64.37
CA ASN U 32 -36.64 -15.78 63.07
C ASN U 32 -35.52 -15.70 62.04
N VAL U 33 -35.15 -16.87 61.51
CA VAL U 33 -34.16 -16.95 60.44
C VAL U 33 -34.89 -17.29 59.15
N ILE U 34 -34.89 -16.35 58.22
CA ILE U 34 -35.68 -16.46 57.00
C ILE U 34 -34.79 -16.49 55.76
N ASN U 35 -34.89 -17.58 55.00
CA ASN U 35 -34.13 -17.74 53.77
C ASN U 35 -35.00 -17.63 52.53
N GLY U 36 -34.53 -16.86 51.55
CA GLY U 36 -35.28 -16.59 50.32
C GLY U 36 -35.02 -17.60 49.22
N PRO U 37 -35.36 -17.23 47.97
CA PRO U 37 -35.27 -18.11 46.80
C PRO U 37 -33.90 -18.74 46.59
N ASN U 38 -33.91 -20.02 46.21
CA ASN U 38 -32.70 -20.79 45.87
C ASN U 38 -31.84 -21.24 47.05
N LEU U 39 -32.20 -20.83 48.26
CA LEU U 39 -31.42 -21.17 49.45
C LEU U 39 -31.72 -22.57 50.00
N GLY U 40 -32.79 -23.19 49.52
CA GLY U 40 -33.07 -24.60 49.80
C GLY U 40 -32.14 -25.49 49.00
N ARG U 41 -31.54 -24.92 47.95
CA ARG U 41 -30.62 -25.63 47.06
C ARG U 41 -29.21 -25.65 47.62
N LEU U 42 -29.07 -25.28 48.89
CA LEU U 42 -27.78 -25.22 49.57
C LEU U 42 -27.13 -26.61 49.62
N GLY U 43 -25.88 -26.69 49.18
CA GLY U 43 -25.17 -27.96 49.13
C GLY U 43 -25.02 -28.52 47.73
N ARG U 44 -25.63 -27.86 46.74
CA ARG U 44 -25.52 -28.24 45.33
C ARG U 44 -25.16 -27.04 44.45
N GLY U 52 -21.32 -27.59 50.58
CA GLY U 52 -21.38 -28.85 51.32
C GLY U 52 -22.61 -28.94 52.22
N THR U 53 -22.79 -27.92 53.07
CA THR U 53 -23.90 -27.89 54.03
C THR U 53 -25.25 -27.73 53.34
N THR U 54 -26.15 -28.68 53.58
CA THR U 54 -27.52 -28.60 53.06
C THR U 54 -28.35 -27.69 53.96
N HIS U 55 -29.54 -27.33 53.49
CA HIS U 55 -30.41 -26.44 54.27
C HIS U 55 -30.91 -27.08 55.56
N ASP U 56 -31.20 -28.38 55.51
CA ASP U 56 -31.60 -29.14 56.70
C ASP U 56 -30.51 -29.12 57.78
N GLU U 57 -29.26 -29.24 57.34
CA GLU U 57 -28.11 -29.16 58.24
C GLU U 57 -27.93 -27.75 58.79
N LEU U 58 -28.28 -26.75 57.98
CA LEU U 58 -28.22 -25.35 58.41
C LEU U 58 -29.25 -25.05 59.51
N VAL U 59 -30.45 -25.59 59.37
CA VAL U 59 -31.51 -25.46 60.38
C VAL U 59 -31.03 -25.98 61.74
N ALA U 60 -30.48 -27.19 61.74
CA ALA U 60 -29.96 -27.82 62.95
C ALA U 60 -28.81 -27.02 63.58
N LEU U 61 -27.90 -26.52 62.74
CA LEU U 61 -26.75 -25.75 63.22
C LEU U 61 -27.18 -24.41 63.85
N ILE U 62 -28.12 -23.73 63.21
CA ILE U 62 -28.68 -22.48 63.74
C ILE U 62 -29.45 -22.74 65.04
N GLU U 63 -30.29 -23.77 65.04
CA GLU U 63 -31.09 -24.13 66.23
C GLU U 63 -30.22 -24.43 67.45
N ARG U 64 -29.12 -25.16 67.24
CA ARG U 64 -28.20 -25.50 68.31
C ARG U 64 -27.53 -24.26 68.91
N GLU U 65 -26.94 -23.44 68.04
CA GLU U 65 -26.24 -22.23 68.45
C GLU U 65 -27.14 -21.24 69.18
N ALA U 66 -28.38 -21.11 68.70
CA ALA U 66 -29.37 -20.24 69.36
C ALA U 66 -29.66 -20.74 70.77
N ALA U 67 -29.96 -22.04 70.89
CA ALA U 67 -30.23 -22.68 72.18
C ALA U 67 -29.06 -22.55 73.14
N GLU U 68 -27.84 -22.61 72.58
CA GLU U 68 -26.59 -22.42 73.33
C GLU U 68 -26.48 -21.00 73.88
N LEU U 69 -27.12 -20.05 73.21
CA LEU U 69 -27.08 -18.63 73.60
C LEU U 69 -28.32 -18.19 74.39
N GLY U 70 -29.21 -19.14 74.65
CA GLY U 70 -30.45 -18.85 75.38
C GLY U 70 -31.55 -18.28 74.49
N LEU U 71 -31.49 -18.61 73.21
CA LEU U 71 -32.49 -18.18 72.23
C LEU U 71 -33.17 -19.40 71.61
N LYS U 72 -34.31 -19.16 70.95
CA LYS U 72 -35.00 -20.20 70.21
C LYS U 72 -35.11 -19.74 68.75
N ALA U 73 -34.47 -20.49 67.85
CA ALA U 73 -34.46 -20.15 66.44
C ALA U 73 -35.56 -20.85 65.66
N VAL U 74 -36.26 -20.07 64.84
CA VAL U 74 -37.25 -20.60 63.90
C VAL U 74 -36.72 -20.39 62.48
N VAL U 75 -36.17 -21.45 61.90
CA VAL U 75 -35.52 -21.35 60.58
C VAL U 75 -36.48 -21.80 59.47
N ARG U 76 -36.74 -20.89 58.53
CA ARG U 76 -37.72 -21.14 57.47
C ARG U 76 -37.22 -20.68 56.10
N GLN U 77 -37.57 -21.44 55.07
CA GLN U 77 -37.14 -21.15 53.70
C GLN U 77 -38.32 -21.22 52.72
N SER U 78 -38.34 -20.28 51.78
CA SER U 78 -39.30 -20.30 50.67
C SER U 78 -38.75 -19.63 49.43
N ASP U 79 -39.14 -20.15 48.26
CA ASP U 79 -38.86 -19.52 46.99
C ASP U 79 -39.91 -18.45 46.65
N SER U 80 -41.02 -18.48 47.39
CA SER U 80 -42.14 -17.59 47.17
C SER U 80 -42.02 -16.29 47.95
N GLU U 81 -42.15 -15.16 47.24
CA GLU U 81 -42.07 -13.83 47.84
C GLU U 81 -43.23 -13.59 48.81
N ALA U 82 -44.42 -14.02 48.44
CA ALA U 82 -45.61 -13.89 49.28
C ALA U 82 -45.44 -14.60 50.63
N GLN U 83 -44.83 -15.78 50.60
CA GLN U 83 -44.58 -16.56 51.81
C GLN U 83 -43.56 -15.86 52.72
N LEU U 84 -42.49 -15.33 52.13
CA LEU U 84 -41.49 -14.57 52.89
C LEU U 84 -42.10 -13.34 53.56
N LEU U 85 -42.96 -12.64 52.82
CA LEU U 85 -43.69 -11.47 53.34
C LEU U 85 -44.55 -11.83 54.55
N ASP U 86 -45.29 -12.94 54.43
CA ASP U 86 -46.13 -13.44 55.52
C ASP U 86 -45.32 -13.64 56.80
N TRP U 87 -44.14 -14.26 56.68
CA TRP U 87 -43.26 -14.47 57.82
C TRP U 87 -42.73 -13.17 58.41
N ILE U 88 -42.45 -12.18 57.56
CA ILE U 88 -42.01 -10.85 58.03
C ILE U 88 -43.14 -10.16 58.81
N HIS U 89 -44.38 -10.31 58.35
CA HIS U 89 -45.54 -9.78 59.06
C HIS U 89 -45.71 -10.45 60.42
N GLN U 90 -45.56 -11.78 60.43
CA GLN U 90 -45.62 -12.58 61.66
C GLN U 90 -44.65 -12.02 62.71
N ALA U 91 -43.42 -11.80 62.30
CA ALA U 91 -42.35 -11.31 63.18
C ALA U 91 -42.58 -9.87 63.64
N ALA U 92 -43.21 -9.07 62.79
CA ALA U 92 -43.53 -7.68 63.12
C ALA U 92 -44.56 -7.58 64.24
N ASP U 93 -45.63 -8.38 64.17
CA ASP U 93 -46.68 -8.39 65.19
C ASP U 93 -46.16 -8.90 66.54
N ALA U 94 -45.27 -9.89 66.49
CA ALA U 94 -44.73 -10.50 67.69
C ALA U 94 -43.53 -9.73 68.25
N ALA U 95 -43.06 -8.74 67.48
CA ALA U 95 -41.88 -7.94 67.82
C ALA U 95 -40.64 -8.83 68.02
N GLU U 96 -40.42 -9.76 67.09
CA GLU U 96 -39.32 -10.71 67.15
C GLU U 96 -38.23 -10.36 66.14
N PRO U 97 -36.95 -10.53 66.54
CA PRO U 97 -35.81 -10.26 65.65
C PRO U 97 -35.81 -11.14 64.41
N VAL U 98 -35.22 -10.64 63.33
CA VAL U 98 -35.16 -11.37 62.06
C VAL U 98 -33.75 -11.41 61.50
N ILE U 99 -33.30 -12.60 61.14
CA ILE U 99 -32.09 -12.77 60.33
C ILE U 99 -32.54 -13.13 58.93
N LEU U 100 -32.28 -12.24 57.98
CA LEU U 100 -32.79 -12.39 56.63
C LEU U 100 -31.70 -12.59 55.58
N ASN U 101 -31.80 -13.70 54.86
CA ASN U 101 -31.06 -13.92 53.63
C ASN U 101 -32.08 -14.06 52.51
N ALA U 102 -32.30 -12.99 51.77
CA ALA U 102 -33.38 -12.92 50.80
C ALA U 102 -32.98 -13.40 49.42
N GLY U 103 -31.76 -13.90 49.29
CA GLY U 103 -31.22 -14.32 48.00
C GLY U 103 -31.25 -13.17 47.00
N GLY U 104 -31.73 -13.46 45.79
CA GLY U 104 -31.80 -12.47 44.72
C GLY U 104 -32.85 -11.38 44.89
N LEU U 105 -33.74 -11.55 45.86
CA LEU U 105 -34.77 -10.55 46.15
C LEU U 105 -34.19 -9.35 46.89
N THR U 106 -32.99 -9.54 47.43
CA THR U 106 -32.21 -8.49 48.10
C THR U 106 -32.06 -7.25 47.21
N HIS U 107 -31.84 -7.49 45.91
CA HIS U 107 -31.49 -6.44 44.96
C HIS U 107 -32.70 -5.94 44.17
N THR U 108 -33.82 -6.65 44.29
CA THR U 108 -34.96 -6.43 43.39
C THR U 108 -36.28 -6.11 44.08
N SER U 109 -36.47 -6.56 45.31
CA SER U 109 -37.76 -6.43 45.98
C SER U 109 -37.90 -5.20 46.88
N VAL U 110 -38.76 -4.28 46.45
CA VAL U 110 -39.16 -3.15 47.27
C VAL U 110 -40.25 -3.60 48.26
N ALA U 111 -41.10 -4.52 47.80
CA ALA U 111 -42.17 -5.08 48.64
C ALA U 111 -41.62 -5.71 49.92
N LEU U 112 -40.54 -6.47 49.78
CA LEU U 112 -39.87 -7.09 50.93
C LEU U 112 -39.26 -6.05 51.86
N ARG U 113 -38.68 -5.00 51.27
CA ARG U 113 -38.12 -3.87 52.02
C ARG U 113 -39.19 -3.18 52.87
N ASP U 114 -40.36 -2.95 52.29
CA ASP U 114 -41.49 -2.32 52.98
C ASP U 114 -42.01 -3.14 54.16
N ALA U 115 -42.04 -4.45 53.99
CA ALA U 115 -42.46 -5.37 55.04
C ALA U 115 -41.48 -5.34 56.21
N CYS U 116 -40.19 -5.35 55.90
CA CYS U 116 -39.14 -5.31 56.91
C CYS U 116 -39.09 -3.98 57.65
N ALA U 117 -39.54 -2.91 57.00
CA ALA U 117 -39.64 -1.60 57.63
C ALA U 117 -40.60 -1.58 58.82
N GLU U 118 -41.58 -2.49 58.82
CA GLU U 118 -42.52 -2.65 59.94
C GLU U 118 -41.86 -3.15 61.22
N LEU U 119 -40.79 -3.93 61.07
CA LEU U 119 -40.11 -4.57 62.20
C LEU U 119 -39.56 -3.56 63.20
N SER U 120 -39.97 -3.71 64.45
CA SER U 120 -39.46 -2.89 65.56
C SER U 120 -38.19 -3.51 66.14
N ALA U 121 -38.16 -4.84 66.17
CA ALA U 121 -36.99 -5.59 66.64
C ALA U 121 -35.87 -5.57 65.58
N PRO U 122 -34.62 -5.81 66.01
CA PRO U 122 -33.48 -5.78 65.09
C PRO U 122 -33.63 -6.69 63.86
N LEU U 123 -33.10 -6.23 62.72
CA LEU U 123 -33.06 -7.02 61.50
C LEU U 123 -31.62 -7.13 60.99
N ILE U 124 -31.15 -8.36 60.81
CA ILE U 124 -29.80 -8.58 60.29
C ILE U 124 -29.87 -9.20 58.89
N GLU U 125 -29.27 -8.50 57.92
CA GLU U 125 -29.16 -9.00 56.56
C GLU U 125 -27.94 -9.92 56.43
N VAL U 126 -28.15 -11.09 55.85
CA VAL U 126 -27.08 -12.08 55.70
C VAL U 126 -26.91 -12.52 54.25
N HIS U 127 -25.65 -12.55 53.81
CA HIS U 127 -25.27 -13.19 52.55
C HIS U 127 -24.14 -14.16 52.83
N ILE U 128 -24.26 -15.38 52.31
CA ILE U 128 -23.25 -16.42 52.48
C ILE U 128 -21.95 -16.06 51.76
N SER U 129 -22.06 -15.70 50.48
CA SER U 129 -20.90 -15.31 49.69
C SER U 129 -20.66 -13.80 49.77
N ASN U 130 -19.46 -13.37 49.38
CA ASN U 130 -19.13 -11.95 49.34
C ASN U 130 -19.81 -11.27 48.16
N VAL U 131 -20.97 -10.67 48.45
CA VAL U 131 -21.83 -10.05 47.45
C VAL U 131 -21.15 -8.91 46.68
N HIS U 132 -20.02 -8.41 47.20
CA HIS U 132 -19.29 -7.30 46.59
C HIS U 132 -18.17 -7.77 45.66
N ALA U 133 -17.82 -9.05 45.75
CA ALA U 133 -16.76 -9.62 44.90
C ALA U 133 -17.32 -10.24 43.62
N ARG U 134 -18.61 -10.02 43.40
CA ARG U 134 -19.32 -10.61 42.25
C ARG U 134 -19.73 -9.54 41.24
N GLU U 135 -20.89 -9.69 40.62
CA GLU U 135 -21.41 -8.71 39.66
C GLU U 135 -21.84 -7.43 40.37
N GLU U 136 -21.72 -6.29 39.67
CA GLU U 136 -22.04 -4.97 40.22
C GLU U 136 -23.49 -4.79 40.65
N PHE U 137 -24.42 -5.50 40.01
CA PHE U 137 -25.84 -5.38 40.37
C PHE U 137 -26.17 -6.00 41.74
N ARG U 138 -25.26 -6.83 42.24
CA ARG U 138 -25.41 -7.46 43.55
C ARG U 138 -24.94 -6.54 44.68
N ARG U 139 -24.29 -5.45 44.31
CA ARG U 139 -23.74 -4.50 45.29
C ARG U 139 -24.76 -3.46 45.73
N HIS U 140 -25.97 -3.52 45.18
CA HIS U 140 -27.09 -2.75 45.70
C HIS U 140 -28.09 -3.65 46.42
N SER U 141 -28.44 -3.24 47.64
CA SER U 141 -29.40 -3.96 48.45
C SER U 141 -30.50 -3.01 48.91
N TYR U 142 -31.75 -3.39 48.66
CA TYR U 142 -32.90 -2.63 49.15
C TYR U 142 -33.11 -2.84 50.65
N LEU U 143 -32.46 -3.86 51.21
CA LEU U 143 -32.65 -4.24 52.60
C LEU U 143 -31.66 -3.58 53.56
N SER U 144 -30.44 -3.34 53.08
CA SER U 144 -29.36 -2.78 53.90
C SER U 144 -29.71 -1.48 54.63
N PRO U 145 -30.27 -0.48 53.92
CA PRO U 145 -30.57 0.80 54.58
C PRO U 145 -31.55 0.69 55.76
N ILE U 146 -32.50 -0.23 55.67
CA ILE U 146 -33.53 -0.38 56.72
C ILE U 146 -33.19 -1.43 57.79
N ALA U 147 -32.15 -2.22 57.53
CA ALA U 147 -31.66 -3.23 58.47
C ALA U 147 -30.78 -2.63 59.56
N THR U 148 -30.67 -3.33 60.69
CA THR U 148 -29.78 -2.94 61.78
C THR U 148 -28.32 -3.08 61.33
N GLY U 149 -28.02 -4.21 60.71
CA GLY U 149 -26.68 -4.50 60.20
C GLY U 149 -26.68 -5.53 59.09
N VAL U 150 -25.53 -5.70 58.44
CA VAL U 150 -25.37 -6.63 57.33
C VAL U 150 -24.09 -7.44 57.50
N ILE U 151 -24.22 -8.77 57.38
CA ILE U 151 -23.06 -9.67 57.39
C ILE U 151 -22.95 -10.37 56.04
N VAL U 152 -21.78 -10.25 55.43
CA VAL U 152 -21.55 -10.71 54.07
C VAL U 152 -20.23 -11.48 53.98
N GLY U 153 -20.23 -12.56 53.20
CA GLY U 153 -19.01 -13.26 52.82
C GLY U 153 -18.34 -14.13 53.87
N LEU U 154 -19.02 -14.36 54.99
CA LEU U 154 -18.46 -15.17 56.06
C LEU U 154 -19.07 -16.58 56.09
N GLY U 155 -19.63 -16.99 54.95
CA GLY U 155 -20.22 -18.31 54.80
C GLY U 155 -21.41 -18.55 55.69
N ILE U 156 -21.62 -19.81 56.05
CA ILE U 156 -22.73 -20.24 56.90
C ILE U 156 -22.65 -19.63 58.31
N GLN U 157 -21.44 -19.36 58.78
CA GLN U 157 -21.22 -18.81 60.12
C GLN U 157 -21.81 -17.41 60.29
N GLY U 158 -22.08 -16.73 59.17
CA GLY U 158 -22.74 -15.42 59.18
C GLY U 158 -24.05 -15.42 59.93
N TYR U 159 -24.79 -16.52 59.84
CA TYR U 159 -26.04 -16.72 60.57
C TYR U 159 -25.81 -16.80 62.08
N LEU U 160 -24.79 -17.57 62.47
CA LEU U 160 -24.49 -17.82 63.89
C LEU U 160 -23.91 -16.58 64.55
N LEU U 161 -23.13 -15.81 63.80
CA LEU U 161 -22.58 -14.55 64.27
C LEU U 161 -23.70 -13.51 64.43
N ALA U 162 -24.69 -13.57 63.54
CA ALA U 162 -25.88 -12.73 63.63
C ALA U 162 -26.71 -13.06 64.87
N LEU U 163 -26.76 -14.35 65.22
CA LEU U 163 -27.41 -14.82 66.44
C LEU U 163 -26.73 -14.24 67.67
N ARG U 164 -25.40 -14.28 67.67
CA ARG U 164 -24.61 -13.80 68.80
C ARG U 164 -24.82 -12.31 69.06
N TYR U 165 -25.04 -11.54 67.99
CA TYR U 165 -25.38 -10.13 68.11
C TYR U 165 -26.72 -9.93 68.83
N LEU U 166 -27.70 -10.75 68.49
CA LEU U 166 -29.05 -10.64 69.06
C LEU U 166 -29.09 -11.06 70.53
N ALA U 167 -28.34 -12.10 70.87
CA ALA U 167 -28.26 -12.59 72.25
C ALA U 167 -27.63 -11.55 73.18
N GLU U 168 -26.92 -10.59 72.59
CA GLU U 168 -26.22 -9.54 73.32
C GLU U 168 -27.03 -8.23 73.39
N HIS U 169 -28.11 -8.17 72.61
CA HIS U 169 -28.94 -6.96 72.53
CA HIS U 169 -28.94 -6.96 72.53
C HIS U 169 -30.40 -7.23 72.92
N LEU V 29 -72.25 -1.47 36.06
CA LEU V 29 -70.79 -1.16 35.99
C LEU V 29 -70.04 -1.70 37.21
N ILE V 30 -69.15 -2.66 36.96
CA ILE V 30 -68.38 -3.32 38.02
C ILE V 30 -66.94 -2.81 38.04
N VAL V 31 -66.50 -2.38 39.21
CA VAL V 31 -65.15 -1.81 39.38
C VAL V 31 -64.29 -2.69 40.29
N ASN V 32 -63.16 -3.16 39.74
CA ASN V 32 -62.22 -3.97 40.50
C ASN V 32 -61.18 -3.11 41.24
N VAL V 33 -61.17 -3.23 42.56
CA VAL V 33 -60.17 -2.56 43.39
C VAL V 33 -59.15 -3.59 43.87
N ILE V 34 -57.94 -3.51 43.33
CA ILE V 34 -56.91 -4.52 43.59
C ILE V 34 -55.71 -3.92 44.33
N ASN V 35 -55.38 -4.54 45.47
CA ASN V 35 -54.26 -4.11 46.29
C ASN V 35 -53.15 -5.17 46.37
N GLY V 36 -51.91 -4.72 46.21
CA GLY V 36 -50.76 -5.61 46.22
C GLY V 36 -50.16 -5.84 47.61
N PRO V 37 -48.89 -6.28 47.66
CA PRO V 37 -48.18 -6.64 48.88
C PRO V 37 -48.21 -5.55 49.96
N ASN V 38 -48.29 -5.99 51.22
CA ASN V 38 -48.23 -5.10 52.40
C ASN V 38 -49.44 -4.20 52.63
N LEU V 39 -50.42 -4.25 51.73
CA LEU V 39 -51.61 -3.41 51.84
C LEU V 39 -52.71 -4.04 52.70
N GLY V 40 -52.55 -5.33 53.02
CA GLY V 40 -53.39 -5.98 54.01
C GLY V 40 -52.94 -5.62 55.42
N ARG V 41 -51.80 -4.93 55.51
CA ARG V 41 -51.20 -4.53 56.77
C ARG V 41 -51.51 -3.07 57.14
N LEU V 42 -52.50 -2.50 56.47
CA LEU V 42 -52.92 -1.12 56.73
C LEU V 42 -53.50 -0.93 58.14
N GLY V 43 -53.21 0.22 58.73
CA GLY V 43 -53.76 0.57 60.05
C GLY V 43 -53.03 -0.07 61.22
N ARG V 44 -51.78 -0.46 61.00
CA ARG V 44 -50.92 -1.00 62.06
C ARG V 44 -49.44 -0.78 61.78
N GLY V 51 -50.79 5.25 60.29
CA GLY V 51 -51.93 4.52 59.75
C GLY V 51 -53.25 4.99 60.36
N GLY V 52 -54.11 4.03 60.66
CA GLY V 52 -55.41 4.33 61.27
C GLY V 52 -56.53 3.44 60.74
N THR V 53 -56.65 3.37 59.42
CA THR V 53 -57.70 2.59 58.78
C THR V 53 -57.19 1.22 58.36
N THR V 54 -57.90 0.17 58.79
CA THR V 54 -57.55 -1.21 58.41
C THR V 54 -58.06 -1.52 57.00
N HIS V 55 -57.65 -2.66 56.46
CA HIS V 55 -58.06 -3.07 55.12
C HIS V 55 -59.53 -3.50 55.07
N ASP V 56 -60.01 -4.07 56.17
CA ASP V 56 -61.43 -4.43 56.30
C ASP V 56 -62.31 -3.19 56.22
N GLU V 57 -61.89 -2.15 56.93
CA GLU V 57 -62.59 -0.86 56.93
C GLU V 57 -62.49 -0.14 55.59
N LEU V 58 -61.37 -0.37 54.88
CA LEU V 58 -61.17 0.18 53.54
C LEU V 58 -62.18 -0.43 52.56
N VAL V 59 -62.39 -1.74 52.66
CA VAL V 59 -63.43 -2.44 51.89
C VAL V 59 -64.81 -1.88 52.22
N ALA V 60 -65.04 -1.61 53.51
CA ALA V 60 -66.30 -1.04 53.98
C ALA V 60 -66.56 0.36 53.41
N LEU V 61 -65.51 1.19 53.38
CA LEU V 61 -65.61 2.55 52.84
C LEU V 61 -65.80 2.58 51.32
N ILE V 62 -65.13 1.66 50.62
CA ILE V 62 -65.18 1.59 49.16
C ILE V 62 -66.55 1.10 48.66
N GLU V 63 -67.07 0.03 49.27
CA GLU V 63 -68.37 -0.53 48.92
C GLU V 63 -69.52 0.45 49.19
N ARG V 64 -69.38 1.24 50.25
CA ARG V 64 -70.35 2.28 50.61
C ARG V 64 -70.42 3.36 49.53
N GLU V 65 -69.25 3.82 49.09
CA GLU V 65 -69.16 4.88 48.08
C GLU V 65 -69.57 4.41 46.69
N ALA V 66 -69.27 3.14 46.40
CA ALA V 66 -69.63 2.53 45.11
C ALA V 66 -71.15 2.42 44.96
N ALA V 67 -71.82 1.98 46.02
CA ALA V 67 -73.27 1.87 46.06
C ALA V 67 -73.95 3.23 45.88
N GLU V 68 -73.35 4.26 46.47
CA GLU V 68 -73.85 5.63 46.37
C GLU V 68 -73.69 6.24 44.98
N LEU V 69 -72.95 5.55 44.11
CA LEU V 69 -72.70 6.03 42.75
C LEU V 69 -73.30 5.10 41.68
N GLY V 70 -73.93 4.01 42.11
CA GLY V 70 -74.50 3.03 41.20
C GLY V 70 -73.47 2.09 40.61
N LEU V 71 -72.45 1.78 41.41
CA LEU V 71 -71.37 0.88 41.00
C LEU V 71 -71.25 -0.27 42.00
N LYS V 72 -70.74 -1.40 41.52
CA LYS V 72 -70.42 -2.52 42.40
C LYS V 72 -68.90 -2.72 42.45
N ALA V 73 -68.31 -2.39 43.58
CA ALA V 73 -66.87 -2.50 43.78
C ALA V 73 -66.47 -3.86 44.34
N VAL V 74 -65.59 -4.56 43.63
CA VAL V 74 -65.02 -5.81 44.10
C VAL V 74 -63.60 -5.53 44.60
N VAL V 75 -63.43 -5.56 45.92
CA VAL V 75 -62.16 -5.22 46.56
C VAL V 75 -61.39 -6.48 46.93
N ARG V 76 -60.19 -6.63 46.35
CA ARG V 76 -59.36 -7.81 46.59
C ARG V 76 -57.91 -7.44 46.88
N GLN V 77 -57.27 -8.22 47.76
CA GLN V 77 -55.89 -7.98 48.18
C GLN V 77 -55.08 -9.28 48.21
N SER V 78 -53.82 -9.19 47.80
CA SER V 78 -52.89 -10.32 47.85
C SER V 78 -51.43 -9.89 47.88
N ASP V 79 -50.61 -10.66 48.59
CA ASP V 79 -49.16 -10.45 48.60
C ASP V 79 -48.50 -11.20 47.43
N SER V 80 -49.28 -12.03 46.75
CA SER V 80 -48.77 -12.83 45.64
C SER V 80 -48.93 -12.11 44.30
N GLU V 81 -47.82 -11.96 43.59
CA GLU V 81 -47.79 -11.33 42.26
C GLU V 81 -48.63 -12.15 41.28
N ALA V 82 -48.49 -13.48 41.33
CA ALA V 82 -49.24 -14.40 40.50
C ALA V 82 -50.75 -14.25 40.66
N GLN V 83 -51.18 -14.01 41.90
CA GLN V 83 -52.59 -13.79 42.22
C GLN V 83 -53.10 -12.48 41.63
N LEU V 84 -52.29 -11.42 41.75
CA LEU V 84 -52.63 -10.10 41.21
C LEU V 84 -52.71 -10.12 39.69
N LEU V 85 -51.78 -10.86 39.07
CA LEU V 85 -51.75 -11.03 37.62
C LEU V 85 -53.04 -11.70 37.12
N ASP V 86 -53.51 -12.69 37.87
CA ASP V 86 -54.72 -13.43 37.53
C ASP V 86 -55.98 -12.56 37.64
N TRP V 87 -56.01 -11.69 38.65
CA TRP V 87 -57.17 -10.82 38.90
C TRP V 87 -57.39 -9.80 37.79
N ILE V 88 -56.29 -9.22 37.28
CA ILE V 88 -56.38 -8.26 36.17
C ILE V 88 -56.58 -8.95 34.83
N HIS V 89 -56.18 -10.22 34.75
CA HIS V 89 -56.46 -11.06 33.57
C HIS V 89 -57.95 -11.26 33.40
N GLN V 90 -58.65 -11.52 34.52
CA GLN V 90 -60.10 -11.69 34.52
C GLN V 90 -60.80 -10.39 34.12
N ALA V 91 -60.29 -9.26 34.63
CA ALA V 91 -60.81 -7.94 34.31
C ALA V 91 -60.56 -7.56 32.85
N ALA V 92 -59.48 -8.09 32.28
CA ALA V 92 -59.16 -7.87 30.87
C ALA V 92 -60.15 -8.60 29.95
N ASP V 93 -60.57 -9.79 30.37
CA ASP V 93 -61.54 -10.58 29.61
C ASP V 93 -62.97 -10.07 29.83
N ALA V 94 -63.22 -9.50 31.01
CA ALA V 94 -64.54 -8.99 31.36
C ALA V 94 -64.70 -7.50 31.02
N ALA V 95 -63.62 -6.89 30.52
CA ALA V 95 -63.59 -5.46 30.16
C ALA V 95 -64.05 -4.54 31.30
N GLU V 96 -63.59 -4.83 32.51
CA GLU V 96 -63.95 -4.07 33.70
C GLU V 96 -62.82 -3.14 34.14
N PRO V 97 -63.17 -1.90 34.56
CA PRO V 97 -62.19 -0.94 35.09
C PRO V 97 -61.44 -1.45 36.31
N VAL V 98 -60.19 -1.02 36.47
CA VAL V 98 -59.34 -1.45 37.58
C VAL V 98 -58.75 -0.26 38.33
N ILE V 99 -58.93 -0.25 39.65
CA ILE V 99 -58.23 0.68 40.52
C ILE V 99 -57.13 -0.11 41.22
N LEU V 100 -55.88 0.16 40.85
CA LEU V 100 -54.74 -0.63 41.31
C LEU V 100 -53.79 0.14 42.23
N ASN V 101 -53.54 -0.44 43.40
CA ASN V 101 -52.44 -0.04 44.26
C ASN V 101 -51.52 -1.25 44.37
N ALA V 102 -50.44 -1.23 43.60
CA ALA V 102 -49.57 -2.39 43.47
C ALA V 102 -48.55 -2.53 44.60
N GLY V 103 -48.46 -1.51 45.46
CA GLY V 103 -47.49 -1.49 46.54
C GLY V 103 -46.08 -1.37 45.98
N GLY V 104 -45.16 -2.16 46.55
CA GLY V 104 -43.76 -2.17 46.10
C GLY V 104 -43.58 -2.64 44.67
N LEU V 105 -44.53 -3.45 44.19
CA LEU V 105 -44.49 -4.00 42.83
C LEU V 105 -44.62 -2.93 41.75
N THR V 106 -45.14 -1.77 42.13
CA THR V 106 -45.30 -0.62 41.23
C THR V 106 -43.97 -0.22 40.57
N HIS V 107 -42.90 -0.29 41.35
CA HIS V 107 -41.59 0.19 40.92
C HIS V 107 -40.72 -0.92 40.33
N THR V 108 -41.15 -2.17 40.51
CA THR V 108 -40.31 -3.32 40.18
C THR V 108 -40.87 -4.27 39.12
N SER V 109 -42.19 -4.42 39.06
CA SER V 109 -42.79 -5.48 38.26
C SER V 109 -43.15 -5.09 36.82
N VAL V 110 -42.37 -5.60 35.88
CA VAL V 110 -42.66 -5.48 34.44
C VAL V 110 -43.79 -6.44 34.06
N ALA V 111 -43.82 -7.59 34.72
CA ALA V 111 -44.85 -8.61 34.50
C ALA V 111 -46.25 -8.08 34.77
N LEU V 112 -46.41 -7.33 35.86
CA LEU V 112 -47.69 -6.72 36.22
C LEU V 112 -48.08 -5.64 35.22
N ARG V 113 -47.10 -4.89 34.75
CA ARG V 113 -47.29 -3.87 33.72
C ARG V 113 -47.81 -4.48 32.42
N ASP V 114 -47.15 -5.55 31.97
CA ASP V 114 -47.53 -6.26 30.75
C ASP V 114 -48.95 -6.79 30.79
N ALA V 115 -49.38 -7.26 31.97
CA ALA V 115 -50.73 -7.76 32.17
C ALA V 115 -51.75 -6.63 32.20
N CYS V 116 -51.39 -5.52 32.85
CA CYS V 116 -52.23 -4.32 32.90
C CYS V 116 -52.42 -3.67 31.53
N ALA V 117 -51.52 -3.98 30.59
CA ALA V 117 -51.56 -3.44 29.24
C ALA V 117 -52.71 -4.00 28.40
N GLU V 118 -53.21 -5.18 28.79
CA GLU V 118 -54.32 -5.84 28.11
C GLU V 118 -55.66 -5.16 28.41
N LEU V 119 -55.72 -4.44 29.53
CA LEU V 119 -56.96 -3.80 29.98
C LEU V 119 -57.46 -2.75 28.99
N SER V 120 -58.62 -3.03 28.39
CA SER V 120 -59.25 -2.11 27.45
C SER V 120 -60.03 -1.02 28.18
N ALA V 121 -60.55 -1.36 29.35
CA ALA V 121 -61.25 -0.41 30.21
C ALA V 121 -60.24 0.46 30.98
N PRO V 122 -60.67 1.62 31.51
CA PRO V 122 -59.76 2.52 32.23
C PRO V 122 -59.03 1.85 33.39
N LEU V 123 -57.81 2.34 33.66
CA LEU V 123 -56.99 1.87 34.77
C LEU V 123 -56.46 3.06 35.58
N ILE V 124 -56.73 3.06 36.88
CA ILE V 124 -56.26 4.12 37.77
C ILE V 124 -55.26 3.59 38.80
N GLU V 125 -54.05 4.16 38.78
CA GLU V 125 -53.00 3.83 39.73
C GLU V 125 -53.17 4.67 40.99
N VAL V 126 -53.22 4.00 42.14
CA VAL V 126 -53.42 4.69 43.41
C VAL V 126 -52.25 4.48 44.38
N HIS V 127 -51.85 5.55 45.04
CA HIS V 127 -50.90 5.48 46.16
C HIS V 127 -51.43 6.30 47.33
N ILE V 128 -51.46 5.68 48.50
CA ILE V 128 -51.96 6.33 49.71
C ILE V 128 -51.05 7.48 50.16
N SER V 129 -49.75 7.20 50.25
CA SER V 129 -48.76 8.23 50.60
C SER V 129 -48.24 8.92 49.35
N ASN V 130 -47.56 10.05 49.55
CA ASN V 130 -46.90 10.76 48.46
C ASN V 130 -45.53 10.16 48.18
N VAL V 131 -45.46 9.33 47.13
CA VAL V 131 -44.24 8.63 46.74
C VAL V 131 -43.06 9.55 46.44
N HIS V 132 -43.37 10.76 45.98
CA HIS V 132 -42.36 11.73 45.56
C HIS V 132 -41.74 12.47 46.75
N ALA V 133 -42.31 12.28 47.93
CA ALA V 133 -41.79 12.88 49.17
C ALA V 133 -40.89 11.92 49.94
N ARG V 134 -40.67 10.74 49.38
CA ARG V 134 -39.89 9.70 50.04
C ARG V 134 -38.57 9.42 49.31
N GLU V 135 -38.20 8.16 49.15
CA GLU V 135 -36.96 7.80 48.45
C GLU V 135 -37.10 7.96 46.93
N GLU V 136 -35.96 8.10 46.26
CA GLU V 136 -35.91 8.31 44.81
C GLU V 136 -36.45 7.16 43.96
N PHE V 137 -36.26 5.92 44.42
CA PHE V 137 -36.71 4.75 43.66
C PHE V 137 -38.24 4.58 43.62
N ARG V 138 -38.93 5.28 44.53
CA ARG V 138 -40.38 5.28 44.56
C ARG V 138 -40.97 6.26 43.55
N ARG V 139 -40.10 7.11 42.99
CA ARG V 139 -40.52 8.15 42.04
C ARG V 139 -40.65 7.64 40.61
N HIS V 140 -40.29 6.37 40.39
CA HIS V 140 -40.53 5.71 39.11
C HIS V 140 -41.56 4.60 39.23
N SER V 141 -42.52 4.59 38.29
CA SER V 141 -43.54 3.56 38.22
C SER V 141 -43.55 2.92 36.84
N TYR V 142 -43.67 1.60 36.81
CA TYR V 142 -43.83 0.86 35.56
C TYR V 142 -45.27 0.92 35.06
N LEU V 143 -46.21 1.13 35.99
CA LEU V 143 -47.63 1.13 35.68
C LEU V 143 -48.13 2.47 35.13
N SER V 144 -47.52 3.56 35.58
CA SER V 144 -47.97 4.91 35.24
C SER V 144 -48.12 5.22 33.73
N PRO V 145 -47.14 4.80 32.89
CA PRO V 145 -47.27 5.05 31.44
C PRO V 145 -48.47 4.35 30.79
N ILE V 146 -48.78 3.14 31.22
CA ILE V 146 -49.87 2.35 30.62
C ILE V 146 -51.22 2.56 31.29
N ALA V 147 -51.22 3.26 32.43
CA ALA V 147 -52.44 3.59 33.15
C ALA V 147 -53.18 4.75 32.47
N THR V 148 -54.45 4.93 32.84
CA THR V 148 -55.22 6.09 32.38
C THR V 148 -54.82 7.30 33.22
N GLY V 149 -54.80 7.10 34.54
CA GLY V 149 -54.43 8.16 35.48
C GLY V 149 -53.75 7.63 36.73
N VAL V 150 -53.18 8.54 37.51
CA VAL V 150 -52.46 8.19 38.74
C VAL V 150 -52.88 9.15 39.86
N ILE V 151 -53.25 8.57 41.01
CA ILE V 151 -53.57 9.35 42.21
C ILE V 151 -52.57 9.02 43.31
N VAL V 152 -51.94 10.07 43.85
CA VAL V 152 -50.85 9.91 44.81
C VAL V 152 -50.98 10.88 45.98
N GLY V 153 -50.78 10.37 47.20
CA GLY V 153 -50.64 11.21 48.39
C GLY V 153 -51.91 11.71 49.06
N LEU V 154 -53.06 11.27 48.56
CA LEU V 154 -54.34 11.75 49.06
C LEU V 154 -54.96 10.85 50.13
N GLY V 155 -54.15 9.95 50.67
CA GLY V 155 -54.62 9.00 51.68
C GLY V 155 -55.54 7.95 51.08
N ILE V 156 -56.37 7.36 51.93
CA ILE V 156 -57.32 6.32 51.50
C ILE V 156 -58.46 6.88 50.64
N GLN V 157 -58.69 8.18 50.74
CA GLN V 157 -59.72 8.86 49.94
C GLN V 157 -59.38 8.89 48.45
N GLY V 158 -58.13 8.55 48.13
CA GLY V 158 -57.69 8.41 46.74
C GLY V 158 -58.44 7.31 46.00
N TYR V 159 -58.81 6.25 46.73
CA TYR V 159 -59.61 5.16 46.18
C TYR V 159 -61.02 5.64 45.80
N LEU V 160 -61.61 6.45 46.66
CA LEU V 160 -62.98 6.95 46.48
C LEU V 160 -63.08 7.93 45.31
N LEU V 161 -62.05 8.77 45.17
CA LEU V 161 -61.98 9.72 44.05
C LEU V 161 -61.74 9.01 42.72
N ALA V 162 -61.04 7.87 42.78
CA ALA V 162 -60.84 7.02 41.61
C ALA V 162 -62.16 6.37 41.17
N LEU V 163 -62.98 5.98 42.14
CA LEU V 163 -64.31 5.45 41.89
C LEU V 163 -65.21 6.50 41.25
N ARG V 164 -65.12 7.74 41.76
CA ARG V 164 -65.93 8.85 41.29
C ARG V 164 -65.61 9.22 39.84
N TYR V 165 -64.33 9.12 39.46
CA TYR V 165 -63.92 9.35 38.08
C TYR V 165 -64.58 8.36 37.12
N LEU V 166 -64.69 7.10 37.55
CA LEU V 166 -65.25 6.03 36.72
C LEU V 166 -66.77 6.14 36.56
N ALA V 167 -67.40 6.92 37.43
CA ALA V 167 -68.84 7.17 37.34
C ALA V 167 -69.19 8.05 36.14
N GLU V 168 -68.33 9.03 35.86
CA GLU V 168 -68.57 9.98 34.77
C GLU V 168 -68.17 9.48 33.39
N HIS V 169 -67.58 8.28 33.34
CA HIS V 169 -67.22 7.64 32.07
C HIS V 169 -68.05 6.38 31.83
N LEU W 29 -48.68 37.44 3.31
CA LEU W 29 -48.00 36.34 4.04
C LEU W 29 -47.09 36.89 5.15
N ILE W 30 -47.60 36.88 6.38
CA ILE W 30 -46.86 37.42 7.53
C ILE W 30 -45.96 36.37 8.17
N VAL W 31 -44.68 36.71 8.32
CA VAL W 31 -43.71 35.86 8.99
C VAL W 31 -43.24 36.53 10.29
N ASN W 32 -43.40 35.82 11.40
CA ASN W 32 -43.00 36.33 12.71
C ASN W 32 -41.56 35.96 13.06
N VAL W 33 -40.81 36.94 13.56
CA VAL W 33 -39.46 36.73 14.07
C VAL W 33 -39.41 37.10 15.55
N ILE W 34 -39.25 36.10 16.40
CA ILE W 34 -39.32 36.27 17.84
C ILE W 34 -37.96 36.06 18.51
N ASN W 35 -37.48 37.07 19.22
CA ASN W 35 -36.22 37.01 19.96
C ASN W 35 -36.44 37.00 21.47
N GLY W 36 -35.81 36.03 22.14
CA GLY W 36 -35.96 35.85 23.58
C GLY W 36 -35.04 36.74 24.40
N PRO W 37 -34.85 36.40 25.69
CA PRO W 37 -34.06 37.19 26.65
C PRO W 37 -32.65 37.52 26.18
N ASN W 38 -32.19 38.72 26.56
CA ASN W 38 -30.82 39.20 26.30
C ASN W 38 -30.51 39.53 24.84
N LEU W 39 -31.48 39.32 23.95
CA LEU W 39 -31.26 39.47 22.51
C LEU W 39 -31.53 40.86 21.93
N GLY W 40 -32.09 41.75 22.76
CA GLY W 40 -32.29 43.14 22.38
C GLY W 40 -31.01 43.95 22.37
N ARG W 41 -29.97 43.37 22.97
CA ARG W 41 -28.67 44.03 23.10
C ARG W 41 -27.58 43.31 22.28
N LEU W 42 -27.91 43.05 21.01
CA LEU W 42 -26.95 42.48 20.07
C LEU W 42 -25.94 43.53 19.60
N GLY W 43 -24.75 43.06 19.23
CA GLY W 43 -23.68 43.93 18.74
C GLY W 43 -22.47 43.98 19.67
N ARG W 44 -22.52 43.18 20.73
CA ARG W 44 -21.46 43.15 21.74
C ARG W 44 -20.92 41.74 21.97
N GLY W 51 -21.93 38.77 13.52
CA GLY W 51 -20.93 39.81 13.33
C GLY W 51 -21.00 40.90 14.39
N GLY W 52 -21.54 42.06 14.00
CA GLY W 52 -21.68 43.20 14.90
C GLY W 52 -22.80 44.12 14.46
N THR W 53 -24.03 43.78 14.86
CA THR W 53 -25.23 44.48 14.42
C THR W 53 -26.18 44.69 15.60
N THR W 54 -26.74 45.91 15.70
CA THR W 54 -27.72 46.23 16.74
C THR W 54 -29.10 45.63 16.40
N HIS W 55 -29.98 45.58 17.38
CA HIS W 55 -31.33 45.01 17.19
C HIS W 55 -32.16 45.81 16.19
N ASP W 56 -32.07 47.14 16.25
CA ASP W 56 -32.80 48.03 15.34
C ASP W 56 -32.40 47.82 13.88
N GLU W 57 -31.11 47.59 13.63
CA GLU W 57 -30.61 47.32 12.29
C GLU W 57 -31.02 45.93 11.81
N LEU W 58 -31.12 44.99 12.75
CA LEU W 58 -31.57 43.62 12.45
C LEU W 58 -33.03 43.61 11.99
N VAL W 59 -33.85 44.45 12.62
CA VAL W 59 -35.24 44.63 12.20
C VAL W 59 -35.28 45.15 10.76
N ALA W 60 -34.46 46.16 10.47
CA ALA W 60 -34.36 46.74 9.13
C ALA W 60 -33.86 45.74 8.10
N LEU W 61 -32.85 44.96 8.47
CA LEU W 61 -32.29 43.92 7.59
C LEU W 61 -33.31 42.83 7.25
N ILE W 62 -34.08 42.40 8.24
CA ILE W 62 -35.09 41.35 8.07
C ILE W 62 -36.27 41.86 7.25
N GLU W 63 -36.74 43.08 7.55
CA GLU W 63 -37.84 43.71 6.81
C GLU W 63 -37.52 43.90 5.34
N ARG W 64 -36.30 44.32 5.04
CA ARG W 64 -35.82 44.54 3.68
C ARG W 64 -35.73 43.22 2.90
N GLU W 65 -35.20 42.20 3.55
CA GLU W 65 -35.06 40.87 2.96
C GLU W 65 -36.43 40.22 2.73
N ALA W 66 -37.36 40.47 3.64
CA ALA W 66 -38.72 39.92 3.56
C ALA W 66 -39.51 40.52 2.40
N ALA W 67 -39.29 41.80 2.13
CA ALA W 67 -39.95 42.51 1.04
C ALA W 67 -39.50 41.98 -0.33
N GLU W 68 -38.24 41.58 -0.42
CA GLU W 68 -37.67 41.01 -1.64
C GLU W 68 -38.17 39.59 -1.92
N LEU W 69 -38.69 38.93 -0.88
CA LEU W 69 -39.23 37.58 -1.00
C LEU W 69 -40.76 37.57 -1.14
N GLY W 70 -41.38 38.73 -0.92
CA GLY W 70 -42.84 38.86 -0.98
C GLY W 70 -43.49 38.49 0.33
N LEU W 71 -42.87 38.88 1.43
CA LEU W 71 -43.37 38.60 2.77
C LEU W 71 -43.42 39.88 3.62
N LYS W 72 -44.28 39.86 4.64
CA LYS W 72 -44.29 40.90 5.66
C LYS W 72 -43.66 40.33 6.93
N ALA W 73 -42.64 41.02 7.45
CA ALA W 73 -41.92 40.55 8.63
C ALA W 73 -42.25 41.34 9.88
N VAL W 74 -42.65 40.62 10.93
CA VAL W 74 -42.88 41.21 12.24
C VAL W 74 -41.77 40.76 13.19
N VAL W 75 -40.87 41.67 13.52
CA VAL W 75 -39.71 41.38 14.37
C VAL W 75 -39.91 41.97 15.75
N ARG W 76 -39.91 41.09 16.77
CA ARG W 76 -40.11 41.51 18.15
C ARG W 76 -39.16 40.81 19.12
N GLN W 77 -38.81 41.52 20.20
CA GLN W 77 -37.90 41.01 21.21
C GLN W 77 -38.48 41.25 22.61
N SER W 78 -38.29 40.27 23.51
CA SER W 78 -38.71 40.40 24.90
C SER W 78 -37.87 39.54 25.84
N ASP W 79 -37.63 40.06 27.04
CA ASP W 79 -36.97 39.31 28.11
C ASP W 79 -37.99 38.55 28.95
N SER W 80 -39.27 38.84 28.71
CA SER W 80 -40.37 38.22 29.45
C SER W 80 -40.87 36.95 28.79
N GLU W 81 -40.80 35.84 29.52
CA GLU W 81 -41.27 34.55 29.04
C GLU W 81 -42.78 34.59 28.72
N ALA W 82 -43.54 35.25 29.60
CA ALA W 82 -44.98 35.41 29.42
C ALA W 82 -45.32 36.15 28.12
N GLN W 83 -44.53 37.16 27.80
CA GLN W 83 -44.71 37.94 26.57
C GLN W 83 -44.39 37.09 25.32
N LEU W 84 -43.35 36.27 25.41
CA LEU W 84 -42.96 35.38 24.33
C LEU W 84 -44.04 34.35 24.02
N LEU W 85 -44.63 33.79 25.07
CA LEU W 85 -45.71 32.82 24.95
C LEU W 85 -46.93 33.42 24.25
N ASP W 86 -47.25 34.66 24.60
CA ASP W 86 -48.36 35.40 24.02
C ASP W 86 -48.21 35.57 22.51
N TRP W 87 -47.00 35.95 22.08
CA TRP W 87 -46.67 36.11 20.66
C TRP W 87 -46.75 34.79 19.89
N ILE W 88 -46.45 33.69 20.58
CA ILE W 88 -46.57 32.35 20.00
C ILE W 88 -48.04 31.95 19.86
N HIS W 89 -48.83 32.24 20.89
CA HIS W 89 -50.27 31.94 20.88
C HIS W 89 -50.99 32.60 19.72
N GLN W 90 -50.68 33.87 19.47
CA GLN W 90 -51.27 34.63 18.38
C GLN W 90 -50.86 34.07 17.02
N ALA W 91 -49.62 33.61 16.92
CA ALA W 91 -49.09 33.01 15.70
C ALA W 91 -49.76 31.67 15.40
N ALA W 92 -50.07 30.91 16.45
CA ALA W 92 -50.77 29.63 16.32
C ALA W 92 -52.23 29.82 15.88
N ASP W 93 -52.85 30.91 16.35
CA ASP W 93 -54.22 31.24 15.98
C ASP W 93 -54.31 31.75 14.54
N ALA W 94 -53.36 32.58 14.14
CA ALA W 94 -53.32 33.16 12.81
C ALA W 94 -52.69 32.23 11.78
N ALA W 95 -52.19 31.08 12.25
CA ALA W 95 -51.50 30.09 11.42
C ALA W 95 -50.32 30.71 10.64
N GLU W 96 -49.53 31.51 11.35
CA GLU W 96 -48.37 32.20 10.78
C GLU W 96 -47.05 31.53 11.16
N PRO W 97 -46.09 31.47 10.22
CA PRO W 97 -44.77 30.91 10.47
C PRO W 97 -44.00 31.66 11.56
N VAL W 98 -43.09 30.97 12.23
CA VAL W 98 -42.28 31.58 13.30
C VAL W 98 -40.80 31.26 13.16
N ILE W 99 -39.98 32.30 13.12
CA ILE W 99 -38.53 32.17 13.24
C ILE W 99 -38.18 32.57 14.67
N LEU W 100 -37.71 31.61 15.46
CA LEU W 100 -37.55 31.82 16.89
C LEU W 100 -36.12 31.67 17.40
N ASN W 101 -35.67 32.69 18.10
CA ASN W 101 -34.43 32.65 18.87
C ASN W 101 -34.79 32.87 20.33
N ALA W 102 -34.93 31.78 21.08
CA ALA W 102 -35.42 31.82 22.45
C ALA W 102 -34.34 32.22 23.47
N GLY W 103 -33.10 32.34 23.00
CA GLY W 103 -31.97 32.65 23.87
C GLY W 103 -31.72 31.52 24.85
N GLY W 104 -31.58 31.89 26.13
CA GLY W 104 -31.33 30.91 27.20
C GLY W 104 -32.51 30.01 27.50
N LEU W 105 -33.71 30.47 27.11
CA LEU W 105 -34.95 29.70 27.34
C LEU W 105 -35.06 28.48 26.42
N THR W 106 -34.16 28.39 25.45
CA THR W 106 -34.10 27.25 24.54
C THR W 106 -33.78 25.96 25.29
N HIS W 107 -32.95 26.08 26.32
CA HIS W 107 -32.43 24.93 27.06
C HIS W 107 -33.21 24.67 28.35
N THR W 108 -34.14 25.56 28.70
CA THR W 108 -34.74 25.55 30.04
C THR W 108 -36.27 25.55 30.07
N SER W 109 -36.91 26.06 29.02
CA SER W 109 -38.35 26.30 29.07
C SER W 109 -39.20 25.23 28.38
N VAL W 110 -39.95 24.49 29.19
CA VAL W 110 -40.94 23.54 28.68
C VAL W 110 -42.20 24.32 28.28
N ALA W 111 -42.49 25.38 29.04
CA ALA W 111 -43.62 26.26 28.75
C ALA W 111 -43.59 26.80 27.33
N LEU W 112 -42.41 27.23 26.89
CA LEU W 112 -42.23 27.75 25.54
C LEU W 112 -42.33 26.64 24.49
N ARG W 113 -41.78 25.47 24.82
CA ARG W 113 -41.87 24.29 23.95
C ARG W 113 -43.34 23.92 23.71
N ASP W 114 -44.11 23.81 24.79
CA ASP W 114 -45.53 23.47 24.72
C ASP W 114 -46.35 24.48 23.91
N ALA W 115 -45.99 25.76 24.01
CA ALA W 115 -46.64 26.82 23.24
C ALA W 115 -46.34 26.70 21.76
N CYS W 116 -45.09 26.39 21.42
CA CYS W 116 -44.66 26.24 20.03
C CYS W 116 -45.22 24.96 19.39
N ALA W 117 -45.62 24.01 20.23
CA ALA W 117 -46.24 22.76 19.77
C ALA W 117 -47.62 23.00 19.16
N GLU W 118 -48.27 24.11 19.54
CA GLU W 118 -49.56 24.51 18.97
C GLU W 118 -49.47 24.96 17.52
N LEU W 119 -48.29 25.45 17.11
CA LEU W 119 -48.11 26.04 15.78
C LEU W 119 -48.37 25.05 14.65
N SER W 120 -49.28 25.42 13.75
CA SER W 120 -49.59 24.63 12.56
C SER W 120 -48.65 24.96 11.42
N ALA W 121 -48.26 26.23 11.33
CA ALA W 121 -47.29 26.70 10.35
C ALA W 121 -45.86 26.39 10.80
N PRO W 122 -44.90 26.33 9.87
CA PRO W 122 -43.52 25.94 10.20
C PRO W 122 -42.85 26.80 11.26
N LEU W 123 -41.96 26.19 12.03
CA LEU W 123 -41.20 26.86 13.08
C LEU W 123 -39.71 26.62 12.88
N ILE W 124 -38.95 27.70 12.75
CA ILE W 124 -37.51 27.61 12.57
C ILE W 124 -36.76 28.13 13.80
N GLU W 125 -35.99 27.25 14.43
CA GLU W 125 -35.15 27.63 15.57
C GLU W 125 -33.85 28.23 15.07
N VAL W 126 -33.46 29.37 15.63
CA VAL W 126 -32.23 30.05 15.21
C VAL W 126 -31.34 30.40 16.41
N HIS W 127 -30.05 30.10 16.26
CA HIS W 127 -29.02 30.56 17.18
C HIS W 127 -27.94 31.24 16.36
N ILE W 128 -27.51 32.42 16.83
CA ILE W 128 -26.55 33.24 16.09
C ILE W 128 -25.15 32.62 16.11
N SER W 129 -24.67 32.28 17.30
CA SER W 129 -23.38 31.61 17.44
C SER W 129 -23.56 30.09 17.37
N ASN W 130 -22.46 29.36 17.14
CA ASN W 130 -22.51 27.90 17.14
C ASN W 130 -22.69 27.36 18.55
N VAL W 131 -23.93 26.96 18.85
CA VAL W 131 -24.33 26.54 20.18
C VAL W 131 -23.68 25.20 20.60
N HIS W 132 -23.07 24.51 19.64
CA HIS W 132 -22.43 23.23 19.87
C HIS W 132 -20.93 23.34 20.16
N ALA W 133 -20.39 24.55 20.08
CA ALA W 133 -18.97 24.79 20.30
C ALA W 133 -18.66 25.42 21.66
N ARG W 134 -19.66 25.43 22.53
CA ARG W 134 -19.54 26.10 23.83
C ARG W 134 -19.68 25.10 24.99
N GLU W 135 -20.50 25.43 25.98
CA GLU W 135 -20.74 24.53 27.12
C GLU W 135 -21.66 23.37 26.70
N GLU W 136 -21.58 22.27 27.45
CA GLU W 136 -22.36 21.06 27.15
C GLU W 136 -23.87 21.21 27.32
N PHE W 137 -24.29 21.98 28.32
CA PHE W 137 -25.73 22.17 28.59
C PHE W 137 -26.46 22.94 27.48
N ARG W 138 -25.70 23.65 26.64
CA ARG W 138 -26.25 24.37 25.51
C ARG W 138 -26.52 23.44 24.32
N ARG W 139 -26.04 22.21 24.40
CA ARG W 139 -26.20 21.24 23.33
C ARG W 139 -27.51 20.44 23.41
N HIS W 140 -28.35 20.79 24.38
CA HIS W 140 -29.70 20.27 24.45
C HIS W 140 -30.71 21.39 24.27
N SER W 141 -31.70 21.15 23.40
CA SER W 141 -32.77 22.09 23.14
C SER W 141 -34.12 21.42 23.30
N TYR W 142 -35.03 22.09 24.02
CA TYR W 142 -36.41 21.65 24.13
C TYR W 142 -37.20 21.99 22.87
N LEU W 143 -36.70 22.95 22.10
CA LEU W 143 -37.40 23.44 20.91
C LEU W 143 -37.13 22.61 19.66
N SER W 144 -35.88 22.20 19.49
CA SER W 144 -35.45 21.47 18.28
C SER W 144 -36.36 20.31 17.84
N PRO W 145 -36.72 19.39 18.77
CA PRO W 145 -37.59 18.26 18.37
C PRO W 145 -38.91 18.67 17.72
N ILE W 146 -39.55 19.71 18.24
CA ILE W 146 -40.85 20.15 17.74
C ILE W 146 -40.77 21.18 16.61
N ALA W 147 -39.58 21.78 16.44
CA ALA W 147 -39.33 22.73 15.36
C ALA W 147 -39.29 22.02 14.00
N THR W 148 -39.51 22.78 12.93
CA THR W 148 -39.39 22.26 11.57
C THR W 148 -37.93 22.06 11.24
N GLY W 149 -37.11 23.06 11.58
CA GLY W 149 -35.67 23.01 11.34
C GLY W 149 -34.90 23.94 12.26
N VAL W 150 -33.58 23.76 12.30
CA VAL W 150 -32.71 24.53 13.18
C VAL W 150 -31.49 25.07 12.43
N ILE W 151 -31.29 26.38 12.51
CA ILE W 151 -30.08 27.02 11.97
C ILE W 151 -29.23 27.55 13.12
N VAL W 152 -27.96 27.13 13.14
CA VAL W 152 -27.04 27.45 14.22
C VAL W 152 -25.69 27.91 13.65
N GLY W 153 -25.15 28.98 14.23
CA GLY W 153 -23.78 29.40 13.95
C GLY W 153 -23.52 30.16 12.66
N LEU W 154 -24.60 30.58 11.99
CA LEU W 154 -24.47 31.31 10.74
C LEU W 154 -24.68 32.81 10.91
N GLY W 155 -24.56 33.26 12.17
CA GLY W 155 -24.64 34.68 12.52
C GLY W 155 -26.00 35.30 12.23
N ILE W 156 -25.96 36.60 11.92
CA ILE W 156 -27.15 37.39 11.57
C ILE W 156 -27.88 36.80 10.36
N GLN W 157 -27.12 36.31 9.39
CA GLN W 157 -27.68 35.78 8.14
C GLN W 157 -28.56 34.55 8.34
N GLY W 158 -28.42 33.90 9.51
CA GLY W 158 -29.28 32.77 9.89
C GLY W 158 -30.76 33.13 9.88
N TYR W 159 -31.08 34.35 10.29
CA TYR W 159 -32.44 34.87 10.22
C TYR W 159 -32.91 35.02 8.77
N LEU W 160 -32.03 35.51 7.91
CA LEU W 160 -32.35 35.77 6.50
C LEU W 160 -32.56 34.48 5.72
N LEU W 161 -31.77 33.46 6.04
CA LEU W 161 -31.89 32.14 5.41
C LEU W 161 -33.15 31.42 5.87
N ALA W 162 -33.59 31.71 7.09
CA ALA W 162 -34.83 31.16 7.64
C ALA W 162 -36.06 31.74 6.94
N LEU W 163 -35.98 33.02 6.58
CA LEU W 163 -37.03 33.69 5.81
C LEU W 163 -37.17 33.08 4.42
N ARG W 164 -36.03 32.72 3.83
CA ARG W 164 -35.98 32.18 2.47
C ARG W 164 -36.61 30.79 2.37
N TYR W 165 -36.44 29.98 3.41
CA TYR W 165 -37.05 28.65 3.47
C TYR W 165 -38.57 28.74 3.47
N LEU W 166 -39.10 29.68 4.26
CA LEU W 166 -40.54 29.84 4.41
C LEU W 166 -41.20 30.40 3.15
N ALA W 167 -40.48 31.29 2.47
CA ALA W 167 -40.96 31.89 1.21
C ALA W 167 -40.92 30.90 0.04
N GLU W 168 -40.15 29.82 0.22
CA GLU W 168 -39.97 28.80 -0.81
C GLU W 168 -40.97 27.65 -0.64
N HIS W 169 -41.76 27.71 0.44
CA HIS W 169 -42.72 26.66 0.76
C HIS W 169 -44.16 27.18 0.75
N LEU X 29 -64.83 28.85 53.89
CA LEU X 29 -63.51 28.26 53.51
C LEU X 29 -63.21 28.46 52.03
N ILE X 30 -62.10 29.15 51.76
CA ILE X 30 -61.71 29.53 50.40
C ILE X 30 -60.67 28.58 49.82
N VAL X 31 -60.84 28.23 48.54
CA VAL X 31 -59.95 27.32 47.84
C VAL X 31 -59.42 27.98 46.55
N ASN X 32 -58.10 27.94 46.39
CA ASN X 32 -57.44 28.56 45.22
C ASN X 32 -57.08 27.56 44.13
N VAL X 33 -57.65 27.76 42.94
CA VAL X 33 -57.32 26.95 41.77
C VAL X 33 -56.43 27.75 40.82
N ILE X 34 -55.14 27.45 40.84
CA ILE X 34 -54.15 28.23 40.10
C ILE X 34 -53.61 27.46 38.90
N ASN X 35 -53.82 28.01 37.70
CA ASN X 35 -53.32 27.43 36.45
C ASN X 35 -52.17 28.23 35.86
N GLY X 36 -51.17 27.53 35.34
CA GLY X 36 -49.96 28.15 34.82
C GLY X 36 -50.00 28.41 33.33
N PRO X 37 -48.80 28.59 32.72
CA PRO X 37 -48.67 28.90 31.29
C PRO X 37 -49.27 27.82 30.39
N ASN X 38 -49.97 28.28 29.34
CA ASN X 38 -50.60 27.41 28.32
C ASN X 38 -51.95 26.81 28.70
N LEU X 39 -52.36 26.96 29.96
CA LEU X 39 -53.66 26.46 30.43
C LEU X 39 -54.83 27.33 29.97
N GLY X 40 -54.54 28.60 29.68
CA GLY X 40 -55.54 29.51 29.11
C GLY X 40 -55.86 29.16 27.66
N ARG X 41 -55.06 28.27 27.09
CA ARG X 41 -55.22 27.84 25.71
C ARG X 41 -56.07 26.57 25.58
N LEU X 42 -56.47 26.00 26.72
CA LEU X 42 -57.31 24.81 26.74
C LEU X 42 -58.52 24.94 25.81
N GLY X 43 -58.76 23.87 25.05
CA GLY X 43 -59.80 23.87 24.03
C GLY X 43 -59.19 23.72 22.65
N ARG X 44 -58.42 24.72 22.24
CA ARG X 44 -57.71 24.68 20.96
C ARG X 44 -56.21 24.43 21.15
N VAL X 49 -54.50 13.57 22.71
CA VAL X 49 -54.36 14.82 21.98
C VAL X 49 -54.83 16.01 22.82
N TYR X 50 -55.16 17.12 22.16
CA TYR X 50 -55.67 18.32 22.81
C TYR X 50 -57.08 18.09 23.36
N GLY X 51 -57.41 18.78 24.45
CA GLY X 51 -58.72 18.66 25.09
C GLY X 51 -59.85 19.32 24.31
N GLY X 52 -61.00 19.46 24.96
CA GLY X 52 -62.18 20.06 24.34
C GLY X 52 -62.77 21.20 25.15
N THR X 53 -62.66 21.10 26.47
CA THR X 53 -63.19 22.09 27.40
C THR X 53 -62.28 23.32 27.45
N THR X 54 -62.87 24.50 27.40
CA THR X 54 -62.12 25.76 27.49
C THR X 54 -61.85 26.12 28.96
N HIS X 55 -60.95 27.08 29.18
CA HIS X 55 -60.65 27.55 30.53
C HIS X 55 -61.84 28.28 31.15
N ASP X 56 -62.60 28.99 30.32
CA ASP X 56 -63.83 29.66 30.75
C ASP X 56 -64.86 28.64 31.25
N GLU X 57 -64.98 27.54 30.53
CA GLU X 57 -65.85 26.42 30.91
C GLU X 57 -65.30 25.67 32.12
N LEU X 58 -63.97 25.61 32.24
CA LEU X 58 -63.30 24.99 33.37
C LEU X 58 -63.59 25.74 34.68
N VAL X 59 -63.59 27.07 34.60
CA VAL X 59 -63.93 27.92 35.75
C VAL X 59 -65.37 27.66 36.21
N ALA X 60 -66.28 27.52 35.23
CA ALA X 60 -67.70 27.26 35.50
C ALA X 60 -67.92 25.91 36.17
N LEU X 61 -67.20 24.88 35.71
CA LEU X 61 -67.31 23.53 36.27
C LEU X 61 -66.78 23.44 37.70
N ILE X 62 -65.73 24.21 37.98
CA ILE X 62 -65.12 24.26 39.32
C ILE X 62 -66.04 24.97 40.32
N GLU X 63 -66.56 26.13 39.91
CA GLU X 63 -67.44 26.94 40.76
C GLU X 63 -68.78 26.27 41.06
N ARG X 64 -69.28 25.48 40.10
CA ARG X 64 -70.49 24.69 40.29
C ARG X 64 -70.25 23.54 41.26
N GLU X 65 -69.09 22.90 41.14
CA GLU X 65 -68.69 21.79 42.01
C GLU X 65 -68.41 22.26 43.43
N ALA X 66 -67.77 23.43 43.54
CA ALA X 66 -67.46 24.03 44.85
C ALA X 66 -68.72 24.44 45.60
N ALA X 67 -69.74 24.89 44.86
CA ALA X 67 -71.02 25.29 45.43
C ALA X 67 -71.78 24.10 46.01
N GLU X 68 -71.73 22.96 45.31
CA GLU X 68 -72.36 21.72 45.76
C GLU X 68 -71.72 21.16 47.04
N LEU X 69 -70.49 21.58 47.31
CA LEU X 69 -69.73 21.09 48.47
C LEU X 69 -69.57 22.13 49.58
N GLY X 70 -70.08 23.34 49.33
CA GLY X 70 -70.03 24.42 50.31
C GLY X 70 -68.67 25.08 50.44
N LEU X 71 -68.00 25.26 49.30
CA LEU X 71 -66.69 25.91 49.25
C LEU X 71 -66.69 27.04 48.22
N LYS X 72 -65.86 28.05 48.46
CA LYS X 72 -65.67 29.14 47.51
C LYS X 72 -64.35 28.96 46.77
N ALA X 73 -64.45 28.72 45.46
CA ALA X 73 -63.28 28.44 44.63
C ALA X 73 -62.89 29.62 43.76
N VAL X 74 -61.71 30.19 44.03
CA VAL X 74 -61.15 31.27 43.24
C VAL X 74 -60.22 30.68 42.18
N VAL X 75 -60.64 30.75 40.91
CA VAL X 75 -59.85 30.20 39.81
C VAL X 75 -59.11 31.32 39.08
N ARG X 76 -57.79 31.17 38.96
CA ARG X 76 -56.93 32.16 38.32
C ARG X 76 -55.88 31.52 37.42
N GLN X 77 -55.60 32.16 36.29
CA GLN X 77 -54.61 31.67 35.33
C GLN X 77 -53.65 32.78 34.92
N SER X 78 -52.38 32.41 34.71
CA SER X 78 -51.35 33.34 34.22
C SER X 78 -50.20 32.62 33.54
N ASP X 79 -49.64 33.26 32.51
CA ASP X 79 -48.46 32.75 31.83
C ASP X 79 -47.18 33.27 32.46
N SER X 80 -47.32 34.19 33.41
CA SER X 80 -46.18 34.79 34.10
C SER X 80 -45.87 34.06 35.40
N GLU X 81 -44.62 33.61 35.51
CA GLU X 81 -44.13 32.94 36.71
C GLU X 81 -44.27 33.85 37.94
N ALA X 82 -43.91 35.12 37.77
CA ALA X 82 -43.96 36.12 38.84
C ALA X 82 -45.37 36.34 39.39
N GLN X 83 -46.37 36.26 38.51
CA GLN X 83 -47.77 36.37 38.90
C GLN X 83 -48.19 35.14 39.71
N LEU X 84 -47.84 33.96 39.19
CA LEU X 84 -48.14 32.70 39.87
C LEU X 84 -47.49 32.64 41.26
N LEU X 85 -46.27 33.16 41.35
CA LEU X 85 -45.55 33.25 42.62
C LEU X 85 -46.30 34.10 43.65
N ASP X 86 -46.81 35.25 43.20
CA ASP X 86 -47.55 36.17 44.07
C ASP X 86 -48.85 35.55 44.59
N TRP X 87 -49.54 34.79 43.74
CA TRP X 87 -50.76 34.10 44.13
C TRP X 87 -50.50 33.06 45.23
N ILE X 88 -49.39 32.34 45.11
CA ILE X 88 -48.99 31.35 46.12
C ILE X 88 -48.65 32.02 47.45
N HIS X 89 -48.01 33.19 47.39
CA HIS X 89 -47.69 33.97 48.59
C HIS X 89 -48.94 34.39 49.35
N GLN X 90 -49.96 34.84 48.61
CA GLN X 90 -51.23 35.26 49.18
C GLN X 90 -51.99 34.09 49.80
N ALA X 91 -51.87 32.93 49.16
CA ALA X 91 -52.47 31.70 49.68
C ALA X 91 -51.75 31.21 50.93
N ALA X 92 -50.45 31.51 51.01
CA ALA X 92 -49.64 31.17 52.18
C ALA X 92 -49.95 32.09 53.35
N ASP X 93 -50.10 33.38 53.06
CA ASP X 93 -50.42 34.39 54.07
C ASP X 93 -51.82 34.22 54.64
N ALA X 94 -52.75 33.76 53.80
CA ALA X 94 -54.14 33.53 54.19
C ALA X 94 -54.40 32.08 54.59
N ALA X 95 -53.34 31.27 54.59
CA ALA X 95 -53.41 29.83 54.92
C ALA X 95 -54.55 29.10 54.21
N GLU X 96 -54.61 29.24 52.89
CA GLU X 96 -55.67 28.66 52.08
C GLU X 96 -55.16 27.54 51.19
N PRO X 97 -55.97 26.48 51.00
CA PRO X 97 -55.62 25.34 50.14
C PRO X 97 -55.41 25.75 48.68
N VAL X 98 -54.56 25.00 47.97
CA VAL X 98 -54.21 25.32 46.58
C VAL X 98 -54.25 24.10 45.67
N ILE X 99 -55.07 24.19 44.61
CA ILE X 99 -54.96 23.29 43.47
C ILE X 99 -54.05 23.96 42.45
N LEU X 100 -52.96 23.28 42.09
CA LEU X 100 -51.99 23.86 41.17
C LEU X 100 -51.72 23.00 39.94
N ASN X 101 -51.98 23.57 38.77
CA ASN X 101 -51.49 23.03 37.50
C ASN X 101 -50.51 24.04 36.91
N ALA X 102 -49.23 23.81 37.16
CA ALA X 102 -48.17 24.75 36.79
C ALA X 102 -47.79 24.69 35.31
N GLY X 103 -48.34 23.70 34.60
CA GLY X 103 -47.99 23.48 33.20
C GLY X 103 -46.54 23.06 33.06
N GLY X 104 -45.82 23.72 32.15
CA GLY X 104 -44.41 23.42 31.90
C GLY X 104 -43.48 23.81 33.03
N LEU X 105 -43.97 24.68 33.93
CA LEU X 105 -43.17 25.15 35.07
C LEU X 105 -42.98 24.07 36.13
N THR X 106 -43.86 23.07 36.10
CA THR X 106 -43.79 21.92 37.01
C THR X 106 -42.41 21.25 36.99
N HIS X 107 -41.85 21.12 35.79
CA HIS X 107 -40.61 20.41 35.57
C HIS X 107 -39.37 21.30 35.59
N THR X 108 -39.59 22.61 35.72
CA THR X 108 -38.50 23.58 35.51
C THR X 108 -38.26 24.56 36.65
N SER X 109 -39.30 24.89 37.41
CA SER X 109 -39.22 26.01 38.35
C SER X 109 -38.94 25.62 39.81
N VAL X 110 -37.74 25.95 40.28
CA VAL X 110 -37.38 25.82 41.69
C VAL X 110 -37.97 27.00 42.48
N ALA X 111 -38.10 28.14 41.79
CA ALA X 111 -38.71 29.34 42.36
C ALA X 111 -40.15 29.08 42.80
N LEU X 112 -40.92 28.42 41.96
CA LEU X 112 -42.30 28.07 42.25
C LEU X 112 -42.38 27.04 43.38
N ARG X 113 -41.47 26.08 43.36
CA ARG X 113 -41.35 25.08 44.43
C ARG X 113 -41.11 25.74 45.79
N ASP X 114 -40.13 26.64 45.85
CA ASP X 114 -39.78 27.33 47.08
C ASP X 114 -40.93 28.18 47.64
N ALA X 115 -41.73 28.74 46.74
CA ALA X 115 -42.91 29.50 47.12
C ALA X 115 -44.00 28.60 47.70
N CYS X 116 -44.20 27.44 47.06
CA CYS X 116 -45.17 26.45 47.51
C CYS X 116 -44.80 25.81 48.84
N ALA X 117 -43.51 25.87 49.19
CA ALA X 117 -43.00 25.35 50.45
C ALA X 117 -43.50 26.15 51.65
N GLU X 118 -43.83 27.42 51.42
CA GLU X 118 -44.35 28.31 52.46
C GLU X 118 -45.77 27.93 52.93
N LEU X 119 -46.49 27.21 52.07
CA LEU X 119 -47.90 26.88 52.32
C LEU X 119 -48.11 25.99 53.55
N SER X 120 -49.11 26.35 54.36
CA SER X 120 -49.50 25.56 55.52
C SER X 120 -50.64 24.61 55.18
N ALA X 121 -51.59 25.11 54.38
CA ALA X 121 -52.75 24.33 53.96
C ALA X 121 -52.38 23.36 52.83
N PRO X 122 -53.12 22.24 52.71
CA PRO X 122 -52.86 21.23 51.67
C PRO X 122 -52.68 21.79 50.26
N LEU X 123 -51.61 21.34 49.60
CA LEU X 123 -51.34 21.70 48.21
C LEU X 123 -51.50 20.46 47.33
N ILE X 124 -52.36 20.55 46.32
CA ILE X 124 -52.61 19.42 45.44
C ILE X 124 -52.31 19.73 43.97
N GLU X 125 -51.35 18.97 43.42
CA GLU X 125 -50.88 19.14 42.05
C GLU X 125 -51.82 18.45 41.06
N VAL X 126 -52.05 19.10 39.92
CA VAL X 126 -52.96 18.56 38.89
C VAL X 126 -52.34 18.61 37.50
N HIS X 127 -52.53 17.54 36.74
CA HIS X 127 -52.18 17.49 35.32
C HIS X 127 -53.34 16.84 34.56
N ILE X 128 -53.80 17.50 33.50
CA ILE X 128 -54.91 16.99 32.71
C ILE X 128 -54.55 15.72 31.93
N SER X 129 -53.32 15.68 31.41
CA SER X 129 -52.85 14.54 30.62
C SER X 129 -52.01 13.60 31.49
N ASN X 130 -51.93 12.34 31.07
CA ASN X 130 -51.05 11.37 31.73
C ASN X 130 -49.59 11.71 31.45
N VAL X 131 -48.99 12.42 32.40
CA VAL X 131 -47.61 12.90 32.32
C VAL X 131 -46.59 11.79 32.06
N HIS X 132 -46.83 10.61 32.63
CA HIS X 132 -45.89 9.49 32.55
C HIS X 132 -46.00 8.68 31.26
N ALA X 133 -46.99 9.03 30.42
CA ALA X 133 -47.21 8.35 29.15
C ALA X 133 -46.60 9.13 27.97
N ARG X 134 -45.92 10.23 28.30
CA ARG X 134 -45.40 11.14 27.28
C ARG X 134 -43.86 11.13 27.23
N GLU X 135 -43.25 12.31 27.14
CA GLU X 135 -41.78 12.43 27.10
C GLU X 135 -41.17 12.18 28.47
N GLU X 136 -39.93 11.70 28.49
CA GLU X 136 -39.22 11.37 29.72
C GLU X 136 -39.05 12.55 30.68
N PHE X 137 -38.76 13.74 30.15
CA PHE X 137 -38.51 14.93 30.97
C PHE X 137 -39.73 15.41 31.76
N ARG X 138 -40.92 14.98 31.32
CA ARG X 138 -42.16 15.32 32.01
C ARG X 138 -42.37 14.48 33.26
N ARG X 139 -41.68 13.34 33.33
CA ARG X 139 -41.85 12.38 34.44
C ARG X 139 -41.21 12.85 35.76
N HIS X 140 -40.52 13.99 35.72
CA HIS X 140 -39.99 14.63 36.93
C HIS X 140 -40.75 15.92 37.25
N SER X 141 -40.95 16.17 38.54
CA SER X 141 -41.63 17.38 39.01
C SER X 141 -40.97 17.95 40.26
N TYR X 142 -40.75 19.26 40.27
CA TYR X 142 -40.23 19.97 41.43
C TYR X 142 -41.30 20.20 42.49
N LEU X 143 -42.57 20.12 42.07
CA LEU X 143 -43.70 20.44 42.95
C LEU X 143 -44.16 19.27 43.79
N SER X 144 -44.07 18.06 43.24
CA SER X 144 -44.60 16.85 43.87
C SER X 144 -44.03 16.52 45.27
N PRO X 145 -42.69 16.62 45.47
CA PRO X 145 -42.12 16.26 46.77
C PRO X 145 -42.65 17.09 47.94
N ILE X 146 -43.07 18.33 47.68
CA ILE X 146 -43.53 19.22 48.74
C ILE X 146 -45.06 19.39 48.75
N ALA X 147 -45.71 18.93 47.69
CA ALA X 147 -47.17 18.92 47.60
C ALA X 147 -47.76 17.84 48.52
N THR X 148 -49.00 18.05 48.94
CA THR X 148 -49.73 17.05 49.73
C THR X 148 -50.10 15.86 48.83
N GLY X 149 -50.61 16.15 47.64
CA GLY X 149 -51.03 15.12 46.70
C GLY X 149 -50.86 15.52 45.25
N VAL X 150 -50.94 14.52 44.36
CA VAL X 150 -50.81 14.73 42.93
C VAL X 150 -51.87 13.92 42.17
N ILE X 151 -52.61 14.58 41.29
CA ILE X 151 -53.55 13.91 40.39
C ILE X 151 -53.11 14.09 38.94
N VAL X 152 -52.99 12.98 38.22
CA VAL X 152 -52.44 12.97 36.86
C VAL X 152 -53.30 12.11 35.94
N GLY X 153 -53.57 12.61 34.74
CA GLY X 153 -54.20 11.83 33.67
C GLY X 153 -55.70 11.60 33.76
N LEU X 154 -56.35 12.23 34.73
CA LEU X 154 -57.80 12.08 34.92
C LEU X 154 -58.59 13.21 34.25
N GLY X 155 -57.96 13.85 33.26
CA GLY X 155 -58.58 14.89 32.46
C GLY X 155 -59.05 16.10 33.24
N ILE X 156 -60.17 16.67 32.78
CA ILE X 156 -60.76 17.87 33.37
C ILE X 156 -61.24 17.64 34.82
N GLN X 157 -61.69 16.42 35.11
CA GLN X 157 -62.29 16.10 36.41
C GLN X 157 -61.26 16.07 37.54
N GLY X 158 -59.98 16.06 37.19
CA GLY X 158 -58.88 16.10 38.15
C GLY X 158 -58.99 17.25 39.14
N TYR X 159 -59.39 18.42 38.62
CA TYR X 159 -59.62 19.60 39.45
C TYR X 159 -60.79 19.38 40.42
N LEU X 160 -61.85 18.74 39.92
CA LEU X 160 -63.08 18.54 40.67
C LEU X 160 -62.89 17.53 41.81
N LEU X 161 -62.11 16.48 41.54
CA LEU X 161 -61.76 15.48 42.54
C LEU X 161 -60.81 16.06 43.59
N ALA X 162 -60.00 17.02 43.17
CA ALA X 162 -59.11 17.76 44.07
C ALA X 162 -59.90 18.65 45.02
N LEU X 163 -61.02 19.18 44.54
CA LEU X 163 -61.94 19.99 45.34
C LEU X 163 -62.62 19.15 46.43
N ARG X 164 -62.99 17.92 46.07
CA ARG X 164 -63.69 17.01 46.97
C ARG X 164 -62.81 16.56 48.13
N TYR X 165 -61.53 16.30 47.86
CA TYR X 165 -60.57 15.93 48.89
C TYR X 165 -60.43 17.04 49.94
N LEU X 166 -60.40 18.28 49.46
CA LEU X 166 -60.25 19.45 50.34
C LEU X 166 -61.50 19.72 51.17
N ALA X 167 -62.65 19.24 50.68
CA ALA X 167 -63.92 19.35 51.41
C ALA X 167 -63.89 18.55 52.71
N GLU X 168 -63.21 17.41 52.69
CA GLU X 168 -63.03 16.59 53.89
C GLU X 168 -61.98 17.16 54.84
N HIS X 169 -60.75 17.33 54.32
CA HIS X 169 -59.64 17.86 55.11
C HIS X 169 -59.67 19.38 55.17
CL CL Y . 30.79 -23.49 -40.87
CL CL Z . 19.84 -9.45 -17.53
CL CL AA . 33.54 -19.93 -24.12
OAA 3DS BA . 4.39 -1.06 -14.35
OAB 3DS BA . 6.29 -5.61 -13.86
OAC 3DS BA . 5.75 -0.08 -15.77
OAD 3DS BA . 8.98 -3.79 -17.36
OAE 3DS BA . 8.07 -6.07 -15.89
CAF 3DS BA . 5.89 -3.46 -14.46
CAG 3DS BA . 7.47 -2.35 -16.11
CAH 3DS BA . 5.39 -1.06 -15.09
CAI 3DS BA . 6.63 -4.63 -14.52
CAJ 3DS BA . 6.24 -2.33 -15.20
CAK 3DS BA . 7.76 -3.77 -16.61
CAL 3DS BA . 7.89 -4.73 -15.42
CL CL CA . 7.78 -7.50 -31.86
CL CL DA . 34.53 -1.20 -21.99
CL CL EA . 33.22 5.71 -38.84
CL CL FA . 14.13 -15.34 -45.97
CL CL GA . 17.55 -23.66 -29.85
OAA 3DS HA . 48.24 -26.02 -32.27
OAB 3DS HA . 47.28 -23.88 -27.91
OAC 3DS HA . 46.36 -25.73 -33.41
OAD 3DS HA . 43.44 -22.66 -30.50
OAE 3DS HA . 45.07 -22.29 -28.19
CAF 3DS HA . 47.17 -24.68 -30.03
CAG 3DS HA . 45.00 -24.34 -31.33
CAH 3DS HA . 47.06 -25.60 -32.39
CAI 3DS HA . 46.61 -24.02 -28.93
CAJ 3DS HA . 46.43 -24.86 -31.21
CAK 3DS HA . 44.79 -23.10 -30.44
CAL 3DS HA . 45.17 -23.46 -28.99
CL CL IA . 41.88 -9.30 -37.42
CL CL JA . 19.22 5.48 -26.08
CL CL KA . 15.39 1.82 -44.34
CL CL LA . 30.53 -6.84 -50.15
CL CL MA . -22.48 25.51 34.73
CL CL NA . -13.03 -0.90 26.45
CL CL OA . -30.39 1.80 19.24
CL CL PA . -14.52 -1.43 43.66
CL CL QA . -18.26 16.42 20.51
CL CL RA . -9.19 14.62 35.24
CL CL SA . -21.18 15.23 49.80
CL CL TA . -26.79 -8.77 33.79
CL CL UA . -31.88 1.77 48.71
CL CL VA . -37.22 17.00 43.30
CL CL WA . -41.58 3.07 32.36
CL CL XA . -36.37 17.37 24.29
#